data_9WBD
#
_entry.id   9WBD
#
_cell.length_a   88.786
_cell.length_b   102.564
_cell.length_c   120.701
_cell.angle_alpha   84.14
_cell.angle_beta   68.60
_cell.angle_gamma   81.10
#
_symmetry.space_group_name_H-M   'P 1'
#
loop_
_entity.id
_entity.type
_entity.pdbx_description
1 polymer 'T cell receptor alpha variable 25,T cell receptor alpha chain constant'
2 polymer 'TCR beta'
3 polymer 'HLA class I histocompatibility antigen, B alpha chain'
4 polymer Beta-2-microglobulin
5 polymer Nucleoprotein
6 non-polymer GLYCEROL
7 non-polymer DI(HYDROXYETHYL)ETHER
8 water water
#
loop_
_entity_poly.entity_id
_entity_poly.type
_entity_poly.pdbx_seq_one_letter_code
_entity_poly.pdbx_strand_id
1 'polypeptide(L)'
;MGQQVMQIPQYQHVQEGEDFTTYCNSSTTLSNIQWYKQRPGGHPVFLIQLVKSGEVKKQKRLTFQFGEAKKNSSLHITAT
QTTDVGTYFCAGYTSGTYKYIFGTGTRLKVLANIQNPDPAVYQLRDSKSSDKSVCLFTDFDSQTNVSQSKDSDVYITDKC
VLDMRSMDFKSNSAVAWSNKSDFACANAFNNSIIPEDTFFPSPESS
;
A,F,K,P
2 'polypeptide(L)'
;MGAGVSQSPRYKVAKRGQDVALRCDPISGHVSLFWYQQALGQGPEFLTYFQNEAQLDKSGLPSDRFFAERPEGSVSTLKI
QRTQQEDSAVYLCASSLGQGHFTFGSGTRLTVVEDLKNVFPPEVAVFEPSEAEISHTQKATLVCLATGFYPDHVELSWWV
NGKEVHSGVCTDPQPLKEQPALNDSRYALSSRLRVSATFWQNPRNHFRCQVQFYGLSENDEWTQDRAKPVTQIVSAEAWG
RAD
;
B,G,L,Q
3 'polypeptide(L)'
;MGSHSMRYFYTSVSRPGRGEPRFISVGYVDDTQFVRFDSDAASPREEPRAPWIEQEGPEYWDRNTQIYKAQAQTDRESLR
NLRGYYNQSEAGSHTLQSMYGCDVGPDGRLLRGHDQYAYDGKDYIALNEDLRSWTAADTAAQITQRKWEAAREAEQRRAY
LEGECVEWLRRYLENGKDKLERADPPKTHVTHHPISDHEATLRCWALGFYPAEITLTWQRDGEDQTQDTELVETRPAGDR
TFQKWAAVVVPSGEEQRYTCHVQHEGLPKPLTLRWE
;
C,H,M,R
4 'polypeptide(L)'
;MIQRTPKIQVYSRHPAENGKSNFLNCYVSGFHPSDIEVDLLKNGERIEKVEHSDLSFSKDWSFYLLYYTEFTPTEKDEYA
CRVNHVTLSQPKIVKWDRDM
;
D,I,N,S
5 'polypeptide(L)' SPRWYFYYL E,J,O,T
#
# COMPACT_ATOMS: atom_id res chain seq x y z
N GLY A 2 -26.41 -40.71 0.61
CA GLY A 2 -27.35 -40.26 1.65
C GLY A 2 -28.59 -39.70 0.98
N GLN A 3 -28.42 -38.56 0.31
CA GLN A 3 -29.49 -37.94 -0.46
C GLN A 3 -29.35 -38.30 -1.94
N GLN A 4 -30.49 -38.60 -2.57
CA GLN A 4 -30.61 -38.63 -4.02
C GLN A 4 -31.87 -37.85 -4.40
N VAL A 5 -31.75 -37.06 -5.47
CA VAL A 5 -32.89 -36.42 -6.10
C VAL A 5 -33.06 -37.02 -7.49
N MET A 6 -34.17 -37.73 -7.69
CA MET A 6 -34.44 -38.43 -8.94
C MET A 6 -35.66 -37.78 -9.61
N GLN A 7 -35.65 -37.81 -10.94
CA GLN A 7 -36.75 -37.29 -11.73
C GLN A 7 -37.11 -38.37 -12.77
N ILE A 8 -38.41 -38.60 -12.94
CA ILE A 8 -38.88 -39.49 -13.99
C ILE A 8 -40.02 -38.78 -14.73
N PRO A 9 -40.25 -39.05 -16.05
CA PRO A 9 -39.41 -39.96 -16.85
C PRO A 9 -38.21 -39.20 -17.41
N GLN A 10 -37.38 -39.95 -18.16
CA GLN A 10 -36.16 -39.40 -18.71
C GLN A 10 -36.51 -38.39 -19.80
N TYR A 11 -37.55 -38.73 -20.56
CA TYR A 11 -38.00 -37.94 -21.70
C TYR A 11 -39.49 -38.23 -21.93
N GLN A 12 -40.08 -37.45 -22.83
CA GLN A 12 -41.49 -37.55 -23.11
C GLN A 12 -41.74 -36.85 -24.44
N HIS A 13 -42.28 -37.60 -25.42
CA HIS A 13 -42.71 -37.07 -26.70
C HIS A 13 -44.23 -36.96 -26.66
N VAL A 14 -44.78 -35.73 -26.71
CA VAL A 14 -46.21 -35.55 -26.59
C VAL A 14 -46.73 -34.75 -27.79
N GLN A 15 -47.99 -35.03 -28.15
CA GLN A 15 -48.65 -34.37 -29.26
C GLN A 15 -49.11 -32.99 -28.79
N GLU A 16 -48.85 -31.97 -29.60
CA GLU A 16 -49.27 -30.60 -29.31
C GLU A 16 -50.73 -30.62 -28.84
N GLY A 17 -50.99 -29.95 -27.71
CA GLY A 17 -52.31 -29.94 -27.10
C GLY A 17 -52.49 -31.03 -26.04
N GLU A 18 -51.62 -32.05 -26.03
CA GLU A 18 -51.64 -33.08 -24.99
C GLU A 18 -50.89 -32.59 -23.75
N ASP A 19 -51.05 -33.34 -22.65
CA ASP A 19 -50.55 -32.97 -21.34
C ASP A 19 -49.19 -33.62 -21.09
N PHE A 20 -48.35 -32.97 -20.26
CA PHE A 20 -47.05 -33.48 -19.86
C PHE A 20 -46.94 -33.38 -18.33
N THR A 21 -46.28 -34.40 -17.74
CA THR A 21 -46.04 -34.42 -16.31
C THR A 21 -44.63 -34.93 -16.07
N THR A 22 -43.91 -34.26 -15.15
CA THR A 22 -42.62 -34.75 -14.70
C THR A 22 -42.68 -34.88 -13.19
N TYR A 23 -41.97 -35.88 -12.66
CA TYR A 23 -42.08 -36.21 -11.25
C TYR A 23 -40.71 -36.15 -10.61
N CYS A 24 -40.69 -35.56 -9.41
CA CYS A 24 -39.47 -35.33 -8.68
C CYS A 24 -39.60 -36.05 -7.34
N ASN A 25 -38.58 -36.86 -7.01
CA ASN A 25 -38.51 -37.54 -5.72
C ASN A 25 -37.20 -37.22 -5.01
N SER A 26 -37.29 -37.02 -3.68
CA SER A 26 -36.14 -36.88 -2.80
C SER A 26 -36.19 -37.99 -1.75
N SER A 27 -35.03 -38.59 -1.43
CA SER A 27 -34.98 -39.65 -0.43
C SER A 27 -35.06 -39.08 0.98
N THR A 28 -34.58 -37.84 1.16
CA THR A 28 -34.68 -37.12 2.43
C THR A 28 -35.78 -36.07 2.33
N THR A 29 -36.30 -35.67 3.50
CA THR A 29 -37.30 -34.62 3.60
C THR A 29 -36.66 -33.31 3.17
N LEU A 30 -37.45 -32.53 2.42
CA LEU A 30 -36.98 -31.25 1.90
C LEU A 30 -37.59 -30.13 2.75
N SER A 31 -36.89 -28.97 2.77
CA SER A 31 -37.50 -27.76 3.28
C SER A 31 -38.43 -27.19 2.22
N ASN A 32 -37.93 -27.08 0.99
CA ASN A 32 -38.67 -26.48 -0.11
C ASN A 32 -38.15 -27.07 -1.43
N ILE A 33 -38.91 -26.89 -2.53
CA ILE A 33 -38.60 -27.47 -3.84
C ILE A 33 -38.75 -26.36 -4.86
N GLN A 34 -37.92 -26.39 -5.91
CA GLN A 34 -37.91 -25.37 -6.95
C GLN A 34 -37.90 -26.06 -8.31
N TRP A 35 -38.56 -25.45 -9.29
CA TRP A 35 -38.63 -25.99 -10.64
C TRP A 35 -37.99 -24.99 -11.61
N TYR A 36 -37.29 -25.51 -12.63
CA TYR A 36 -36.55 -24.77 -13.63
C TYR A 36 -36.90 -25.34 -15.01
N LYS A 37 -36.84 -24.48 -16.03
CA LYS A 37 -36.93 -24.86 -17.42
C LYS A 37 -35.60 -24.54 -18.10
N GLN A 38 -35.15 -25.47 -18.95
CA GLN A 38 -33.97 -25.23 -19.75
C GLN A 38 -34.36 -25.40 -21.22
N ARG A 39 -34.62 -24.27 -21.89
CA ARG A 39 -34.87 -24.21 -23.32
C ARG A 39 -33.74 -24.94 -24.05
N PRO A 40 -33.98 -25.51 -25.25
CA PRO A 40 -32.94 -26.29 -25.93
C PRO A 40 -31.68 -25.45 -26.19
N GLY A 41 -30.52 -26.01 -25.83
CA GLY A 41 -29.24 -25.33 -26.01
C GLY A 41 -28.99 -24.20 -25.02
N GLY A 42 -29.89 -24.02 -24.01
CA GLY A 42 -29.76 -22.98 -23.00
C GLY A 42 -29.41 -23.57 -21.63
N HIS A 43 -29.75 -22.82 -20.57
CA HIS A 43 -29.45 -23.23 -19.20
C HIS A 43 -30.70 -23.16 -18.33
N PRO A 44 -30.70 -23.75 -17.11
CA PRO A 44 -31.89 -23.76 -16.27
C PRO A 44 -32.27 -22.38 -15.72
N VAL A 45 -33.53 -22.00 -15.96
CA VAL A 45 -34.11 -20.75 -15.51
C VAL A 45 -35.30 -21.04 -14.61
N PHE A 46 -35.39 -20.34 -13.49
CA PHE A 46 -36.31 -20.67 -12.42
C PHE A 46 -37.75 -20.40 -12.85
N LEU A 47 -38.65 -21.33 -12.54
CA LEU A 47 -40.08 -21.19 -12.76
C LEU A 47 -40.76 -20.80 -11.45
N ILE A 48 -40.67 -21.65 -10.41
CA ILE A 48 -41.45 -21.45 -9.20
C ILE A 48 -40.77 -22.18 -8.05
N GLN A 49 -41.16 -21.85 -6.82
CA GLN A 49 -40.73 -22.52 -5.61
C GLN A 49 -41.98 -22.86 -4.80
N LEU A 50 -41.99 -24.04 -4.16
CA LEU A 50 -43.05 -24.45 -3.24
C LEU A 50 -42.42 -24.72 -1.88
N VAL A 51 -43.17 -24.45 -0.78
CA VAL A 51 -42.58 -24.50 0.56
C VAL A 51 -43.41 -25.42 1.47
N LYS A 52 -44.74 -25.36 1.30
CA LYS A 52 -45.67 -26.01 2.22
C LYS A 52 -46.01 -27.41 1.70
N SER A 53 -46.03 -28.36 2.66
CA SER A 53 -46.58 -29.68 2.35
C SER A 53 -47.97 -29.52 1.74
N GLY A 54 -48.20 -30.22 0.61
CA GLY A 54 -49.50 -30.29 -0.05
C GLY A 54 -49.80 -29.05 -0.91
N GLU A 55 -48.83 -28.15 -1.09
CA GLU A 55 -49.07 -26.89 -1.77
C GLU A 55 -49.24 -27.14 -3.26
N VAL A 56 -50.17 -26.37 -3.86
CA VAL A 56 -50.44 -26.41 -5.30
C VAL A 56 -50.36 -24.98 -5.81
N LYS A 57 -49.57 -24.75 -6.87
CA LYS A 57 -49.48 -23.44 -7.49
C LYS A 57 -49.76 -23.60 -8.98
N LYS A 58 -50.45 -22.61 -9.54
CA LYS A 58 -50.76 -22.56 -10.96
C LYS A 58 -50.08 -21.33 -11.54
N GLN A 59 -49.31 -21.54 -12.60
CA GLN A 59 -48.55 -20.47 -13.23
C GLN A 59 -48.75 -20.62 -14.72
N LYS A 60 -49.78 -19.93 -15.24
CA LYS A 60 -50.20 -20.07 -16.62
C LYS A 60 -50.68 -21.50 -16.84
N ARG A 61 -50.12 -22.23 -17.80
CA ARG A 61 -50.60 -23.58 -18.12
C ARG A 61 -49.91 -24.63 -17.25
N LEU A 62 -49.07 -24.17 -16.32
CA LEU A 62 -48.24 -25.06 -15.51
C LEU A 62 -48.89 -25.18 -14.13
N THR A 63 -48.99 -26.43 -13.66
CA THR A 63 -49.47 -26.70 -12.31
C THR A 63 -48.35 -27.42 -11.55
N PHE A 64 -48.03 -26.91 -10.35
CA PHE A 64 -46.96 -27.47 -9.55
C PHE A 64 -47.52 -27.94 -8.22
N GLN A 65 -47.01 -29.10 -7.76
CA GLN A 65 -47.58 -29.76 -6.58
C GLN A 65 -46.47 -30.24 -5.66
N PHE A 66 -46.65 -30.04 -4.34
CA PHE A 66 -45.69 -30.49 -3.37
C PHE A 66 -46.37 -31.47 -2.41
N GLY A 67 -45.77 -32.67 -2.26
CA GLY A 67 -46.40 -33.74 -1.51
C GLY A 67 -46.52 -33.45 -0.01
N GLU A 68 -47.38 -34.24 0.64
CA GLU A 68 -47.65 -34.09 2.06
C GLU A 68 -46.41 -34.36 2.93
N ALA A 69 -45.54 -35.29 2.53
CA ALA A 69 -44.34 -35.58 3.32
C ALA A 69 -43.14 -34.73 2.87
N LYS A 70 -43.34 -33.82 1.90
CA LYS A 70 -42.25 -32.99 1.36
C LYS A 70 -41.08 -33.82 0.82
N LYS A 71 -41.37 -34.95 0.16
CA LYS A 71 -40.33 -35.75 -0.49
C LYS A 71 -40.59 -35.89 -1.99
N ASN A 72 -41.69 -35.29 -2.47
CA ASN A 72 -42.14 -35.47 -3.84
C ASN A 72 -42.84 -34.22 -4.36
N SER A 73 -42.57 -33.94 -5.66
CA SER A 73 -43.20 -32.83 -6.34
C SER A 73 -43.46 -33.20 -7.80
N SER A 74 -44.48 -32.59 -8.41
CA SER A 74 -44.71 -32.75 -9.84
C SER A 74 -44.89 -31.41 -10.53
N LEU A 75 -44.48 -31.36 -11.81
CA LEU A 75 -44.77 -30.26 -12.73
C LEU A 75 -45.64 -30.81 -13.85
N HIS A 76 -46.80 -30.18 -14.07
CA HIS A 76 -47.78 -30.60 -15.07
C HIS A 76 -48.04 -29.46 -16.05
N ILE A 77 -48.01 -29.77 -17.35
CA ILE A 77 -48.37 -28.80 -18.38
C ILE A 77 -49.65 -29.30 -19.06
N THR A 78 -50.69 -28.46 -19.05
CA THR A 78 -51.92 -28.74 -19.76
C THR A 78 -51.83 -28.07 -21.13
N ALA A 79 -52.24 -28.79 -22.19
CA ALA A 79 -52.17 -28.27 -23.54
C ALA A 79 -50.74 -27.87 -23.92
N THR A 80 -49.83 -28.83 -24.00
CA THR A 80 -48.46 -28.49 -24.36
C THR A 80 -48.46 -27.79 -25.71
N GLN A 81 -47.57 -26.79 -25.83
CA GLN A 81 -47.26 -26.15 -27.09
C GLN A 81 -45.82 -26.42 -27.47
N THR A 82 -45.50 -26.28 -28.75
CA THR A 82 -44.16 -26.46 -29.28
C THR A 82 -43.15 -25.60 -28.50
N THR A 83 -43.61 -24.45 -28.01
CA THR A 83 -42.77 -23.49 -27.32
C THR A 83 -42.36 -24.03 -25.94
N ASP A 84 -42.96 -25.15 -25.49
CA ASP A 84 -42.71 -25.73 -24.18
C ASP A 84 -41.54 -26.71 -24.23
N VAL A 85 -41.04 -27.01 -25.44
CA VAL A 85 -39.90 -27.90 -25.62
C VAL A 85 -38.73 -27.49 -24.71
N GLY A 86 -38.04 -28.51 -24.18
CA GLY A 86 -36.85 -28.33 -23.37
C GLY A 86 -36.80 -29.30 -22.19
N THR A 87 -35.78 -29.15 -21.33
CA THR A 87 -35.65 -30.02 -20.18
C THR A 87 -36.14 -29.30 -18.92
N TYR A 88 -37.00 -29.98 -18.18
CA TYR A 88 -37.51 -29.46 -16.93
C TYR A 88 -36.77 -30.15 -15.78
N PHE A 89 -36.25 -29.31 -14.87
CA PHE A 89 -35.44 -29.74 -13.75
C PHE A 89 -36.09 -29.32 -12.44
N CYS A 90 -36.04 -30.21 -11.45
CA CYS A 90 -36.42 -29.80 -10.12
C CYS A 90 -35.15 -29.62 -9.29
N ALA A 91 -35.28 -28.91 -8.16
CA ALA A 91 -34.17 -28.78 -7.21
C ALA A 91 -34.69 -28.68 -5.78
N GLY A 92 -34.10 -29.54 -4.92
CA GLY A 92 -34.46 -29.56 -3.51
C GLY A 92 -33.50 -28.67 -2.73
N TYR A 93 -34.03 -28.06 -1.66
CA TYR A 93 -33.27 -27.38 -0.63
C TYR A 93 -33.60 -28.03 0.73
N THR A 94 -32.55 -28.36 1.48
CA THR A 94 -32.67 -28.82 2.85
C THR A 94 -32.04 -27.77 3.78
N SER A 95 -32.79 -27.35 4.80
CA SER A 95 -32.29 -26.43 5.80
C SER A 95 -30.97 -26.93 6.33
N GLY A 96 -30.06 -26.01 6.62
CA GLY A 96 -28.81 -26.38 7.23
C GLY A 96 -27.71 -26.44 6.18
N THR A 97 -28.05 -26.58 4.92
CA THR A 97 -26.99 -26.69 3.95
C THR A 97 -26.84 -25.41 3.14
N TYR A 98 -25.82 -25.39 2.27
CA TYR A 98 -25.62 -24.32 1.30
C TYR A 98 -25.83 -24.81 -0.14
N LYS A 99 -26.74 -25.78 -0.37
CA LYS A 99 -26.76 -26.44 -1.67
C LYS A 99 -28.17 -26.52 -2.26
N TYR A 100 -28.29 -26.21 -3.56
CA TYR A 100 -29.45 -26.63 -4.35
C TYR A 100 -29.13 -27.95 -5.05
N ILE A 101 -29.92 -29.01 -4.79
CA ILE A 101 -29.69 -30.31 -5.41
C ILE A 101 -30.71 -30.55 -6.53
N PHE A 102 -30.21 -30.67 -7.77
CA PHE A 102 -31.03 -30.74 -8.97
C PHE A 102 -31.35 -32.20 -9.31
N GLY A 103 -32.58 -32.44 -9.74
CA GLY A 103 -32.95 -33.70 -10.34
C GLY A 103 -32.23 -33.98 -11.66
N THR A 104 -32.55 -35.14 -12.25
CA THR A 104 -31.88 -35.59 -13.46
C THR A 104 -32.54 -34.96 -14.70
N GLY A 105 -33.77 -34.46 -14.57
CA GLY A 105 -34.43 -33.74 -15.65
C GLY A 105 -35.39 -34.63 -16.46
N THR A 106 -36.45 -34.03 -17.01
CA THR A 106 -37.28 -34.67 -18.02
C THR A 106 -37.25 -33.80 -19.28
N ARG A 107 -36.85 -34.38 -20.40
CA ARG A 107 -36.88 -33.68 -21.69
C ARG A 107 -38.27 -33.75 -22.30
N LEU A 108 -38.85 -32.60 -22.68
CA LEU A 108 -40.15 -32.55 -23.34
C LEU A 108 -39.93 -32.27 -24.82
N LYS A 109 -40.39 -33.22 -25.68
CA LYS A 109 -40.43 -33.01 -27.13
C LYS A 109 -41.87 -32.90 -27.62
N VAL A 110 -42.27 -31.75 -28.18
CA VAL A 110 -43.65 -31.58 -28.62
C VAL A 110 -43.77 -31.82 -30.13
N LEU A 111 -44.46 -32.92 -30.50
CA LEU A 111 -44.82 -33.27 -31.87
C LEU A 111 -45.93 -32.33 -32.36
N ALA A 112 -45.73 -31.68 -33.51
CA ALA A 112 -46.74 -30.77 -34.02
C ALA A 112 -47.90 -31.52 -34.66
N ASN A 113 -49.12 -30.95 -34.49
CA ASN A 113 -50.33 -31.49 -35.11
C ASN A 113 -50.38 -31.04 -36.56
N ILE A 114 -50.34 -32.00 -37.49
CA ILE A 114 -50.29 -31.67 -38.91
C ILE A 114 -51.69 -31.76 -39.51
N GLN A 115 -52.25 -30.59 -39.87
CA GLN A 115 -53.61 -30.45 -40.38
C GLN A 115 -53.76 -31.20 -41.72
N ASN A 116 -52.81 -30.99 -42.64
CA ASN A 116 -52.94 -31.48 -44.01
C ASN A 116 -51.67 -32.23 -44.41
N PRO A 117 -51.46 -33.50 -44.02
CA PRO A 117 -50.27 -34.23 -44.45
C PRO A 117 -50.13 -34.20 -45.97
N ASP A 118 -48.90 -33.99 -46.45
CA ASP A 118 -48.62 -33.94 -47.87
C ASP A 118 -47.23 -34.52 -48.10
N PRO A 119 -46.98 -35.77 -47.66
CA PRO A 119 -45.62 -36.33 -47.68
C PRO A 119 -45.01 -36.26 -49.07
N ALA A 120 -43.78 -35.73 -49.13
CA ALA A 120 -43.06 -35.58 -50.38
C ALA A 120 -41.56 -35.59 -50.10
N VAL A 121 -40.79 -35.98 -51.12
CA VAL A 121 -39.33 -35.94 -51.07
C VAL A 121 -38.87 -35.08 -52.24
N TYR A 122 -38.19 -33.95 -51.96
CA TYR A 122 -37.74 -33.05 -53.00
C TYR A 122 -36.22 -33.01 -53.05
N GLN A 123 -35.67 -32.76 -54.24
CA GLN A 123 -34.23 -32.63 -54.39
C GLN A 123 -33.89 -31.15 -54.51
N LEU A 124 -32.86 -30.73 -53.77
CA LEU A 124 -32.31 -29.38 -53.82
C LEU A 124 -30.85 -29.46 -54.30
N ARG A 125 -30.44 -28.45 -55.09
CA ARG A 125 -29.11 -28.40 -55.68
C ARG A 125 -28.24 -27.36 -54.96
N ASP A 126 -26.93 -27.64 -54.85
CA ASP A 126 -25.96 -26.81 -54.15
C ASP A 126 -25.85 -25.46 -54.84
N SER A 127 -25.73 -24.37 -54.06
CA SER A 127 -25.46 -23.04 -54.58
C SER A 127 -24.11 -22.98 -55.30
N LYS A 128 -23.13 -23.76 -54.83
CA LYS A 128 -21.82 -23.86 -55.47
C LYS A 128 -21.71 -25.27 -56.08
N SER A 133 -25.37 -32.70 -53.07
CA SER A 133 -26.78 -32.89 -53.50
C SER A 133 -27.62 -33.37 -52.31
N VAL A 134 -28.79 -32.74 -52.05
CA VAL A 134 -29.50 -33.02 -50.82
C VAL A 134 -30.98 -33.30 -51.10
N CYS A 135 -31.56 -34.19 -50.28
CA CYS A 135 -32.97 -34.57 -50.40
C CYS A 135 -33.74 -34.17 -49.14
N LEU A 136 -34.91 -33.56 -49.34
CA LEU A 136 -35.74 -33.09 -48.23
C LEU A 136 -37.03 -33.91 -48.21
N PHE A 137 -37.20 -34.73 -47.16
CA PHE A 137 -38.46 -35.39 -46.90
C PHE A 137 -39.28 -34.45 -46.02
N THR A 138 -40.48 -34.07 -46.46
CA THR A 138 -41.24 -33.03 -45.77
C THR A 138 -42.74 -33.30 -45.79
N ASP A 139 -43.46 -32.67 -44.85
CA ASP A 139 -44.91 -32.58 -44.81
C ASP A 139 -45.57 -33.90 -44.42
N PHE A 140 -44.76 -34.80 -43.84
CA PHE A 140 -45.28 -36.06 -43.31
C PHE A 140 -45.95 -35.83 -41.96
N ASP A 141 -46.75 -36.83 -41.55
CA ASP A 141 -47.42 -36.89 -40.27
C ASP A 141 -46.39 -37.16 -39.18
N SER A 142 -46.68 -36.64 -37.97
CA SER A 142 -45.77 -36.71 -36.84
C SER A 142 -45.58 -38.14 -36.33
N GLN A 143 -46.40 -39.07 -36.83
CA GLN A 143 -46.35 -40.47 -36.45
C GLN A 143 -45.21 -41.18 -37.17
N THR A 144 -44.58 -40.48 -38.12
CA THR A 144 -43.47 -41.05 -38.88
C THR A 144 -42.18 -40.99 -38.07
N ASN A 145 -41.45 -42.10 -38.01
CA ASN A 145 -40.07 -42.07 -37.55
C ASN A 145 -39.12 -42.18 -38.74
N VAL A 146 -38.13 -41.29 -38.78
CA VAL A 146 -37.12 -41.34 -39.82
C VAL A 146 -35.92 -42.08 -39.26
N SER A 147 -35.36 -43.01 -40.04
CA SER A 147 -34.30 -43.87 -39.54
C SER A 147 -32.97 -43.49 -40.21
N GLN A 148 -31.85 -43.89 -39.59
CA GLN A 148 -30.52 -43.68 -40.16
C GLN A 148 -30.06 -44.96 -40.88
N SER A 149 -29.49 -44.82 -42.08
CA SER A 149 -28.89 -45.98 -42.71
C SER A 149 -27.45 -46.14 -42.24
N LYS A 150 -26.98 -47.39 -42.23
CA LYS A 150 -25.62 -47.72 -41.82
C LYS A 150 -24.74 -47.80 -43.08
N ASP A 151 -24.74 -46.72 -43.84
CA ASP A 151 -23.91 -46.59 -45.02
C ASP A 151 -22.75 -45.64 -44.72
N SER A 152 -21.63 -45.82 -45.44
CA SER A 152 -20.43 -45.04 -45.15
C SER A 152 -20.77 -43.56 -45.31
N ASP A 153 -21.52 -43.24 -46.38
CA ASP A 153 -21.80 -41.85 -46.67
C ASP A 153 -23.29 -41.67 -46.99
N VAL A 154 -24.14 -42.25 -46.13
CA VAL A 154 -25.56 -41.91 -46.13
C VAL A 154 -25.89 -41.20 -44.82
N TYR A 155 -25.96 -39.87 -44.90
CA TYR A 155 -26.30 -39.05 -43.74
C TYR A 155 -27.76 -38.63 -43.82
N ILE A 156 -28.55 -38.99 -42.82
CA ILE A 156 -29.95 -38.59 -42.71
C ILE A 156 -30.14 -37.90 -41.34
N THR A 157 -30.67 -36.67 -41.37
CA THR A 157 -30.95 -35.93 -40.15
C THR A 157 -32.28 -36.43 -39.61
N ASP A 158 -32.47 -36.26 -38.30
CA ASP A 158 -33.75 -36.61 -37.71
C ASP A 158 -34.76 -35.51 -38.03
N LYS A 159 -36.03 -35.73 -37.71
CA LYS A 159 -37.09 -34.81 -38.12
C LYS A 159 -37.10 -33.63 -37.16
N CYS A 160 -37.30 -32.40 -37.67
CA CYS A 160 -37.72 -31.31 -36.79
C CYS A 160 -38.89 -30.54 -37.40
N VAL A 161 -39.58 -29.81 -36.52
CA VAL A 161 -40.77 -29.06 -36.88
C VAL A 161 -40.44 -27.58 -37.07
N LEU A 162 -40.78 -27.06 -38.24
CA LEU A 162 -40.62 -25.63 -38.49
C LEU A 162 -42.01 -24.99 -38.48
N ASP A 163 -42.04 -23.72 -38.05
CA ASP A 163 -43.28 -22.99 -37.84
C ASP A 163 -43.22 -21.69 -38.62
N MET A 164 -44.03 -21.64 -39.68
CA MET A 164 -44.15 -20.42 -40.47
C MET A 164 -45.19 -19.55 -39.78
N ARG A 165 -44.71 -18.69 -38.87
CA ARG A 165 -45.54 -18.00 -37.89
C ARG A 165 -46.57 -17.12 -38.60
N SER A 166 -46.12 -16.40 -39.61
CA SER A 166 -46.92 -15.46 -40.38
C SER A 166 -48.06 -16.15 -41.11
N MET A 167 -47.88 -17.43 -41.45
CA MET A 167 -48.84 -18.21 -42.20
C MET A 167 -49.54 -19.20 -41.27
N ASP A 168 -49.22 -19.18 -39.97
CA ASP A 168 -49.79 -20.11 -38.99
C ASP A 168 -49.75 -21.54 -39.56
N PHE A 169 -48.55 -21.98 -39.98
CA PHE A 169 -48.36 -23.27 -40.62
C PHE A 169 -47.15 -23.97 -39.98
N LYS A 170 -47.26 -25.27 -39.73
CA LYS A 170 -46.13 -26.05 -39.23
C LYS A 170 -45.88 -27.22 -40.18
N SER A 171 -44.63 -27.71 -40.20
CA SER A 171 -44.28 -28.84 -41.02
C SER A 171 -43.10 -29.57 -40.39
N ASN A 172 -43.13 -30.89 -40.50
CA ASN A 172 -41.99 -31.75 -40.21
C ASN A 172 -41.11 -31.86 -41.46
N SER A 173 -39.82 -32.13 -41.24
CA SER A 173 -38.92 -32.44 -42.34
C SER A 173 -37.68 -33.14 -41.82
N ALA A 174 -37.03 -33.89 -42.71
CA ALA A 174 -35.74 -34.51 -42.46
C ALA A 174 -34.91 -34.39 -43.73
N VAL A 175 -33.58 -34.41 -43.56
CA VAL A 175 -32.70 -34.13 -44.68
C VAL A 175 -31.76 -35.31 -44.83
N ALA A 176 -31.50 -35.74 -46.07
CA ALA A 176 -30.56 -36.82 -46.32
C ALA A 176 -29.64 -36.38 -47.46
N TRP A 177 -28.36 -36.78 -47.38
CA TRP A 177 -27.41 -36.39 -48.42
C TRP A 177 -26.33 -37.46 -48.59
N SER A 178 -25.76 -37.49 -49.80
CA SER A 178 -24.64 -38.37 -50.12
C SER A 178 -23.62 -37.67 -51.03
N ALA A 184 -29.96 -41.45 -54.93
CA ALA A 184 -31.09 -40.67 -55.49
C ALA A 184 -32.20 -40.56 -54.46
N CYS A 185 -32.93 -39.44 -54.56
CA CYS A 185 -33.97 -39.08 -53.62
C CYS A 185 -34.97 -40.22 -53.50
N ALA A 186 -35.21 -40.92 -54.61
CA ALA A 186 -36.13 -42.04 -54.64
C ALA A 186 -35.75 -43.09 -53.59
N ASN A 187 -34.44 -43.28 -53.36
CA ASN A 187 -33.97 -44.36 -52.49
C ASN A 187 -33.45 -43.83 -51.15
N ALA A 188 -33.34 -42.51 -50.99
CA ALA A 188 -32.64 -41.93 -49.86
C ALA A 188 -33.20 -42.40 -48.52
N PHE A 189 -34.54 -42.46 -48.43
CA PHE A 189 -35.23 -42.70 -47.17
C PHE A 189 -35.76 -44.14 -47.10
N ASN A 190 -35.14 -45.06 -47.86
CA ASN A 190 -35.59 -46.44 -47.99
C ASN A 190 -35.55 -47.20 -46.66
N ASN A 191 -34.73 -46.74 -45.70
CA ASN A 191 -34.58 -47.41 -44.43
C ASN A 191 -35.75 -47.06 -43.50
N SER A 192 -36.55 -46.07 -43.90
CA SER A 192 -37.66 -45.58 -43.11
C SER A 192 -38.96 -46.18 -43.65
N ILE A 193 -39.98 -46.25 -42.78
CA ILE A 193 -41.32 -46.59 -43.20
C ILE A 193 -42.07 -45.29 -43.45
N ILE A 194 -42.16 -44.92 -44.74
CA ILE A 194 -42.74 -43.65 -45.14
C ILE A 194 -44.11 -43.91 -45.76
N PRO A 195 -45.03 -42.91 -45.77
CA PRO A 195 -46.36 -43.13 -46.34
C PRO A 195 -46.29 -43.69 -47.77
N GLU A 196 -47.23 -44.60 -48.07
CA GLU A 196 -47.29 -45.28 -49.36
C GLU A 196 -47.51 -44.25 -50.48
N ASP A 197 -48.20 -43.14 -50.15
CA ASP A 197 -48.57 -42.11 -51.10
C ASP A 197 -47.52 -41.00 -51.20
N THR A 198 -46.30 -41.21 -50.66
CA THR A 198 -45.28 -40.18 -50.68
C THR A 198 -44.99 -39.77 -52.13
N PHE A 199 -45.02 -38.47 -52.39
CA PHE A 199 -44.80 -37.92 -53.71
C PHE A 199 -43.30 -37.78 -53.99
N PHE A 200 -42.87 -38.31 -55.14
CA PHE A 200 -41.50 -38.28 -55.62
C PHE A 200 -41.48 -37.63 -57.00
N PRO A 201 -41.47 -36.28 -57.10
CA PRO A 201 -41.74 -35.58 -58.36
C PRO A 201 -40.78 -35.91 -59.48
N GLY B 2 -22.88 -7.38 -13.22
CA GLY B 2 -24.01 -6.66 -13.85
C GLY B 2 -25.33 -7.15 -13.26
N ALA B 3 -26.42 -7.00 -14.06
CA ALA B 3 -27.76 -7.45 -13.69
C ALA B 3 -27.91 -8.96 -13.83
N GLY B 4 -26.99 -9.61 -14.58
CA GLY B 4 -26.97 -11.05 -14.82
C GLY B 4 -25.61 -11.65 -14.51
N VAL B 5 -25.55 -12.99 -14.47
CA VAL B 5 -24.30 -13.70 -14.20
C VAL B 5 -23.51 -13.79 -15.50
N SER B 6 -22.21 -13.45 -15.46
CA SER B 6 -21.35 -13.52 -16.64
C SER B 6 -20.33 -14.63 -16.50
N GLN B 7 -20.11 -15.39 -17.57
CA GLN B 7 -19.12 -16.45 -17.57
C GLN B 7 -18.30 -16.37 -18.84
N SER B 8 -16.99 -16.62 -18.72
CA SER B 8 -16.12 -16.67 -19.89
C SER B 8 -15.03 -17.71 -19.67
N PRO B 9 -14.55 -18.37 -20.73
CA PRO B 9 -15.13 -18.21 -22.07
C PRO B 9 -16.46 -18.96 -22.17
N ARG B 10 -17.20 -18.68 -23.26
CA ARG B 10 -18.46 -19.38 -23.45
C ARG B 10 -18.16 -20.81 -23.90
N TYR B 11 -17.11 -20.96 -24.74
CA TYR B 11 -16.71 -22.27 -25.22
C TYR B 11 -15.19 -22.39 -25.13
N LYS B 12 -14.71 -23.59 -24.76
CA LYS B 12 -13.29 -23.81 -24.58
C LYS B 12 -12.95 -25.22 -25.06
N VAL B 13 -11.93 -25.32 -25.92
CA VAL B 13 -11.33 -26.58 -26.31
C VAL B 13 -9.98 -26.71 -25.61
N ALA B 14 -9.78 -27.81 -24.89
CA ALA B 14 -8.52 -28.01 -24.19
C ALA B 14 -7.90 -29.33 -24.64
N LYS B 15 -6.56 -29.35 -24.75
CA LYS B 15 -5.80 -30.57 -24.98
C LYS B 15 -5.72 -31.34 -23.67
N ARG B 16 -6.04 -32.64 -23.71
CA ARG B 16 -5.93 -33.51 -22.53
C ARG B 16 -4.56 -33.28 -21.86
N GLY B 17 -4.59 -33.05 -20.54
CA GLY B 17 -3.38 -32.82 -19.76
C GLY B 17 -3.07 -31.35 -19.49
N GLN B 18 -3.73 -30.45 -20.24
CA GLN B 18 -3.55 -29.01 -20.04
C GLN B 18 -4.49 -28.50 -18.95
N ASP B 19 -4.10 -27.39 -18.33
CA ASP B 19 -4.91 -26.74 -17.30
C ASP B 19 -5.92 -25.82 -17.98
N VAL B 20 -7.08 -25.60 -17.35
CA VAL B 20 -8.05 -24.59 -17.80
C VAL B 20 -8.45 -23.72 -16.61
N ALA B 21 -8.80 -22.47 -16.92
CA ALA B 21 -9.35 -21.52 -15.96
C ALA B 21 -10.66 -20.94 -16.49
N LEU B 22 -11.76 -21.17 -15.75
CA LEU B 22 -13.06 -20.65 -16.12
C LEU B 22 -13.43 -19.50 -15.18
N ARG B 23 -13.92 -18.40 -15.77
CA ARG B 23 -14.21 -17.19 -15.02
C ARG B 23 -15.71 -17.01 -14.84
N CYS B 24 -16.09 -16.51 -13.65
CA CYS B 24 -17.47 -16.16 -13.39
C CYS B 24 -17.57 -14.81 -12.68
N ASP B 25 -18.51 -13.98 -13.14
CA ASP B 25 -18.71 -12.65 -12.57
C ASP B 25 -20.16 -12.54 -12.11
N PRO B 26 -20.46 -12.66 -10.80
CA PRO B 26 -21.84 -12.74 -10.29
C PRO B 26 -22.62 -11.44 -10.39
N ILE B 27 -23.93 -11.52 -10.13
CA ILE B 27 -24.78 -10.34 -10.10
C ILE B 27 -24.21 -9.39 -9.04
N SER B 28 -24.18 -8.09 -9.35
CA SER B 28 -23.68 -7.08 -8.43
C SER B 28 -24.30 -7.22 -7.05
N GLY B 29 -23.45 -7.31 -6.03
CA GLY B 29 -23.89 -7.34 -4.64
C GLY B 29 -24.30 -8.73 -4.13
N HIS B 30 -24.29 -9.75 -5.01
CA HIS B 30 -24.65 -11.08 -4.55
C HIS B 30 -23.56 -11.64 -3.66
N VAL B 31 -23.96 -12.08 -2.47
CA VAL B 31 -23.04 -12.62 -1.49
C VAL B 31 -22.61 -14.05 -1.85
N SER B 32 -23.57 -14.82 -2.39
CA SER B 32 -23.37 -16.24 -2.66
C SER B 32 -22.96 -16.50 -4.11
N LEU B 33 -22.03 -17.44 -4.28
CA LEU B 33 -21.58 -17.89 -5.60
C LEU B 33 -21.44 -19.41 -5.57
N PHE B 34 -21.93 -20.07 -6.62
CA PHE B 34 -21.86 -21.51 -6.72
C PHE B 34 -21.22 -21.91 -8.05
N TRP B 35 -20.51 -23.05 -8.02
CA TRP B 35 -20.12 -23.76 -9.23
C TRP B 35 -20.88 -25.09 -9.30
N TYR B 36 -21.41 -25.39 -10.49
CA TYR B 36 -22.06 -26.65 -10.79
C TYR B 36 -21.47 -27.20 -12.09
N GLN B 37 -21.48 -28.55 -12.22
CA GLN B 37 -21.07 -29.20 -13.45
C GLN B 37 -22.29 -29.90 -14.03
N GLN B 38 -22.49 -29.76 -15.34
CA GLN B 38 -23.62 -30.34 -16.05
C GLN B 38 -23.12 -31.05 -17.30
N ALA B 39 -23.20 -32.38 -17.31
CA ALA B 39 -22.80 -33.20 -18.45
C ALA B 39 -23.89 -33.08 -19.49
N LEU B 40 -23.54 -33.33 -20.77
CA LEU B 40 -24.45 -33.10 -21.89
C LEU B 40 -25.76 -33.87 -21.63
N GLY B 41 -26.90 -33.20 -21.79
CA GLY B 41 -28.20 -33.85 -21.67
C GLY B 41 -28.62 -34.22 -20.24
N GLN B 42 -27.81 -33.81 -19.24
CA GLN B 42 -28.00 -34.18 -17.83
C GLN B 42 -28.26 -32.94 -16.97
N GLY B 43 -28.36 -33.14 -15.65
CA GLY B 43 -28.71 -32.05 -14.73
C GLY B 43 -27.49 -31.45 -14.06
N PRO B 44 -27.59 -30.24 -13.47
CA PRO B 44 -26.45 -29.66 -12.74
C PRO B 44 -26.08 -30.48 -11.51
N GLU B 45 -24.78 -30.64 -11.25
CA GLU B 45 -24.29 -31.25 -10.02
C GLU B 45 -23.39 -30.28 -9.26
N PHE B 46 -23.63 -30.14 -7.95
CA PHE B 46 -22.92 -29.19 -7.11
C PHE B 46 -21.42 -29.52 -7.04
N LEU B 47 -20.59 -28.46 -7.18
CA LEU B 47 -19.15 -28.53 -7.02
C LEU B 47 -18.76 -27.80 -5.72
N THR B 48 -19.00 -26.48 -5.65
CA THR B 48 -18.48 -25.69 -4.53
C THR B 48 -19.30 -24.40 -4.33
N TYR B 49 -19.22 -23.83 -3.12
CA TYR B 49 -20.01 -22.69 -2.71
C TYR B 49 -19.17 -21.67 -1.95
N PHE B 50 -19.37 -20.37 -2.26
CA PHE B 50 -18.69 -19.27 -1.61
C PHE B 50 -19.71 -18.34 -0.98
N GLN B 51 -19.44 -17.94 0.26
CA GLN B 51 -20.13 -16.83 0.90
C GLN B 51 -19.09 -15.72 1.01
N ASN B 52 -19.28 -14.65 0.21
CA ASN B 52 -18.22 -13.66 0.01
C ASN B 52 -16.98 -14.40 -0.47
N GLU B 53 -15.83 -14.19 0.20
CA GLU B 53 -14.57 -14.79 -0.22
C GLU B 53 -14.39 -16.20 0.36
N ALA B 54 -15.24 -16.59 1.32
CA ALA B 54 -15.05 -17.84 2.06
C ALA B 54 -15.69 -19.02 1.34
N GLN B 55 -14.86 -20.05 1.07
CA GLN B 55 -15.33 -21.26 0.42
C GLN B 55 -15.91 -22.19 1.47
N LEU B 56 -17.21 -22.04 1.76
CA LEU B 56 -17.84 -22.70 2.89
C LEU B 56 -18.26 -24.14 2.60
N ASP B 57 -18.36 -24.57 1.34
CA ASP B 57 -18.69 -25.98 1.08
C ASP B 57 -18.00 -26.43 -0.21
N LYS B 58 -16.96 -27.27 -0.10
CA LYS B 58 -16.20 -27.73 -1.26
C LYS B 58 -16.49 -29.21 -1.56
N SER B 59 -17.56 -29.77 -0.97
CA SER B 59 -17.84 -31.20 -0.93
C SER B 59 -18.08 -31.83 -2.30
N GLY B 60 -18.41 -31.04 -3.34
CA GLY B 60 -18.78 -31.63 -4.61
C GLY B 60 -17.61 -31.68 -5.60
N LEU B 61 -16.48 -31.05 -5.23
CA LEU B 61 -15.30 -31.02 -6.08
C LEU B 61 -14.81 -32.45 -6.23
N PRO B 62 -14.64 -32.99 -7.46
CA PRO B 62 -14.38 -34.42 -7.62
C PRO B 62 -12.97 -34.91 -7.28
N SER B 63 -11.97 -34.02 -7.33
CA SER B 63 -10.59 -34.37 -7.05
C SER B 63 -9.79 -33.11 -6.74
N ASP B 64 -8.51 -33.30 -6.44
CA ASP B 64 -7.62 -32.17 -6.15
C ASP B 64 -7.37 -31.35 -7.41
N ARG B 65 -7.61 -31.96 -8.59
CA ARG B 65 -7.42 -31.27 -9.85
C ARG B 65 -8.35 -30.06 -9.96
N PHE B 66 -9.46 -30.07 -9.20
CA PHE B 66 -10.44 -28.99 -9.25
C PHE B 66 -10.28 -28.07 -8.04
N PHE B 67 -10.05 -26.78 -8.27
CA PHE B 67 -10.03 -25.83 -7.18
C PHE B 67 -10.60 -24.48 -7.62
N ALA B 68 -11.39 -23.87 -6.73
CA ALA B 68 -12.00 -22.59 -7.03
C ALA B 68 -11.41 -21.49 -6.14
N GLU B 69 -11.35 -20.25 -6.63
CA GLU B 69 -11.06 -19.11 -5.78
C GLU B 69 -12.04 -17.97 -6.07
N ARG B 70 -12.21 -17.10 -5.07
CA ARG B 70 -13.01 -15.89 -5.17
C ARG B 70 -12.37 -14.85 -4.23
N PRO B 71 -11.13 -14.39 -4.55
CA PRO B 71 -10.29 -13.64 -3.61
C PRO B 71 -10.84 -12.34 -3.04
N GLU B 72 -11.73 -11.67 -3.78
CA GLU B 72 -12.27 -10.39 -3.36
C GLU B 72 -13.78 -10.50 -3.13
N GLY B 73 -14.30 -11.73 -3.09
CA GLY B 73 -15.71 -12.03 -2.86
C GLY B 73 -16.60 -11.52 -3.99
N SER B 74 -16.03 -11.29 -5.18
CA SER B 74 -16.84 -10.99 -6.36
C SER B 74 -16.57 -12.04 -7.44
N VAL B 75 -15.61 -11.78 -8.34
CA VAL B 75 -15.24 -12.68 -9.42
C VAL B 75 -14.69 -14.00 -8.85
N SER B 76 -15.07 -15.11 -9.48
CA SER B 76 -14.59 -16.43 -9.09
C SER B 76 -13.96 -17.11 -10.31
N THR B 77 -12.89 -17.86 -10.03
CA THR B 77 -12.20 -18.64 -11.04
C THR B 77 -12.24 -20.10 -10.61
N LEU B 78 -12.74 -20.96 -11.50
CA LEU B 78 -12.66 -22.40 -11.32
C LEU B 78 -11.48 -22.89 -12.15
N LYS B 79 -10.49 -23.50 -11.49
CA LYS B 79 -9.33 -24.04 -12.16
C LYS B 79 -9.44 -25.56 -12.21
N ILE B 80 -9.24 -26.12 -13.41
CA ILE B 80 -9.15 -27.57 -13.58
C ILE B 80 -7.73 -27.89 -14.05
N GLN B 81 -6.97 -28.59 -13.21
CA GLN B 81 -5.61 -28.95 -13.57
C GLN B 81 -5.60 -30.24 -14.40
N ARG B 82 -4.65 -30.33 -15.33
CA ARG B 82 -4.35 -31.54 -16.09
C ARG B 82 -5.64 -32.23 -16.52
N THR B 83 -6.41 -31.55 -17.38
CA THR B 83 -7.75 -31.95 -17.81
C THR B 83 -7.73 -33.37 -18.37
N GLN B 84 -8.83 -34.07 -18.10
CA GLN B 84 -9.09 -35.39 -18.63
C GLN B 84 -10.40 -35.36 -19.41
N GLN B 85 -10.63 -36.39 -20.22
CA GLN B 85 -11.76 -36.41 -21.14
C GLN B 85 -13.06 -36.26 -20.37
N GLU B 86 -13.11 -36.90 -19.20
CA GLU B 86 -14.28 -36.98 -18.33
C GLU B 86 -14.68 -35.60 -17.80
N ASP B 87 -13.78 -34.61 -17.91
CA ASP B 87 -14.04 -33.26 -17.44
C ASP B 87 -14.90 -32.47 -18.42
N SER B 88 -15.08 -33.00 -19.63
CA SER B 88 -15.92 -32.33 -20.62
C SER B 88 -17.33 -32.19 -20.05
N ALA B 89 -17.80 -30.94 -19.98
CA ALA B 89 -19.13 -30.67 -19.49
C ALA B 89 -19.44 -29.19 -19.70
N VAL B 90 -20.64 -28.80 -19.28
CA VAL B 90 -20.97 -27.40 -19.07
C VAL B 90 -20.71 -27.09 -17.61
N TYR B 91 -19.91 -26.05 -17.36
CA TYR B 91 -19.71 -25.57 -15.99
C TYR B 91 -20.61 -24.36 -15.79
N LEU B 92 -21.56 -24.48 -14.86
CA LEU B 92 -22.51 -23.43 -14.57
C LEU B 92 -22.09 -22.70 -13.29
N CYS B 93 -22.12 -21.38 -13.38
CA CYS B 93 -21.91 -20.51 -12.23
C CYS B 93 -23.25 -19.94 -11.84
N ALA B 94 -23.53 -19.89 -10.53
CA ALA B 94 -24.74 -19.26 -10.07
C ALA B 94 -24.39 -18.25 -8.99
N SER B 95 -25.22 -17.23 -8.83
CA SER B 95 -25.07 -16.31 -7.71
C SER B 95 -26.42 -16.13 -7.06
N SER B 96 -26.39 -15.80 -5.75
CA SER B 96 -27.62 -15.65 -4.98
C SER B 96 -27.36 -14.74 -3.77
N LEU B 97 -28.44 -14.40 -3.07
CA LEU B 97 -28.32 -13.84 -1.73
C LEU B 97 -28.69 -14.94 -0.73
N GLY B 98 -27.79 -15.92 -0.57
CA GLY B 98 -28.12 -17.12 0.17
C GLY B 98 -29.25 -17.90 -0.52
N GLN B 99 -30.28 -18.25 0.28
CA GLN B 99 -31.48 -18.91 -0.24
C GLN B 99 -32.08 -18.15 -1.42
N GLY B 100 -31.99 -16.81 -1.39
CA GLY B 100 -32.77 -15.96 -2.30
C GLY B 100 -32.04 -15.70 -3.61
N HIS B 101 -32.84 -15.59 -4.69
CA HIS B 101 -32.42 -15.04 -5.97
C HIS B 101 -31.42 -15.94 -6.71
N PHE B 102 -31.50 -17.27 -6.49
CA PHE B 102 -30.54 -18.18 -7.10
C PHE B 102 -30.64 -18.07 -8.62
N THR B 103 -29.55 -17.69 -9.30
CA THR B 103 -29.59 -17.45 -10.73
C THR B 103 -28.34 -18.07 -11.35
N PHE B 104 -28.52 -18.72 -12.49
CA PHE B 104 -27.42 -19.33 -13.22
C PHE B 104 -26.93 -18.36 -14.31
N GLY B 105 -25.64 -18.44 -14.64
CA GLY B 105 -25.12 -17.91 -15.89
C GLY B 105 -25.34 -18.90 -17.03
N SER B 106 -24.85 -18.58 -18.24
CA SER B 106 -25.04 -19.41 -19.42
C SER B 106 -24.07 -20.58 -19.47
N GLY B 107 -23.04 -20.57 -18.62
CA GLY B 107 -22.12 -21.67 -18.54
C GLY B 107 -20.91 -21.52 -19.43
N THR B 108 -19.85 -22.28 -19.12
CA THR B 108 -18.73 -22.49 -20.02
C THR B 108 -18.80 -23.93 -20.53
N ARG B 109 -18.83 -24.07 -21.85
CA ARG B 109 -18.83 -25.38 -22.47
C ARG B 109 -17.39 -25.80 -22.71
N LEU B 110 -16.92 -26.79 -21.94
CA LEU B 110 -15.55 -27.26 -22.02
C LEU B 110 -15.54 -28.61 -22.72
N THR B 111 -14.75 -28.72 -23.80
CA THR B 111 -14.53 -30.00 -24.45
C THR B 111 -13.02 -30.29 -24.37
N VAL B 112 -12.70 -31.43 -23.75
CA VAL B 112 -11.33 -31.90 -23.63
C VAL B 112 -11.11 -32.92 -24.74
N VAL B 113 -10.11 -32.66 -25.58
CA VAL B 113 -9.80 -33.42 -26.79
C VAL B 113 -8.38 -33.99 -26.69
N GLU B 114 -8.12 -35.04 -27.46
CA GLU B 114 -6.84 -35.75 -27.43
C GLU B 114 -5.76 -34.89 -28.09
N ASP B 115 -6.04 -34.42 -29.31
CA ASP B 115 -5.06 -33.68 -30.09
C ASP B 115 -5.76 -32.53 -30.80
N LEU B 116 -5.13 -31.36 -30.79
CA LEU B 116 -5.74 -30.15 -31.33
C LEU B 116 -5.86 -30.24 -32.84
N LYS B 117 -5.11 -31.16 -33.47
CA LYS B 117 -5.10 -31.35 -34.91
C LYS B 117 -6.44 -31.93 -35.36
N ASN B 118 -7.23 -32.39 -34.38
CA ASN B 118 -8.56 -32.91 -34.63
C ASN B 118 -9.59 -31.80 -34.79
N VAL B 119 -9.19 -30.53 -34.57
CA VAL B 119 -10.14 -29.43 -34.56
C VAL B 119 -10.29 -28.85 -35.96
N PHE B 120 -11.54 -28.74 -36.43
CA PHE B 120 -11.83 -28.28 -37.78
C PHE B 120 -13.06 -27.39 -37.76
N PRO B 121 -13.03 -26.25 -38.49
CA PRO B 121 -14.22 -25.40 -38.61
C PRO B 121 -15.17 -26.09 -39.58
N PRO B 122 -16.47 -25.72 -39.63
CA PRO B 122 -17.39 -26.33 -40.59
C PRO B 122 -17.17 -25.81 -42.01
N GLU B 123 -17.53 -26.64 -42.99
CA GLU B 123 -17.88 -26.15 -44.32
C GLU B 123 -19.38 -25.87 -44.28
N VAL B 124 -19.81 -24.84 -45.01
CA VAL B 124 -21.20 -24.44 -45.00
C VAL B 124 -21.69 -24.33 -46.44
N ALA B 125 -22.86 -24.92 -46.71
CA ALA B 125 -23.46 -24.87 -48.03
C ALA B 125 -24.97 -24.64 -47.89
N VAL B 126 -25.52 -23.91 -48.84
CA VAL B 126 -26.96 -23.65 -48.92
C VAL B 126 -27.48 -24.34 -50.18
N PHE B 127 -28.61 -25.03 -50.03
CA PHE B 127 -29.27 -25.76 -51.12
C PHE B 127 -30.61 -25.08 -51.39
N GLU B 128 -30.84 -24.74 -52.66
CA GLU B 128 -31.94 -23.87 -53.06
C GLU B 128 -33.23 -24.66 -53.21
N PRO B 129 -34.41 -24.04 -52.98
CA PRO B 129 -35.69 -24.77 -53.05
C PRO B 129 -35.91 -25.50 -54.36
N SER B 130 -36.59 -26.64 -54.27
CA SER B 130 -36.98 -27.43 -55.43
C SER B 130 -38.12 -26.73 -56.15
N GLU B 131 -38.04 -26.64 -57.49
CA GLU B 131 -39.09 -26.05 -58.31
C GLU B 131 -40.40 -26.83 -58.10
N ALA B 132 -40.25 -28.14 -57.87
CA ALA B 132 -41.35 -29.06 -57.67
C ALA B 132 -42.10 -28.71 -56.38
N GLU B 133 -41.33 -28.46 -55.30
CA GLU B 133 -41.91 -28.05 -54.04
C GLU B 133 -42.72 -26.76 -54.25
N ILE B 134 -42.12 -25.81 -54.98
CA ILE B 134 -42.73 -24.50 -55.18
C ILE B 134 -44.09 -24.68 -55.85
N SER B 135 -44.14 -25.48 -56.92
CA SER B 135 -45.38 -25.60 -57.64
C SER B 135 -46.40 -26.44 -56.87
N HIS B 136 -45.92 -27.42 -56.08
CA HIS B 136 -46.79 -28.35 -55.38
C HIS B 136 -47.40 -27.70 -54.13
N THR B 137 -46.65 -26.81 -53.44
CA THR B 137 -47.03 -26.34 -52.11
C THR B 137 -47.11 -24.82 -52.03
N GLN B 138 -46.53 -24.12 -52.99
CA GLN B 138 -46.44 -22.66 -52.94
C GLN B 138 -45.57 -22.20 -51.77
N LYS B 139 -44.75 -23.13 -51.26
CA LYS B 139 -43.73 -22.83 -50.27
C LYS B 139 -42.35 -23.20 -50.84
N ALA B 140 -41.30 -22.67 -50.21
CA ALA B 140 -39.94 -22.87 -50.68
C ALA B 140 -39.02 -23.06 -49.48
N THR B 141 -38.43 -24.25 -49.37
CA THR B 141 -37.52 -24.59 -48.29
C THR B 141 -36.07 -24.52 -48.77
N LEU B 142 -35.28 -23.67 -48.13
CA LEU B 142 -33.83 -23.66 -48.24
C LEU B 142 -33.27 -24.59 -47.17
N VAL B 143 -32.21 -25.31 -47.51
CA VAL B 143 -31.53 -26.15 -46.53
C VAL B 143 -30.09 -25.67 -46.39
N CYS B 144 -29.62 -25.60 -45.14
CA CYS B 144 -28.23 -25.29 -44.87
C CYS B 144 -27.57 -26.53 -44.27
N LEU B 145 -26.39 -26.89 -44.78
CA LEU B 145 -25.57 -27.95 -44.18
C LEU B 145 -24.28 -27.36 -43.65
N ALA B 146 -24.01 -27.67 -42.37
CA ALA B 146 -22.71 -27.40 -41.76
C ALA B 146 -22.03 -28.74 -41.57
N THR B 147 -20.90 -28.96 -42.23
CA THR B 147 -20.31 -30.30 -42.26
C THR B 147 -18.85 -30.24 -41.87
N GLY B 148 -18.34 -31.34 -41.32
CA GLY B 148 -16.90 -31.56 -41.21
C GLY B 148 -16.26 -30.86 -40.03
N PHE B 149 -17.06 -30.47 -39.03
CA PHE B 149 -16.55 -29.66 -37.94
C PHE B 149 -16.26 -30.53 -36.72
N TYR B 150 -15.30 -30.04 -35.90
CA TYR B 150 -14.97 -30.71 -34.66
C TYR B 150 -14.27 -29.72 -33.75
N PRO B 151 -14.57 -29.64 -32.43
CA PRO B 151 -15.65 -30.42 -31.79
C PRO B 151 -17.03 -29.79 -32.06
N ASP B 152 -18.05 -30.24 -31.33
CA ASP B 152 -19.40 -29.74 -31.54
C ASP B 152 -19.58 -28.39 -30.82
N HIS B 153 -18.99 -27.35 -31.41
CA HIS B 153 -19.04 -26.00 -30.88
C HIS B 153 -19.55 -25.06 -31.96
N VAL B 154 -20.86 -25.13 -32.28
CA VAL B 154 -21.40 -24.29 -33.36
C VAL B 154 -22.72 -23.65 -32.95
N GLU B 155 -23.05 -22.54 -33.62
CA GLU B 155 -24.36 -21.88 -33.54
C GLU B 155 -24.75 -21.48 -34.96
N LEU B 156 -25.88 -22.00 -35.45
CA LEU B 156 -26.37 -21.71 -36.78
C LEU B 156 -27.48 -20.66 -36.73
N SER B 157 -27.44 -19.67 -37.61
CA SER B 157 -28.51 -18.68 -37.68
C SER B 157 -28.77 -18.32 -39.15
N TRP B 158 -30.00 -17.86 -39.45
CA TRP B 158 -30.35 -17.42 -40.79
C TRP B 158 -30.53 -15.91 -40.80
N TRP B 159 -30.07 -15.30 -41.91
CA TRP B 159 -30.13 -13.86 -42.11
C TRP B 159 -30.74 -13.56 -43.46
N VAL B 160 -31.87 -12.83 -43.43
CA VAL B 160 -32.57 -12.45 -44.64
C VAL B 160 -32.47 -10.94 -44.76
N ASN B 161 -31.89 -10.51 -45.87
CA ASN B 161 -31.66 -9.09 -46.11
C ASN B 161 -30.96 -8.47 -44.91
N GLY B 162 -30.02 -9.19 -44.31
CA GLY B 162 -29.15 -8.60 -43.30
C GLY B 162 -29.74 -8.72 -41.89
N LYS B 163 -30.93 -9.30 -41.79
CA LYS B 163 -31.67 -9.32 -40.53
C LYS B 163 -31.87 -10.77 -40.09
N GLU B 164 -31.60 -11.06 -38.82
CA GLU B 164 -31.71 -12.43 -38.35
C GLU B 164 -33.19 -12.84 -38.39
N VAL B 165 -33.50 -14.09 -38.74
CA VAL B 165 -34.87 -14.56 -38.83
C VAL B 165 -35.05 -15.77 -37.91
N HIS B 166 -36.26 -15.93 -37.35
CA HIS B 166 -36.60 -17.08 -36.55
C HIS B 166 -37.80 -17.83 -37.15
N SER B 167 -38.76 -17.06 -37.64
CA SER B 167 -39.96 -17.64 -38.24
C SER B 167 -39.56 -18.54 -39.40
N GLY B 168 -40.12 -19.75 -39.43
CA GLY B 168 -39.93 -20.63 -40.57
C GLY B 168 -38.63 -21.42 -40.49
N VAL B 169 -37.98 -21.43 -39.33
CA VAL B 169 -36.66 -22.07 -39.21
C VAL B 169 -36.74 -23.26 -38.27
N CYS B 170 -36.06 -24.35 -38.60
CA CYS B 170 -35.72 -25.35 -37.57
C CYS B 170 -34.33 -25.92 -37.87
N THR B 171 -33.43 -25.73 -36.91
CA THR B 171 -32.13 -26.34 -36.96
C THR B 171 -32.20 -27.65 -36.17
N ASP B 172 -31.54 -28.68 -36.66
CA ASP B 172 -31.46 -29.94 -35.94
C ASP B 172 -31.01 -29.69 -34.51
N PRO B 173 -31.69 -30.27 -33.51
CA PRO B 173 -31.23 -30.19 -32.12
C PRO B 173 -29.91 -30.92 -31.89
N GLN B 174 -29.62 -31.97 -32.68
CA GLN B 174 -28.44 -32.77 -32.44
C GLN B 174 -27.64 -32.89 -33.74
N PRO B 175 -26.28 -32.87 -33.69
CA PRO B 175 -25.47 -33.07 -34.88
C PRO B 175 -25.41 -34.56 -35.22
N LEU B 176 -25.02 -34.90 -36.45
CA LEU B 176 -24.74 -36.27 -36.85
C LEU B 176 -23.25 -36.52 -36.71
N LYS B 177 -22.90 -37.76 -36.35
CA LYS B 177 -21.53 -38.21 -36.45
C LYS B 177 -21.24 -38.57 -37.91
N GLU B 178 -20.15 -38.04 -38.45
CA GLU B 178 -19.82 -38.34 -39.83
C GLU B 178 -19.10 -39.68 -39.93
N GLN B 179 -18.36 -40.04 -38.87
CA GLN B 179 -17.71 -41.34 -38.86
C GLN B 179 -18.08 -42.02 -37.55
N PRO B 180 -19.35 -42.47 -37.37
CA PRO B 180 -19.83 -42.89 -36.04
C PRO B 180 -18.97 -43.94 -35.34
N ALA B 181 -18.17 -44.68 -36.11
CA ALA B 181 -17.26 -45.70 -35.59
C ALA B 181 -16.09 -45.11 -34.80
N LEU B 182 -15.73 -43.85 -35.11
CA LEU B 182 -14.54 -43.20 -34.58
C LEU B 182 -14.93 -42.32 -33.39
N ASN B 183 -14.02 -42.20 -32.41
CA ASN B 183 -14.18 -41.29 -31.29
C ASN B 183 -13.66 -39.89 -31.62
N ASP B 184 -12.98 -39.78 -32.76
CA ASP B 184 -12.50 -38.50 -33.24
C ASP B 184 -13.45 -37.94 -34.28
N SER B 185 -14.69 -38.45 -34.35
CA SER B 185 -15.56 -38.19 -35.48
C SER B 185 -15.82 -36.70 -35.65
N ARG B 186 -15.85 -36.26 -36.91
CA ARG B 186 -16.32 -34.93 -37.24
C ARG B 186 -17.85 -34.93 -37.18
N TYR B 187 -18.45 -33.73 -37.25
CA TYR B 187 -19.88 -33.60 -37.09
C TYR B 187 -20.47 -32.91 -38.31
N ALA B 188 -21.79 -33.10 -38.47
CA ALA B 188 -22.56 -32.41 -39.48
C ALA B 188 -23.89 -31.99 -38.85
N LEU B 189 -24.50 -30.91 -39.36
CA LEU B 189 -25.74 -30.39 -38.82
C LEU B 189 -26.52 -29.75 -39.97
N SER B 190 -27.85 -29.87 -39.92
CA SER B 190 -28.67 -29.27 -40.97
C SER B 190 -29.65 -28.26 -40.38
N SER B 191 -30.09 -27.33 -41.23
CA SER B 191 -31.11 -26.35 -40.86
C SER B 191 -32.00 -26.12 -42.07
N ARG B 192 -33.27 -25.81 -41.81
CA ARG B 192 -34.22 -25.52 -42.87
C ARG B 192 -34.84 -24.14 -42.62
N LEU B 193 -34.93 -23.31 -43.67
CA LEU B 193 -35.67 -22.06 -43.64
C LEU B 193 -36.72 -22.13 -44.76
N ARG B 194 -38.00 -22.02 -44.37
CA ARG B 194 -39.09 -22.13 -45.32
C ARG B 194 -39.81 -20.79 -45.42
N VAL B 195 -39.98 -20.31 -46.66
CA VAL B 195 -40.66 -19.05 -46.94
C VAL B 195 -41.74 -19.32 -47.98
N SER B 196 -42.58 -18.30 -48.24
CA SER B 196 -43.55 -18.42 -49.31
C SER B 196 -42.82 -18.47 -50.65
N ALA B 197 -43.42 -19.16 -51.64
CA ALA B 197 -42.86 -19.18 -52.99
C ALA B 197 -42.54 -17.77 -53.51
N THR B 198 -43.49 -16.84 -53.35
CA THR B 198 -43.33 -15.50 -53.87
C THR B 198 -42.07 -14.86 -53.27
N PHE B 199 -41.90 -15.00 -51.95
CA PHE B 199 -40.76 -14.39 -51.28
C PHE B 199 -39.45 -14.93 -51.86
N TRP B 200 -39.42 -16.24 -52.10
CA TRP B 200 -38.24 -16.84 -52.74
C TRP B 200 -38.05 -16.33 -54.17
N GLN B 201 -39.16 -16.03 -54.86
CA GLN B 201 -39.11 -15.67 -56.26
C GLN B 201 -38.65 -14.23 -56.47
N ASN B 202 -38.46 -13.46 -55.39
CA ASN B 202 -38.00 -12.09 -55.50
C ASN B 202 -36.46 -12.09 -55.57
N PRO B 203 -35.85 -11.68 -56.70
CA PRO B 203 -34.38 -11.71 -56.84
C PRO B 203 -33.64 -10.73 -55.94
N ARG B 204 -34.39 -9.80 -55.32
CA ARG B 204 -33.81 -8.80 -54.44
C ARG B 204 -33.64 -9.37 -53.02
N ASN B 205 -34.26 -10.52 -52.72
CA ASN B 205 -34.15 -11.16 -51.42
C ASN B 205 -32.86 -11.96 -51.30
N HIS B 206 -32.11 -11.66 -50.23
CA HIS B 206 -30.81 -12.28 -49.96
C HIS B 206 -30.91 -13.17 -48.72
N PHE B 207 -30.51 -14.44 -48.87
CA PHE B 207 -30.58 -15.42 -47.80
C PHE B 207 -29.17 -15.86 -47.45
N ARG B 208 -28.83 -15.82 -46.14
CA ARG B 208 -27.51 -16.25 -45.71
C ARG B 208 -27.67 -17.17 -44.51
N CYS B 209 -26.97 -18.29 -44.55
CA CYS B 209 -26.86 -19.18 -43.40
C CYS B 209 -25.49 -18.93 -42.79
N GLN B 210 -25.48 -18.63 -41.48
CA GLN B 210 -24.26 -18.25 -40.78
C GLN B 210 -23.99 -19.28 -39.68
N VAL B 211 -22.74 -19.75 -39.62
CA VAL B 211 -22.36 -20.71 -38.60
C VAL B 211 -21.20 -20.12 -37.82
N GLN B 212 -21.44 -19.85 -36.53
CA GLN B 212 -20.38 -19.44 -35.63
C GLN B 212 -19.77 -20.72 -35.07
N PHE B 213 -18.46 -20.90 -35.31
CA PHE B 213 -17.73 -22.02 -34.75
C PHE B 213 -16.86 -21.51 -33.62
N TYR B 214 -16.76 -22.28 -32.55
CA TYR B 214 -15.86 -21.97 -31.45
C TYR B 214 -14.74 -23.01 -31.44
N GLY B 215 -13.51 -22.57 -31.73
CA GLY B 215 -12.40 -23.49 -31.86
C GLY B 215 -11.20 -23.09 -31.00
N LEU B 216 -10.03 -22.90 -31.64
CA LEU B 216 -8.83 -22.62 -30.88
C LEU B 216 -8.71 -21.12 -30.64
N SER B 217 -7.90 -20.73 -29.65
CA SER B 217 -7.76 -19.37 -29.18
C SER B 217 -6.46 -18.77 -29.72
N GLU B 218 -6.31 -17.45 -29.55
CA GLU B 218 -5.12 -16.70 -29.95
C GLU B 218 -3.88 -17.30 -29.30
N ASN B 219 -4.02 -17.78 -28.06
CA ASN B 219 -2.90 -18.26 -27.27
C ASN B 219 -2.44 -19.65 -27.68
N ASP B 220 -3.28 -20.42 -28.39
CA ASP B 220 -2.95 -21.79 -28.74
C ASP B 220 -1.85 -21.81 -29.80
N GLU B 221 -0.92 -22.77 -29.64
CA GLU B 221 0.12 -23.06 -30.61
C GLU B 221 -0.51 -23.89 -31.74
N TRP B 222 -0.10 -23.63 -32.99
CA TRP B 222 -0.53 -24.42 -34.13
C TRP B 222 0.67 -24.65 -35.05
N THR B 223 0.92 -25.92 -35.41
CA THR B 223 2.10 -26.26 -36.19
C THR B 223 1.74 -26.78 -37.59
N GLN B 224 0.48 -27.19 -37.75
CA GLN B 224 0.00 -27.85 -38.95
C GLN B 224 -0.05 -26.86 -40.11
N ASP B 225 -0.04 -27.42 -41.32
CA ASP B 225 0.11 -26.67 -42.56
C ASP B 225 -1.18 -25.91 -42.89
N ARG B 226 -2.32 -26.46 -42.47
CA ARG B 226 -3.63 -25.89 -42.72
C ARG B 226 -3.86 -24.69 -41.81
N ALA B 227 -4.81 -23.84 -42.22
CA ALA B 227 -5.15 -22.65 -41.45
C ALA B 227 -5.57 -23.04 -40.03
N LYS B 228 -5.09 -22.26 -39.06
CA LYS B 228 -5.37 -22.50 -37.65
C LYS B 228 -6.88 -22.46 -37.44
N PRO B 229 -7.49 -23.53 -36.88
CA PRO B 229 -8.94 -23.59 -36.70
C PRO B 229 -9.44 -22.78 -35.50
N VAL B 230 -9.30 -21.45 -35.60
CA VAL B 230 -9.72 -20.53 -34.58
C VAL B 230 -11.24 -20.36 -34.65
N THR B 231 -11.81 -19.82 -33.57
CA THR B 231 -13.18 -19.34 -33.57
C THR B 231 -13.37 -18.44 -34.79
N GLN B 232 -14.48 -18.64 -35.51
CA GLN B 232 -14.71 -17.91 -36.74
C GLN B 232 -16.14 -18.14 -37.22
N ILE B 233 -16.56 -17.31 -38.19
CA ILE B 233 -17.87 -17.48 -38.80
C ILE B 233 -17.70 -18.02 -40.20
N VAL B 234 -18.45 -19.06 -40.56
CA VAL B 234 -18.51 -19.54 -41.93
C VAL B 234 -19.95 -19.37 -42.43
N SER B 235 -20.10 -18.80 -43.64
CA SER B 235 -21.44 -18.55 -44.17
C SER B 235 -21.59 -19.07 -45.59
N ALA B 236 -22.83 -19.39 -45.98
CA ALA B 236 -23.18 -19.66 -47.36
C ALA B 236 -24.46 -18.93 -47.70
N GLU B 237 -24.69 -18.63 -48.99
CA GLU B 237 -25.76 -17.73 -49.34
C GLU B 237 -26.53 -18.15 -50.59
N ALA B 238 -27.66 -17.48 -50.82
CA ALA B 238 -28.46 -17.63 -52.01
C ALA B 238 -29.26 -16.34 -52.23
N TRP B 239 -29.46 -15.98 -53.50
CA TRP B 239 -30.43 -14.93 -53.81
C TRP B 239 -31.69 -15.58 -54.38
N GLY B 240 -32.83 -14.90 -54.21
CA GLY B 240 -34.07 -15.37 -54.80
C GLY B 240 -33.99 -15.44 -56.33
N ARG B 241 -34.86 -16.25 -56.94
CA ARG B 241 -34.87 -16.47 -58.38
C ARG B 241 -36.31 -16.51 -58.87
N ALA B 242 -36.60 -15.74 -59.94
CA ALA B 242 -37.96 -15.53 -60.42
C ALA B 242 -38.41 -16.60 -61.41
N ASP B 243 -37.62 -16.84 -62.46
CA ASP B 243 -37.98 -17.91 -63.39
C ASP B 243 -37.20 -19.17 -63.01
N SER C 3 -48.84 -22.79 21.91
CA SER C 3 -48.62 -21.43 21.35
C SER C 3 -47.23 -20.90 21.68
N HIS C 4 -46.30 -20.98 20.72
CA HIS C 4 -44.90 -20.65 20.92
C HIS C 4 -44.40 -19.73 19.81
N SER C 5 -43.16 -19.27 19.92
CA SER C 5 -42.62 -18.29 18.97
C SER C 5 -41.09 -18.36 18.94
N MET C 6 -40.50 -18.03 17.80
CA MET C 6 -39.07 -17.83 17.68
C MET C 6 -38.84 -16.45 17.04
N ARG C 7 -37.81 -15.75 17.53
CA ARG C 7 -37.48 -14.44 16.98
C ARG C 7 -35.98 -14.26 16.96
N TYR C 8 -35.49 -13.63 15.88
CA TYR C 8 -34.15 -13.07 15.87
C TYR C 8 -34.25 -11.54 15.89
N PHE C 9 -33.41 -10.91 16.70
CA PHE C 9 -33.28 -9.46 16.76
C PHE C 9 -31.88 -9.08 16.33
N TYR C 10 -31.75 -8.29 15.25
CA TYR C 10 -30.46 -7.81 14.77
C TYR C 10 -30.39 -6.30 14.94
N THR C 11 -29.19 -5.79 15.22
CA THR C 11 -28.92 -4.37 15.38
C THR C 11 -27.58 -4.10 14.70
N SER C 12 -27.58 -3.15 13.74
CA SER C 12 -26.35 -2.59 13.23
C SER C 12 -26.25 -1.12 13.63
N VAL C 13 -25.08 -0.74 14.13
CA VAL C 13 -24.87 0.63 14.59
C VAL C 13 -23.61 1.18 13.93
N SER C 14 -23.74 2.27 13.16
CA SER C 14 -22.61 2.95 12.55
C SER C 14 -21.81 3.72 13.61
N ARG C 15 -20.49 3.69 13.52
CA ARG C 15 -19.63 4.41 14.45
C ARG C 15 -18.55 5.14 13.66
N PRO C 16 -18.88 6.23 12.90
CA PRO C 16 -17.91 6.85 11.99
C PRO C 16 -16.63 7.15 12.76
N GLY C 17 -15.54 6.51 12.31
CA GLY C 17 -14.25 6.77 12.90
C GLY C 17 -13.79 5.65 13.84
N ARG C 18 -14.69 4.75 14.21
CA ARG C 18 -14.37 3.69 15.15
C ARG C 18 -14.82 2.35 14.54
N GLU C 20 -15.50 0.21 11.90
CA GLU C 20 -16.67 -0.27 11.13
C GLU C 20 -17.86 -0.54 12.05
N PRO C 21 -19.09 -0.48 11.50
CA PRO C 21 -20.34 -0.68 12.26
C PRO C 21 -20.29 -1.89 13.18
N ARG C 22 -21.06 -1.83 14.27
CA ARG C 22 -21.19 -2.96 15.17
C ARG C 22 -22.49 -3.69 14.86
N PHE C 23 -22.40 -5.03 14.86
CA PHE C 23 -23.54 -5.90 14.62
C PHE C 23 -23.81 -6.77 15.86
N ILE C 24 -25.08 -6.83 16.29
CA ILE C 24 -25.47 -7.62 17.43
C ILE C 24 -26.71 -8.40 17.05
N SER C 25 -26.72 -9.69 17.40
CA SER C 25 -27.86 -10.57 17.19
C SER C 25 -28.19 -11.24 18.52
N VAL C 26 -29.48 -11.34 18.84
CA VAL C 26 -29.94 -12.23 19.88
C VAL C 26 -31.11 -13.06 19.32
N GLY C 27 -31.19 -14.31 19.77
CA GLY C 27 -32.34 -15.14 19.42
C GLY C 27 -33.14 -15.52 20.64
N TYR C 28 -34.47 -15.56 20.49
CA TYR C 28 -35.37 -15.98 21.56
C TYR C 28 -36.30 -17.08 21.06
N VAL C 29 -36.62 -18.03 21.94
CA VAL C 29 -37.79 -18.89 21.83
C VAL C 29 -38.70 -18.47 22.97
N ASP C 30 -39.89 -17.99 22.64
CA ASP C 30 -40.74 -17.41 23.67
C ASP C 30 -39.98 -16.34 24.45
N ASP C 31 -39.96 -16.47 25.78
CA ASP C 31 -39.31 -15.46 26.62
C ASP C 31 -37.89 -15.88 26.98
N THR C 32 -37.33 -16.88 26.28
CA THR C 32 -36.02 -17.43 26.63
C THR C 32 -34.99 -17.06 25.58
N GLN C 33 -33.98 -16.28 25.96
CA GLN C 33 -32.90 -16.01 25.03
C GLN C 33 -32.00 -17.25 24.95
N PHE C 34 -31.58 -17.63 23.73
CA PHE C 34 -30.91 -18.91 23.57
C PHE C 34 -29.59 -18.74 22.83
N VAL C 35 -29.47 -17.68 22.03
CA VAL C 35 -28.26 -17.49 21.22
C VAL C 35 -27.86 -16.03 21.24
N ARG C 36 -26.56 -15.77 20.97
CA ARG C 36 -26.07 -14.40 20.91
C ARG C 36 -24.92 -14.29 19.91
N PHE C 37 -24.83 -13.14 19.25
CA PHE C 37 -23.68 -12.81 18.42
C PHE C 37 -23.33 -11.33 18.59
N ASP C 38 -22.04 -11.03 18.75
CA ASP C 38 -21.59 -9.65 18.91
C ASP C 38 -20.29 -9.47 18.15
N SER C 39 -20.31 -8.55 17.19
CA SER C 39 -19.18 -8.28 16.30
C SER C 39 -18.00 -7.64 17.06
N ASP C 40 -18.26 -7.15 18.27
CA ASP C 40 -17.22 -6.54 19.09
C ASP C 40 -16.48 -7.57 19.93
N ALA C 41 -17.01 -8.79 20.03
CA ALA C 41 -16.40 -9.86 20.82
C ALA C 41 -14.98 -10.12 20.35
N ALA C 42 -14.18 -10.70 21.27
CA ALA C 42 -12.79 -11.06 21.03
C ALA C 42 -12.64 -11.81 19.72
N SER C 43 -13.35 -12.92 19.59
CA SER C 43 -13.40 -13.69 18.37
C SER C 43 -14.87 -13.99 18.07
N PRO C 44 -15.54 -13.12 17.30
CA PRO C 44 -17.00 -13.16 17.18
C PRO C 44 -17.55 -14.48 16.65
N ARG C 45 -18.53 -15.02 17.38
CA ARG C 45 -19.06 -16.34 17.13
C ARG C 45 -20.44 -16.40 17.76
N GLU C 46 -21.30 -17.26 17.21
CA GLU C 46 -22.57 -17.48 17.89
C GLU C 46 -22.28 -18.28 19.16
N GLU C 47 -22.90 -17.88 20.27
CA GLU C 47 -22.69 -18.53 21.56
C GLU C 47 -24.03 -18.92 22.18
N PRO C 48 -24.08 -20.07 22.90
CA PRO C 48 -25.30 -20.49 23.60
C PRO C 48 -25.58 -19.60 24.79
N ARG C 49 -26.86 -19.50 25.14
CA ARG C 49 -27.35 -18.70 26.25
C ARG C 49 -28.50 -19.40 26.97
N ALA C 50 -28.86 -20.61 26.53
CA ALA C 50 -29.83 -21.45 27.21
C ALA C 50 -29.32 -22.88 27.21
N PRO C 51 -29.60 -23.69 28.28
CA PRO C 51 -29.01 -25.02 28.41
C PRO C 51 -29.29 -25.99 27.25
N TRP C 52 -30.52 -25.92 26.73
CA TRP C 52 -30.99 -26.89 25.75
C TRP C 52 -30.38 -26.72 24.35
N ILE C 53 -29.65 -25.62 24.13
CA ILE C 53 -29.03 -25.38 22.83
C ILE C 53 -27.57 -25.84 22.85
N GLU C 54 -27.02 -26.12 24.03
CA GLU C 54 -25.59 -26.41 24.15
C GLU C 54 -25.22 -27.72 23.45
N GLN C 55 -26.23 -28.56 23.20
CA GLN C 55 -26.03 -29.87 22.60
C GLN C 55 -25.75 -29.78 21.10
N GLU C 56 -25.90 -28.59 20.49
CA GLU C 56 -25.70 -28.44 19.05
C GLU C 56 -24.23 -28.65 18.67
N GLY C 57 -23.99 -29.33 17.54
CA GLY C 57 -22.66 -29.66 17.08
C GLY C 57 -21.94 -28.46 16.46
N PRO C 58 -20.62 -28.60 16.16
CA PRO C 58 -19.84 -27.45 15.71
C PRO C 58 -20.32 -26.86 14.38
N GLU C 59 -20.89 -27.72 13.52
CA GLU C 59 -21.43 -27.32 12.22
C GLU C 59 -22.53 -26.26 12.38
N TYR C 60 -23.36 -26.39 13.43
CA TYR C 60 -24.44 -25.46 13.71
C TYR C 60 -23.85 -24.09 14.04
N TRP C 61 -22.88 -24.06 14.96
CA TRP C 61 -22.26 -22.82 15.40
C TRP C 61 -21.50 -22.15 14.26
N ASP C 62 -20.80 -22.96 13.44
CA ASP C 62 -20.01 -22.44 12.34
C ASP C 62 -20.93 -21.78 11.32
N ARG C 63 -22.00 -22.48 10.95
CA ARG C 63 -22.93 -22.00 9.94
C ARG C 63 -23.54 -20.67 10.39
N ASN C 64 -24.03 -20.65 11.63
CA ASN C 64 -24.73 -19.47 12.14
C ASN C 64 -23.76 -18.28 12.22
N THR C 65 -22.51 -18.54 12.63
CA THR C 65 -21.47 -17.53 12.71
C THR C 65 -21.29 -16.89 11.34
N GLN C 66 -21.22 -17.74 10.30
CA GLN C 66 -20.97 -17.22 8.96
C GLN C 66 -22.17 -16.42 8.48
N ILE C 67 -23.40 -16.85 8.83
CA ILE C 67 -24.58 -16.07 8.49
C ILE C 67 -24.48 -14.66 9.12
N TYR C 68 -24.18 -14.55 10.42
CA TYR C 68 -24.11 -13.27 11.10
C TYR C 68 -23.07 -12.37 10.43
N LYS C 69 -21.90 -12.94 10.10
CA LYS C 69 -20.86 -12.14 9.48
C LYS C 69 -21.32 -11.55 8.15
N ALA C 70 -22.00 -12.39 7.35
CA ALA C 70 -22.46 -11.95 6.05
C ALA C 70 -23.55 -10.88 6.19
N GLN C 71 -24.48 -11.10 7.11
CA GLN C 71 -25.52 -10.13 7.42
C GLN C 71 -24.92 -8.77 7.82
N ALA C 72 -23.88 -8.81 8.66
CA ALA C 72 -23.26 -7.59 9.16
C ALA C 72 -22.79 -6.74 7.98
N GLN C 73 -22.22 -7.41 6.97
CA GLN C 73 -21.65 -6.72 5.83
C GLN C 73 -22.74 -6.09 4.97
N THR C 74 -23.88 -6.78 4.85
CA THR C 74 -25.01 -6.27 4.09
C THR C 74 -25.57 -5.04 4.80
N ASP C 75 -25.57 -5.07 6.15
CA ASP C 75 -26.15 -4.01 6.94
C ASP C 75 -25.29 -2.74 6.81
N ARG C 76 -23.98 -2.93 6.74
CA ARG C 76 -23.06 -1.84 6.44
C ARG C 76 -23.47 -1.11 5.15
N GLU C 77 -23.80 -1.89 4.11
CA GLU C 77 -24.23 -1.36 2.83
C GLU C 77 -25.60 -0.70 2.95
N SER C 78 -26.50 -1.35 3.70
CA SER C 78 -27.83 -0.80 3.90
C SER C 78 -27.76 0.56 4.61
N LEU C 79 -26.86 0.66 5.58
CA LEU C 79 -26.66 1.90 6.31
C LEU C 79 -26.15 3.01 5.38
N ARG C 80 -25.26 2.67 4.44
CA ARG C 80 -24.78 3.63 3.45
C ARG C 80 -25.94 4.09 2.58
N ASN C 81 -26.83 3.18 2.18
CA ASN C 81 -27.96 3.57 1.34
C ASN C 81 -28.87 4.51 2.11
N LEU C 82 -29.15 4.18 3.38
CA LEU C 82 -30.11 4.91 4.21
C LEU C 82 -29.60 6.33 4.44
N ARG C 83 -28.30 6.46 4.72
CA ARG C 83 -27.61 7.74 4.90
C ARG C 83 -27.89 8.62 3.68
N GLY C 84 -27.78 8.01 2.49
CA GLY C 84 -28.09 8.66 1.23
C GLY C 84 -29.55 9.06 1.14
N TYR C 85 -30.47 8.14 1.46
CA TYR C 85 -31.88 8.40 1.27
C TYR C 85 -32.31 9.61 2.12
N TYR C 86 -31.68 9.79 3.29
CA TYR C 86 -32.11 10.82 4.23
C TYR C 86 -31.22 12.05 4.15
N ASN C 87 -30.23 12.04 3.24
CA ASN C 87 -29.30 13.13 3.04
C ASN C 87 -28.60 13.47 4.36
N GLN C 88 -28.22 12.43 5.10
CA GLN C 88 -27.49 12.61 6.33
C GLN C 88 -25.99 12.70 6.02
N SER C 89 -25.23 13.39 6.86
CA SER C 89 -23.81 13.55 6.58
C SER C 89 -23.03 12.31 7.04
N GLU C 90 -21.74 12.28 6.69
CA GLU C 90 -20.93 11.11 6.98
C GLU C 90 -20.44 11.15 8.43
N ALA C 91 -20.95 12.08 9.24
CA ALA C 91 -20.51 12.20 10.62
C ALA C 91 -21.41 11.41 11.58
N GLY C 92 -22.68 11.22 11.24
CA GLY C 92 -23.65 10.73 12.21
C GLY C 92 -23.58 9.21 12.44
N SER C 93 -23.76 8.79 13.70
CA SER C 93 -24.02 7.40 14.06
C SER C 93 -25.49 7.06 13.89
N HIS C 94 -25.79 5.92 13.27
CA HIS C 94 -27.18 5.53 12.99
C HIS C 94 -27.40 4.05 13.29
N THR C 95 -28.68 3.68 13.40
CA THR C 95 -29.12 2.39 13.91
C THR C 95 -30.07 1.76 12.90
N LEU C 96 -29.71 0.55 12.45
CA LEU C 96 -30.59 -0.28 11.64
C LEU C 96 -30.95 -1.53 12.45
N GLN C 97 -32.25 -1.76 12.65
CA GLN C 97 -32.77 -2.87 13.45
C GLN C 97 -33.69 -3.75 12.61
N SER C 98 -33.60 -5.07 12.84
CA SER C 98 -34.40 -6.11 12.17
C SER C 98 -34.96 -7.05 13.23
N MET C 99 -36.25 -7.37 13.13
CA MET C 99 -36.82 -8.46 13.91
C MET C 99 -37.65 -9.35 12.97
N TYR C 100 -37.36 -10.66 12.95
CA TYR C 100 -38.07 -11.59 12.09
C TYR C 100 -38.26 -12.92 12.84
N GLY C 101 -39.21 -13.74 12.36
CA GLY C 101 -39.45 -15.04 12.98
C GLY C 101 -40.90 -15.52 12.78
N CYS C 102 -41.27 -16.55 13.54
CA CYS C 102 -42.55 -17.22 13.35
C CYS C 102 -43.25 -17.47 14.69
N ASP C 103 -44.59 -17.47 14.62
CA ASP C 103 -45.45 -17.91 15.72
C ASP C 103 -46.14 -19.22 15.31
N VAL C 104 -46.27 -20.14 16.26
CA VAL C 104 -46.99 -21.39 16.01
C VAL C 104 -48.10 -21.56 17.05
N GLY C 105 -49.19 -22.18 16.60
CA GLY C 105 -50.31 -22.48 17.48
C GLY C 105 -50.06 -23.76 18.27
N PRO C 106 -51.01 -24.14 19.15
CA PRO C 106 -50.85 -25.33 19.98
C PRO C 106 -50.70 -26.63 19.19
N ASP C 107 -51.14 -26.60 17.93
CA ASP C 107 -51.01 -27.75 17.06
C ASP C 107 -49.62 -27.81 16.41
N GLY C 108 -48.80 -26.78 16.61
CA GLY C 108 -47.44 -26.76 16.06
C GLY C 108 -47.38 -26.16 14.65
N ARG C 109 -48.53 -25.78 14.09
CA ARG C 109 -48.63 -25.22 12.74
C ARG C 109 -48.45 -23.70 12.78
N LEU C 110 -47.95 -23.14 11.67
CA LEU C 110 -47.67 -21.72 11.53
C LEU C 110 -48.92 -20.88 11.76
N LEU C 111 -48.79 -19.91 12.67
CA LEU C 111 -49.84 -18.96 12.97
C LEU C 111 -49.56 -17.66 12.22
N ARG C 112 -48.31 -17.19 12.21
CA ARG C 112 -47.98 -15.88 11.70
C ARG C 112 -46.47 -15.77 11.50
N GLY C 113 -46.08 -15.05 10.45
CA GLY C 113 -44.69 -14.73 10.21
C GLY C 113 -44.46 -13.25 10.47
N HIS C 114 -43.20 -12.89 10.78
CA HIS C 114 -42.83 -11.52 11.09
C HIS C 114 -41.52 -11.20 10.39
N ASP C 115 -41.40 -9.99 9.85
CA ASP C 115 -40.20 -9.51 9.18
C ASP C 115 -40.28 -7.98 9.09
N GLN C 116 -39.59 -7.29 10.00
CA GLN C 116 -39.76 -5.84 10.16
C GLN C 116 -38.42 -5.16 10.43
N TYR C 117 -38.40 -3.85 10.18
CA TYR C 117 -37.18 -3.08 10.24
C TYR C 117 -37.49 -1.70 10.83
N ALA C 118 -36.42 -1.11 11.35
CA ALA C 118 -36.46 0.23 11.91
C ALA C 118 -35.13 0.91 11.61
N TYR C 119 -35.23 2.23 11.36
CA TYR C 119 -34.05 3.06 11.20
C TYR C 119 -34.13 4.14 12.28
N ASP C 120 -33.04 4.30 13.03
CA ASP C 120 -32.91 5.28 14.10
C ASP C 120 -34.12 5.26 15.03
N GLY C 121 -34.54 4.05 15.42
CA GLY C 121 -35.53 3.89 16.47
C GLY C 121 -36.97 3.94 15.96
N LYS C 122 -37.17 4.21 14.65
CA LYS C 122 -38.52 4.39 14.15
C LYS C 122 -38.81 3.34 13.08
N ASP C 123 -40.08 2.93 13.00
CA ASP C 123 -40.53 2.06 11.92
C ASP C 123 -39.95 2.51 10.58
N TYR C 124 -39.53 1.53 9.79
CA TYR C 124 -39.04 1.78 8.44
C TYR C 124 -39.89 1.03 7.43
N ILE C 125 -39.82 -0.30 7.42
CA ILE C 125 -40.59 -1.12 6.50
C ILE C 125 -40.92 -2.42 7.20
N ALA C 126 -42.09 -2.98 6.92
CA ALA C 126 -42.48 -4.26 7.50
C ALA C 126 -43.26 -5.08 6.50
N LEU C 127 -43.01 -6.41 6.50
CA LEU C 127 -43.82 -7.34 5.74
C LEU C 127 -45.18 -7.47 6.44
N ASN C 128 -46.25 -7.32 5.66
CA ASN C 128 -47.60 -7.41 6.19
C ASN C 128 -47.92 -8.86 6.54
N GLU C 129 -48.99 -9.09 7.30
CA GLU C 129 -49.30 -10.43 7.76
C GLU C 129 -49.53 -11.39 6.60
N ASP C 130 -49.98 -10.86 5.47
CA ASP C 130 -50.28 -11.69 4.31
C ASP C 130 -49.01 -12.30 3.72
N LEU C 131 -47.85 -11.80 4.15
CA LEU C 131 -46.52 -12.21 3.67
C LEU C 131 -46.42 -12.01 2.16
N ARG C 132 -47.18 -11.04 1.62
CA ARG C 132 -47.22 -10.74 0.20
C ARG C 132 -47.00 -9.25 -0.07
N SER C 133 -47.11 -8.41 0.97
CA SER C 133 -47.06 -6.96 0.75
C SER C 133 -46.27 -6.28 1.87
N TRP C 134 -45.83 -5.04 1.62
CA TRP C 134 -45.00 -4.26 2.52
C TRP C 134 -45.73 -3.00 2.98
N THR C 135 -45.44 -2.55 4.20
CA THR C 135 -45.86 -1.25 4.72
C THR C 135 -44.61 -0.41 4.88
N ALA C 136 -44.55 0.71 4.15
CA ALA C 136 -43.44 1.64 4.25
C ALA C 136 -43.85 2.83 5.13
N ALA C 137 -42.97 3.23 6.03
CA ALA C 137 -43.31 4.23 7.02
C ALA C 137 -43.19 5.65 6.45
N ASP C 138 -42.37 5.85 5.41
CA ASP C 138 -42.18 7.18 4.86
C ASP C 138 -41.69 7.07 3.42
N THR C 139 -41.29 8.21 2.84
CA THR C 139 -40.95 8.23 1.43
C THR C 139 -39.59 7.58 1.18
N ALA C 140 -38.71 7.60 2.18
CA ALA C 140 -37.43 6.91 2.02
C ALA C 140 -37.66 5.40 1.95
N ALA C 141 -38.52 4.90 2.84
CA ALA C 141 -38.89 3.50 2.88
C ALA C 141 -39.52 3.05 1.57
N GLN C 142 -40.17 3.99 0.87
CA GLN C 142 -40.80 3.66 -0.39
C GLN C 142 -39.78 3.36 -1.48
N ILE C 143 -38.57 3.91 -1.34
CA ILE C 143 -37.49 3.54 -2.25
C ILE C 143 -37.16 2.06 -2.08
N THR C 144 -37.01 1.66 -0.79
CA THR C 144 -36.77 0.26 -0.43
C THR C 144 -37.94 -0.57 -0.93
N GLN C 145 -39.16 -0.08 -0.67
CA GLN C 145 -40.37 -0.80 -1.06
C GLN C 145 -40.38 -1.09 -2.57
N ARG C 146 -40.06 -0.08 -3.37
CA ARG C 146 -40.15 -0.22 -4.82
C ARG C 146 -39.12 -1.23 -5.31
N LYS C 147 -37.90 -1.17 -4.76
CA LYS C 147 -36.84 -2.08 -5.13
C LYS C 147 -37.24 -3.52 -4.77
N TRP C 148 -37.86 -3.67 -3.60
CA TRP C 148 -38.25 -4.98 -3.10
C TRP C 148 -39.42 -5.55 -3.91
N GLU C 149 -40.33 -4.67 -4.34
CA GLU C 149 -41.43 -5.12 -5.18
C GLU C 149 -40.91 -5.60 -6.55
N ALA C 150 -39.96 -4.85 -7.10
CA ALA C 150 -39.33 -5.16 -8.37
C ALA C 150 -38.64 -6.52 -8.33
N ALA C 151 -38.09 -6.89 -7.15
CA ALA C 151 -37.34 -8.13 -6.99
C ALA C 151 -38.24 -9.24 -6.47
N ARG C 152 -39.50 -8.94 -6.16
CA ARG C 152 -40.42 -9.95 -5.65
C ARG C 152 -39.91 -10.49 -4.30
N GLU C 153 -39.43 -9.57 -3.45
CA GLU C 153 -38.78 -9.90 -2.19
C GLU C 153 -39.67 -10.70 -1.24
N ALA C 154 -40.97 -10.38 -1.19
CA ALA C 154 -41.79 -11.04 -0.19
C ALA C 154 -41.89 -12.53 -0.51
N GLU C 155 -41.90 -12.91 -1.80
CA GLU C 155 -42.01 -14.33 -2.15
C GLU C 155 -40.77 -15.07 -1.66
N GLN C 156 -39.58 -14.46 -1.83
CA GLN C 156 -38.30 -14.97 -1.38
C GLN C 156 -38.29 -15.25 0.14
N ARG C 157 -38.98 -14.40 0.90
CA ARG C 157 -38.92 -14.47 2.34
C ARG C 157 -39.77 -15.63 2.87
N ARG C 158 -40.71 -16.08 2.03
CA ARG C 158 -41.71 -17.06 2.45
C ARG C 158 -41.06 -18.40 2.78
N ALA C 159 -39.98 -18.74 2.06
CA ALA C 159 -39.31 -20.03 2.20
C ALA C 159 -38.90 -20.26 3.66
N TYR C 160 -38.25 -19.26 4.24
CA TYR C 160 -37.79 -19.39 5.62
C TYR C 160 -38.97 -19.20 6.58
N LEU C 161 -39.78 -18.15 6.37
CA LEU C 161 -40.79 -17.75 7.33
C LEU C 161 -41.86 -18.83 7.53
N GLU C 162 -42.22 -19.50 6.44
CA GLU C 162 -43.30 -20.48 6.48
C GLU C 162 -42.75 -21.89 6.69
N GLY C 163 -41.50 -22.15 6.26
CA GLY C 163 -40.89 -23.47 6.32
C GLY C 163 -39.86 -23.63 7.44
N GLU C 164 -38.62 -23.24 7.12
CA GLU C 164 -37.44 -23.44 7.95
C GLU C 164 -37.67 -22.93 9.38
N CYS C 165 -38.30 -21.75 9.54
CA CYS C 165 -38.48 -21.11 10.84
C CYS C 165 -39.22 -22.06 11.79
N VAL C 166 -40.34 -22.61 11.33
CA VAL C 166 -41.20 -23.46 12.15
C VAL C 166 -40.48 -24.77 12.47
N GLU C 167 -39.61 -25.21 11.56
CA GLU C 167 -38.89 -26.46 11.76
C GLU C 167 -37.89 -26.30 12.90
N TRP C 168 -37.15 -25.18 12.92
CA TRP C 168 -36.19 -24.87 13.96
C TRP C 168 -36.89 -24.67 15.31
N LEU C 169 -38.00 -23.92 15.30
CA LEU C 169 -38.79 -23.76 16.52
C LEU C 169 -39.14 -25.13 17.10
N ARG C 170 -39.63 -26.05 16.25
CA ARG C 170 -40.05 -27.37 16.67
C ARG C 170 -38.86 -28.18 17.23
N ARG C 171 -37.71 -28.10 16.57
CA ARG C 171 -36.53 -28.76 17.10
C ARG C 171 -36.23 -28.25 18.51
N TYR C 172 -36.29 -26.92 18.69
CA TYR C 172 -35.90 -26.31 19.95
C TYR C 172 -36.92 -26.67 21.05
N LEU C 173 -38.21 -26.69 20.70
CA LEU C 173 -39.25 -27.05 21.64
C LEU C 173 -39.04 -28.47 22.19
N GLU C 174 -38.56 -29.36 21.31
CA GLU C 174 -38.36 -30.76 21.64
C GLU C 174 -37.09 -30.91 22.49
N ASN C 175 -36.01 -30.22 22.09
CA ASN C 175 -34.76 -30.27 22.84
C ASN C 175 -34.93 -29.61 24.21
N GLY C 176 -35.82 -28.62 24.32
CA GLY C 176 -35.92 -27.84 25.54
C GLY C 176 -37.21 -28.10 26.30
N LYS C 177 -37.90 -29.21 26.01
CA LYS C 177 -39.24 -29.49 26.54
C LYS C 177 -39.34 -29.12 28.02
N ASP C 178 -38.35 -29.57 28.79
CA ASP C 178 -38.37 -29.40 30.23
C ASP C 178 -38.65 -27.93 30.60
N LYS C 179 -37.88 -27.04 29.99
CA LYS C 179 -37.82 -25.64 30.39
C LYS C 179 -38.81 -24.81 29.59
N LEU C 180 -39.12 -25.21 28.35
CA LEU C 180 -39.87 -24.36 27.43
C LEU C 180 -41.37 -24.64 27.49
N GLU C 181 -41.73 -25.91 27.69
CA GLU C 181 -43.12 -26.33 27.63
C GLU C 181 -43.72 -26.31 29.03
N ARG C 182 -42.90 -26.11 30.08
CA ARG C 182 -43.38 -26.05 31.47
C ARG C 182 -43.22 -24.63 32.04
N ALA C 183 -44.27 -24.13 32.71
CA ALA C 183 -44.29 -22.79 33.30
C ALA C 183 -43.87 -22.85 34.78
N ASP C 184 -43.05 -21.89 35.24
CA ASP C 184 -42.74 -21.76 36.66
C ASP C 184 -43.71 -20.78 37.30
N PRO C 185 -44.54 -21.21 38.29
CA PRO C 185 -45.46 -20.29 38.97
C PRO C 185 -44.66 -19.31 39.83
N PRO C 186 -45.20 -18.11 40.08
CA PRO C 186 -44.54 -17.13 40.95
C PRO C 186 -44.54 -17.55 42.43
N LYS C 187 -43.38 -17.41 43.09
CA LYS C 187 -43.33 -17.37 44.55
C LYS C 187 -43.86 -16.01 45.00
N THR C 188 -44.95 -15.99 45.77
CA THR C 188 -45.61 -14.73 46.12
C THR C 188 -45.59 -14.52 47.63
N HIS C 189 -45.64 -13.23 48.04
CA HIS C 189 -45.67 -12.80 49.42
C HIS C 189 -45.96 -11.29 49.45
N VAL C 190 -46.42 -10.82 50.61
CA VAL C 190 -46.78 -9.41 50.80
C VAL C 190 -45.95 -8.81 51.92
N THR C 191 -45.37 -7.63 51.66
CA THR C 191 -44.56 -6.94 52.63
C THR C 191 -45.27 -5.64 53.05
N HIS C 192 -44.90 -5.16 54.25
CA HIS C 192 -45.50 -3.99 54.89
C HIS C 192 -44.41 -2.97 55.19
N HIS C 193 -44.65 -1.70 54.82
CA HIS C 193 -43.66 -0.64 54.93
C HIS C 193 -44.32 0.62 55.46
N PRO C 194 -44.21 0.92 56.78
CA PRO C 194 -44.73 2.15 57.36
C PRO C 194 -44.16 3.41 56.71
N ILE C 195 -45.06 4.33 56.34
CA ILE C 195 -44.69 5.67 55.88
C ILE C 195 -44.68 6.63 57.07
N SER C 196 -45.66 6.46 57.96
CA SER C 196 -45.86 7.23 59.18
C SER C 196 -46.64 6.38 60.18
N ASP C 197 -47.08 6.95 61.30
CA ASP C 197 -47.95 6.22 62.23
C ASP C 197 -49.35 6.03 61.63
N HIS C 198 -49.64 6.75 60.53
CA HIS C 198 -50.98 6.86 59.94
C HIS C 198 -51.13 6.16 58.60
N GLU C 199 -50.01 5.87 57.90
CA GLU C 199 -50.02 5.35 56.54
C GLU C 199 -48.96 4.26 56.39
N ALA C 200 -49.23 3.21 55.61
CA ALA C 200 -48.25 2.21 55.22
C ALA C 200 -48.38 1.80 53.76
N THR C 201 -47.30 1.29 53.16
CA THR C 201 -47.35 0.63 51.86
C THR C 201 -47.47 -0.88 52.05
N LEU C 202 -48.45 -1.48 51.36
CA LEU C 202 -48.50 -2.93 51.17
C LEU C 202 -47.96 -3.24 49.78
N ARG C 203 -46.98 -4.16 49.70
CA ARG C 203 -46.38 -4.52 48.42
C ARG C 203 -46.55 -6.02 48.18
N CYS C 204 -47.14 -6.33 47.03
CA CYS C 204 -47.33 -7.71 46.60
C CYS C 204 -46.23 -8.09 45.62
N TRP C 205 -45.45 -9.12 45.95
CA TRP C 205 -44.30 -9.55 45.18
C TRP C 205 -44.64 -10.82 44.42
N ALA C 206 -44.20 -10.88 43.15
CA ALA C 206 -44.21 -12.11 42.39
C ALA C 206 -42.80 -12.38 41.89
N LEU C 207 -42.24 -13.54 42.28
CA LEU C 207 -40.79 -13.76 42.14
C LEU C 207 -40.53 -15.13 41.51
N GLY C 208 -39.61 -15.18 40.55
CA GLY C 208 -39.16 -16.43 39.93
C GLY C 208 -40.19 -17.15 39.08
N PHE C 209 -40.99 -16.40 38.30
CA PHE C 209 -41.97 -16.96 37.38
C PHE C 209 -41.47 -16.94 35.93
N TYR C 210 -42.04 -17.84 35.13
CA TYR C 210 -41.82 -17.89 33.68
C TYR C 210 -43.06 -18.54 33.08
N PRO C 211 -43.62 -18.05 31.93
CA PRO C 211 -43.11 -16.90 31.20
C PRO C 211 -43.44 -15.55 31.83
N ALA C 212 -43.12 -14.46 31.12
CA ALA C 212 -43.16 -13.12 31.68
C ALA C 212 -44.59 -12.60 31.88
N GLU C 213 -45.56 -13.12 31.12
CA GLU C 213 -46.95 -12.66 31.22
C GLU C 213 -47.47 -12.89 32.65
N ILE C 214 -48.04 -11.85 33.29
CA ILE C 214 -48.54 -12.01 34.66
C ILE C 214 -49.55 -10.90 34.99
N THR C 215 -50.49 -11.19 35.89
CA THR C 215 -51.42 -10.18 36.37
C THR C 215 -51.35 -10.07 37.89
N LEU C 216 -51.10 -8.86 38.39
CA LEU C 216 -51.12 -8.51 39.80
C LEU C 216 -52.14 -7.38 39.99
N THR C 217 -53.14 -7.59 40.86
CA THR C 217 -54.11 -6.54 41.19
C THR C 217 -54.35 -6.51 42.70
N TRP C 218 -54.53 -5.29 43.25
CA TRP C 218 -54.94 -5.11 44.63
C TRP C 218 -56.44 -4.82 44.71
N GLN C 219 -57.12 -5.47 45.66
CA GLN C 219 -58.54 -5.23 45.94
C GLN C 219 -58.71 -4.82 47.39
N ARG C 220 -59.54 -3.81 47.64
CA ARG C 220 -59.96 -3.39 48.97
C ARG C 220 -61.41 -3.82 49.17
N ASP C 221 -61.63 -4.73 50.13
CA ASP C 221 -62.92 -5.37 50.37
C ASP C 221 -63.47 -5.87 49.03
N GLY C 222 -62.59 -6.47 48.23
CA GLY C 222 -62.99 -7.08 46.97
C GLY C 222 -63.14 -6.06 45.83
N GLU C 223 -62.83 -4.79 46.06
CA GLU C 223 -63.00 -3.74 45.06
C GLU C 223 -61.65 -3.40 44.43
N ASP C 224 -61.51 -3.51 43.11
CA ASP C 224 -60.23 -3.32 42.44
C ASP C 224 -59.73 -1.91 42.70
N GLN C 225 -58.42 -1.78 43.00
CA GLN C 225 -57.83 -0.51 43.40
C GLN C 225 -57.03 0.13 42.27
N THR C 226 -57.52 0.02 41.03
CA THR C 226 -56.82 0.64 39.90
C THR C 226 -56.92 2.17 39.97
N THR C 229 -52.59 1.92 42.70
CA THR C 229 -51.56 0.86 42.67
C THR C 229 -50.33 1.36 41.91
N GLU C 230 -49.17 1.32 42.58
CA GLU C 230 -47.88 1.41 41.90
C GLU C 230 -47.53 0.04 41.33
N LEU C 231 -47.34 0.00 40.00
CA LEU C 231 -47.01 -1.22 39.28
C LEU C 231 -45.66 -1.02 38.59
N VAL C 232 -44.68 -1.89 38.90
CA VAL C 232 -43.38 -1.81 38.21
C VAL C 232 -43.42 -2.65 36.94
N GLU C 233 -42.66 -2.23 35.93
CA GLU C 233 -42.43 -3.04 34.74
C GLU C 233 -41.81 -4.38 35.14
N THR C 234 -42.27 -5.46 34.51
CA THR C 234 -41.74 -6.79 34.77
C THR C 234 -40.24 -6.77 34.50
N ARG C 235 -39.44 -7.31 35.43
CA ARG C 235 -38.00 -7.25 35.35
C ARG C 235 -37.41 -8.66 35.34
N PRO C 236 -36.27 -8.88 34.65
CA PRO C 236 -35.59 -10.19 34.68
C PRO C 236 -34.89 -10.46 36.01
N ALA C 237 -35.02 -11.68 36.53
CA ALA C 237 -34.34 -12.07 37.76
C ALA C 237 -32.85 -12.35 37.49
N GLY C 238 -32.53 -12.69 36.24
CA GLY C 238 -31.15 -12.97 35.86
C GLY C 238 -30.89 -14.46 35.70
N ASP C 239 -31.88 -15.30 36.04
CA ASP C 239 -31.74 -16.74 35.93
C ASP C 239 -32.78 -17.28 34.94
N ARG C 240 -33.31 -16.39 34.08
CA ARG C 240 -34.29 -16.67 33.03
C ARG C 240 -35.72 -16.71 33.59
N THR C 241 -35.90 -16.37 34.87
CA THR C 241 -37.24 -16.09 35.38
C THR C 241 -37.44 -14.58 35.50
N PHE C 242 -38.65 -14.18 35.94
CA PHE C 242 -39.05 -12.79 35.97
C PHE C 242 -39.58 -12.42 37.34
N GLN C 243 -39.70 -11.11 37.59
CA GLN C 243 -40.17 -10.57 38.85
C GLN C 243 -41.06 -9.37 38.53
N LYS C 244 -42.06 -9.15 39.38
CA LYS C 244 -42.85 -7.93 39.31
C LYS C 244 -43.53 -7.71 40.67
N TRP C 245 -43.88 -6.45 40.98
CA TRP C 245 -44.62 -6.15 42.18
C TRP C 245 -45.66 -5.05 41.95
N ALA C 246 -46.68 -5.06 42.82
CA ALA C 246 -47.69 -4.03 42.89
C ALA C 246 -47.81 -3.55 44.33
N ALA C 247 -47.88 -2.22 44.50
CA ALA C 247 -47.98 -1.67 45.84
C ALA C 247 -49.12 -0.66 45.94
N VAL C 248 -49.75 -0.61 47.12
CA VAL C 248 -50.81 0.34 47.43
C VAL C 248 -50.54 0.94 48.81
N VAL C 249 -50.68 2.27 48.93
CA VAL C 249 -50.59 2.95 50.22
C VAL C 249 -51.95 2.87 50.92
N VAL C 250 -51.96 2.56 52.22
CA VAL C 250 -53.18 2.24 52.96
C VAL C 250 -53.13 2.98 54.29
N PRO C 251 -54.26 3.40 54.90
CA PRO C 251 -54.25 3.93 56.28
C PRO C 251 -53.88 2.83 57.27
N SER C 252 -53.03 3.16 58.24
CA SER C 252 -52.56 2.17 59.20
C SER C 252 -53.74 1.59 59.97
N GLY C 253 -53.80 0.26 60.04
CA GLY C 253 -54.86 -0.42 60.74
C GLY C 253 -55.91 -0.97 59.78
N GLU C 254 -55.86 -0.57 58.50
CA GLU C 254 -56.83 -1.01 57.48
C GLU C 254 -56.21 -2.03 56.51
N GLU C 255 -54.98 -2.48 56.78
CA GLU C 255 -54.28 -3.48 55.97
C GLU C 255 -55.14 -4.71 55.74
N GLN C 256 -55.96 -5.06 56.74
CA GLN C 256 -56.76 -6.27 56.76
C GLN C 256 -57.85 -6.23 55.68
N ARG C 257 -58.14 -5.03 55.13
CA ARG C 257 -59.17 -4.87 54.11
C ARG C 257 -58.63 -5.20 52.71
N TYR C 258 -57.32 -5.40 52.57
CA TYR C 258 -56.71 -5.44 51.23
C TYR C 258 -56.22 -6.85 50.88
N THR C 259 -56.49 -7.26 49.63
CA THR C 259 -56.07 -8.55 49.09
C THR C 259 -55.37 -8.38 47.75
N CYS C 260 -54.29 -9.13 47.53
CA CYS C 260 -53.58 -9.15 46.27
C CYS C 260 -53.96 -10.39 45.47
N HIS C 261 -54.36 -10.17 44.20
CA HIS C 261 -54.76 -11.25 43.30
C HIS C 261 -53.68 -11.46 42.22
N VAL C 262 -53.24 -12.72 42.07
CA VAL C 262 -52.14 -13.07 41.17
C VAL C 262 -52.63 -14.09 40.14
N GLN C 263 -52.37 -13.82 38.86
CA GLN C 263 -52.79 -14.69 37.76
C GLN C 263 -51.59 -15.01 36.88
N HIS C 264 -51.33 -16.29 36.65
CA HIS C 264 -50.16 -16.73 35.90
C HIS C 264 -50.39 -18.14 35.36
N GLU C 265 -49.86 -18.41 34.15
CA GLU C 265 -49.97 -19.67 33.45
C GLU C 265 -49.52 -20.83 34.34
N GLY C 266 -48.58 -20.57 35.25
CA GLY C 266 -47.99 -21.64 36.06
C GLY C 266 -48.82 -21.98 37.28
N LEU C 267 -49.89 -21.20 37.52
CA LEU C 267 -50.75 -21.38 38.69
C LEU C 267 -51.98 -22.20 38.30
N PRO C 268 -52.24 -23.37 38.93
CA PRO C 268 -53.45 -24.15 38.64
C PRO C 268 -54.71 -23.30 38.83
N LYS C 269 -54.61 -22.31 39.72
CA LYS C 269 -55.73 -21.49 40.13
C LYS C 269 -55.23 -20.10 40.51
N PRO C 270 -56.00 -19.01 40.30
CA PRO C 270 -55.55 -17.68 40.73
C PRO C 270 -55.28 -17.68 42.25
N LEU C 271 -54.33 -16.86 42.69
CA LEU C 271 -54.00 -16.79 44.11
C LEU C 271 -54.47 -15.46 44.68
N THR C 272 -54.93 -15.52 45.95
CA THR C 272 -55.28 -14.34 46.73
C THR C 272 -54.40 -14.31 47.98
N LEU C 273 -53.69 -13.20 48.20
CA LEU C 273 -52.85 -13.08 49.40
C LEU C 273 -53.21 -11.85 50.21
N ARG C 274 -52.97 -11.90 51.54
CA ARG C 274 -53.22 -10.78 52.44
C ARG C 274 -52.01 -10.56 53.35
N TRP C 275 -51.78 -9.32 53.81
CA TRP C 275 -50.78 -9.09 54.84
C TRP C 275 -51.29 -9.65 56.17
N GLU C 276 -50.56 -10.63 56.71
CA GLU C 276 -50.90 -11.19 58.03
C GLU C 276 -49.71 -11.10 59.01
N MET D 1 -34.41 11.58 14.65
CA MET D 1 -34.62 10.49 15.65
C MET D 1 -35.19 11.05 16.94
N ILE D 2 -35.93 10.18 17.63
CA ILE D 2 -36.37 10.48 18.99
C ILE D 2 -35.45 9.71 19.94
N GLN D 3 -34.72 10.46 20.79
CA GLN D 3 -33.80 9.85 21.73
C GLN D 3 -34.56 9.58 23.04
N ARG D 4 -34.46 8.36 23.58
CA ARG D 4 -35.25 7.96 24.73
C ARG D 4 -34.32 7.68 25.92
N THR D 5 -34.65 8.27 27.08
CA THR D 5 -33.84 8.12 28.28
C THR D 5 -34.11 6.74 28.88
N PRO D 6 -33.07 6.03 29.37
CA PRO D 6 -33.27 4.77 30.07
C PRO D 6 -34.12 4.86 31.33
N LYS D 7 -35.04 3.92 31.50
CA LYS D 7 -35.62 3.54 32.78
C LYS D 7 -34.60 2.66 33.51
N ILE D 8 -34.54 2.79 34.85
CA ILE D 8 -33.57 2.05 35.65
C ILE D 8 -34.29 1.36 36.79
N GLN D 9 -34.07 0.06 36.99
CA GLN D 9 -34.50 -0.61 38.21
C GLN D 9 -33.30 -1.36 38.82
N VAL D 10 -33.15 -1.22 40.14
CA VAL D 10 -32.05 -1.84 40.89
C VAL D 10 -32.68 -2.73 41.95
N TYR D 11 -32.32 -4.01 41.92
CA TYR D 11 -33.00 -5.00 42.75
C TYR D 11 -32.10 -6.25 42.89
N SER D 12 -32.44 -7.09 43.88
CA SER D 12 -31.73 -8.35 44.08
C SER D 12 -32.50 -9.50 43.46
N ARG D 13 -31.76 -10.53 43.02
CA ARG D 13 -32.36 -11.71 42.41
C ARG D 13 -33.33 -12.37 43.39
N HIS D 14 -32.90 -12.51 44.65
CA HIS D 14 -33.71 -13.12 45.69
C HIS D 14 -33.95 -12.11 46.79
N PRO D 15 -34.92 -12.31 47.71
CA PRO D 15 -35.12 -11.37 48.80
C PRO D 15 -33.83 -11.28 49.60
N ALA D 16 -33.43 -10.04 49.93
CA ALA D 16 -32.21 -9.78 50.65
C ALA D 16 -32.34 -10.35 52.04
N GLU D 17 -31.28 -11.07 52.46
CA GLU D 17 -31.08 -11.47 53.83
C GLU D 17 -29.62 -11.12 54.12
N ASN D 18 -29.38 -10.29 55.14
CA ASN D 18 -28.03 -9.84 55.42
C ASN D 18 -27.14 -11.04 55.73
N GLY D 19 -25.97 -11.09 55.07
CA GLY D 19 -25.03 -12.18 55.27
C GLY D 19 -25.17 -13.27 54.22
N LYS D 20 -26.33 -13.39 53.55
CA LYS D 20 -26.54 -14.44 52.55
C LYS D 20 -26.22 -13.92 51.14
N SER D 21 -25.48 -14.71 50.39
CA SER D 21 -25.09 -14.52 49.00
C SER D 21 -26.31 -14.28 48.10
N ASN D 22 -26.17 -13.39 47.12
CA ASN D 22 -27.29 -12.97 46.30
C ASN D 22 -26.74 -12.43 44.97
N PHE D 23 -27.63 -11.95 44.10
CA PHE D 23 -27.20 -11.24 42.91
C PHE D 23 -27.83 -9.85 42.91
N LEU D 24 -27.00 -8.84 42.61
CA LEU D 24 -27.46 -7.46 42.43
C LEU D 24 -27.68 -7.21 40.95
N ASN D 25 -28.90 -6.76 40.61
CA ASN D 25 -29.31 -6.48 39.24
C ASN D 25 -29.53 -4.98 39.03
N CYS D 26 -29.06 -4.49 37.88
CA CYS D 26 -29.48 -3.20 37.33
C CYS D 26 -30.05 -3.43 35.93
N TYR D 27 -31.35 -3.20 35.79
CA TYR D 27 -32.05 -3.37 34.52
C TYR D 27 -32.30 -2.00 33.94
N VAL D 28 -31.72 -1.77 32.75
CA VAL D 28 -31.89 -0.51 32.04
C VAL D 28 -32.67 -0.80 30.76
N SER D 29 -33.76 -0.04 30.56
CA SER D 29 -34.72 -0.38 29.50
C SER D 29 -35.36 0.88 28.89
N GLY D 30 -35.90 0.72 27.67
CA GLY D 30 -36.69 1.71 26.98
C GLY D 30 -35.86 2.86 26.41
N PHE D 31 -34.55 2.62 26.21
CA PHE D 31 -33.67 3.70 25.79
C PHE D 31 -33.36 3.62 24.29
N HIS D 32 -32.94 4.76 23.72
CA HIS D 32 -32.47 4.88 22.36
C HIS D 32 -31.64 6.17 22.24
N PRO D 33 -30.46 6.18 21.58
CA PRO D 33 -29.88 5.02 20.91
C PRO D 33 -29.25 4.01 21.88
N SER D 34 -28.48 3.07 21.32
CA SER D 34 -28.07 1.88 22.04
C SER D 34 -26.81 2.12 22.88
N ASP D 35 -26.06 3.17 22.60
CA ASP D 35 -24.84 3.42 23.36
C ASP D 35 -25.21 3.73 24.81
N ILE D 36 -24.57 3.01 25.75
CA ILE D 36 -24.88 3.13 27.17
C ILE D 36 -23.74 2.55 27.99
N GLU D 37 -23.42 3.21 29.09
CA GLU D 37 -22.46 2.73 30.06
C GLU D 37 -23.15 2.57 31.40
N VAL D 38 -22.93 1.42 32.07
CA VAL D 38 -23.60 1.08 33.32
C VAL D 38 -22.58 0.52 34.30
N ASP D 39 -22.53 1.09 35.49
CA ASP D 39 -21.65 0.64 36.56
C ASP D 39 -22.47 0.30 37.80
N LEU D 40 -22.03 -0.74 38.52
CA LEU D 40 -22.57 -1.09 39.81
C LEU D 40 -21.60 -0.58 40.88
N LEU D 41 -22.15 0.08 41.91
CA LEU D 41 -21.36 0.70 42.95
C LEU D 41 -21.59 0.01 44.28
N LYS D 42 -20.50 -0.16 45.03
CA LYS D 42 -20.55 -0.50 46.44
C LYS D 42 -19.90 0.64 47.22
N ASN D 43 -20.67 1.27 48.11
CA ASN D 43 -20.19 2.38 48.93
C ASN D 43 -19.49 3.40 48.04
N GLY D 44 -20.09 3.70 46.88
CA GLY D 44 -19.61 4.77 46.02
C GLY D 44 -18.55 4.30 45.03
N GLU D 45 -17.92 3.15 45.27
CA GLU D 45 -16.82 2.66 44.45
C GLU D 45 -17.34 1.66 43.42
N ARG D 46 -16.78 1.67 42.21
CA ARG D 46 -17.22 0.83 41.11
C ARG D 46 -16.85 -0.63 41.39
N ILE D 47 -17.79 -1.54 41.14
CA ILE D 47 -17.56 -2.97 41.23
C ILE D 47 -16.93 -3.45 39.93
N GLU D 48 -15.87 -4.24 40.03
CA GLU D 48 -14.94 -4.42 38.91
C GLU D 48 -15.39 -5.52 37.96
N LYS D 49 -15.76 -6.67 38.52
CA LYS D 49 -16.20 -7.79 37.69
C LYS D 49 -17.72 -7.77 37.72
N VAL D 50 -18.31 -7.26 36.63
CA VAL D 50 -19.76 -7.17 36.49
C VAL D 50 -20.12 -7.75 35.13
N GLU D 51 -21.15 -8.61 35.13
CA GLU D 51 -21.61 -9.28 33.92
C GLU D 51 -22.85 -8.61 33.37
N HIS D 52 -23.13 -8.82 32.07
CA HIS D 52 -24.31 -8.21 31.48
C HIS D 52 -24.91 -9.11 30.42
N SER D 53 -26.21 -8.96 30.19
CA SER D 53 -26.91 -9.59 29.09
C SER D 53 -26.48 -8.95 27.76
N ASP D 54 -26.98 -9.50 26.67
CA ASP D 54 -26.59 -9.03 25.35
C ASP D 54 -27.67 -8.06 24.88
N LEU D 55 -27.29 -7.05 24.11
CA LEU D 55 -28.22 -6.01 23.70
C LEU D 55 -29.40 -6.60 22.93
N SER D 56 -30.62 -6.36 23.41
CA SER D 56 -31.83 -6.77 22.75
C SER D 56 -32.81 -5.59 22.77
N PHE D 57 -33.99 -5.72 22.18
CA PHE D 57 -34.91 -4.60 22.13
C PHE D 57 -36.35 -5.08 22.15
N SER D 58 -37.26 -4.16 22.49
CA SER D 58 -38.68 -4.42 22.68
C SER D 58 -39.46 -4.17 21.39
N LYS D 59 -40.78 -4.42 21.44
CA LYS D 59 -41.71 -4.29 20.34
C LYS D 59 -41.66 -2.88 19.76
N ASP D 60 -41.27 -1.90 20.60
CA ASP D 60 -41.29 -0.50 20.22
C ASP D 60 -39.90 -0.07 19.75
N TRP D 61 -38.98 -1.03 19.60
CA TRP D 61 -37.63 -0.82 19.12
C TRP D 61 -36.65 -0.31 20.16
N SER D 62 -37.13 -0.05 21.38
CA SER D 62 -36.24 0.52 22.41
C SER D 62 -35.43 -0.60 23.06
N PHE D 63 -34.20 -0.29 23.45
CA PHE D 63 -33.24 -1.28 23.89
C PHE D 63 -33.38 -1.61 25.39
N TYR D 64 -32.90 -2.79 25.79
CA TYR D 64 -32.87 -3.20 27.18
C TYR D 64 -31.61 -4.04 27.46
N LEU D 65 -31.06 -3.89 28.68
CA LEU D 65 -29.91 -4.64 29.15
C LEU D 65 -30.05 -4.94 30.64
N LEU D 66 -29.46 -6.06 31.07
CA LEU D 66 -29.34 -6.39 32.49
C LEU D 66 -27.86 -6.47 32.89
N TYR D 67 -27.44 -5.62 33.83
CA TYR D 67 -26.13 -5.71 34.45
C TYR D 67 -26.29 -6.37 35.81
N TYR D 68 -25.41 -7.33 36.11
CA TYR D 68 -25.52 -8.08 37.35
C TYR D 68 -24.15 -8.46 37.90
N THR D 69 -24.08 -8.55 39.23
CA THR D 69 -22.90 -9.07 39.89
C THR D 69 -23.36 -9.88 41.11
N GLU D 70 -22.49 -10.77 41.59
CA GLU D 70 -22.80 -11.49 42.83
C GLU D 70 -22.43 -10.56 43.97
N PHE D 71 -23.25 -10.54 45.02
CA PHE D 71 -22.99 -9.70 46.17
C PHE D 71 -23.58 -10.36 47.42
N THR D 72 -23.08 -9.98 48.60
CA THR D 72 -23.70 -10.42 49.83
C THR D 72 -24.14 -9.17 50.56
N PRO D 73 -25.45 -8.86 50.57
CA PRO D 73 -25.96 -7.67 51.23
C PRO D 73 -25.73 -7.67 52.74
N THR D 74 -25.51 -6.47 53.28
CA THR D 74 -25.35 -6.24 54.71
C THR D 74 -26.29 -5.08 55.04
N GLU D 75 -26.28 -4.63 56.30
CA GLU D 75 -27.20 -3.58 56.70
C GLU D 75 -26.59 -2.19 56.49
N LYS D 76 -25.26 -2.11 56.46
CA LYS D 76 -24.56 -0.84 56.37
C LYS D 76 -24.10 -0.55 54.94
N ASP D 77 -23.82 -1.60 54.15
CA ASP D 77 -23.26 -1.40 52.83
C ASP D 77 -24.32 -0.80 51.89
N GLU D 78 -23.91 0.18 51.09
CA GLU D 78 -24.79 0.83 50.14
C GLU D 78 -24.43 0.36 48.73
N TYR D 79 -25.45 0.03 47.94
CA TYR D 79 -25.27 -0.38 46.55
C TYR D 79 -26.07 0.56 45.66
N ALA D 80 -25.54 0.79 44.46
CA ALA D 80 -26.20 1.64 43.49
C ALA D 80 -25.85 1.18 42.09
N CYS D 81 -26.60 1.75 41.14
CA CYS D 81 -26.36 1.57 39.72
C CYS D 81 -26.17 2.95 39.11
N ARG D 82 -25.15 3.11 38.26
CA ARG D 82 -24.81 4.41 37.69
C ARG D 82 -24.83 4.30 36.17
N VAL D 83 -25.65 5.16 35.52
CA VAL D 83 -25.90 5.05 34.09
C VAL D 83 -25.47 6.32 33.33
N ASN D 84 -24.78 6.11 32.21
CA ASN D 84 -24.45 7.17 31.28
C ASN D 84 -25.04 6.89 29.91
N HIS D 85 -25.68 7.92 29.34
CA HIS D 85 -26.39 7.85 28.07
C HIS D 85 -26.49 9.26 27.52
N VAL D 86 -26.67 9.38 26.19
CA VAL D 86 -26.65 10.68 25.56
C VAL D 86 -27.76 11.58 26.12
N THR D 87 -28.85 10.98 26.63
CA THR D 87 -29.97 11.74 27.13
C THR D 87 -29.69 12.30 28.53
N LEU D 88 -28.55 11.93 29.14
CA LEU D 88 -28.26 12.35 30.51
C LEU D 88 -27.09 13.34 30.50
N SER D 89 -27.35 14.57 30.94
CA SER D 89 -26.32 15.58 31.10
C SER D 89 -25.32 15.16 32.17
N GLN D 90 -25.78 14.35 33.12
CA GLN D 90 -25.02 13.98 34.29
C GLN D 90 -25.24 12.47 34.48
N PRO D 91 -24.29 11.72 35.07
CA PRO D 91 -24.47 10.27 35.24
C PRO D 91 -25.62 10.13 36.23
N LYS D 92 -26.54 9.19 35.99
CA LYS D 92 -27.69 9.01 36.85
C LYS D 92 -27.43 7.85 37.81
N ILE D 93 -27.60 8.08 39.10
CA ILE D 93 -27.31 7.07 40.11
C ILE D 93 -28.59 6.65 40.81
N VAL D 94 -28.91 5.35 40.80
CA VAL D 94 -30.09 4.85 41.48
C VAL D 94 -29.64 3.87 42.56
N LYS D 95 -30.01 4.17 43.80
CA LYS D 95 -29.58 3.41 44.96
C LYS D 95 -30.44 2.17 45.06
N TRP D 96 -29.81 1.05 45.44
CA TRP D 96 -30.53 -0.18 45.69
C TRP D 96 -31.30 -0.06 47.00
N ASP D 97 -32.60 -0.36 46.97
CA ASP D 97 -33.45 -0.47 48.14
C ASP D 97 -34.02 -1.88 48.14
N ARG D 98 -33.77 -2.64 49.23
CA ARG D 98 -34.16 -4.05 49.33
C ARG D 98 -35.67 -4.22 49.39
N ASP D 99 -36.41 -3.10 49.51
CA ASP D 99 -37.85 -3.15 49.60
C ASP D 99 -38.49 -2.96 48.22
N MET D 100 -37.66 -2.86 47.17
CA MET D 100 -38.16 -2.68 45.82
C MET D 100 -37.39 -3.61 44.87
N SER E 1 -32.43 -21.46 14.17
CA SER E 1 -31.27 -20.95 13.39
C SER E 1 -31.65 -19.69 12.61
N PRO E 2 -30.72 -18.74 12.42
CA PRO E 2 -31.02 -17.50 11.72
C PRO E 2 -31.30 -17.91 10.27
N ARG E 3 -31.97 -17.02 9.51
CA ARG E 3 -32.29 -17.31 8.12
C ARG E 3 -31.03 -17.20 7.29
N TRP E 4 -30.79 -18.21 6.44
CA TRP E 4 -29.75 -18.12 5.42
C TRP E 4 -30.32 -17.37 4.23
N TYR E 5 -30.19 -16.03 4.27
CA TYR E 5 -30.84 -15.15 3.32
C TYR E 5 -30.38 -13.70 3.55
N PHE E 6 -29.87 -13.05 2.50
CA PHE E 6 -29.32 -11.70 2.64
C PHE E 6 -30.01 -10.73 1.68
N TYR E 7 -30.04 -9.45 2.09
CA TYR E 7 -30.82 -8.42 1.43
C TYR E 7 -30.06 -7.10 1.58
N TYR E 8 -30.61 -6.05 0.96
CA TYR E 8 -30.11 -4.69 1.10
C TYR E 8 -31.31 -3.75 1.15
N LEU E 9 -31.31 -2.85 2.14
CA LEU E 9 -32.38 -1.86 2.16
C LEU E 9 -32.25 -0.84 1.00
N GLN F 4 -7.16 35.37 -10.52
CA GLN F 4 -7.85 35.32 -11.82
C GLN F 4 -9.34 35.58 -11.64
N VAL F 5 -10.02 34.96 -10.64
CA VAL F 5 -11.46 35.13 -10.48
C VAL F 5 -11.75 35.82 -9.15
N MET F 6 -12.36 37.02 -9.20
CA MET F 6 -12.66 37.83 -8.03
C MET F 6 -14.18 38.01 -7.93
N GLN F 7 -14.66 38.24 -6.70
CA GLN F 7 -16.05 38.54 -6.44
C GLN F 7 -16.14 39.74 -5.50
N ILE F 8 -17.21 40.51 -5.63
CA ILE F 8 -17.43 41.75 -4.88
C ILE F 8 -18.93 41.83 -4.58
N PRO F 9 -19.39 42.33 -3.41
CA PRO F 9 -18.51 42.71 -2.29
C PRO F 9 -18.13 41.50 -1.44
N GLN F 10 -17.38 41.75 -0.37
CA GLN F 10 -16.96 40.71 0.53
C GLN F 10 -18.16 40.24 1.34
N TYR F 11 -18.99 41.20 1.77
CA TYR F 11 -20.20 40.90 2.53
C TYR F 11 -21.24 41.98 2.27
N GLN F 12 -22.49 41.69 2.65
CA GLN F 12 -23.60 42.60 2.48
C GLN F 12 -24.67 42.27 3.52
N HIS F 13 -25.02 43.26 4.35
CA HIS F 13 -26.09 43.14 5.35
C HIS F 13 -27.32 43.84 4.78
N VAL F 14 -28.41 43.10 4.60
CA VAL F 14 -29.57 43.58 3.84
C VAL F 14 -30.81 43.39 4.70
N GLN F 15 -31.75 44.35 4.61
CA GLN F 15 -32.99 44.28 5.35
C GLN F 15 -33.93 43.34 4.60
N GLU F 16 -34.54 42.41 5.34
CA GLU F 16 -35.49 41.44 4.77
C GLU F 16 -36.43 42.18 3.82
N GLY F 17 -36.61 41.64 2.62
CA GLY F 17 -37.41 42.28 1.59
C GLY F 17 -36.59 43.16 0.64
N GLU F 18 -35.36 43.53 1.02
CA GLU F 18 -34.47 44.27 0.14
C GLU F 18 -33.73 43.32 -0.81
N ASP F 19 -33.00 43.92 -1.77
CA ASP F 19 -32.34 43.21 -2.86
C ASP F 19 -30.86 42.99 -2.52
N PHE F 20 -30.29 41.88 -3.01
CA PHE F 20 -28.88 41.58 -2.87
C PHE F 20 -28.27 41.30 -4.24
N THR F 21 -27.04 41.81 -4.45
CA THR F 21 -26.32 41.60 -5.69
C THR F 21 -24.87 41.28 -5.37
N THR F 22 -24.33 40.25 -6.04
CA THR F 22 -22.91 39.96 -5.96
C THR F 22 -22.35 39.93 -7.38
N TYR F 23 -21.09 40.36 -7.54
CA TYR F 23 -20.48 40.51 -8.85
C TYR F 23 -19.24 39.64 -8.93
N CYS F 24 -19.08 39.01 -10.09
CA CYS F 24 -18.02 38.06 -10.35
C CYS F 24 -17.27 38.56 -11.57
N ASN F 25 -15.93 38.66 -11.46
CA ASN F 25 -15.08 39.07 -12.56
C ASN F 25 -13.97 38.06 -12.80
N SER F 26 -13.68 37.82 -14.09
CA SER F 26 -12.56 37.01 -14.54
C SER F 26 -11.64 37.87 -15.40
N SER F 27 -10.33 37.76 -15.16
CA SER F 27 -9.33 38.52 -15.89
C SER F 27 -9.13 37.92 -17.29
N THR F 28 -9.38 36.61 -17.45
CA THR F 28 -9.36 35.98 -18.76
C THR F 28 -10.80 35.68 -19.21
N THR F 29 -10.98 35.43 -20.50
CA THR F 29 -12.26 35.01 -21.07
C THR F 29 -12.63 33.64 -20.51
N LEU F 30 -13.92 33.47 -20.22
CA LEU F 30 -14.43 32.20 -19.74
C LEU F 30 -15.18 31.49 -20.88
N SER F 31 -15.28 30.16 -20.77
CA SER F 31 -16.23 29.39 -21.57
C SER F 31 -17.62 29.49 -20.96
N ASN F 32 -17.71 29.27 -19.64
CA ASN F 32 -19.00 29.28 -18.95
C ASN F 32 -18.78 29.63 -17.48
N ILE F 33 -19.86 30.03 -16.79
CA ILE F 33 -19.81 30.45 -15.39
C ILE F 33 -20.90 29.70 -14.64
N GLN F 34 -20.62 29.39 -13.37
CA GLN F 34 -21.53 28.63 -12.51
C GLN F 34 -21.65 29.38 -11.20
N TRP F 35 -22.87 29.34 -10.61
CA TRP F 35 -23.10 29.96 -9.32
C TRP F 35 -23.48 28.90 -8.30
N TYR F 36 -23.00 29.07 -7.07
CA TYR F 36 -23.21 28.16 -5.94
C TYR F 36 -23.65 28.97 -4.74
N LYS F 37 -24.46 28.32 -3.88
CA LYS F 37 -24.82 28.82 -2.58
C LYS F 37 -24.20 27.95 -1.50
N GLN F 38 -23.65 28.55 -0.46
CA GLN F 38 -23.16 27.81 0.69
C GLN F 38 -23.92 28.29 1.92
N ARG F 39 -24.93 27.53 2.36
CA ARG F 39 -25.62 27.75 3.62
C ARG F 39 -24.61 27.92 4.74
N PRO F 40 -24.94 28.67 5.82
CA PRO F 40 -24.04 28.76 6.99
C PRO F 40 -23.68 27.38 7.55
N GLY F 41 -22.38 27.15 7.77
CA GLY F 41 -21.89 25.88 8.27
C GLY F 41 -21.91 24.75 7.23
N GLY F 42 -22.24 25.05 5.96
CA GLY F 42 -22.32 24.05 4.90
C GLY F 42 -21.21 24.22 3.87
N HIS F 43 -21.44 23.66 2.69
CA HIS F 43 -20.51 23.68 1.58
C HIS F 43 -21.22 24.18 0.31
N PRO F 44 -20.47 24.54 -0.76
CA PRO F 44 -21.10 25.10 -1.95
C PRO F 44 -21.94 24.09 -2.73
N VAL F 45 -23.20 24.49 -3.01
CA VAL F 45 -24.15 23.69 -3.76
C VAL F 45 -24.57 24.47 -4.99
N PHE F 46 -24.57 23.80 -6.15
CA PHE F 46 -24.74 24.45 -7.43
C PHE F 46 -26.14 25.03 -7.58
N LEU F 47 -26.22 26.26 -8.10
CA LEU F 47 -27.47 26.92 -8.42
C LEU F 47 -27.76 26.81 -9.91
N ILE F 48 -26.89 27.37 -10.75
CA ILE F 48 -27.18 27.50 -12.18
C ILE F 48 -25.86 27.63 -12.93
N GLN F 49 -25.93 27.45 -14.25
CA GLN F 49 -24.79 27.68 -15.12
C GLN F 49 -25.23 28.55 -16.31
N LEU F 50 -24.34 29.46 -16.74
CA LEU F 50 -24.58 30.30 -17.90
C LEU F 50 -23.47 30.04 -18.90
N VAL F 51 -23.77 30.07 -20.21
CA VAL F 51 -22.80 29.69 -21.24
C VAL F 51 -22.67 30.79 -22.29
N LYS F 52 -23.79 31.45 -22.61
CA LYS F 52 -23.81 32.41 -23.71
C LYS F 52 -23.56 33.83 -23.23
N SER F 53 -22.76 34.57 -23.99
CA SER F 53 -22.56 35.99 -23.79
C SER F 53 -23.92 36.68 -23.70
N GLY F 54 -24.11 37.47 -22.62
CA GLY F 54 -25.32 38.26 -22.45
C GLY F 54 -26.54 37.48 -21.96
N GLU F 55 -26.35 36.22 -21.58
CA GLU F 55 -27.46 35.37 -21.15
C GLU F 55 -27.96 35.88 -19.80
N VAL F 56 -29.31 35.86 -19.64
CA VAL F 56 -29.99 36.09 -18.37
C VAL F 56 -30.82 34.86 -18.05
N LYS F 57 -30.71 34.36 -16.81
CA LYS F 57 -31.56 33.26 -16.36
C LYS F 57 -32.22 33.70 -15.05
N LYS F 58 -33.49 33.33 -14.89
CA LYS F 58 -34.27 33.69 -13.71
C LYS F 58 -34.72 32.39 -13.08
N GLN F 59 -34.47 32.25 -11.79
CA GLN F 59 -34.78 31.06 -11.04
C GLN F 59 -35.43 31.50 -9.74
N LYS F 60 -36.77 31.62 -9.78
CA LYS F 60 -37.52 32.16 -8.66
C LYS F 60 -37.09 33.61 -8.43
N ARG F 61 -36.62 33.94 -7.22
CA ARG F 61 -36.26 35.32 -6.89
C ARG F 61 -34.83 35.65 -7.31
N LEU F 62 -34.14 34.69 -7.94
CA LEU F 62 -32.75 34.84 -8.30
C LEU F 62 -32.64 35.13 -9.79
N THR F 63 -31.87 36.18 -10.15
CA THR F 63 -31.57 36.50 -11.54
C THR F 63 -30.05 36.42 -11.74
N PHE F 64 -29.64 35.72 -12.79
CA PHE F 64 -28.23 35.54 -13.08
C PHE F 64 -27.95 36.10 -14.46
N GLN F 65 -26.79 36.72 -14.61
CA GLN F 65 -26.46 37.48 -15.81
C GLN F 65 -25.01 37.20 -16.23
N PHE F 66 -24.81 37.04 -17.54
CA PHE F 66 -23.47 36.77 -18.05
C PHE F 66 -23.11 37.86 -19.04
N GLY F 67 -21.94 38.49 -18.84
CA GLY F 67 -21.54 39.63 -19.64
C GLY F 67 -21.26 39.29 -21.10
N GLU F 68 -21.23 40.35 -21.91
CA GLU F 68 -21.03 40.23 -23.35
C GLU F 68 -19.64 39.65 -23.67
N ALA F 69 -18.62 39.98 -22.89
CA ALA F 69 -17.27 39.49 -23.14
C ALA F 69 -16.97 38.20 -22.38
N LYS F 70 -17.97 37.62 -21.70
CA LYS F 70 -17.80 36.41 -20.90
C LYS F 70 -16.67 36.55 -19.85
N LYS F 71 -16.59 37.74 -19.22
CA LYS F 71 -15.58 38.02 -18.23
C LYS F 71 -16.22 38.43 -16.91
N ASN F 72 -17.55 38.56 -16.90
CA ASN F 72 -18.26 39.11 -15.75
C ASN F 72 -19.66 38.49 -15.66
N SER F 73 -20.08 38.23 -14.41
CA SER F 73 -21.39 37.68 -14.12
C SER F 73 -21.91 38.30 -12.82
N SER F 74 -23.24 38.40 -12.69
CA SER F 74 -23.82 38.82 -11.43
C SER F 74 -24.94 37.88 -10.98
N LEU F 75 -25.10 37.75 -9.66
CA LEU F 75 -26.21 37.07 -9.02
C LEU F 75 -27.01 38.11 -8.23
N HIS F 76 -28.32 38.17 -8.48
CA HIS F 76 -29.23 39.15 -7.89
C HIS F 76 -30.38 38.41 -7.22
N ILE F 77 -30.66 38.76 -5.96
CA ILE F 77 -31.79 38.19 -5.24
C ILE F 77 -32.78 39.33 -4.98
N THR F 78 -34.03 39.14 -5.41
CA THR F 78 -35.11 40.08 -5.17
C THR F 78 -35.85 39.66 -3.90
N ALA F 79 -36.19 40.65 -3.05
CA ALA F 79 -36.95 40.39 -1.83
C ALA F 79 -36.26 39.35 -0.95
N THR F 80 -35.04 39.66 -0.47
CA THR F 80 -34.32 38.65 0.29
C THR F 80 -35.14 38.21 1.50
N GLN F 81 -35.02 36.93 1.81
CA GLN F 81 -35.57 36.35 3.02
C GLN F 81 -34.43 35.79 3.87
N THR F 82 -34.67 35.59 5.17
CA THR F 82 -33.64 35.06 6.06
C THR F 82 -33.15 33.70 5.57
N THR F 83 -34.00 32.98 4.83
CA THR F 83 -33.68 31.67 4.26
C THR F 83 -32.61 31.78 3.18
N ASP F 84 -32.29 33.01 2.72
CA ASP F 84 -31.33 33.25 1.65
C ASP F 84 -29.91 33.37 2.19
N VAL F 85 -29.79 33.48 3.52
CA VAL F 85 -28.52 33.76 4.19
C VAL F 85 -27.48 32.72 3.78
N GLY F 86 -26.24 33.17 3.55
CA GLY F 86 -25.12 32.27 3.30
C GLY F 86 -24.06 32.95 2.44
N THR F 87 -23.06 32.18 1.98
CA THR F 87 -22.10 32.75 1.05
C THR F 87 -22.42 32.30 -0.38
N TYR F 88 -22.47 33.25 -1.29
CA TYR F 88 -22.64 32.95 -2.71
C TYR F 88 -21.27 33.00 -3.40
N PHE F 89 -20.97 31.93 -4.16
CA PHE F 89 -19.71 31.78 -4.87
C PHE F 89 -19.99 31.62 -6.37
N CYS F 90 -19.14 32.26 -7.17
CA CYS F 90 -19.16 31.97 -8.60
C CYS F 90 -17.98 31.06 -8.93
N ALA F 91 -18.07 30.37 -10.07
CA ALA F 91 -16.95 29.58 -10.57
C ALA F 91 -16.88 29.63 -12.09
N GLY F 92 -15.68 29.98 -12.56
CA GLY F 92 -15.42 30.05 -13.99
C GLY F 92 -14.84 28.74 -14.48
N TYR F 93 -15.19 28.42 -15.73
CA TYR F 93 -14.62 27.30 -16.49
C TYR F 93 -13.99 27.84 -17.77
N THR F 94 -12.73 27.46 -18.00
CA THR F 94 -12.08 27.72 -19.27
C THR F 94 -11.85 26.40 -20.01
N SER F 95 -12.35 26.35 -21.25
CA SER F 95 -12.08 25.21 -22.12
C SER F 95 -10.59 24.95 -22.18
N GLY F 96 -10.27 23.65 -22.25
CA GLY F 96 -8.89 23.23 -22.35
C GLY F 96 -8.27 23.00 -20.99
N THR F 97 -9.04 23.20 -19.92
CA THR F 97 -8.54 22.96 -18.57
C THR F 97 -9.41 21.93 -17.84
N TYR F 98 -8.91 21.48 -16.69
CA TYR F 98 -9.64 20.51 -15.87
C TYR F 98 -10.05 21.12 -14.52
N LYS F 99 -10.36 22.42 -14.48
CA LYS F 99 -10.52 23.11 -13.21
C LYS F 99 -11.78 23.98 -13.20
N TYR F 100 -12.50 23.93 -12.08
CA TYR F 100 -13.43 25.00 -11.73
C TYR F 100 -12.69 26.00 -10.84
N ILE F 101 -12.69 27.29 -11.24
CA ILE F 101 -12.04 28.32 -10.44
C ILE F 101 -13.10 29.17 -9.74
N PHE F 102 -13.09 29.13 -8.39
CA PHE F 102 -14.12 29.79 -7.59
C PHE F 102 -13.70 31.21 -7.24
N GLY F 103 -14.67 32.12 -7.24
CA GLY F 103 -14.47 33.45 -6.70
C GLY F 103 -14.27 33.41 -5.17
N THR F 104 -14.13 34.59 -4.59
CA THR F 104 -13.83 34.73 -3.18
C THR F 104 -15.12 34.67 -2.35
N GLY F 105 -16.29 34.86 -2.98
CA GLY F 105 -17.57 34.74 -2.29
C GLY F 105 -18.11 36.07 -1.75
N THR F 106 -19.44 36.22 -1.71
CA THR F 106 -20.11 37.31 -1.01
C THR F 106 -21.01 36.71 0.07
N ARG F 107 -20.81 37.17 1.32
CA ARG F 107 -21.68 36.78 2.44
C ARG F 107 -22.99 37.59 2.43
N LEU F 108 -24.10 36.88 2.55
CA LEU F 108 -25.41 37.49 2.70
C LEU F 108 -25.88 37.29 4.13
N LYS F 109 -26.04 38.40 4.85
CA LYS F 109 -26.68 38.47 6.16
C LYS F 109 -28.02 39.21 5.98
N VAL F 110 -29.13 38.54 6.29
CA VAL F 110 -30.43 39.17 6.23
C VAL F 110 -30.86 39.62 7.62
N LEU F 111 -30.93 40.94 7.81
CA LEU F 111 -31.49 41.58 9.00
C LEU F 111 -33.02 41.46 8.95
N ALA F 112 -33.62 40.92 10.02
CA ALA F 112 -35.08 40.73 10.01
C ALA F 112 -35.77 42.05 10.33
N ASN F 113 -36.96 42.25 9.73
CA ASN F 113 -37.83 43.37 10.03
C ASN F 113 -38.53 43.11 11.35
N ILE F 114 -38.26 43.97 12.36
CA ILE F 114 -38.85 43.81 13.68
C ILE F 114 -40.07 44.73 13.79
N GLN F 115 -41.25 44.10 13.83
CA GLN F 115 -42.52 44.79 13.77
C GLN F 115 -42.75 45.60 15.05
N ASN F 116 -42.57 44.98 16.22
CA ASN F 116 -42.85 45.58 17.50
C ASN F 116 -41.64 45.52 18.43
N PRO F 117 -40.62 46.39 18.27
CA PRO F 117 -39.44 46.37 19.14
C PRO F 117 -39.75 46.52 20.62
N ASP F 118 -39.00 45.84 21.49
CA ASP F 118 -39.21 45.89 22.92
C ASP F 118 -37.86 45.68 23.58
N PRO F 119 -36.83 46.50 23.28
CA PRO F 119 -35.48 46.27 23.80
C PRO F 119 -35.47 46.12 25.32
N ALA F 120 -34.80 45.06 25.76
CA ALA F 120 -34.70 44.74 27.19
C ALA F 120 -33.42 43.94 27.41
N VAL F 121 -32.91 44.03 28.64
CA VAL F 121 -31.78 43.21 29.09
C VAL F 121 -32.25 42.44 30.31
N TYR F 122 -32.26 41.11 30.23
CA TYR F 122 -32.73 40.29 31.34
C TYR F 122 -31.60 39.45 31.91
N GLN F 123 -31.65 39.19 33.21
CA GLN F 123 -30.68 38.31 33.84
C GLN F 123 -31.28 36.93 34.03
N LEU F 124 -30.50 35.90 33.67
CA LEU F 124 -30.84 34.50 33.83
C LEU F 124 -29.82 33.85 34.79
N ARG F 125 -30.32 32.89 35.58
CA ARG F 125 -29.52 32.15 36.55
C ARG F 125 -29.27 30.72 36.05
N ASP F 126 -28.10 30.18 36.41
CA ASP F 126 -27.61 28.84 36.16
C ASP F 126 -28.65 27.80 36.60
N SER F 127 -28.76 26.69 35.85
CA SER F 127 -29.47 25.49 36.29
C SER F 127 -28.74 24.70 37.39
N LYS F 128 -27.42 24.48 37.22
CA LYS F 128 -26.64 23.60 38.10
C LYS F 128 -25.58 24.42 38.88
N LYS F 132 -22.37 30.72 37.48
CA LYS F 132 -22.34 32.19 37.27
C LYS F 132 -23.71 32.71 36.80
N SER F 133 -23.68 33.86 36.11
CA SER F 133 -24.91 34.45 35.60
C SER F 133 -24.71 35.02 34.20
N VAL F 134 -25.81 35.09 33.45
CA VAL F 134 -25.82 35.49 32.06
C VAL F 134 -26.85 36.61 31.86
N CYS F 135 -26.55 37.54 30.93
CA CYS F 135 -27.44 38.62 30.59
C CYS F 135 -27.86 38.49 29.13
N LEU F 136 -29.17 38.62 28.89
CA LEU F 136 -29.72 38.51 27.55
C LEU F 136 -30.27 39.87 27.10
N PHE F 137 -29.62 40.49 26.10
CA PHE F 137 -30.15 41.66 25.44
C PHE F 137 -31.04 41.17 24.30
N THR F 138 -32.32 41.54 24.29
CA THR F 138 -33.26 40.93 23.34
C THR F 138 -34.31 41.96 22.89
N ASP F 139 -34.94 41.66 21.75
CA ASP F 139 -36.12 42.33 21.22
C ASP F 139 -35.79 43.73 20.68
N PHE F 140 -34.50 44.00 20.45
CA PHE F 140 -34.06 45.22 19.78
C PHE F 140 -34.29 45.13 18.27
N ASP F 141 -34.25 46.29 17.63
CA ASP F 141 -34.40 46.46 16.20
C ASP F 141 -33.09 46.04 15.53
N SER F 142 -33.16 45.64 14.25
CA SER F 142 -31.99 45.15 13.52
C SER F 142 -30.98 46.27 13.23
N GLN F 143 -31.38 47.52 13.50
CA GLN F 143 -30.46 48.64 13.28
C GLN F 143 -29.46 48.74 14.44
N THR F 144 -29.75 48.04 15.53
CA THR F 144 -28.90 48.08 16.71
C THR F 144 -27.73 47.12 16.52
N ASN F 145 -26.54 47.61 16.81
CA ASN F 145 -25.32 46.83 16.69
C ASN F 145 -24.81 46.56 18.09
N VAL F 146 -24.38 45.33 18.32
CA VAL F 146 -23.82 44.94 19.61
C VAL F 146 -22.32 44.98 19.46
N SER F 147 -21.62 45.58 20.42
CA SER F 147 -20.17 45.63 20.38
C SER F 147 -19.60 44.56 21.30
N GLN F 148 -18.38 44.09 21.00
CA GLN F 148 -17.60 43.27 21.91
C GLN F 148 -17.27 44.09 23.16
N SER F 149 -16.77 43.45 24.21
CA SER F 149 -16.31 44.22 25.34
C SER F 149 -14.86 44.65 25.13
N LYS F 150 -14.48 45.75 25.79
CA LYS F 150 -13.10 46.18 25.91
C LYS F 150 -12.47 45.48 27.10
N ASP F 151 -13.29 44.91 27.99
CA ASP F 151 -12.84 44.13 29.12
C ASP F 151 -12.69 42.68 28.67
N SER F 152 -11.49 42.10 28.82
CA SER F 152 -11.24 40.74 28.37
C SER F 152 -11.75 39.69 29.38
N ASP F 153 -12.30 40.14 30.51
CA ASP F 153 -12.99 39.23 31.41
C ASP F 153 -14.51 39.17 31.15
N VAL F 154 -14.99 39.91 30.14
CA VAL F 154 -16.41 40.04 29.86
C VAL F 154 -16.63 39.56 28.43
N TYR F 155 -17.53 38.59 28.25
CA TYR F 155 -17.78 38.00 26.96
C TYR F 155 -19.14 38.47 26.48
N ILE F 156 -19.18 39.02 25.25
CA ILE F 156 -20.40 39.44 24.58
C ILE F 156 -20.40 38.80 23.18
N THR F 157 -21.46 38.04 22.89
CA THR F 157 -21.64 37.37 21.61
C THR F 157 -22.27 38.37 20.66
N ASP F 158 -22.20 38.06 19.37
CA ASP F 158 -22.86 38.90 18.38
C ASP F 158 -24.37 38.62 18.41
N LYS F 159 -25.16 39.45 17.73
CA LYS F 159 -26.60 39.31 17.72
C LYS F 159 -26.95 38.17 16.77
N CYS F 160 -27.95 37.36 17.12
CA CYS F 160 -28.57 36.53 16.09
C CYS F 160 -30.08 36.54 16.20
N VAL F 161 -30.72 36.16 15.08
CA VAL F 161 -32.15 36.23 14.96
C VAL F 161 -32.74 34.82 15.10
N LEU F 162 -33.69 34.66 16.03
CA LEU F 162 -34.43 33.43 16.11
C LEU F 162 -35.84 33.65 15.57
N ASP F 163 -36.44 32.56 15.10
CA ASP F 163 -37.75 32.57 14.46
C ASP F 163 -38.66 31.56 15.13
N MET F 164 -39.66 32.06 15.84
CA MET F 164 -40.67 31.21 16.47
C MET F 164 -41.73 30.94 15.42
N ARG F 165 -41.55 29.81 14.74
CA ARG F 165 -42.16 29.53 13.45
C ARG F 165 -43.68 29.53 13.60
N SER F 166 -44.17 28.82 14.64
CA SER F 166 -45.61 28.61 14.75
C SER F 166 -46.32 29.91 15.13
N MET F 167 -45.57 30.86 15.71
CA MET F 167 -46.12 32.14 16.12
C MET F 167 -45.72 33.24 15.14
N ASP F 168 -45.02 32.88 14.05
CA ASP F 168 -44.59 33.85 13.05
C ASP F 168 -43.97 35.07 13.72
N PHE F 169 -42.99 34.84 14.60
CA PHE F 169 -42.38 35.89 15.40
C PHE F 169 -40.86 35.73 15.34
N LYS F 170 -40.16 36.84 15.12
CA LYS F 170 -38.71 36.85 15.06
C LYS F 170 -38.19 37.85 16.07
N SER F 171 -36.98 37.60 16.55
CA SER F 171 -36.37 38.45 17.54
C SER F 171 -34.86 38.29 17.46
N ASN F 172 -34.18 39.41 17.65
CA ASN F 172 -32.74 39.48 17.85
C ASN F 172 -32.43 39.26 19.33
N SER F 173 -31.19 38.82 19.57
CA SER F 173 -30.66 38.77 20.92
C SER F 173 -29.13 38.68 20.88
N ALA F 174 -28.51 39.10 21.97
CA ALA F 174 -27.09 38.86 22.22
C ALA F 174 -26.92 38.51 23.70
N VAL F 175 -25.81 37.83 24.01
CA VAL F 175 -25.60 37.32 25.35
C VAL F 175 -24.30 37.89 25.87
N ALA F 176 -24.30 38.28 27.15
CA ALA F 176 -23.09 38.71 27.84
C ALA F 176 -22.97 37.95 29.15
N TRP F 177 -21.73 37.60 29.51
CA TRP F 177 -21.47 36.97 30.80
C TRP F 177 -20.05 37.31 31.27
N SER F 178 -19.82 37.21 32.58
CA SER F 178 -18.51 37.49 33.14
C SER F 178 -18.34 36.79 34.48
N ASN F 179 -17.13 36.74 35.00
CA ASN F 179 -16.89 36.25 36.35
C ASN F 179 -16.58 37.44 37.27
N LYS F 180 -16.60 38.66 36.72
CA LYS F 180 -16.29 39.87 37.48
C LYS F 180 -17.36 40.12 38.53
N SER F 181 -16.96 40.67 39.69
CA SER F 181 -17.92 41.09 40.70
C SER F 181 -18.49 42.46 40.33
N ASP F 182 -17.78 43.17 39.45
CA ASP F 182 -18.18 44.51 39.08
C ASP F 182 -19.27 44.44 38.02
N PHE F 183 -19.52 43.24 37.49
CA PHE F 183 -20.34 43.03 36.31
C PHE F 183 -21.81 42.91 36.71
N ALA F 184 -22.67 43.56 35.92
CA ALA F 184 -24.10 43.51 36.10
C ALA F 184 -24.76 43.78 34.75
N CYS F 185 -25.99 43.25 34.59
CA CYS F 185 -26.75 43.39 33.38
C CYS F 185 -26.91 44.87 33.03
N ALA F 186 -27.02 45.69 34.09
CA ALA F 186 -27.12 47.14 33.94
C ALA F 186 -25.96 47.70 33.11
N ASN F 187 -24.76 47.12 33.27
CA ASN F 187 -23.57 47.66 32.64
C ASN F 187 -23.07 46.79 31.46
N ALA F 188 -23.70 45.63 31.25
CA ALA F 188 -23.07 44.56 30.48
C ALA F 188 -22.77 45.03 29.05
N PHE F 189 -23.72 45.78 28.48
CA PHE F 189 -23.70 46.15 27.07
C PHE F 189 -23.30 47.63 26.92
N ASN F 190 -22.48 48.13 27.85
CA ASN F 190 -22.02 49.52 27.90
C ASN F 190 -21.25 49.94 26.64
N ASN F 191 -20.65 48.98 25.93
CA ASN F 191 -19.85 49.30 24.76
C ASN F 191 -20.75 49.56 23.56
N SER F 192 -22.03 49.24 23.71
CA SER F 192 -22.98 49.23 22.60
C SER F 192 -23.83 50.50 22.67
N ILE F 193 -24.33 50.91 21.50
CA ILE F 193 -25.28 52.00 21.42
C ILE F 193 -26.67 51.38 21.37
N ILE F 194 -27.33 51.35 22.53
CA ILE F 194 -28.61 50.66 22.66
C ILE F 194 -29.74 51.68 22.76
N PRO F 195 -30.99 51.33 22.41
CA PRO F 195 -32.10 52.27 22.53
C PRO F 195 -32.20 52.89 23.92
N GLU F 196 -32.57 54.17 23.94
CA GLU F 196 -32.71 54.96 25.16
C GLU F 196 -33.74 54.32 26.09
N ASP F 197 -34.75 53.67 25.49
CA ASP F 197 -35.87 53.08 26.18
C ASP F 197 -35.62 51.63 26.61
N THR F 198 -34.36 51.15 26.54
CA THR F 198 -34.07 49.76 26.88
C THR F 198 -34.49 49.50 28.33
N PHE F 199 -35.29 48.45 28.53
CA PHE F 199 -35.79 48.08 29.83
C PHE F 199 -34.77 47.25 30.60
N PHE F 200 -34.47 47.67 31.85
CA PHE F 200 -33.54 46.96 32.71
C PHE F 200 -34.19 46.52 34.02
N PRO F 201 -35.04 45.45 34.04
CA PRO F 201 -35.64 45.00 35.30
C PRO F 201 -34.57 44.39 36.19
N SER F 202 -34.62 44.65 37.50
CA SER F 202 -33.69 44.01 38.42
C SER F 202 -34.20 42.59 38.69
N PRO F 203 -33.32 41.61 38.99
CA PRO F 203 -33.80 40.30 39.47
C PRO F 203 -34.63 40.51 40.75
N GLU F 204 -35.89 40.07 40.70
CA GLU F 204 -36.85 40.26 41.77
C GLU F 204 -37.61 38.95 42.03
N GLY G 2 -21.36 6.11 -3.20
CA GLY G 2 -22.83 6.13 -3.13
C GLY G 2 -23.40 7.17 -4.08
N ALA G 3 -24.62 7.67 -3.75
CA ALA G 3 -25.32 8.68 -4.52
C ALA G 3 -24.75 10.09 -4.27
N GLY G 4 -23.96 10.24 -3.17
CA GLY G 4 -23.31 11.50 -2.80
C GLY G 4 -21.82 11.30 -2.54
N VAL G 5 -21.07 12.39 -2.46
CA VAL G 5 -19.64 12.34 -2.19
C VAL G 5 -19.45 12.17 -0.68
N SER G 6 -18.58 11.23 -0.28
CA SER G 6 -18.30 10.98 1.13
C SER G 6 -16.89 11.40 1.47
N GLN G 7 -16.69 12.02 2.63
CA GLN G 7 -15.35 12.35 3.11
C GLN G 7 -15.19 11.88 4.57
N SER G 8 -13.97 11.50 4.96
CA SER G 8 -13.68 11.19 6.36
C SER G 8 -12.24 11.55 6.64
N PRO G 9 -11.91 11.96 7.88
CA PRO G 9 -12.94 12.21 8.90
C PRO G 9 -13.65 13.54 8.64
N ARG G 10 -14.74 13.80 9.37
CA ARG G 10 -15.42 15.08 9.21
C ARG G 10 -14.57 16.16 9.88
N TYR G 11 -13.94 15.81 11.00
CA TYR G 11 -13.10 16.73 11.74
C TYR G 11 -11.84 16.00 12.17
N LYS G 12 -10.69 16.69 12.13
CA LYS G 12 -9.41 16.10 12.45
C LYS G 12 -8.55 17.14 13.17
N VAL G 13 -8.00 16.72 14.32
CA VAL G 13 -7.01 17.52 15.03
C VAL G 13 -5.65 16.85 14.86
N ALA G 14 -4.64 17.61 14.43
CA ALA G 14 -3.32 17.07 14.22
C ALA G 14 -2.31 17.86 15.03
N LYS G 15 -1.29 17.17 15.57
CA LYS G 15 -0.14 17.84 16.20
C LYS G 15 0.78 18.32 15.08
N ARG G 16 1.20 19.61 15.13
CA ARG G 16 2.14 20.18 14.16
C ARG G 16 3.31 19.21 13.96
N GLY G 17 3.62 18.89 12.70
CA GLY G 17 4.70 17.99 12.37
C GLY G 17 4.25 16.55 12.10
N GLN G 18 3.02 16.20 12.47
CA GLN G 18 2.47 14.87 12.21
C GLN G 18 1.81 14.86 10.83
N ASP G 19 1.71 13.67 10.24
CA ASP G 19 1.09 13.46 8.95
C ASP G 19 -0.41 13.29 9.15
N VAL G 20 -1.22 13.71 8.16
CA VAL G 20 -2.64 13.39 8.14
C VAL G 20 -3.02 12.77 6.80
N ALA G 21 -4.05 11.94 6.84
CA ALA G 21 -4.64 11.35 5.64
C ALA G 21 -6.15 11.64 5.62
N LEU G 22 -6.59 12.30 4.53
CA LEU G 22 -7.99 12.59 4.33
C LEU G 22 -8.54 11.70 3.21
N ARG G 23 -9.66 11.05 3.49
CA ARG G 23 -10.28 10.11 2.57
C ARG G 23 -11.47 10.76 1.84
N CYS G 24 -11.59 10.41 0.56
CA CYS G 24 -12.75 10.81 -0.22
C CYS G 24 -13.27 9.66 -1.06
N ASP G 25 -14.58 9.47 -1.03
CA ASP G 25 -15.22 8.39 -1.74
C ASP G 25 -16.26 9.00 -2.70
N PRO G 26 -15.96 9.07 -4.01
CA PRO G 26 -16.76 9.85 -4.95
C PRO G 26 -18.12 9.23 -5.26
N ILE G 27 -18.98 9.96 -5.97
CA ILE G 27 -20.22 9.38 -6.46
C ILE G 27 -19.85 8.18 -7.31
N SER G 28 -20.55 7.05 -7.13
CA SER G 28 -20.10 5.82 -7.78
C SER G 28 -20.16 6.01 -9.30
N GLY G 29 -19.07 5.62 -9.96
CA GLY G 29 -18.98 5.75 -11.42
C GLY G 29 -18.46 7.10 -11.91
N HIS G 30 -18.30 8.08 -11.02
CA HIS G 30 -17.74 9.36 -11.46
C HIS G 30 -16.26 9.22 -11.80
N VAL G 31 -15.92 9.62 -13.02
CA VAL G 31 -14.58 9.55 -13.58
C VAL G 31 -13.65 10.58 -12.94
N SER G 32 -14.19 11.77 -12.71
CA SER G 32 -13.39 12.92 -12.28
C SER G 32 -13.47 13.08 -10.75
N LEU G 33 -12.33 13.38 -10.14
CA LEU G 33 -12.24 13.65 -8.71
C LEU G 33 -11.33 14.86 -8.52
N PHE G 34 -11.74 15.79 -7.64
CA PHE G 34 -10.98 17.00 -7.39
C PHE G 34 -10.77 17.14 -5.88
N TRP G 35 -9.62 17.74 -5.52
CA TRP G 35 -9.37 18.24 -4.18
C TRP G 35 -9.29 19.76 -4.23
N TYR G 36 -9.98 20.42 -3.27
CA TYR G 36 -9.93 21.86 -3.07
C TYR G 36 -9.64 22.14 -1.60
N GLN G 37 -9.00 23.29 -1.34
CA GLN G 37 -8.78 23.77 0.03
C GLN G 37 -9.55 25.08 0.21
N GLN G 38 -10.26 25.20 1.34
CA GLN G 38 -11.06 26.38 1.65
C GLN G 38 -10.70 26.91 3.04
N ALA G 39 -10.09 28.11 3.02
CA ALA G 39 -9.75 28.80 4.26
C ALA G 39 -11.07 29.31 4.85
N LEU G 40 -11.16 29.38 6.19
CA LEU G 40 -12.41 29.75 6.84
C LEU G 40 -12.84 31.13 6.32
N GLY G 41 -14.13 31.29 5.95
CA GLY G 41 -14.61 32.57 5.46
C GLY G 41 -14.19 32.90 4.03
N GLN G 42 -13.53 31.95 3.36
CA GLN G 42 -13.03 32.09 1.99
C GLN G 42 -13.69 31.05 1.07
N GLY G 43 -13.29 31.09 -0.20
CA GLY G 43 -13.81 30.19 -1.22
C GLY G 43 -12.88 28.99 -1.44
N PRO G 44 -13.34 27.97 -2.19
CA PRO G 44 -12.48 26.84 -2.56
C PRO G 44 -11.31 27.25 -3.45
N GLU G 45 -10.13 26.67 -3.18
CA GLU G 45 -8.97 26.84 -4.05
C GLU G 45 -8.50 25.48 -4.56
N PHE G 46 -8.30 25.37 -5.89
CA PHE G 46 -7.95 24.09 -6.51
C PHE G 46 -6.60 23.57 -6.01
N LEU G 47 -6.57 22.26 -5.72
CA LEU G 47 -5.36 21.53 -5.35
C LEU G 47 -4.97 20.60 -6.51
N THR G 48 -5.82 19.61 -6.83
CA THR G 48 -5.42 18.58 -7.77
C THR G 48 -6.65 17.89 -8.38
N TYR G 49 -6.44 17.26 -9.56
CA TYR G 49 -7.48 16.62 -10.33
C TYR G 49 -7.07 15.24 -10.81
N PHE G 50 -8.00 14.27 -10.72
CA PHE G 50 -7.81 12.93 -11.22
C PHE G 50 -8.86 12.61 -12.27
N GLN G 51 -8.41 11.99 -13.36
CA GLN G 51 -9.28 11.36 -14.33
C GLN G 51 -9.04 9.87 -14.18
N ASN G 52 -10.02 9.14 -13.63
CA ASN G 52 -9.77 7.78 -13.18
C ASN G 52 -8.60 7.80 -12.20
N GLU G 53 -7.60 6.95 -12.43
CA GLU G 53 -6.43 6.78 -11.58
C GLU G 53 -5.39 7.87 -11.84
N ALA G 54 -5.48 8.54 -13.01
CA ALA G 54 -4.43 9.44 -13.48
C ALA G 54 -4.56 10.86 -12.91
N GLN G 55 -3.49 11.31 -12.25
CA GLN G 55 -3.47 12.63 -11.64
C GLN G 55 -3.01 13.63 -12.70
N LEU G 56 -3.96 14.16 -13.49
CA LEU G 56 -3.61 14.93 -14.69
C LEU G 56 -3.29 16.39 -14.40
N ASP G 57 -3.69 16.95 -13.25
CA ASP G 57 -3.35 18.36 -12.98
C ASP G 57 -3.09 18.52 -11.49
N LYS G 58 -1.80 18.67 -11.11
CA LYS G 58 -1.43 18.82 -9.70
C LYS G 58 -0.96 20.24 -9.40
N SER G 59 -1.32 21.21 -10.26
CA SER G 59 -0.81 22.57 -10.23
C SER G 59 -1.17 23.36 -8.97
N GLY G 60 -2.18 22.94 -8.20
CA GLY G 60 -2.59 23.74 -7.06
C GLY G 60 -2.00 23.25 -5.73
N LEU G 61 -1.34 22.07 -5.76
CA LEU G 61 -0.75 21.50 -4.56
C LEU G 61 0.37 22.41 -4.12
N PRO G 62 0.39 22.88 -2.85
CA PRO G 62 1.36 23.91 -2.45
C PRO G 62 2.80 23.44 -2.25
N SER G 63 3.00 22.14 -1.95
CA SER G 63 4.35 21.59 -1.82
C SER G 63 4.31 20.08 -1.92
N ASP G 64 5.49 19.48 -1.88
CA ASP G 64 5.69 18.04 -1.88
C ASP G 64 5.10 17.41 -0.61
N ARG G 65 4.89 18.22 0.45
CA ARG G 65 4.19 17.75 1.65
C ARG G 65 2.77 17.31 1.30
N PHE G 66 2.19 17.83 0.21
CA PHE G 66 0.84 17.49 -0.20
C PHE G 66 0.90 16.51 -1.38
N PHE G 67 0.30 15.33 -1.21
CA PHE G 67 0.24 14.38 -2.31
C PHE G 67 -1.06 13.59 -2.23
N ALA G 68 -1.72 13.43 -3.39
CA ALA G 68 -2.96 12.68 -3.46
C ALA G 68 -2.72 11.37 -4.21
N GLU G 69 -3.49 10.34 -3.87
CA GLU G 69 -3.56 9.15 -4.70
C GLU G 69 -5.01 8.71 -4.89
N ARG G 70 -5.22 7.95 -5.97
CA ARG G 70 -6.50 7.37 -6.32
C ARG G 70 -6.22 6.06 -7.06
N PRO G 71 -5.66 5.04 -6.36
CA PRO G 71 -5.12 3.84 -6.98
C PRO G 71 -6.01 2.98 -7.86
N GLU G 72 -7.33 3.00 -7.62
CA GLU G 72 -8.24 2.18 -8.40
C GLU G 72 -9.20 3.07 -9.19
N GLY G 73 -8.91 4.39 -9.22
CA GLY G 73 -9.77 5.38 -9.85
C GLY G 73 -11.14 5.50 -9.18
N SER G 74 -11.25 5.09 -7.91
CA SER G 74 -12.44 5.39 -7.12
C SER G 74 -12.07 6.25 -5.90
N VAL G 75 -11.78 5.62 -4.76
CA VAL G 75 -11.44 6.30 -3.51
C VAL G 75 -10.13 7.05 -3.68
N SER G 76 -10.04 8.25 -3.11
CA SER G 76 -8.84 9.08 -3.15
C SER G 76 -8.44 9.44 -1.73
N THR G 77 -7.13 9.51 -1.52
CA THR G 77 -6.56 9.91 -0.25
C THR G 77 -5.66 11.10 -0.51
N LEU G 78 -5.93 12.21 0.21
CA LEU G 78 -5.04 13.35 0.21
C LEU G 78 -4.19 13.24 1.47
N LYS G 79 -2.87 13.17 1.28
CA LYS G 79 -1.93 13.03 2.38
C LYS G 79 -1.22 14.37 2.54
N ILE G 80 -1.22 14.87 3.79
CA ILE G 80 -0.45 16.07 4.12
C ILE G 80 0.63 15.64 5.11
N GLN G 81 1.89 15.75 4.65
CA GLN G 81 3.02 15.30 5.47
C GLN G 81 3.45 16.44 6.37
N ARG G 82 3.92 16.09 7.58
CA ARG G 82 4.52 17.05 8.51
C ARG G 82 3.73 18.36 8.54
N THR G 83 2.47 18.28 9.01
CA THR G 83 1.50 19.38 8.99
C THR G 83 2.06 20.63 9.67
N GLN G 84 1.67 21.77 9.12
CA GLN G 84 1.96 23.09 9.68
C GLN G 84 0.64 23.80 9.97
N GLN G 85 0.73 24.88 10.77
CA GLN G 85 -0.44 25.60 11.23
C GLN G 85 -1.23 26.09 10.03
N GLU G 86 -0.51 26.52 8.98
CA GLU G 86 -1.09 27.16 7.81
C GLU G 86 -1.93 26.17 7.01
N ASP G 87 -1.81 24.86 7.30
CA ASP G 87 -2.57 23.83 6.63
C ASP G 87 -4.01 23.74 7.15
N SER G 88 -4.29 24.37 8.30
CA SER G 88 -5.61 24.32 8.88
C SER G 88 -6.63 24.91 7.91
N ALA G 89 -7.62 24.10 7.51
CA ALA G 89 -8.63 24.56 6.57
C ALA G 89 -9.72 23.51 6.45
N VAL G 90 -10.71 23.79 5.57
CA VAL G 90 -11.62 22.76 5.13
C VAL G 90 -11.09 22.23 3.81
N TYR G 91 -10.93 20.90 3.73
CA TYR G 91 -10.55 20.27 2.47
C TYR G 91 -11.80 19.67 1.83
N LEU G 92 -12.13 20.17 0.64
CA LEU G 92 -13.30 19.73 -0.09
C LEU G 92 -12.89 18.76 -1.21
N CYS G 93 -13.61 17.65 -1.28
CA CYS G 93 -13.50 16.71 -2.37
C CYS G 93 -14.70 16.93 -3.29
N ALA G 94 -14.48 16.90 -4.60
CA ALA G 94 -15.59 16.91 -5.54
C ALA G 94 -15.45 15.74 -6.52
N SER G 95 -16.56 15.30 -7.08
CA SER G 95 -16.54 14.28 -8.10
C SER G 95 -17.42 14.77 -9.25
N SER G 96 -17.13 14.29 -10.47
CA SER G 96 -17.82 14.79 -11.65
C SER G 96 -17.69 13.79 -12.80
N LEU G 97 -18.45 14.01 -13.87
CA LEU G 97 -18.19 13.35 -15.14
C LEU G 97 -17.55 14.37 -16.08
N GLY G 98 -16.29 14.71 -15.80
CA GLY G 98 -15.66 15.88 -16.38
C GLY G 98 -16.42 17.16 -16.09
N GLN G 99 -16.71 17.91 -17.16
CA GLN G 99 -17.46 19.16 -17.11
C GLN G 99 -18.82 18.97 -16.41
N GLY G 100 -19.43 17.78 -16.50
CA GLY G 100 -20.79 17.59 -16.05
C GLY G 100 -20.87 17.05 -14.62
N HIS G 101 -21.92 17.45 -13.89
CA HIS G 101 -22.28 16.85 -12.60
C HIS G 101 -21.30 17.17 -11.48
N PHE G 102 -20.59 18.31 -11.55
CA PHE G 102 -19.64 18.68 -10.50
C PHE G 102 -20.36 18.73 -9.14
N THR G 103 -19.89 17.93 -8.17
CA THR G 103 -20.53 17.88 -6.88
C THR G 103 -19.46 17.86 -5.79
N PHE G 104 -19.69 18.65 -4.72
CA PHE G 104 -18.79 18.65 -3.58
C PHE G 104 -19.27 17.67 -2.50
N GLY G 105 -18.34 17.11 -1.74
CA GLY G 105 -18.63 16.52 -0.42
C GLY G 105 -18.69 17.63 0.64
N SER G 106 -18.98 17.29 1.89
CA SER G 106 -19.11 18.24 2.99
C SER G 106 -17.75 18.67 3.53
N GLY G 107 -16.67 17.97 3.18
CA GLY G 107 -15.36 18.43 3.55
C GLY G 107 -14.80 17.76 4.81
N THR G 108 -13.48 17.92 5.01
CA THR G 108 -12.83 17.56 6.25
C THR G 108 -12.32 18.86 6.86
N ARG G 109 -12.68 19.08 8.13
CA ARG G 109 -12.21 20.24 8.87
C ARG G 109 -10.93 19.82 9.58
N LEU G 110 -9.79 20.38 9.12
CA LEU G 110 -8.51 20.08 9.74
C LEU G 110 -8.07 21.27 10.59
N THR G 111 -7.75 21.01 11.87
CA THR G 111 -7.06 21.98 12.71
C THR G 111 -5.73 21.39 13.14
N VAL G 112 -4.65 22.11 12.80
CA VAL G 112 -3.30 21.77 13.23
C VAL G 112 -2.99 22.60 14.47
N VAL G 113 -2.63 21.90 15.56
CA VAL G 113 -2.36 22.50 16.86
C VAL G 113 -0.90 22.27 17.25
N GLU G 114 -0.38 23.17 18.09
CA GLU G 114 0.99 23.15 18.56
C GLU G 114 1.22 21.97 19.49
N ASP G 115 0.35 21.77 20.50
CA ASP G 115 0.44 20.63 21.40
C ASP G 115 -0.97 20.09 21.66
N LEU G 116 -1.10 18.76 21.77
CA LEU G 116 -2.39 18.12 22.00
C LEU G 116 -2.91 18.46 23.38
N LYS G 117 -2.03 18.93 24.28
CA LYS G 117 -2.40 19.25 25.65
C LYS G 117 -3.24 20.53 25.64
N ASN G 118 -3.31 21.20 24.49
CA ASN G 118 -4.15 22.37 24.31
C ASN G 118 -5.59 21.99 24.02
N VAL G 119 -5.88 20.70 23.84
CA VAL G 119 -7.20 20.26 23.39
C VAL G 119 -8.08 19.99 24.61
N PHE G 120 -9.28 20.59 24.61
CA PHE G 120 -10.20 20.49 25.74
C PHE G 120 -11.64 20.38 25.23
N PRO G 121 -12.46 19.48 25.81
CA PRO G 121 -13.88 19.40 25.44
C PRO G 121 -14.59 20.59 26.09
N PRO G 122 -15.80 20.99 25.63
CA PRO G 122 -16.51 22.12 26.25
C PRO G 122 -17.12 21.72 27.58
N GLU G 123 -17.27 22.72 28.48
CA GLU G 123 -18.24 22.62 29.54
C GLU G 123 -19.53 23.23 29.01
N VAL G 124 -20.67 22.67 29.47
CA VAL G 124 -21.95 23.10 28.94
C VAL G 124 -22.87 23.46 30.12
N ALA G 125 -23.52 24.62 30.03
CA ALA G 125 -24.46 25.08 31.05
C ALA G 125 -25.71 25.65 30.39
N VAL G 126 -26.85 25.42 31.06
CA VAL G 126 -28.12 25.97 30.61
C VAL G 126 -28.57 26.97 31.66
N PHE G 127 -29.05 28.13 31.19
CA PHE G 127 -29.54 29.20 32.04
C PHE G 127 -31.04 29.34 31.76
N GLU G 128 -31.81 29.34 32.86
CA GLU G 128 -33.27 29.28 32.78
C GLU G 128 -33.84 30.68 32.53
N PRO G 129 -35.00 30.78 31.83
CA PRO G 129 -35.59 32.07 31.48
C PRO G 129 -35.78 33.00 32.67
N SER G 130 -35.66 34.30 32.41
CA SER G 130 -35.88 35.34 33.40
C SER G 130 -37.38 35.46 33.67
N GLU G 131 -37.76 35.54 34.95
CA GLU G 131 -39.15 35.71 35.35
C GLU G 131 -39.68 37.02 34.76
N ALA G 132 -38.78 38.01 34.66
CA ALA G 132 -39.08 39.34 34.15
C ALA G 132 -39.45 39.25 32.67
N GLU G 133 -38.66 38.50 31.89
CA GLU G 133 -38.96 38.29 30.49
C GLU G 133 -40.34 37.67 30.35
N ILE G 134 -40.62 36.65 31.18
CA ILE G 134 -41.86 35.91 31.08
C ILE G 134 -43.04 36.86 31.29
N SER G 135 -42.97 37.69 32.32
CA SER G 135 -44.11 38.54 32.61
C SER G 135 -44.20 39.70 31.59
N HIS G 136 -43.06 40.16 31.06
CA HIS G 136 -43.03 41.29 30.16
C HIS G 136 -43.49 40.91 28.74
N THR G 137 -43.17 39.67 28.29
CA THR G 137 -43.31 39.30 26.88
C THR G 137 -44.17 38.05 26.71
N GLN G 138 -44.38 37.28 27.77
CA GLN G 138 -45.07 36.00 27.67
C GLN G 138 -44.24 35.00 26.84
N LYS G 139 -42.95 35.31 26.69
CA LYS G 139 -42.00 34.39 26.06
C LYS G 139 -40.89 34.06 27.05
N ALA G 140 -40.15 32.99 26.77
CA ALA G 140 -39.13 32.49 27.69
C ALA G 140 -37.93 32.02 26.88
N THR G 141 -36.80 32.70 27.06
CA THR G 141 -35.56 32.36 26.38
C THR G 141 -34.65 31.59 27.34
N LEU G 142 -34.30 30.35 26.93
CA LEU G 142 -33.24 29.57 27.56
C LEU G 142 -31.95 29.91 26.84
N VAL G 143 -30.86 29.98 27.62
CA VAL G 143 -29.55 30.22 27.01
C VAL G 143 -28.66 29.02 27.31
N CYS G 144 -27.91 28.57 26.29
CA CYS G 144 -26.90 27.56 26.49
C CYS G 144 -25.53 28.20 26.28
N LEU G 145 -24.59 27.92 27.19
CA LEU G 145 -23.20 28.31 26.99
C LEU G 145 -22.34 27.05 26.88
N ALA G 146 -21.54 26.99 25.79
CA ALA G 146 -20.48 26.01 25.65
C ALA G 146 -19.16 26.76 25.82
N THR G 147 -18.38 26.40 26.85
CA THR G 147 -17.21 27.20 27.18
C THR G 147 -15.98 26.32 27.30
N GLY G 148 -14.79 26.93 27.09
CA GLY G 148 -13.53 26.34 27.51
C GLY G 148 -13.02 25.26 26.55
N PHE G 149 -13.52 25.25 25.31
CA PHE G 149 -13.18 24.16 24.41
C PHE G 149 -12.08 24.62 23.43
N TYR G 150 -11.32 23.62 22.97
CA TYR G 150 -10.31 23.87 21.96
C TYR G 150 -9.98 22.55 21.28
N PRO G 151 -9.84 22.50 19.92
CA PRO G 151 -10.06 23.64 19.03
C PRO G 151 -11.56 23.90 18.80
N ASP G 152 -11.89 24.74 17.80
CA ASP G 152 -13.27 25.08 17.54
C ASP G 152 -13.94 23.99 16.70
N HIS G 153 -14.23 22.84 17.33
CA HIS G 153 -14.82 21.68 16.67
C HIS G 153 -16.07 21.27 17.42
N VAL G 154 -17.14 22.05 17.30
CA VAL G 154 -18.37 21.80 18.05
C VAL G 154 -19.58 21.91 17.13
N GLU G 155 -20.64 21.14 17.46
CA GLU G 155 -21.97 21.29 16.89
C GLU G 155 -22.98 21.32 18.04
N LEU G 156 -23.74 22.42 18.15
CA LEU G 156 -24.69 22.62 19.21
C LEU G 156 -26.09 22.34 18.69
N SER G 157 -26.90 21.58 19.44
CA SER G 157 -28.27 21.33 19.06
C SER G 157 -29.15 21.33 20.33
N TRP G 158 -30.44 21.65 20.17
CA TRP G 158 -31.41 21.62 21.24
C TRP G 158 -32.34 20.43 21.05
N TRP G 159 -32.69 19.80 22.18
CA TRP G 159 -33.57 18.65 22.22
C TRP G 159 -34.65 18.91 23.26
N VAL G 160 -35.90 18.89 22.79
CA VAL G 160 -37.05 19.08 23.65
C VAL G 160 -37.82 17.78 23.68
N ASN G 161 -37.95 17.22 24.88
CA ASN G 161 -38.62 15.94 25.07
C ASN G 161 -38.03 14.91 24.11
N GLY G 162 -36.71 14.93 23.89
CA GLY G 162 -36.07 13.86 23.17
C GLY G 162 -35.98 14.13 21.67
N LYS G 163 -36.59 15.24 21.22
CA LYS G 163 -36.72 15.53 19.81
C LYS G 163 -35.95 16.80 19.46
N GLU G 164 -35.16 16.75 18.38
CA GLU G 164 -34.36 17.91 18.03
C GLU G 164 -35.29 19.05 17.58
N VAL G 165 -34.95 20.31 17.95
CA VAL G 165 -35.77 21.44 17.56
C VAL G 165 -34.97 22.41 16.71
N HIS G 166 -35.64 23.07 15.75
CA HIS G 166 -35.02 24.16 14.98
C HIS G 166 -35.77 25.47 15.19
N SER G 167 -37.10 25.38 15.28
CA SER G 167 -37.93 26.53 15.58
C SER G 167 -37.48 27.14 16.90
N GLY G 168 -37.28 28.46 16.91
CA GLY G 168 -37.05 29.16 18.15
C GLY G 168 -35.59 29.16 18.55
N VAL G 169 -34.68 28.73 17.65
CA VAL G 169 -33.28 28.56 18.00
C VAL G 169 -32.45 29.58 17.24
N CYS G 170 -31.41 30.16 17.88
CA CYS G 170 -30.24 30.57 17.12
C CYS G 170 -28.95 30.40 17.92
N THR G 171 -27.95 29.84 17.24
CA THR G 171 -26.62 29.63 17.80
C THR G 171 -25.69 30.66 17.15
N ASP G 172 -24.77 31.22 17.94
CA ASP G 172 -23.80 32.15 17.41
C ASP G 172 -23.11 31.57 16.18
N PRO G 173 -23.01 32.34 15.06
CA PRO G 173 -22.28 31.86 13.90
C PRO G 173 -20.77 31.73 14.14
N GLN G 174 -20.22 32.47 15.09
CA GLN G 174 -18.79 32.38 15.37
C GLN G 174 -18.56 32.19 16.87
N PRO G 175 -17.53 31.45 17.31
CA PRO G 175 -17.19 31.34 18.74
C PRO G 175 -16.44 32.60 19.19
N LEU G 176 -16.37 32.83 20.50
CA LEU G 176 -15.57 33.91 21.06
C LEU G 176 -14.25 33.29 21.52
N LYS G 177 -13.17 34.07 21.38
CA LYS G 177 -11.93 33.71 22.04
C LYS G 177 -12.02 34.12 23.50
N GLU G 178 -11.70 33.19 24.41
CA GLU G 178 -11.79 33.47 25.82
C GLU G 178 -10.59 34.30 26.29
N GLN G 179 -9.45 34.15 25.60
CA GLN G 179 -8.30 34.98 25.86
C GLN G 179 -7.92 35.62 24.53
N PRO G 180 -8.70 36.60 24.00
CA PRO G 180 -8.59 36.99 22.60
C PRO G 180 -7.22 37.42 22.12
N ALA G 181 -6.38 37.86 23.06
CA ALA G 181 -5.04 38.36 22.77
C ALA G 181 -4.09 37.20 22.42
N LEU G 182 -4.38 36.00 22.94
CA LEU G 182 -3.51 34.83 22.86
C LEU G 182 -3.97 33.94 21.70
N ASN G 183 -3.03 33.32 20.97
CA ASN G 183 -3.37 32.56 19.77
C ASN G 183 -3.67 31.11 20.11
N ASP G 184 -3.42 30.73 21.37
CA ASP G 184 -3.68 29.39 21.85
C ASP G 184 -5.02 29.33 22.57
N SER G 185 -5.89 30.32 22.35
CA SER G 185 -7.04 30.59 23.21
C SER G 185 -8.07 29.46 23.19
N ARG G 186 -8.72 29.21 24.32
CA ARG G 186 -9.92 28.39 24.36
C ARG G 186 -11.09 29.20 23.80
N TYR G 187 -12.20 28.52 23.50
CA TYR G 187 -13.33 29.16 22.84
C TYR G 187 -14.60 29.03 23.68
N ALA G 188 -15.57 29.90 23.38
CA ALA G 188 -16.89 29.84 23.99
C ALA G 188 -17.92 30.14 22.91
N LEU G 189 -19.14 29.64 23.10
CA LEU G 189 -20.21 29.78 22.12
C LEU G 189 -21.54 29.79 22.86
N SER G 190 -22.49 30.61 22.39
CA SER G 190 -23.80 30.65 23.01
C SER G 190 -24.91 30.25 22.04
N SER G 191 -26.03 29.82 22.60
CA SER G 191 -27.22 29.53 21.82
C SER G 191 -28.45 29.92 22.65
N ARG G 192 -29.54 30.24 21.95
CA ARG G 192 -30.79 30.55 22.60
C ARG G 192 -31.87 29.66 22.02
N LEU G 193 -32.79 29.25 22.92
CA LEU G 193 -34.03 28.60 22.55
C LEU G 193 -35.15 29.38 23.20
N ARG G 194 -36.05 29.93 22.38
CA ARG G 194 -37.15 30.74 22.89
C ARG G 194 -38.47 30.01 22.67
N VAL G 195 -39.26 29.85 23.73
CA VAL G 195 -40.54 29.16 23.71
C VAL G 195 -41.58 30.09 24.34
N SER G 196 -42.86 29.72 24.23
CA SER G 196 -43.89 30.48 24.93
C SER G 196 -43.71 30.30 26.44
N ALA G 197 -44.13 31.29 27.23
CA ALA G 197 -44.18 31.18 28.69
C ALA G 197 -44.87 29.88 29.15
N THR G 198 -46.05 29.59 28.56
CA THR G 198 -46.83 28.47 29.06
C THR G 198 -46.10 27.16 28.76
N PHE G 199 -45.32 27.09 27.66
CA PHE G 199 -44.57 25.88 27.37
C PHE G 199 -43.46 25.70 28.40
N TRP G 200 -42.76 26.78 28.76
CA TRP G 200 -41.74 26.74 29.79
C TRP G 200 -42.34 26.36 31.15
N GLN G 201 -43.58 26.78 31.40
CA GLN G 201 -44.22 26.61 32.69
C GLN G 201 -44.70 25.17 32.93
N ASN G 202 -44.60 24.32 31.93
CA ASN G 202 -45.01 22.93 32.06
C ASN G 202 -43.84 22.12 32.60
N PRO G 203 -43.92 21.56 33.84
CA PRO G 203 -42.82 20.79 34.43
C PRO G 203 -42.52 19.47 33.72
N ARG G 204 -43.43 19.06 32.81
CA ARG G 204 -43.26 17.83 32.05
C ARG G 204 -42.36 18.06 30.82
N ASN G 205 -42.11 19.33 30.47
CA ASN G 205 -41.23 19.66 29.34
C ASN G 205 -39.76 19.62 29.73
N HIS G 206 -38.98 18.86 28.96
CA HIS G 206 -37.55 18.64 29.20
C HIS G 206 -36.75 19.31 28.10
N PHE G 207 -35.80 20.18 28.49
CA PHE G 207 -34.97 20.91 27.55
C PHE G 207 -33.52 20.46 27.74
N ARG G 208 -32.86 20.05 26.66
CA ARG G 208 -31.46 19.69 26.74
C ARG G 208 -30.69 20.38 25.62
N CYS G 209 -29.56 20.98 25.99
CA CYS G 209 -28.60 21.53 25.05
C CYS G 209 -27.47 20.51 24.92
N GLN G 210 -27.19 20.10 23.68
CA GLN G 210 -26.24 19.05 23.39
C GLN G 210 -25.10 19.64 22.54
N VAL G 211 -23.86 19.40 22.99
CA VAL G 211 -22.72 19.89 22.26
C VAL G 211 -21.84 18.71 21.88
N GLN G 212 -21.76 18.47 20.57
CA GLN G 212 -20.89 17.44 20.04
C GLN G 212 -19.53 18.10 19.83
N PHE G 213 -18.51 17.56 20.53
CA PHE G 213 -17.16 18.06 20.37
C PHE G 213 -16.37 17.04 19.58
N TYR G 214 -15.56 17.53 18.64
CA TYR G 214 -14.66 16.67 17.88
C TYR G 214 -13.24 16.94 18.35
N GLY G 215 -12.63 15.93 19.01
CA GLY G 215 -11.29 16.09 19.55
C GLY G 215 -10.33 14.99 19.09
N LEU G 216 -9.70 14.29 20.04
CA LEU G 216 -8.66 13.34 19.69
C LEU G 216 -9.29 11.99 19.36
N SER G 217 -8.53 11.17 18.62
CA SER G 217 -8.95 9.85 18.16
C SER G 217 -8.35 8.76 19.03
N GLU G 218 -8.78 7.50 18.80
CA GLU G 218 -8.27 6.34 19.53
C GLU G 218 -6.75 6.23 19.37
N ASN G 219 -6.25 6.59 18.18
CA ASN G 219 -4.84 6.43 17.83
C ASN G 219 -3.95 7.47 18.48
N ASP G 220 -4.50 8.60 18.92
CA ASP G 220 -3.70 9.61 19.58
C ASP G 220 -3.22 9.12 20.94
N GLU G 221 -1.95 9.44 21.23
CA GLU G 221 -1.31 9.09 22.48
C GLU G 221 -1.78 10.11 23.53
N TRP G 222 -1.99 9.65 24.78
CA TRP G 222 -2.34 10.60 25.83
C TRP G 222 -1.57 10.27 27.10
N THR G 223 -0.85 11.26 27.63
CA THR G 223 0.00 11.03 28.79
C THR G 223 -0.39 11.94 29.96
N GLN G 224 -1.23 12.95 29.72
CA GLN G 224 -1.63 13.88 30.77
C GLN G 224 -2.58 13.20 31.75
N ASP G 225 -2.67 13.75 32.96
CA ASP G 225 -3.44 13.18 34.06
C ASP G 225 -4.95 13.32 33.84
N ARG G 226 -5.37 14.40 33.17
CA ARG G 226 -6.80 14.65 32.94
C ARG G 226 -7.32 13.73 31.84
N ALA G 227 -8.65 13.61 31.77
CA ALA G 227 -9.31 12.75 30.82
C ALA G 227 -8.88 13.10 29.41
N LYS G 228 -8.62 12.05 28.61
CA LYS G 228 -8.24 12.22 27.22
C LYS G 228 -9.36 12.98 26.51
N PRO G 229 -9.05 14.11 25.85
CA PRO G 229 -10.09 14.92 25.21
C PRO G 229 -10.54 14.38 23.85
N VAL G 230 -11.19 13.21 23.91
CA VAL G 230 -11.67 12.52 22.72
C VAL G 230 -12.97 13.19 22.27
N THR G 231 -13.35 12.91 21.03
CA THR G 231 -14.67 13.22 20.51
C THR G 231 -15.70 12.71 21.52
N GLN G 232 -16.71 13.52 21.83
CA GLN G 232 -17.70 13.18 22.84
C GLN G 232 -18.84 14.20 22.80
N ILE G 233 -19.95 13.84 23.45
CA ILE G 233 -21.07 14.77 23.57
C ILE G 233 -21.16 15.24 25.01
N VAL G 234 -21.27 16.55 25.22
CA VAL G 234 -21.53 17.11 26.54
C VAL G 234 -22.88 17.83 26.51
N SER G 235 -23.71 17.59 27.53
CA SER G 235 -25.04 18.16 27.58
C SER G 235 -25.31 18.88 28.90
N ALA G 236 -26.23 19.85 28.85
CA ALA G 236 -26.83 20.41 30.05
C ALA G 236 -28.34 20.48 29.83
N GLU G 237 -29.11 20.55 30.91
CA GLU G 237 -30.54 20.40 30.80
C GLU G 237 -31.29 21.29 31.82
N ALA G 238 -32.58 21.47 31.55
CA ALA G 238 -33.52 22.04 32.48
C ALA G 238 -34.90 21.41 32.25
N TRP G 239 -35.67 21.34 33.33
CA TRP G 239 -37.08 21.03 33.21
C TRP G 239 -37.87 22.32 33.38
N GLY G 240 -39.07 22.34 32.79
CA GLY G 240 -39.96 23.48 32.97
C GLY G 240 -40.37 23.63 34.43
N ARG G 241 -40.83 24.83 34.80
CA ARG G 241 -41.30 25.07 36.16
C ARG G 241 -42.46 26.04 36.12
N ALA G 242 -43.39 25.91 37.07
CA ALA G 242 -44.41 26.92 37.35
C ALA G 242 -43.85 27.92 38.35
N SER H 3 -21.65 28.78 -43.63
CA SER H 3 -22.20 27.53 -43.04
C SER H 3 -21.11 26.46 -42.88
N HIS H 4 -20.66 26.25 -41.65
CA HIS H 4 -19.60 25.30 -41.34
C HIS H 4 -20.05 24.40 -40.19
N SER H 5 -19.26 23.36 -39.89
CA SER H 5 -19.66 22.37 -38.91
C SER H 5 -18.42 21.68 -38.32
N MET H 6 -18.55 21.23 -37.07
CA MET H 6 -17.57 20.32 -36.48
C MET H 6 -18.31 19.08 -35.97
N ARG H 7 -17.68 17.91 -36.14
CA ARG H 7 -18.25 16.65 -35.69
C ARG H 7 -17.15 15.75 -35.14
N TYR H 8 -17.45 15.07 -34.03
CA TYR H 8 -16.66 13.94 -33.55
C TYR H 8 -17.48 12.66 -33.74
N PHE H 9 -16.82 11.61 -34.24
CA PHE H 9 -17.44 10.30 -34.42
C PHE H 9 -16.67 9.28 -33.58
N TYR H 10 -17.37 8.65 -32.63
CA TYR H 10 -16.77 7.63 -31.79
C TYR H 10 -17.40 6.28 -32.07
N THR H 11 -16.60 5.21 -31.97
CA THR H 11 -17.03 3.83 -32.18
C THR H 11 -16.35 2.97 -31.12
N SER H 12 -17.16 2.24 -30.34
CA SER H 12 -16.65 1.25 -29.41
C SER H 12 -17.19 -0.11 -29.79
N VAL H 13 -16.29 -1.10 -29.85
CA VAL H 13 -16.69 -2.45 -30.23
C VAL H 13 -16.18 -3.45 -29.20
N SER H 14 -17.11 -4.24 -28.62
CA SER H 14 -16.75 -5.28 -27.66
C SER H 14 -16.07 -6.45 -28.36
N ARG H 15 -15.01 -7.00 -27.73
CA ARG H 15 -14.25 -8.09 -28.32
C ARG H 15 -14.17 -9.28 -27.35
N PRO H 16 -15.27 -10.06 -27.20
CA PRO H 16 -15.28 -11.19 -26.26
C PRO H 16 -14.34 -12.23 -26.86
N GLY H 17 -13.28 -12.52 -26.12
CA GLY H 17 -12.27 -13.45 -26.60
C GLY H 17 -10.93 -12.76 -26.82
N ARG H 18 -10.98 -11.45 -27.08
CA ARG H 18 -9.79 -10.67 -27.35
C ARG H 18 -9.69 -9.52 -26.32
N GLU H 20 -9.73 -6.57 -24.44
CA GLU H 20 -10.59 -5.37 -24.24
C GLU H 20 -11.23 -4.92 -25.55
N PRO H 21 -12.40 -4.24 -25.46
CA PRO H 21 -13.02 -3.54 -26.59
C PRO H 21 -12.06 -2.61 -27.31
N ARG H 22 -12.44 -2.24 -28.54
CA ARG H 22 -11.69 -1.25 -29.32
C ARG H 22 -12.47 0.07 -29.40
N PHE H 23 -11.72 1.18 -29.28
CA PHE H 23 -12.27 2.52 -29.38
C PHE H 23 -11.61 3.28 -30.54
N ILE H 24 -12.43 3.94 -31.37
CA ILE H 24 -11.96 4.74 -32.48
C ILE H 24 -12.68 6.07 -32.43
N SER H 25 -11.93 7.15 -32.66
CA SER H 25 -12.47 8.48 -32.80
C SER H 25 -11.91 9.10 -34.07
N VAL H 26 -12.77 9.80 -34.82
CA VAL H 26 -12.32 10.70 -35.86
C VAL H 26 -13.01 12.06 -35.65
N GLY H 27 -12.31 13.14 -36.00
CA GLY H 27 -12.94 14.46 -35.99
C GLY H 27 -12.94 15.09 -37.37
N TYR H 28 -14.02 15.80 -37.69
CA TYR H 28 -14.15 16.51 -38.96
C TYR H 28 -14.51 17.96 -38.71
N VAL H 29 -13.96 18.85 -39.57
CA VAL H 29 -14.51 20.18 -39.79
C VAL H 29 -15.06 20.16 -41.22
N ASP H 30 -16.37 20.36 -41.36
CA ASP H 30 -17.02 20.15 -42.66
C ASP H 30 -16.66 18.77 -43.19
N ASP H 31 -16.14 18.73 -44.41
CA ASP H 31 -15.83 17.46 -45.07
C ASP H 31 -14.35 17.12 -44.92
N THR H 32 -13.65 17.76 -43.98
CA THR H 32 -12.21 17.57 -43.82
C THR H 32 -11.93 16.85 -42.49
N GLN H 33 -11.38 15.64 -42.56
CA GLN H 33 -10.97 14.97 -41.34
C GLN H 33 -9.70 15.61 -40.83
N PHE H 34 -9.59 15.84 -39.51
CA PHE H 34 -8.47 16.60 -38.99
C PHE H 34 -7.76 15.85 -37.87
N VAL H 35 -8.48 14.95 -37.16
CA VAL H 35 -7.87 14.25 -36.03
C VAL H 35 -8.28 12.79 -36.04
N ARG H 36 -7.50 11.95 -35.34
CA ARG H 36 -7.82 10.52 -35.24
C ARG H 36 -7.31 9.95 -33.92
N PHE H 37 -8.02 8.95 -33.38
CA PHE H 37 -7.56 8.18 -32.24
C PHE H 37 -7.99 6.73 -32.42
N ASP H 38 -7.05 5.80 -32.17
CA ASP H 38 -7.34 4.39 -32.29
C ASP H 38 -6.66 3.64 -31.16
N SER H 39 -7.47 2.95 -30.35
CA SER H 39 -7.03 2.22 -29.18
C SER H 39 -6.16 1.02 -29.57
N ASP H 40 -6.18 0.62 -30.85
CA ASP H 40 -5.40 -0.50 -31.33
C ASP H 40 -3.97 -0.09 -31.70
N ALA H 41 -3.72 1.20 -31.85
CA ALA H 41 -2.41 1.72 -32.25
C ALA H 41 -1.34 1.30 -31.25
N ALA H 42 -0.09 1.32 -31.71
CA ALA H 42 1.10 0.92 -30.96
C ALA H 42 1.10 1.57 -29.58
N SER H 43 1.09 2.90 -29.58
CA SER H 43 0.94 3.70 -28.39
C SER H 43 -0.13 4.75 -28.70
N PRO H 44 -1.40 4.45 -28.35
CA PRO H 44 -2.54 5.25 -28.80
C PRO H 44 -2.47 6.72 -28.36
N ARG H 45 -2.72 7.59 -29.33
CA ARG H 45 -2.58 9.02 -29.18
C ARG H 45 -3.47 9.70 -30.20
N GLU H 46 -3.93 10.91 -29.87
CA GLU H 46 -4.59 11.69 -30.91
C GLU H 46 -3.52 12.14 -31.90
N GLU H 47 -3.82 12.00 -33.21
CA GLU H 47 -2.87 12.32 -34.27
C GLU H 47 -3.49 13.26 -35.29
N PRO H 48 -2.70 14.20 -35.85
CA PRO H 48 -3.17 15.14 -36.88
C PRO H 48 -3.43 14.45 -38.21
N ARG H 49 -4.38 14.99 -38.98
CA ARG H 49 -4.80 14.43 -40.25
C ARG H 49 -5.14 15.53 -41.25
N ALA H 50 -4.96 16.79 -40.86
CA ALA H 50 -5.10 17.95 -41.74
C ALA H 50 -3.98 18.93 -41.43
N PRO H 51 -3.43 19.66 -42.44
CA PRO H 51 -2.25 20.50 -42.23
C PRO H 51 -2.39 21.56 -41.11
N TRP H 52 -3.57 22.17 -41.04
CA TRP H 52 -3.81 23.34 -40.21
C TRP H 52 -3.92 23.00 -38.72
N ILE H 53 -3.95 21.70 -38.37
CA ILE H 53 -4.03 21.30 -36.98
C ILE H 53 -2.64 20.97 -36.43
N GLU H 54 -1.64 20.84 -37.31
CA GLU H 54 -0.34 20.33 -36.91
C GLU H 54 0.38 21.32 -35.98
N GLN H 55 -0.09 22.58 -35.99
CA GLN H 55 0.52 23.64 -35.22
C GLN H 55 0.18 23.54 -33.72
N GLU H 56 -0.76 22.65 -33.34
CA GLU H 56 -1.18 22.54 -31.95
C GLU H 56 -0.05 21.98 -31.09
N GLY H 57 0.11 22.51 -29.88
CA GLY H 57 1.19 22.12 -28.98
C GLY H 57 0.93 20.78 -28.31
N PRO H 58 1.94 20.18 -27.62
CA PRO H 58 1.80 18.87 -27.00
C PRO H 58 0.66 18.77 -25.97
N GLU H 59 0.36 19.89 -25.30
CA GLU H 59 -0.72 19.97 -24.30
C GLU H 59 -2.06 19.60 -24.90
N TYR H 60 -2.31 20.04 -26.15
CA TYR H 60 -3.55 19.77 -26.88
C TYR H 60 -3.67 18.27 -27.13
N TRP H 61 -2.61 17.67 -27.67
CA TRP H 61 -2.59 16.26 -28.01
C TRP H 61 -2.75 15.41 -26.76
N ASP H 62 -2.04 15.80 -25.69
CA ASP H 62 -2.07 15.04 -24.44
C ASP H 62 -3.48 15.05 -23.85
N ARG H 63 -4.09 16.24 -23.79
CA ARG H 63 -5.41 16.40 -23.21
C ARG H 63 -6.43 15.54 -23.98
N ASN H 64 -6.40 15.64 -25.31
CA ASN H 64 -7.38 14.95 -26.14
C ASN H 64 -7.19 13.44 -26.00
N THR H 65 -5.93 12.99 -25.94
CA THR H 65 -5.59 11.59 -25.75
C THR H 65 -6.26 11.08 -24.47
N GLN H 66 -6.13 11.86 -23.39
CA GLN H 66 -6.64 11.43 -22.11
C GLN H 66 -8.17 11.40 -22.13
N ILE H 67 -8.79 12.36 -22.82
CA ILE H 67 -10.24 12.31 -22.98
C ILE H 67 -10.67 11.03 -23.68
N TYR H 68 -10.04 10.66 -24.82
CA TYR H 68 -10.40 9.46 -25.57
C TYR H 68 -10.31 8.22 -24.66
N LYS H 69 -9.21 8.13 -23.90
CA LYS H 69 -9.02 6.96 -23.08
C LYS H 69 -10.11 6.85 -22.02
N ALA H 70 -10.50 7.98 -21.42
CA ALA H 70 -11.54 7.97 -20.40
C ALA H 70 -12.89 7.59 -21.02
N GLN H 71 -13.20 8.16 -22.18
CA GLN H 71 -14.42 7.84 -22.90
C GLN H 71 -14.49 6.33 -23.23
N ALA H 72 -13.36 5.75 -23.66
CA ALA H 72 -13.28 4.35 -24.03
C ALA H 72 -13.73 3.50 -22.86
N GLN H 73 -13.27 3.88 -21.65
CA GLN H 73 -13.54 3.11 -20.45
C GLN H 73 -15.02 3.19 -20.12
N THR H 74 -15.62 4.37 -20.27
CA THR H 74 -17.05 4.54 -20.03
C THR H 74 -17.84 3.69 -21.02
N ASP H 75 -17.38 3.60 -22.28
CA ASP H 75 -18.08 2.88 -23.33
C ASP H 75 -18.07 1.39 -23.03
N ARG H 76 -16.97 0.88 -22.47
CA ARG H 76 -16.91 -0.50 -21.99
C ARG H 76 -18.05 -0.80 -21.01
N GLU H 77 -18.28 0.13 -20.07
CA GLU H 77 -19.33 0.01 -19.07
C GLU H 77 -20.71 0.14 -19.74
N SER H 78 -20.83 1.09 -20.67
CA SER H 78 -22.08 1.27 -21.39
C SER H 78 -22.45 0.00 -22.16
N LEU H 79 -21.45 -0.64 -22.77
CA LEU H 79 -21.66 -1.86 -23.53
C LEU H 79 -22.16 -2.98 -22.62
N ARG H 80 -21.61 -3.07 -21.41
CA ARG H 80 -22.08 -4.04 -20.42
C ARG H 80 -23.53 -3.77 -20.06
N ASN H 81 -23.90 -2.50 -19.89
CA ASN H 81 -25.27 -2.16 -19.54
C ASN H 81 -26.21 -2.54 -20.68
N LEU H 82 -25.82 -2.23 -21.92
CA LEU H 82 -26.66 -2.43 -23.09
C LEU H 82 -26.92 -3.93 -23.28
N ARG H 83 -25.86 -4.73 -23.10
CA ARG H 83 -25.92 -6.18 -23.18
C ARG H 83 -27.00 -6.67 -22.21
N GLY H 84 -27.00 -6.10 -20.99
CA GLY H 84 -28.02 -6.36 -19.98
C GLY H 84 -29.41 -5.95 -20.44
N TYR H 85 -29.54 -4.73 -20.98
CA TYR H 85 -30.86 -4.22 -21.32
C TYR H 85 -31.52 -5.12 -22.37
N TYR H 86 -30.72 -5.73 -23.26
CA TYR H 86 -31.26 -6.51 -24.37
C TYR H 86 -31.20 -8.00 -24.07
N ASN H 87 -30.73 -8.38 -22.87
CA ASN H 87 -30.59 -9.77 -22.46
C ASN H 87 -29.74 -10.56 -23.45
N GLN H 88 -28.67 -9.94 -23.92
CA GLN H 88 -27.74 -10.60 -24.82
C GLN H 88 -26.70 -11.37 -24.00
N SER H 89 -26.15 -12.44 -24.58
CA SER H 89 -25.14 -13.22 -23.90
C SER H 89 -23.78 -12.52 -23.93
N GLU H 90 -22.89 -13.00 -23.06
CA GLU H 90 -21.62 -12.37 -22.81
C GLU H 90 -20.62 -12.73 -23.92
N ALA H 91 -21.04 -13.49 -24.93
CA ALA H 91 -20.12 -13.92 -25.97
C ALA H 91 -20.20 -13.02 -27.21
N GLY H 92 -21.32 -12.29 -27.38
CA GLY H 92 -21.54 -11.53 -28.60
C GLY H 92 -20.73 -10.23 -28.68
N SER H 93 -20.17 -9.92 -29.87
CA SER H 93 -19.54 -8.64 -30.14
C SER H 93 -20.56 -7.58 -30.53
N HIS H 94 -20.45 -6.37 -29.93
CA HIS H 94 -21.45 -5.33 -30.16
C HIS H 94 -20.78 -3.97 -30.36
N THR H 95 -21.54 -3.05 -30.96
CA THR H 95 -21.03 -1.75 -31.41
C THR H 95 -21.86 -0.63 -30.80
N LEU H 96 -21.17 0.28 -30.09
CA LEU H 96 -21.75 1.54 -29.63
C LEU H 96 -21.11 2.70 -30.40
N GLN H 97 -21.94 3.50 -31.07
CA GLN H 97 -21.50 4.66 -31.84
C GLN H 97 -22.10 5.94 -31.28
N SER H 98 -21.30 7.03 -31.36
CA SER H 98 -21.64 8.38 -30.91
C SER H 98 -21.26 9.36 -32.01
N MET H 99 -22.16 10.28 -32.34
CA MET H 99 -21.82 11.43 -33.16
C MET H 99 -22.35 12.70 -32.50
N TYR H 100 -21.47 13.68 -32.25
CA TYR H 100 -21.87 14.95 -31.66
C TYR H 100 -21.09 16.10 -32.30
N GLY H 101 -21.61 17.33 -32.14
CA GLY H 101 -20.91 18.52 -32.61
C GLY H 101 -21.86 19.69 -32.85
N CYS H 102 -21.37 20.73 -33.55
CA CYS H 102 -22.13 21.97 -33.71
C CYS H 102 -22.06 22.48 -35.16
N ASP H 103 -23.10 23.20 -35.56
CA ASP H 103 -23.17 23.89 -36.83
C ASP H 103 -23.18 25.40 -36.60
N VAL H 104 -22.50 26.16 -37.47
CA VAL H 104 -22.54 27.61 -37.43
C VAL H 104 -22.95 28.16 -38.79
N GLY H 105 -23.68 29.29 -38.75
CA GLY H 105 -24.05 30.00 -39.96
C GLY H 105 -22.89 30.88 -40.47
N PRO H 106 -23.09 31.56 -41.63
CA PRO H 106 -22.01 32.34 -42.24
C PRO H 106 -21.49 33.48 -41.35
N ASP H 107 -22.31 33.90 -40.38
CA ASP H 107 -21.91 34.94 -39.44
C ASP H 107 -21.08 34.36 -38.30
N GLY H 108 -20.93 33.03 -38.23
CA GLY H 108 -20.13 32.39 -37.20
C GLY H 108 -20.92 32.08 -35.92
N ARG H 109 -22.23 32.41 -35.92
CA ARG H 109 -23.10 32.17 -34.79
C ARG H 109 -23.74 30.77 -34.88
N LEU H 110 -24.07 30.19 -33.71
CA LEU H 110 -24.55 28.83 -33.60
C LEU H 110 -25.87 28.64 -34.34
N LEU H 111 -25.94 27.64 -35.22
CA LEU H 111 -27.14 27.25 -35.93
C LEU H 111 -27.83 26.08 -35.23
N ARG H 112 -27.06 25.07 -34.80
CA ARG H 112 -27.64 23.89 -34.17
C ARG H 112 -26.58 23.02 -33.51
N GLY H 113 -27.00 22.20 -32.56
CA GLY H 113 -26.12 21.24 -31.93
C GLY H 113 -26.61 19.83 -32.22
N HIS H 114 -25.73 18.83 -32.08
CA HIS H 114 -26.04 17.45 -32.39
C HIS H 114 -25.41 16.53 -31.34
N ASP H 115 -26.14 15.46 -30.96
CA ASP H 115 -25.67 14.52 -29.96
C ASP H 115 -26.51 13.24 -30.07
N GLN H 116 -25.99 12.20 -30.72
CA GLN H 116 -26.75 10.99 -30.97
C GLN H 116 -25.93 9.72 -30.81
N TYR H 117 -26.64 8.60 -30.70
CA TYR H 117 -26.06 7.31 -30.37
C TYR H 117 -26.75 6.22 -31.20
N ALA H 118 -25.99 5.15 -31.41
CA ALA H 118 -26.50 3.96 -32.09
C ALA H 118 -25.88 2.72 -31.46
N TYR H 119 -26.70 1.69 -31.34
CA TYR H 119 -26.26 0.40 -30.82
C TYR H 119 -26.48 -0.62 -31.92
N ASP H 120 -25.43 -1.38 -32.25
CA ASP H 120 -25.45 -2.41 -33.27
C ASP H 120 -26.06 -1.88 -34.57
N GLY H 121 -25.65 -0.66 -34.95
CA GLY H 121 -25.96 -0.07 -36.23
C GLY H 121 -27.34 0.59 -36.29
N LYS H 122 -28.10 0.56 -35.20
CA LYS H 122 -29.44 1.14 -35.23
C LYS H 122 -29.52 2.31 -34.26
N ASP H 123 -30.24 3.36 -34.67
CA ASP H 123 -30.55 4.48 -33.79
C ASP H 123 -30.91 3.97 -32.41
N TYR H 124 -30.38 4.64 -31.38
CA TYR H 124 -30.62 4.26 -30.00
C TYR H 124 -31.29 5.41 -29.24
N ILE H 125 -30.56 6.50 -29.05
CA ILE H 125 -31.10 7.69 -28.39
C ILE H 125 -30.43 8.91 -29.02
N ALA H 126 -31.20 10.01 -29.12
CA ALA H 126 -30.66 11.24 -29.69
C ALA H 126 -31.20 12.45 -28.95
N LEU H 127 -30.34 13.45 -28.73
CA LEU H 127 -30.77 14.74 -28.22
C LEU H 127 -31.52 15.46 -29.34
N ASN H 128 -32.70 15.98 -29.02
CA ASN H 128 -33.56 16.67 -29.97
C ASN H 128 -32.96 18.03 -30.30
N GLU H 129 -33.46 18.66 -31.37
CA GLU H 129 -32.92 19.95 -31.79
C GLU H 129 -33.05 20.99 -30.69
N ASP H 130 -34.06 20.83 -29.81
CA ASP H 130 -34.32 21.75 -28.73
C ASP H 130 -33.16 21.76 -27.72
N LEU H 131 -32.31 20.73 -27.76
CA LEU H 131 -31.23 20.50 -26.80
C LEU H 131 -31.78 20.40 -25.38
N ARG H 132 -33.04 19.96 -25.24
CA ARG H 132 -33.73 19.88 -23.96
C ARG H 132 -34.43 18.51 -23.79
N SER H 133 -34.56 17.74 -24.87
CA SER H 133 -35.32 16.50 -24.82
C SER H 133 -34.61 15.38 -25.61
N TRP H 134 -35.00 14.13 -25.35
CA TRP H 134 -34.42 12.94 -25.97
C TRP H 134 -35.46 12.18 -26.79
N THR H 135 -35.00 11.53 -27.86
CA THR H 135 -35.79 10.58 -28.63
C THR H 135 -35.19 9.20 -28.43
N ALA H 136 -35.98 8.28 -27.84
CA ALA H 136 -35.55 6.91 -27.67
C ALA H 136 -36.14 6.03 -28.78
N ALA H 137 -35.31 5.15 -29.35
CA ALA H 137 -35.74 4.39 -30.51
C ALA H 137 -36.41 3.08 -30.10
N ASP H 138 -36.16 2.62 -28.87
CA ASP H 138 -36.61 1.31 -28.41
C ASP H 138 -37.05 1.41 -26.95
N THR H 139 -37.39 0.28 -26.35
CA THR H 139 -37.79 0.30 -24.95
C THR H 139 -36.53 0.30 -24.08
N ALA H 140 -35.45 -0.33 -24.59
CA ALA H 140 -34.19 -0.34 -23.87
C ALA H 140 -33.64 1.07 -23.80
N ALA H 141 -33.82 1.85 -24.88
CA ALA H 141 -33.37 3.23 -24.91
C ALA H 141 -34.10 4.05 -23.85
N GLN H 142 -35.31 3.65 -23.50
CA GLN H 142 -36.13 4.44 -22.59
C GLN H 142 -35.60 4.37 -21.17
N ILE H 143 -34.96 3.26 -20.82
CA ILE H 143 -34.31 3.17 -19.52
C ILE H 143 -33.13 4.14 -19.49
N THR H 144 -32.35 4.22 -20.58
CA THR H 144 -31.31 5.24 -20.69
C THR H 144 -31.93 6.62 -20.59
N GLN H 145 -33.04 6.81 -21.33
CA GLN H 145 -33.75 8.08 -21.37
C GLN H 145 -34.15 8.52 -19.96
N ARG H 146 -34.73 7.59 -19.20
CA ARG H 146 -35.27 7.92 -17.89
C ARG H 146 -34.13 8.29 -16.95
N LYS H 147 -33.01 7.56 -17.01
CA LYS H 147 -31.86 7.83 -16.16
C LYS H 147 -31.27 9.20 -16.49
N TRP H 148 -31.24 9.52 -17.79
CA TRP H 148 -30.69 10.80 -18.25
C TRP H 148 -31.62 11.95 -17.86
N GLU H 149 -32.93 11.72 -17.90
CA GLU H 149 -33.88 12.75 -17.50
C GLU H 149 -33.76 13.02 -15.99
N ALA H 150 -33.59 11.95 -15.20
CA ALA H 150 -33.45 12.03 -13.76
C ALA H 150 -32.21 12.84 -13.39
N ALA H 151 -31.16 12.76 -14.23
CA ALA H 151 -29.90 13.44 -13.97
C ALA H 151 -29.84 14.80 -14.67
N ARG H 152 -30.87 15.13 -15.45
CA ARG H 152 -30.92 16.41 -16.17
C ARG H 152 -29.75 16.49 -17.17
N GLU H 153 -29.50 15.39 -17.87
CA GLU H 153 -28.35 15.22 -18.75
C GLU H 153 -28.32 16.27 -19.87
N ALA H 154 -29.48 16.59 -20.45
CA ALA H 154 -29.46 17.49 -21.58
C ALA H 154 -28.93 18.86 -21.18
N GLU H 155 -29.19 19.33 -19.94
CA GLU H 155 -28.70 20.64 -19.52
C GLU H 155 -27.17 20.63 -19.51
N GLN H 156 -26.58 19.53 -19.01
CA GLN H 156 -25.15 19.33 -18.89
C GLN H 156 -24.48 19.35 -20.26
N ARG H 157 -25.19 18.91 -21.30
CA ARG H 157 -24.61 18.79 -22.62
C ARG H 157 -24.57 20.13 -23.34
N ARG H 158 -25.19 21.15 -22.77
CA ARG H 158 -25.32 22.45 -23.42
C ARG H 158 -24.01 23.23 -23.32
N ALA H 159 -23.29 23.02 -22.21
CA ALA H 159 -22.03 23.72 -21.96
C ALA H 159 -21.09 23.58 -23.16
N TYR H 160 -20.90 22.34 -23.61
CA TYR H 160 -19.98 22.10 -24.71
C TYR H 160 -20.66 22.43 -26.05
N LEU H 161 -21.86 21.92 -26.30
CA LEU H 161 -22.47 22.00 -27.61
C LEU H 161 -22.70 23.44 -28.06
N GLU H 162 -23.04 24.31 -27.10
CA GLU H 162 -23.36 25.69 -27.44
C GLU H 162 -22.14 26.60 -27.26
N GLY H 163 -21.24 26.24 -26.33
CA GLY H 163 -20.10 27.07 -25.96
C GLY H 163 -18.79 26.59 -26.59
N GLU H 164 -18.16 25.61 -25.94
CA GLU H 164 -16.83 25.13 -26.25
C GLU H 164 -16.74 24.66 -27.70
N CYS H 165 -17.77 23.94 -28.19
CA CYS H 165 -17.83 23.43 -29.55
C CYS H 165 -17.59 24.53 -30.57
N VAL H 166 -18.38 25.61 -30.45
CA VAL H 166 -18.37 26.71 -31.41
C VAL H 166 -17.02 27.45 -31.33
N GLU H 167 -16.38 27.43 -30.16
CA GLU H 167 -15.13 28.17 -29.99
C GLU H 167 -13.98 27.41 -30.61
N TRP H 168 -13.99 26.08 -30.53
CA TRP H 168 -13.01 25.23 -31.24
C TRP H 168 -13.21 25.31 -32.76
N LEU H 169 -14.47 25.23 -33.20
CA LEU H 169 -14.77 25.38 -34.62
C LEU H 169 -14.16 26.68 -35.16
N ARG H 170 -14.38 27.79 -34.44
CA ARG H 170 -13.88 29.11 -34.81
C ARG H 170 -12.35 29.14 -34.89
N ARG H 171 -11.69 28.53 -33.90
CA ARG H 171 -10.24 28.45 -33.94
C ARG H 171 -9.79 27.74 -35.21
N TYR H 172 -10.47 26.63 -35.54
CA TYR H 172 -10.05 25.79 -36.65
C TYR H 172 -10.31 26.52 -37.97
N LEU H 173 -11.45 27.22 -38.07
CA LEU H 173 -11.77 27.99 -39.28
C LEU H 173 -10.72 29.05 -39.55
N GLU H 174 -10.19 29.65 -38.47
CA GLU H 174 -9.18 30.70 -38.54
C GLU H 174 -7.85 30.10 -38.97
N ASN H 175 -7.44 29.01 -38.30
CA ASN H 175 -6.19 28.32 -38.65
C ASN H 175 -6.24 27.74 -40.06
N GLY H 176 -7.42 27.35 -40.54
CA GLY H 176 -7.54 26.60 -41.78
C GLY H 176 -7.77 27.48 -43.01
N LYS H 177 -8.14 28.77 -42.79
CA LYS H 177 -8.07 29.77 -43.85
C LYS H 177 -8.75 29.29 -45.13
N ASP H 178 -8.06 29.41 -46.27
CA ASP H 178 -8.64 29.07 -47.56
C ASP H 178 -8.38 27.62 -47.92
N LYS H 179 -8.16 26.77 -46.92
CA LYS H 179 -8.21 25.33 -47.13
C LYS H 179 -9.60 24.87 -46.75
N LEU H 180 -10.20 25.59 -45.78
CA LEU H 180 -11.53 25.26 -45.29
C LEU H 180 -12.58 26.20 -45.90
N GLU H 181 -12.17 27.44 -46.21
CA GLU H 181 -13.10 28.41 -46.78
C GLU H 181 -13.11 28.31 -48.32
N ARG H 182 -12.16 27.55 -48.89
CA ARG H 182 -12.06 27.31 -50.32
C ARG H 182 -13.22 26.43 -50.79
N ALA H 183 -13.51 26.50 -52.10
CA ALA H 183 -14.45 25.58 -52.72
C ALA H 183 -13.87 25.19 -54.07
N ASP H 184 -13.19 24.03 -54.14
CA ASP H 184 -12.53 23.60 -55.37
C ASP H 184 -13.60 23.09 -56.35
N PRO H 185 -13.75 23.73 -57.54
CA PRO H 185 -14.74 23.29 -58.52
C PRO H 185 -14.33 21.95 -59.11
N PRO H 186 -15.31 21.13 -59.56
CA PRO H 186 -15.00 19.88 -60.25
C PRO H 186 -14.38 20.09 -61.64
N LYS H 187 -13.29 19.36 -61.93
CA LYS H 187 -12.82 19.16 -63.29
C LYS H 187 -13.76 18.14 -63.94
N THR H 188 -14.45 18.55 -65.01
CA THR H 188 -15.48 17.71 -65.60
C THR H 188 -15.11 17.30 -67.03
N HIS H 189 -15.66 16.16 -67.45
CA HIS H 189 -15.62 15.69 -68.84
C HIS H 189 -16.63 14.57 -69.02
N VAL H 190 -16.96 14.30 -70.29
CA VAL H 190 -17.91 13.25 -70.64
C VAL H 190 -17.20 12.20 -71.50
N THR H 191 -17.36 10.93 -71.12
CA THR H 191 -16.74 9.84 -71.85
C THR H 191 -17.84 8.99 -72.51
N HIS H 192 -17.43 8.33 -73.61
CA HIS H 192 -18.31 7.51 -74.43
C HIS H 192 -17.77 6.08 -74.48
N HIS H 193 -18.65 5.11 -74.23
CA HIS H 193 -18.26 3.71 -74.14
C HIS H 193 -19.30 2.85 -74.86
N PRO H 194 -19.00 2.38 -76.11
CA PRO H 194 -19.92 1.51 -76.86
C PRO H 194 -20.22 0.21 -76.12
N ILE H 195 -21.52 -0.12 -76.03
CA ILE H 195 -21.99 -1.39 -75.48
C ILE H 195 -22.18 -2.39 -76.62
N SER H 196 -22.72 -1.90 -77.75
CA SER H 196 -23.04 -2.67 -78.95
C SER H 196 -23.04 -1.72 -80.14
N ASP H 197 -23.46 -2.21 -81.32
CA ASP H 197 -23.61 -1.40 -82.52
C ASP H 197 -24.76 -0.40 -82.36
N HIS H 198 -25.59 -0.57 -81.33
CA HIS H 198 -26.85 0.14 -81.23
C HIS H 198 -26.96 0.97 -79.94
N GLU H 199 -26.08 0.73 -78.96
CA GLU H 199 -26.17 1.39 -77.66
C GLU H 199 -24.77 1.77 -77.16
N ALA H 200 -24.68 2.89 -76.44
CA ALA H 200 -23.45 3.30 -75.76
C ALA H 200 -23.75 3.90 -74.39
N THR H 201 -22.72 3.87 -73.51
CA THR H 201 -22.79 4.54 -72.22
C THR H 201 -22.11 5.90 -72.33
N LEU H 202 -22.85 6.93 -71.88
CA LEU H 202 -22.28 8.26 -71.66
C LEU H 202 -22.05 8.41 -70.17
N ARG H 203 -20.81 8.78 -69.79
CA ARG H 203 -20.47 8.92 -68.38
C ARG H 203 -19.98 10.34 -68.13
N CYS H 204 -20.63 11.01 -67.18
CA CYS H 204 -20.26 12.35 -66.79
C CYS H 204 -19.41 12.29 -65.51
N TRP H 205 -18.18 12.81 -65.61
CA TRP H 205 -17.22 12.72 -64.53
C TRP H 205 -17.09 14.08 -63.82
N ALA H 206 -17.00 14.02 -62.49
CA ALA H 206 -16.62 15.19 -61.70
C ALA H 206 -15.44 14.80 -60.81
N LEU H 207 -14.31 15.51 -60.99
CA LEU H 207 -13.06 15.10 -60.36
C LEU H 207 -12.41 16.27 -59.61
N GLY H 208 -11.89 15.97 -58.41
CA GLY H 208 -11.06 16.86 -57.60
C GLY H 208 -11.82 18.08 -57.06
N PHE H 209 -13.07 17.88 -56.60
CA PHE H 209 -13.89 18.93 -56.02
C PHE H 209 -13.91 18.84 -54.50
N TYR H 210 -14.19 19.98 -53.85
CA TYR H 210 -14.40 20.08 -52.42
C TYR H 210 -15.30 21.28 -52.18
N PRO H 211 -16.33 21.25 -51.30
CA PRO H 211 -16.70 20.08 -50.50
C PRO H 211 -17.41 18.99 -51.28
N ALA H 212 -17.86 17.94 -50.57
CA ALA H 212 -18.37 16.72 -51.17
C ALA H 212 -19.74 16.91 -51.80
N GLU H 213 -20.52 17.89 -51.32
CA GLU H 213 -21.86 18.15 -51.84
C GLU H 213 -21.76 18.49 -53.33
N ILE H 214 -22.55 17.81 -54.15
CA ILE H 214 -22.50 18.01 -55.59
C ILE H 214 -23.80 17.49 -56.19
N THR H 215 -24.19 18.07 -57.33
CA THR H 215 -25.31 17.54 -58.10
C THR H 215 -24.81 17.23 -59.50
N LEU H 216 -24.99 15.96 -59.89
CA LEU H 216 -24.82 15.47 -61.26
C LEU H 216 -26.17 14.95 -61.71
N THR H 217 -26.68 15.48 -62.83
CA THR H 217 -27.89 14.96 -63.45
C THR H 217 -27.69 14.83 -64.96
N TRP H 218 -28.28 13.78 -65.53
CA TRP H 218 -28.43 13.66 -66.98
C TRP H 218 -29.83 14.07 -67.38
N GLN H 219 -29.92 14.94 -68.39
CA GLN H 219 -31.21 15.40 -68.89
C GLN H 219 -31.42 14.82 -70.28
N ARG H 220 -32.60 14.19 -70.45
CA ARG H 220 -33.08 13.76 -71.75
C ARG H 220 -33.89 14.91 -72.32
N ASP H 221 -33.19 15.74 -73.14
CA ASP H 221 -33.78 16.82 -73.90
C ASP H 221 -34.68 17.65 -73.01
N GLY H 222 -34.26 17.88 -71.77
CA GLY H 222 -35.04 18.70 -70.86
C GLY H 222 -35.26 18.07 -69.50
N GLU H 223 -35.60 16.77 -69.46
CA GLU H 223 -36.04 16.15 -68.21
C GLU H 223 -34.92 15.37 -67.53
N ASP H 224 -34.81 15.60 -66.21
CA ASP H 224 -33.80 15.05 -65.34
C ASP H 224 -34.50 14.30 -64.19
N GLN H 225 -35.56 13.57 -64.54
CA GLN H 225 -36.24 12.70 -63.61
C GLN H 225 -35.94 11.27 -64.04
N THR H 226 -34.66 10.88 -63.99
CA THR H 226 -34.22 9.64 -64.60
C THR H 226 -34.07 8.56 -63.53
N GLN H 227 -34.73 7.41 -63.74
CA GLN H 227 -34.45 6.20 -62.98
C GLN H 227 -33.40 5.42 -63.74
N ASP H 228 -33.11 5.88 -64.97
CA ASP H 228 -32.25 5.20 -65.92
C ASP H 228 -30.85 5.83 -65.93
N THR H 229 -30.48 6.46 -64.80
CA THR H 229 -29.15 7.01 -64.64
C THR H 229 -28.43 6.31 -63.49
N GLU H 230 -27.25 5.74 -63.78
CA GLU H 230 -26.44 5.14 -62.73
C GLU H 230 -25.56 6.19 -62.07
N LEU H 231 -25.76 6.35 -60.75
CA LEU H 231 -25.05 7.36 -59.97
C LEU H 231 -24.23 6.66 -58.87
N VAL H 232 -22.92 6.89 -58.86
CA VAL H 232 -22.06 6.28 -57.84
C VAL H 232 -22.00 7.21 -56.63
N GLU H 233 -21.84 6.64 -55.44
CA GLU H 233 -21.65 7.43 -54.23
C GLU H 233 -20.39 8.28 -54.39
N THR H 234 -20.44 9.53 -53.93
CA THR H 234 -19.27 10.37 -53.99
C THR H 234 -18.15 9.70 -53.17
N ARG H 235 -16.95 9.61 -53.74
CA ARG H 235 -15.85 8.86 -53.14
C ARG H 235 -14.63 9.75 -52.97
N PRO H 236 -13.78 9.48 -51.95
CA PRO H 236 -12.57 10.28 -51.73
C PRO H 236 -11.48 10.00 -52.76
N ALA H 237 -10.85 11.07 -53.24
CA ALA H 237 -9.77 10.94 -54.20
C ALA H 237 -8.48 10.53 -53.50
N GLY H 238 -8.39 10.75 -52.18
CA GLY H 238 -7.20 10.41 -51.41
C GLY H 238 -6.37 11.65 -51.08
N ASP H 239 -6.69 12.80 -51.68
CA ASP H 239 -5.95 14.04 -51.49
C ASP H 239 -6.86 15.09 -50.86
N ARG H 240 -7.98 14.63 -50.24
CA ARG H 240 -8.95 15.46 -49.53
C ARG H 240 -9.97 16.09 -50.48
N THR H 241 -9.90 15.77 -51.78
CA THR H 241 -10.98 16.12 -52.70
C THR H 241 -11.86 14.89 -52.97
N PHE H 242 -12.92 15.08 -53.77
CA PHE H 242 -13.91 14.06 -54.01
C PHE H 242 -14.10 13.82 -55.50
N GLN H 243 -14.78 12.70 -55.79
CA GLN H 243 -15.06 12.29 -57.15
C GLN H 243 -16.47 11.75 -57.18
N LYS H 244 -17.13 11.93 -58.34
CA LYS H 244 -18.41 11.27 -58.58
C LYS H 244 -18.56 11.14 -60.08
N TRP H 245 -19.38 10.15 -60.49
CA TRP H 245 -19.82 10.11 -61.87
C TRP H 245 -21.28 9.67 -61.96
N ALA H 246 -21.92 10.07 -63.07
CA ALA H 246 -23.25 9.60 -63.43
C ALA H 246 -23.20 9.11 -64.87
N ALA H 247 -23.84 7.96 -65.11
CA ALA H 247 -23.83 7.39 -66.45
C ALA H 247 -25.24 7.02 -66.90
N VAL H 248 -25.44 7.09 -68.22
CA VAL H 248 -26.71 6.78 -68.86
C VAL H 248 -26.42 6.00 -70.14
N VAL H 249 -27.27 4.99 -70.43
CA VAL H 249 -27.18 4.22 -71.66
C VAL H 249 -28.06 4.89 -72.72
N VAL H 250 -27.49 5.13 -73.91
CA VAL H 250 -28.15 5.93 -74.94
C VAL H 250 -28.10 5.18 -76.27
N PRO H 251 -29.14 5.23 -77.14
CA PRO H 251 -29.08 4.62 -78.47
C PRO H 251 -28.05 5.32 -79.35
N SER H 252 -27.25 4.55 -80.09
CA SER H 252 -26.17 5.09 -80.91
C SER H 252 -26.68 6.20 -81.82
N GLY H 253 -26.02 7.37 -81.75
CA GLY H 253 -26.38 8.50 -82.59
C GLY H 253 -27.18 9.55 -81.83
N GLU H 254 -28.05 9.11 -80.91
CA GLU H 254 -28.90 10.02 -80.14
C GLU H 254 -28.14 10.64 -78.96
N GLU H 255 -26.82 10.40 -78.89
CA GLU H 255 -25.94 10.96 -77.87
C GLU H 255 -26.14 12.48 -77.77
N GLN H 256 -26.37 13.11 -78.92
CA GLN H 256 -26.44 14.56 -79.04
C GLN H 256 -27.66 15.12 -78.30
N ARG H 257 -28.63 14.27 -77.95
CA ARG H 257 -29.84 14.68 -77.24
C ARG H 257 -29.60 14.78 -75.73
N TYR H 258 -28.43 14.34 -75.24
CA TYR H 258 -28.19 14.23 -73.80
C TYR H 258 -27.23 15.30 -73.27
N THR H 259 -27.60 15.87 -72.13
CA THR H 259 -26.80 16.88 -71.45
C THR H 259 -26.60 16.49 -69.98
N CYS H 260 -25.36 16.70 -69.51
CA CYS H 260 -25.03 16.52 -68.11
C CYS H 260 -25.01 17.89 -67.43
N HIS H 261 -25.74 17.99 -66.30
CA HIS H 261 -25.83 19.20 -65.50
C HIS H 261 -25.05 19.03 -64.20
N VAL H 262 -24.17 20.00 -63.91
CA VAL H 262 -23.26 19.92 -62.77
C VAL H 262 -23.44 21.15 -61.88
N GLN H 263 -23.72 20.91 -60.59
CA GLN H 263 -23.95 21.98 -59.64
C GLN H 263 -23.01 21.80 -58.45
N HIS H 264 -22.22 22.83 -58.14
CA HIS H 264 -21.22 22.76 -57.09
C HIS H 264 -20.87 24.17 -56.61
N GLU H 265 -20.63 24.29 -55.30
CA GLU H 265 -20.30 25.54 -54.64
C GLU H 265 -19.13 26.22 -55.34
N GLY H 266 -18.22 25.44 -55.91
CA GLY H 266 -16.99 25.99 -56.48
C GLY H 266 -17.18 26.52 -57.90
N LEU H 267 -18.38 26.34 -58.48
CA LEU H 267 -18.63 26.71 -59.85
C LEU H 267 -19.28 28.08 -59.96
N PRO H 268 -18.66 29.05 -60.69
CA PRO H 268 -19.24 30.39 -60.85
C PRO H 268 -20.67 30.30 -61.38
N LYS H 269 -20.95 29.27 -62.18
CA LYS H 269 -22.22 29.05 -62.86
C LYS H 269 -22.39 27.54 -62.99
N PRO H 270 -23.63 26.99 -62.87
CA PRO H 270 -23.87 25.58 -63.20
C PRO H 270 -23.35 25.22 -64.59
N LEU H 271 -22.77 24.02 -64.74
CA LEU H 271 -22.25 23.57 -66.01
C LEU H 271 -23.31 22.71 -66.71
N THR H 272 -23.33 22.85 -68.04
CA THR H 272 -23.93 21.87 -68.94
C THR H 272 -22.80 21.30 -69.79
N LEU H 273 -22.65 19.97 -69.76
CA LEU H 273 -21.73 19.28 -70.66
C LEU H 273 -22.50 18.39 -71.64
N ARG H 274 -21.88 18.19 -72.81
CA ARG H 274 -22.40 17.33 -73.86
C ARG H 274 -21.26 16.47 -74.41
N TRP H 275 -21.57 15.27 -74.94
CA TRP H 275 -20.53 14.46 -75.56
C TRP H 275 -20.13 15.09 -76.89
N GLU H 276 -18.85 15.46 -76.99
CA GLU H 276 -18.23 15.84 -78.25
C GLU H 276 -16.89 15.09 -78.44
N MET I 1 -29.88 -6.04 -34.69
CA MET I 1 -29.00 -5.43 -35.71
C MET I 1 -29.39 -5.93 -37.10
N ILE I 2 -29.32 -5.02 -38.07
CA ILE I 2 -29.16 -5.38 -39.47
C ILE I 2 -27.67 -5.33 -39.79
N GLN I 3 -27.17 -6.39 -40.41
CA GLN I 3 -25.81 -6.40 -40.93
C GLN I 3 -25.82 -5.98 -42.39
N ARG I 4 -24.89 -5.10 -42.78
CA ARG I 4 -24.91 -4.49 -44.09
C ARG I 4 -23.65 -4.89 -44.85
N THR I 5 -23.84 -5.32 -46.11
CA THR I 5 -22.75 -5.75 -46.96
C THR I 5 -22.00 -4.52 -47.47
N PRO I 6 -20.65 -4.51 -47.51
CA PRO I 6 -19.89 -3.41 -48.12
C PRO I 6 -20.17 -3.20 -49.60
N LYS I 7 -20.35 -1.94 -49.98
CA LYS I 7 -20.21 -1.47 -51.35
C LYS I 7 -18.72 -1.27 -51.61
N ILE I 8 -18.26 -1.57 -52.83
CA ILE I 8 -16.84 -1.52 -53.16
C ILE I 8 -16.66 -0.70 -54.44
N GLN I 9 -15.76 0.28 -54.43
CA GLN I 9 -15.36 0.97 -55.64
C GLN I 9 -13.84 0.95 -55.77
N VAL I 10 -13.36 0.63 -56.97
CA VAL I 10 -11.94 0.56 -57.26
C VAL I 10 -11.64 1.55 -58.39
N TYR I 11 -10.71 2.47 -58.15
CA TYR I 11 -10.47 3.59 -59.07
C TYR I 11 -9.09 4.19 -58.80
N SER I 12 -8.60 4.99 -59.75
CA SER I 12 -7.35 5.72 -59.56
C SER I 12 -7.62 7.16 -59.13
N ARG I 13 -6.67 7.71 -58.36
CA ARG I 13 -6.75 9.09 -57.90
C ARG I 13 -6.82 10.06 -59.09
N HIS I 14 -5.97 9.85 -60.10
CA HIS I 14 -5.95 10.68 -61.30
C HIS I 14 -6.29 9.80 -62.50
N PRO I 15 -6.71 10.37 -63.65
CA PRO I 15 -6.96 9.56 -64.85
C PRO I 15 -5.71 8.74 -65.19
N ALA I 16 -5.92 7.46 -65.45
CA ALA I 16 -4.84 6.51 -65.67
C ALA I 16 -4.13 6.85 -66.98
N GLU I 17 -2.81 6.91 -66.92
CA GLU I 17 -1.98 7.05 -68.11
C GLU I 17 -0.78 6.11 -67.93
N ASN I 18 -0.62 5.19 -68.88
CA ASN I 18 0.34 4.11 -68.73
C ASN I 18 1.74 4.69 -68.55
N GLY I 19 2.46 4.23 -67.52
CA GLY I 19 3.81 4.71 -67.27
C GLY I 19 3.87 5.83 -66.24
N LYS I 20 2.77 6.58 -66.02
CA LYS I 20 2.75 7.66 -65.03
C LYS I 20 2.26 7.16 -63.66
N SER I 21 2.99 7.52 -62.60
CA SER I 21 2.69 7.14 -61.24
C SER I 21 1.33 7.72 -60.80
N ASN I 22 0.62 6.96 -59.97
CA ASN I 22 -0.76 7.27 -59.63
C ASN I 22 -1.05 6.65 -58.27
N PHE I 23 -2.30 6.77 -57.81
CA PHE I 23 -2.73 6.01 -56.64
C PHE I 23 -3.92 5.14 -57.01
N LEU I 24 -3.86 3.88 -56.55
CA LEU I 24 -4.98 2.96 -56.66
C LEU I 24 -5.76 3.01 -55.36
N ASN I 25 -7.08 3.27 -55.47
CA ASN I 25 -7.99 3.38 -54.36
C ASN I 25 -9.01 2.23 -54.37
N CYS I 26 -9.24 1.66 -53.19
CA CYS I 26 -10.41 0.84 -52.92
C CYS I 26 -11.23 1.46 -51.78
N TYR I 27 -12.42 1.95 -52.11
CA TYR I 27 -13.30 2.57 -51.13
C TYR I 27 -14.40 1.57 -50.79
N VAL I 28 -14.45 1.19 -49.51
CA VAL I 28 -15.46 0.27 -49.01
C VAL I 28 -16.38 1.02 -48.06
N SER I 29 -17.69 0.95 -48.32
CA SER I 29 -18.64 1.80 -47.65
C SER I 29 -19.98 1.10 -47.41
N GLY I 30 -20.73 1.61 -46.43
CA GLY I 30 -22.10 1.20 -46.17
C GLY I 30 -22.20 -0.13 -45.44
N PHE I 31 -21.13 -0.53 -44.77
CA PHE I 31 -21.11 -1.84 -44.14
C PHE I 31 -21.34 -1.75 -42.63
N HIS I 32 -21.80 -2.87 -42.06
CA HIS I 32 -21.95 -3.05 -40.62
C HIS I 32 -21.99 -4.55 -40.34
N PRO I 33 -21.30 -5.09 -39.31
CA PRO I 33 -20.46 -4.33 -38.38
C PRO I 33 -19.13 -3.87 -38.99
N SER I 34 -18.22 -3.42 -38.13
CA SER I 34 -17.05 -2.69 -38.55
C SER I 34 -15.89 -3.61 -38.93
N ASP I 35 -15.92 -4.88 -38.50
CA ASP I 35 -14.85 -5.80 -38.84
C ASP I 35 -14.77 -5.99 -40.36
N ILE I 36 -13.58 -5.78 -40.94
CA ILE I 36 -13.42 -5.88 -42.38
C ILE I 36 -11.94 -6.06 -42.73
N GLU I 37 -11.68 -6.94 -43.71
CA GLU I 37 -10.35 -7.13 -44.26
C GLU I 37 -10.38 -6.72 -45.74
N VAL I 38 -9.35 -5.96 -46.17
CA VAL I 38 -9.25 -5.47 -47.54
C VAL I 38 -7.81 -5.66 -48.03
N ASP I 39 -7.70 -6.27 -49.21
CA ASP I 39 -6.43 -6.41 -49.92
C ASP I 39 -6.51 -5.77 -51.29
N LEU I 40 -5.39 -5.18 -51.71
CA LEU I 40 -5.20 -4.78 -53.10
C LEU I 40 -4.36 -5.84 -53.81
N LEU I 41 -4.80 -6.22 -55.02
CA LEU I 41 -4.13 -7.25 -55.81
C LEU I 41 -3.53 -6.65 -57.08
N LYS I 42 -2.32 -7.10 -57.41
CA LYS I 42 -1.72 -6.90 -58.72
C LYS I 42 -1.52 -8.28 -59.37
N ASN I 43 -2.17 -8.49 -60.51
CA ASN I 43 -2.09 -9.75 -61.23
C ASN I 43 -2.39 -10.89 -60.27
N GLY I 44 -3.41 -10.70 -59.42
CA GLY I 44 -3.92 -11.75 -58.56
C GLY I 44 -3.19 -11.83 -57.23
N GLU I 45 -1.97 -11.26 -57.13
CA GLU I 45 -1.14 -11.40 -55.95
C GLU I 45 -1.27 -10.16 -55.05
N ARG I 46 -1.22 -10.35 -53.73
CA ARG I 46 -1.53 -9.30 -52.76
C ARG I 46 -0.40 -8.27 -52.74
N ILE I 47 -0.75 -6.99 -52.75
CA ILE I 47 0.19 -5.89 -52.62
C ILE I 47 0.42 -5.66 -51.14
N GLU I 48 1.70 -5.53 -50.75
CA GLU I 48 2.06 -5.54 -49.34
C GLU I 48 1.94 -4.15 -48.71
N LYS I 49 2.42 -3.12 -49.42
CA LYS I 49 2.39 -1.79 -48.83
C LYS I 49 1.10 -1.08 -49.25
N VAL I 50 0.08 -1.22 -48.38
CA VAL I 50 -1.22 -0.60 -48.62
C VAL I 50 -1.57 0.17 -47.34
N GLU I 51 -1.92 1.45 -47.52
CA GLU I 51 -2.35 2.30 -46.43
C GLU I 51 -3.87 2.44 -46.43
N HIS I 52 -4.43 2.86 -45.28
CA HIS I 52 -5.86 3.05 -45.18
C HIS I 52 -6.21 4.25 -44.30
N SER I 53 -7.38 4.82 -44.55
CA SER I 53 -7.97 5.86 -43.73
C SER I 53 -8.42 5.30 -42.38
N ASP I 54 -8.84 6.18 -41.48
CA ASP I 54 -9.31 5.76 -40.17
C ASP I 54 -10.79 5.43 -40.23
N LEU I 55 -11.22 4.44 -39.45
CA LEU I 55 -12.62 4.03 -39.46
C LEU I 55 -13.55 5.20 -39.09
N SER I 56 -14.49 5.52 -39.98
CA SER I 56 -15.48 6.55 -39.74
C SER I 56 -16.82 6.02 -40.20
N PHE I 57 -17.90 6.80 -40.04
CA PHE I 57 -19.21 6.30 -40.43
C PHE I 57 -20.09 7.45 -40.92
N SER I 58 -21.14 7.09 -41.66
CA SER I 58 -22.07 8.05 -42.26
C SER I 58 -23.26 8.30 -41.36
N LYS I 59 -24.16 9.19 -41.79
CA LYS I 59 -25.37 9.61 -41.09
C LYS I 59 -26.21 8.39 -40.70
N ASP I 60 -26.10 7.31 -41.46
CA ASP I 60 -26.93 6.15 -41.25
C ASP I 60 -26.20 5.11 -40.40
N TRP I 61 -25.04 5.49 -39.84
CA TRP I 61 -24.24 4.70 -38.91
C TRP I 61 -23.40 3.64 -39.61
N SER I 62 -23.48 3.54 -40.94
CA SER I 62 -22.72 2.54 -41.67
C SER I 62 -21.30 3.05 -41.91
N PHE I 63 -20.33 2.12 -41.86
CA PHE I 63 -18.92 2.46 -41.84
C PHE I 63 -18.37 2.65 -43.25
N TYR I 64 -17.24 3.38 -43.34
CA TYR I 64 -16.53 3.55 -44.59
C TYR I 64 -15.02 3.63 -44.31
N LEU I 65 -14.24 3.09 -45.28
CA LEU I 65 -12.79 3.09 -45.25
C LEU I 65 -12.26 3.27 -46.66
N LEU I 66 -11.05 3.86 -46.74
CA LEU I 66 -10.34 3.96 -48.01
C LEU I 66 -9.01 3.25 -47.89
N TYR I 67 -8.78 2.25 -48.75
CA TYR I 67 -7.47 1.62 -48.89
C TYR I 67 -6.81 2.15 -50.16
N TYR I 68 -5.50 2.42 -50.08
CA TYR I 68 -4.80 3.00 -51.22
C TYR I 68 -3.34 2.59 -51.23
N THR I 69 -2.76 2.55 -52.43
CA THR I 69 -1.34 2.36 -52.62
C THR I 69 -0.89 3.14 -53.86
N GLU I 70 0.39 3.51 -53.89
CA GLU I 70 0.98 4.09 -55.07
C GLU I 70 1.15 2.99 -56.11
N PHE I 71 0.89 3.30 -57.37
CA PHE I 71 1.03 2.32 -58.44
C PHE I 71 1.29 3.06 -59.74
N THR I 72 1.88 2.35 -60.70
CA THR I 72 2.04 2.88 -62.05
C THR I 72 1.28 1.92 -62.96
N PRO I 73 0.10 2.35 -63.48
CA PRO I 73 -0.61 1.55 -64.47
C PRO I 73 0.17 1.28 -65.76
N THR I 74 -0.09 0.11 -66.34
CA THR I 74 0.46 -0.28 -67.62
C THR I 74 -0.70 -0.80 -68.46
N GLU I 75 -0.41 -1.13 -69.72
CA GLU I 75 -1.44 -1.67 -70.57
C GLU I 75 -2.08 -2.89 -69.94
N LYS I 76 -1.26 -3.90 -69.54
CA LYS I 76 -1.77 -5.26 -69.47
C LYS I 76 -1.95 -5.71 -68.01
N ASP I 77 -1.22 -5.08 -67.06
CA ASP I 77 -1.30 -5.41 -65.64
C ASP I 77 -2.71 -5.20 -65.07
N GLU I 78 -3.22 -6.19 -64.35
CA GLU I 78 -4.55 -6.13 -63.75
C GLU I 78 -4.46 -5.83 -62.26
N TYR I 79 -5.38 -4.98 -61.79
CA TYR I 79 -5.50 -4.63 -60.38
C TYR I 79 -6.89 -5.01 -59.90
N ALA I 80 -6.98 -5.34 -58.61
CA ALA I 80 -8.26 -5.65 -58.00
C ALA I 80 -8.22 -5.29 -56.53
N CYS I 81 -9.41 -5.30 -55.94
CA CYS I 81 -9.60 -5.12 -54.51
C CYS I 81 -10.37 -6.33 -53.99
N ARG I 82 -9.89 -6.92 -52.90
CA ARG I 82 -10.51 -8.12 -52.35
C ARG I 82 -10.98 -7.82 -50.92
N VAL I 83 -12.27 -8.07 -50.65
CA VAL I 83 -12.91 -7.68 -49.41
C VAL I 83 -13.48 -8.89 -48.67
N ASN I 84 -13.20 -8.96 -47.36
CA ASN I 84 -13.82 -9.95 -46.48
C ASN I 84 -14.59 -9.26 -45.38
N HIS I 85 -15.78 -9.78 -45.11
CA HIS I 85 -16.73 -9.24 -44.16
C HIS I 85 -17.74 -10.33 -43.86
N VAL I 86 -18.38 -10.26 -42.70
CA VAL I 86 -19.25 -11.30 -42.21
C VAL I 86 -20.37 -11.55 -43.22
N THR I 87 -20.77 -10.53 -43.99
CA THR I 87 -21.91 -10.64 -44.89
C THR I 87 -21.51 -11.33 -46.19
N LEU I 88 -20.21 -11.62 -46.36
CA LEU I 88 -19.73 -12.27 -47.57
C LEU I 88 -19.31 -13.70 -47.22
N SER I 89 -20.01 -14.68 -47.80
CA SER I 89 -19.70 -16.10 -47.62
C SER I 89 -18.35 -16.42 -48.22
N GLN I 90 -17.95 -15.65 -49.24
CA GLN I 90 -16.72 -15.84 -49.96
C GLN I 90 -16.13 -14.48 -50.20
N PRO I 91 -14.78 -14.34 -50.36
CA PRO I 91 -14.16 -13.02 -50.44
C PRO I 91 -14.68 -12.40 -51.72
N LYS I 92 -15.00 -11.11 -51.71
CA LYS I 92 -15.52 -10.43 -52.88
C LYS I 92 -14.38 -9.70 -53.58
N ILE I 93 -14.20 -9.95 -54.89
CA ILE I 93 -13.07 -9.36 -55.62
C ILE I 93 -13.63 -8.42 -56.68
N VAL I 94 -13.22 -7.16 -56.66
CA VAL I 94 -13.65 -6.21 -57.70
C VAL I 94 -12.41 -5.75 -58.48
N LYS I 95 -12.48 -5.93 -59.81
CA LYS I 95 -11.35 -5.61 -60.66
C LYS I 95 -11.36 -4.11 -60.95
N TRP I 96 -10.17 -3.51 -61.00
CA TRP I 96 -10.04 -2.12 -61.36
C TRP I 96 -10.31 -1.96 -62.86
N ASP I 97 -11.23 -1.07 -63.19
CA ASP I 97 -11.53 -0.69 -64.56
C ASP I 97 -11.26 0.81 -64.68
N ARG I 98 -10.33 1.18 -65.56
CA ARG I 98 -9.83 2.55 -65.67
C ARG I 98 -10.90 3.50 -66.21
N ASP I 99 -12.03 2.95 -66.67
CA ASP I 99 -13.10 3.77 -67.23
C ASP I 99 -14.19 4.00 -66.18
N MET I 100 -13.94 3.57 -64.94
CA MET I 100 -14.89 3.77 -63.85
C MET I 100 -14.14 4.23 -62.59
N SER J 1 -11.67 20.24 -30.62
CA SER J 1 -11.32 19.46 -29.40
C SER J 1 -12.55 18.69 -28.96
N PRO J 2 -12.43 17.37 -28.64
CA PRO J 2 -13.54 16.63 -28.06
C PRO J 2 -13.92 17.25 -26.72
N ARG J 3 -15.22 17.28 -26.42
CA ARG J 3 -15.75 17.69 -25.13
C ARG J 3 -15.15 16.89 -23.97
N TRP J 4 -14.77 17.61 -22.90
CA TRP J 4 -14.40 17.00 -21.63
C TRP J 4 -15.66 16.68 -20.81
N TYR J 5 -16.38 15.61 -21.20
CA TYR J 5 -17.64 15.26 -20.56
C TYR J 5 -17.96 13.78 -20.79
N PHE J 6 -18.39 13.08 -19.74
CA PHE J 6 -18.53 11.62 -19.74
C PHE J 6 -19.93 11.18 -19.32
N TYR J 7 -20.35 9.99 -19.75
CA TYR J 7 -21.72 9.55 -19.61
C TYR J 7 -21.75 8.01 -19.60
N TYR J 8 -22.87 7.45 -19.14
CA TYR J 8 -23.16 6.02 -19.30
C TYR J 8 -24.59 5.84 -19.78
N LEU J 9 -24.78 4.86 -20.67
CA LEU J 9 -26.10 4.60 -21.19
C LEU J 9 -26.74 3.53 -20.29
N GLN K 3 8.06 -35.16 -2.29
CA GLN K 3 9.38 -35.23 -1.61
C GLN K 3 9.23 -35.38 -0.10
N GLN K 4 9.96 -36.36 0.44
CA GLN K 4 10.07 -36.56 1.87
C GLN K 4 11.57 -36.57 2.22
N VAL K 5 11.89 -35.89 3.32
CA VAL K 5 13.21 -36.00 3.93
C VAL K 5 13.01 -36.66 5.30
N MET K 6 13.57 -37.86 5.45
CA MET K 6 13.40 -38.67 6.65
C MET K 6 14.76 -38.74 7.36
N GLN K 7 14.71 -38.80 8.70
CA GLN K 7 15.92 -38.98 9.48
C GLN K 7 15.69 -40.10 10.50
N ILE K 8 16.69 -40.97 10.66
CA ILE K 8 16.65 -41.99 11.70
C ILE K 8 18.00 -42.02 12.43
N PRO K 9 18.08 -42.42 13.73
CA PRO K 9 16.90 -42.75 14.55
C PRO K 9 16.28 -41.50 15.15
N GLN K 10 15.21 -41.71 15.90
CA GLN K 10 14.48 -40.63 16.53
C GLN K 10 15.37 -40.04 17.64
N TYR K 11 16.10 -40.91 18.34
CA TYR K 11 16.94 -40.53 19.45
C TYR K 11 18.01 -41.60 19.63
N GLN K 12 19.05 -41.23 20.37
CA GLN K 12 20.14 -42.12 20.74
C GLN K 12 20.66 -41.68 22.11
N HIS K 13 20.72 -42.62 23.07
CA HIS K 13 21.43 -42.45 24.33
C HIS K 13 22.78 -43.15 24.23
N VAL K 14 23.87 -42.38 24.28
CA VAL K 14 25.19 -42.94 24.04
C VAL K 14 26.11 -42.60 25.21
N GLN K 15 27.03 -43.52 25.50
CA GLN K 15 27.95 -43.42 26.59
C GLN K 15 29.05 -42.43 26.23
N GLU K 16 29.36 -41.49 27.13
CA GLU K 16 30.42 -40.51 26.91
C GLU K 16 31.65 -41.24 26.38
N GLY K 17 32.21 -40.74 25.28
CA GLY K 17 33.36 -41.39 24.65
C GLY K 17 32.97 -42.36 23.52
N GLU K 18 31.71 -42.79 23.48
CA GLU K 18 31.21 -43.62 22.38
C GLU K 18 30.83 -42.76 21.18
N ASP K 19 30.55 -43.43 20.05
CA ASP K 19 30.26 -42.79 18.78
C ASP K 19 28.75 -42.64 18.57
N PHE K 20 28.33 -41.56 17.87
CA PHE K 20 26.93 -41.34 17.51
C PHE K 20 26.81 -41.12 16.00
N THR K 21 25.71 -41.64 15.40
CA THR K 21 25.45 -41.47 13.99
C THR K 21 23.97 -41.17 13.78
N THR K 22 23.68 -40.20 12.90
CA THR K 22 22.32 -39.98 12.46
C THR K 22 22.28 -40.05 10.93
N TYR K 23 21.16 -40.54 10.38
CA TYR K 23 21.09 -40.82 8.95
C TYR K 23 19.94 -40.04 8.33
N CYS K 24 20.20 -39.51 7.14
CA CYS K 24 19.28 -38.65 6.44
C CYS K 24 19.00 -39.26 5.07
N ASN K 25 17.71 -39.45 4.74
CA ASN K 25 17.31 -39.97 3.44
C ASN K 25 16.33 -39.02 2.74
N SER K 26 16.49 -38.89 1.42
CA SER K 26 15.58 -38.14 0.56
C SER K 26 15.05 -39.08 -0.52
N SER K 27 13.76 -38.99 -0.82
CA SER K 27 13.16 -39.83 -1.86
C SER K 27 13.49 -39.30 -3.26
N THR K 28 13.76 -37.99 -3.38
CA THR K 28 14.22 -37.43 -4.64
C THR K 28 15.72 -37.12 -4.53
N THR K 29 16.40 -37.01 -5.69
CA THR K 29 17.79 -36.62 -5.71
C THR K 29 17.90 -35.17 -5.26
N LEU K 30 18.92 -34.87 -4.45
CA LEU K 30 19.14 -33.52 -3.96
C LEU K 30 20.23 -32.83 -4.76
N SER K 31 20.21 -31.49 -4.75
CA SER K 31 21.33 -30.71 -5.24
C SER K 31 22.43 -30.69 -4.18
N ASN K 32 22.05 -30.41 -2.93
CA ASN K 32 22.99 -30.34 -1.83
C ASN K 32 22.28 -30.66 -0.51
N ILE K 33 23.07 -30.92 0.56
CA ILE K 33 22.56 -31.24 1.89
C ILE K 33 23.26 -30.32 2.89
N GLN K 34 22.56 -29.96 3.97
CA GLN K 34 23.08 -29.12 5.03
C GLN K 34 22.74 -29.81 6.36
N TRP K 35 23.65 -29.69 7.33
CA TRP K 35 23.45 -30.24 8.67
C TRP K 35 23.42 -29.10 9.68
N TYR K 36 22.53 -29.24 10.67
CA TYR K 36 22.28 -28.25 11.72
C TYR K 36 22.29 -28.96 13.08
N LYS K 37 22.75 -28.21 14.10
CA LYS K 37 22.67 -28.65 15.48
C LYS K 37 21.73 -27.72 16.24
N GLN K 38 20.86 -28.30 17.08
CA GLN K 38 20.03 -27.50 17.95
C GLN K 38 20.33 -27.90 19.39
N ARG K 39 21.15 -27.09 20.07
CA ARG K 39 21.44 -27.27 21.50
C ARG K 39 20.12 -27.30 22.25
N PRO K 40 20.04 -27.96 23.44
CA PRO K 40 18.75 -28.13 24.12
C PRO K 40 18.07 -26.79 24.42
N GLY K 41 16.78 -26.70 24.05
CA GLY K 41 15.97 -25.51 24.27
C GLY K 41 16.35 -24.36 23.34
N GLY K 42 17.18 -24.60 22.32
CA GLY K 42 17.60 -23.59 21.36
C GLY K 42 16.95 -23.79 19.98
N HIS K 43 17.60 -23.28 18.92
CA HIS K 43 17.12 -23.43 17.56
C HIS K 43 18.21 -24.01 16.66
N PRO K 44 17.88 -24.47 15.43
CA PRO K 44 18.90 -25.07 14.55
C PRO K 44 19.93 -24.06 14.04
N VAL K 45 21.20 -24.41 14.22
CA VAL K 45 22.33 -23.61 13.77
C VAL K 45 23.18 -24.45 12.82
N PHE K 46 23.60 -23.84 11.70
CA PHE K 46 24.21 -24.54 10.60
C PHE K 46 25.59 -25.07 11.02
N LEU K 47 25.88 -26.31 10.65
CA LEU K 47 27.18 -26.94 10.84
C LEU K 47 27.97 -26.88 9.54
N ILE K 48 27.46 -27.52 8.47
CA ILE K 48 28.23 -27.71 7.25
C ILE K 48 27.25 -28.01 6.12
N GLN K 49 27.75 -27.92 4.88
CA GLN K 49 27.00 -28.23 3.69
C GLN K 49 27.84 -29.13 2.80
N LEU K 50 27.21 -30.14 2.16
CA LEU K 50 27.88 -30.98 1.17
C LEU K 50 27.18 -30.82 -0.17
N VAL K 51 27.95 -30.93 -1.27
CA VAL K 51 27.45 -30.59 -2.59
C VAL K 51 27.66 -31.77 -3.55
N LYS K 52 28.83 -32.43 -3.44
CA LYS K 52 29.24 -33.43 -4.41
C LYS K 52 28.84 -34.82 -3.95
N SER K 53 28.34 -35.62 -4.88
CA SER K 53 28.15 -37.04 -4.70
C SER K 53 29.42 -37.64 -4.08
N GLY K 54 29.25 -38.38 -2.97
CA GLY K 54 30.35 -39.12 -2.36
C GLY K 54 31.27 -38.25 -1.48
N GLU K 55 30.93 -36.98 -1.27
CA GLU K 55 31.79 -36.06 -0.55
C GLU K 55 31.83 -36.43 0.94
N VAL K 56 33.02 -36.27 1.55
CA VAL K 56 33.22 -36.48 2.98
C VAL K 56 33.86 -35.22 3.53
N LYS K 57 33.31 -34.65 4.62
CA LYS K 57 33.89 -33.49 5.28
C LYS K 57 34.04 -33.78 6.76
N LYS K 58 35.05 -33.17 7.38
CA LYS K 58 35.35 -33.38 8.79
C LYS K 58 35.39 -32.03 9.47
N GLN K 59 34.77 -31.93 10.64
CA GLN K 59 34.75 -30.70 11.41
C GLN K 59 34.97 -31.11 12.86
N LYS K 60 36.26 -31.18 13.26
CA LYS K 60 36.62 -31.63 14.58
C LYS K 60 36.20 -33.11 14.71
N ARG K 61 35.35 -33.45 15.69
CA ARG K 61 35.00 -34.86 15.89
C ARG K 61 33.81 -35.29 15.04
N LEU K 62 33.34 -34.39 14.16
CA LEU K 62 32.14 -34.63 13.38
C LEU K 62 32.56 -34.94 11.95
N THR K 63 32.02 -36.03 11.40
CA THR K 63 32.29 -36.45 10.02
C THR K 63 30.95 -36.50 9.28
N PHE K 64 30.91 -35.88 8.10
CA PHE K 64 29.72 -35.79 7.29
C PHE K 64 29.97 -36.46 5.96
N GLN K 65 28.96 -37.17 5.45
CA GLN K 65 29.07 -37.97 4.25
C GLN K 65 27.86 -37.77 3.34
N PHE K 66 28.11 -37.64 2.03
CA PHE K 66 27.03 -37.50 1.06
C PHE K 66 27.08 -38.66 0.08
N GLY K 67 25.94 -39.34 -0.09
CA GLY K 67 25.89 -40.55 -0.90
C GLY K 67 26.14 -40.31 -2.39
N GLU K 68 26.42 -41.38 -3.12
CA GLU K 68 26.76 -41.33 -4.54
C GLU K 68 25.56 -40.84 -5.37
N ALA K 69 24.34 -41.24 -4.98
CA ALA K 69 23.14 -40.87 -5.70
C ALA K 69 22.51 -39.58 -5.16
N LYS K 70 23.16 -38.94 -4.18
CA LYS K 70 22.69 -37.69 -3.59
C LYS K 70 21.28 -37.84 -3.00
N LYS K 71 21.00 -39.01 -2.39
CA LYS K 71 19.72 -39.27 -1.77
C LYS K 71 19.88 -39.56 -0.28
N ASN K 72 21.14 -39.59 0.19
CA ASN K 72 21.44 -40.03 1.55
C ASN K 72 22.68 -39.31 2.08
N SER K 73 22.61 -38.97 3.38
CA SER K 73 23.72 -38.33 4.08
C SER K 73 23.76 -38.81 5.52
N SER K 74 24.95 -38.83 6.11
CA SER K 74 25.06 -39.18 7.53
C SER K 74 25.94 -38.15 8.27
N LEU K 75 25.63 -37.95 9.56
CA LEU K 75 26.43 -37.17 10.50
C LEU K 75 26.92 -38.11 11.59
N HIS K 76 28.24 -38.16 11.81
CA HIS K 76 28.88 -39.07 12.75
C HIS K 76 29.73 -38.27 13.73
N ILE K 77 29.58 -38.55 15.03
CA ILE K 77 30.39 -37.92 16.06
C ILE K 77 31.27 -38.99 16.71
N THR K 78 32.58 -38.77 16.70
CA THR K 78 33.51 -39.67 17.39
C THR K 78 33.74 -39.14 18.82
N ALA K 79 33.76 -40.04 19.82
CA ALA K 79 34.03 -39.66 21.20
C ALA K 79 33.02 -38.62 21.69
N THR K 80 31.73 -38.98 21.75
CA THR K 80 30.74 -37.99 22.17
C THR K 80 31.10 -37.46 23.54
N GLN K 81 30.84 -36.16 23.74
CA GLN K 81 30.94 -35.50 25.02
C GLN K 81 29.57 -34.95 25.38
N THR K 82 29.35 -34.66 26.67
CA THR K 82 28.08 -34.11 27.14
C THR K 82 27.75 -32.81 26.42
N THR K 83 28.78 -32.09 25.96
CA THR K 83 28.56 -30.81 25.28
C THR K 83 27.98 -31.01 23.88
N ASP K 84 27.89 -32.26 23.41
CA ASP K 84 27.36 -32.58 22.09
C ASP K 84 25.83 -32.73 22.14
N VAL K 85 25.26 -32.81 23.36
CA VAL K 85 23.84 -33.04 23.54
C VAL K 85 23.01 -32.04 22.74
N GLY K 86 21.89 -32.55 22.19
CA GLY K 86 20.91 -31.76 21.45
C GLY K 86 20.39 -32.51 20.21
N THR K 87 19.60 -31.82 19.37
CA THR K 87 18.99 -32.47 18.23
C THR K 87 19.73 -32.08 16.96
N TYR K 88 20.11 -33.09 16.18
CA TYR K 88 20.77 -32.86 14.91
C TYR K 88 19.77 -33.04 13.78
N PHE K 89 19.74 -32.05 12.88
CA PHE K 89 18.79 -31.98 11.77
C PHE K 89 19.56 -31.91 10.45
N CYS K 90 19.06 -32.60 9.43
CA CYS K 90 19.59 -32.39 8.09
C CYS K 90 18.57 -31.57 7.30
N ALA K 91 19.04 -30.96 6.20
CA ALA K 91 18.15 -30.22 5.31
C ALA K 91 18.61 -30.36 3.87
N GLY K 92 17.65 -30.74 3.02
CA GLY K 92 17.89 -30.96 1.60
C GLY K 92 17.49 -29.70 0.85
N TYR K 93 18.24 -29.45 -0.22
CA TYR K 93 17.98 -28.41 -1.20
C TYR K 93 17.86 -29.04 -2.59
N THR K 94 16.74 -28.74 -3.28
CA THR K 94 16.60 -29.09 -4.67
C THR K 94 16.61 -27.82 -5.53
N SER K 95 17.54 -27.79 -6.51
CA SER K 95 17.57 -26.70 -7.46
C SER K 95 16.18 -26.48 -8.05
N GLY K 96 15.90 -25.20 -8.33
CA GLY K 96 14.67 -24.84 -8.98
C GLY K 96 13.60 -24.48 -7.95
N THR K 97 13.93 -24.61 -6.66
CA THR K 97 12.96 -24.35 -5.61
C THR K 97 13.49 -23.30 -4.65
N TYR K 98 12.60 -22.84 -3.76
CA TYR K 98 12.95 -21.79 -2.81
C TYR K 98 12.96 -22.30 -1.36
N LYS K 99 13.24 -23.60 -1.14
CA LYS K 99 12.90 -24.22 0.13
C LYS K 99 14.06 -25.08 0.64
N TYR K 100 14.37 -24.93 1.93
CA TYR K 100 15.17 -25.90 2.66
C TYR K 100 14.21 -26.87 3.34
N ILE K 101 14.34 -28.17 3.07
CA ILE K 101 13.45 -29.17 3.66
C ILE K 101 14.22 -29.97 4.72
N PHE K 102 13.77 -29.84 5.98
CA PHE K 102 14.46 -30.36 7.16
C PHE K 102 13.98 -31.77 7.45
N GLY K 103 14.91 -32.65 7.82
CA GLY K 103 14.55 -33.95 8.37
C GLY K 103 13.87 -33.82 9.73
N THR K 104 13.53 -34.97 10.30
CA THR K 104 12.74 -35.04 11.52
C THR K 104 13.66 -34.93 12.75
N GLY K 105 14.98 -35.12 12.59
CA GLY K 105 15.94 -34.88 13.66
C GLY K 105 16.30 -36.15 14.43
N THR K 106 17.51 -36.21 14.97
CA THR K 106 17.92 -37.22 15.95
C THR K 106 18.37 -36.51 17.22
N ARG K 107 17.76 -36.84 18.35
CA ARG K 107 18.11 -36.28 19.65
C ARG K 107 19.28 -37.07 20.24
N LEU K 108 20.37 -36.38 20.60
CA LEU K 108 21.52 -37.02 21.25
C LEU K 108 21.51 -36.68 22.74
N LYS K 109 21.44 -37.73 23.57
CA LYS K 109 21.62 -37.68 25.02
C LYS K 109 22.92 -38.45 25.35
N VAL K 110 23.84 -37.76 26.04
CA VAL K 110 25.11 -38.37 26.42
C VAL K 110 25.04 -38.82 27.88
N LEU K 111 25.08 -40.16 28.10
CA LEU K 111 25.20 -40.77 29.42
C LEU K 111 26.64 -40.61 29.94
N ALA K 112 26.81 -39.98 31.12
CA ALA K 112 28.14 -39.64 31.58
C ALA K 112 28.79 -40.86 32.24
N ASN K 113 30.13 -40.95 32.15
CA ASN K 113 30.86 -42.04 32.78
C ASN K 113 31.12 -41.69 34.24
N ILE K 114 30.53 -42.49 35.15
CA ILE K 114 30.63 -42.22 36.57
C ILE K 114 31.71 -43.12 37.16
N GLN K 115 32.83 -42.48 37.55
CA GLN K 115 34.06 -43.15 37.93
C GLN K 115 33.87 -43.97 39.20
N ASN K 116 33.27 -43.36 40.24
CA ASN K 116 33.10 -44.00 41.53
C ASN K 116 31.65 -43.86 41.98
N PRO K 117 30.72 -44.70 41.49
CA PRO K 117 29.32 -44.63 41.94
C PRO K 117 29.22 -44.65 43.46
N ASP K 118 28.32 -43.81 43.97
CA ASP K 118 28.09 -43.69 45.40
C ASP K 118 26.61 -43.50 45.65
N PRO K 119 25.75 -44.41 45.15
CA PRO K 119 24.31 -44.21 45.18
C PRO K 119 23.81 -43.91 46.59
N ALA K 120 23.02 -42.83 46.70
CA ALA K 120 22.46 -42.41 47.96
C ALA K 120 21.13 -41.69 47.69
N VAL K 121 20.26 -41.72 48.70
CA VAL K 121 19.04 -40.94 48.70
C VAL K 121 19.08 -40.04 49.93
N TYR K 122 19.04 -38.71 49.71
CA TYR K 122 19.08 -37.77 50.81
C TYR K 122 17.77 -37.00 50.89
N GLN K 123 17.39 -36.63 52.11
CA GLN K 123 16.25 -35.75 52.32
C GLN K 123 16.74 -34.32 52.53
N LEU K 124 16.08 -33.39 51.82
CA LEU K 124 16.30 -31.96 51.97
C LEU K 124 15.01 -31.30 52.47
N ARG K 125 15.15 -30.34 53.42
CA ARG K 125 14.01 -29.59 53.96
C ARG K 125 14.03 -28.16 53.41
N ASP K 126 12.83 -27.57 53.25
CA ASP K 126 12.64 -26.25 52.64
C ASP K 126 13.39 -25.19 53.43
N SER K 127 14.11 -24.31 52.70
CA SER K 127 14.82 -23.19 53.29
C SER K 127 13.86 -22.20 53.96
N LYS K 128 12.62 -22.11 53.44
CA LYS K 128 11.62 -21.19 54.00
C LYS K 128 10.67 -21.96 54.94
N SER K 133 8.72 -31.07 51.42
CA SER K 133 10.16 -31.41 51.35
C SER K 133 10.42 -32.48 50.28
N VAL K 134 11.69 -32.70 49.97
CA VAL K 134 12.10 -33.37 48.75
C VAL K 134 13.16 -34.42 49.04
N CYS K 135 13.23 -35.42 48.15
CA CYS K 135 14.21 -36.49 48.21
C CYS K 135 15.11 -36.44 46.98
N LEU K 136 16.42 -36.52 47.19
CA LEU K 136 17.40 -36.48 46.10
C LEU K 136 18.09 -37.84 45.99
N PHE K 137 17.83 -38.56 44.89
CA PHE K 137 18.59 -39.75 44.56
C PHE K 137 19.79 -39.30 43.74
N THR K 138 21.01 -39.61 44.18
CA THR K 138 22.20 -39.04 43.53
C THR K 138 23.35 -40.05 43.51
N ASP K 139 24.30 -39.80 42.59
CA ASP K 139 25.61 -40.45 42.52
C ASP K 139 25.51 -41.91 42.07
N PHE K 140 24.38 -42.27 41.46
CA PHE K 140 24.21 -43.58 40.84
C PHE K 140 24.94 -43.61 39.49
N ASP K 141 25.16 -44.85 39.01
CA ASP K 141 25.75 -45.07 37.70
C ASP K 141 24.69 -44.86 36.63
N SER K 142 25.13 -44.48 35.43
CA SER K 142 24.27 -44.04 34.33
C SER K 142 23.37 -45.16 33.81
N GLN K 143 23.66 -46.40 34.23
CA GLN K 143 22.88 -47.56 33.83
C GLN K 143 21.54 -47.59 34.56
N THR K 144 21.39 -46.71 35.57
CA THR K 144 20.17 -46.61 36.35
C THR K 144 19.12 -45.81 35.58
N ASN K 145 17.91 -46.37 35.49
CA ASN K 145 16.75 -45.66 35.00
C ASN K 145 15.84 -45.38 36.19
N VAL K 146 15.36 -44.14 36.28
CA VAL K 146 14.43 -43.76 37.32
C VAL K 146 13.03 -43.82 36.73
N SER K 147 12.10 -44.42 37.45
CA SER K 147 10.75 -44.60 36.96
C SER K 147 9.84 -43.49 37.48
N GLN K 148 8.78 -43.18 36.73
CA GLN K 148 7.68 -42.36 37.20
C GLN K 148 6.99 -43.06 38.37
N SER K 149 6.16 -42.33 39.10
CA SER K 149 5.49 -42.95 40.23
C SER K 149 4.14 -43.50 39.77
N LYS K 150 3.66 -44.51 40.50
CA LYS K 150 2.31 -45.03 40.31
C LYS K 150 1.34 -44.23 41.16
N ASP K 151 1.85 -43.66 42.28
CA ASP K 151 1.05 -42.77 43.12
C ASP K 151 1.05 -41.39 42.45
N SER K 152 -0.14 -40.88 42.13
CA SER K 152 -0.23 -39.65 41.35
C SER K 152 -0.07 -38.41 42.24
N ASP K 153 0.05 -38.61 43.55
CA ASP K 153 0.41 -37.51 44.43
C ASP K 153 1.92 -37.51 44.75
N VAL K 154 2.71 -38.30 44.03
CA VAL K 154 4.15 -38.36 44.19
C VAL K 154 4.78 -38.01 42.85
N TYR K 155 5.62 -36.98 42.82
CA TYR K 155 6.24 -36.51 41.57
C TYR K 155 7.70 -36.95 41.61
N ILE K 156 8.18 -37.52 40.50
CA ILE K 156 9.57 -37.96 40.41
C ILE K 156 10.13 -37.59 39.04
N THR K 157 11.21 -36.81 39.03
CA THR K 157 11.79 -36.27 37.81
C THR K 157 12.78 -37.29 37.29
N ASP K 158 13.09 -37.20 35.99
CA ASP K 158 14.07 -38.07 35.38
C ASP K 158 15.46 -37.58 35.79
N LYS K 159 16.49 -38.37 35.48
CA LYS K 159 17.83 -38.08 35.93
C LYS K 159 18.42 -36.98 35.06
N CYS K 160 19.23 -36.08 35.64
CA CYS K 160 20.17 -35.36 34.80
C CYS K 160 21.57 -35.31 35.40
N VAL K 161 22.54 -35.06 34.51
CA VAL K 161 23.95 -35.04 34.86
C VAL K 161 24.44 -33.60 34.96
N LEU K 162 25.06 -33.27 36.10
CA LEU K 162 25.70 -31.98 36.26
C LEU K 162 27.22 -32.14 36.25
N ASP K 163 27.94 -31.09 35.89
CA ASP K 163 29.38 -31.11 35.72
C ASP K 163 30.00 -29.99 36.54
N MET K 164 30.73 -30.36 37.59
CA MET K 164 31.50 -29.41 38.38
C MET K 164 32.84 -29.19 37.68
N ARG K 165 32.84 -28.17 36.82
CA ARG K 165 33.85 -27.94 35.80
C ARG K 165 35.23 -27.83 36.43
N SER K 166 35.34 -27.04 37.52
CA SER K 166 36.63 -26.79 38.15
C SER K 166 37.20 -28.05 38.79
N MET K 167 36.32 -28.92 39.33
CA MET K 167 36.72 -30.15 40.00
C MET K 167 36.69 -31.35 39.04
N ASP K 168 36.51 -31.07 37.74
CA ASP K 168 36.41 -32.09 36.70
C ASP K 168 35.60 -33.30 37.17
N PHE K 169 34.39 -33.05 37.71
CA PHE K 169 33.57 -34.09 38.32
C PHE K 169 32.14 -34.00 37.78
N LYS K 170 31.52 -35.15 37.48
CA LYS K 170 30.14 -35.19 37.03
C LYS K 170 29.32 -36.07 37.96
N SER K 171 28.00 -35.82 38.02
CA SER K 171 27.13 -36.62 38.86
C SER K 171 25.72 -36.58 38.34
N ASN K 172 25.04 -37.73 38.43
CA ASN K 172 23.63 -37.87 38.13
C ASN K 172 22.80 -37.59 39.37
N SER K 173 21.52 -37.23 39.16
CA SER K 173 20.56 -37.13 40.23
C SER K 173 19.13 -37.11 39.67
N ALA K 174 18.18 -37.50 40.52
CA ALA K 174 16.75 -37.38 40.25
C ALA K 174 16.06 -36.94 41.54
N VAL K 175 14.88 -36.32 41.40
CA VAL K 175 14.25 -35.67 42.53
C VAL K 175 12.85 -36.24 42.65
N ALA K 176 12.39 -36.50 43.89
CA ALA K 176 11.02 -36.91 44.15
C ALA K 176 10.48 -36.05 45.28
N TRP K 177 9.18 -35.74 45.22
CA TRP K 177 8.53 -34.98 46.29
C TRP K 177 7.03 -35.31 46.31
N SER K 178 6.38 -35.07 47.46
CA SER K 178 5.01 -35.49 47.68
C SER K 178 4.48 -34.86 48.97
N ASN K 179 3.22 -35.16 49.33
CA ASN K 179 2.72 -34.88 50.67
C ASN K 179 2.70 -36.18 51.48
N ASP K 182 3.99 -37.90 55.16
CA ASP K 182 3.33 -39.20 54.86
C ASP K 182 4.32 -40.03 54.03
N PHE K 183 5.08 -39.32 53.21
CA PHE K 183 6.01 -39.87 52.24
C PHE K 183 7.40 -39.95 52.88
N ALA K 184 8.17 -40.97 52.50
CA ALA K 184 9.50 -41.10 53.08
C ALA K 184 10.52 -41.39 51.99
N CYS K 185 11.71 -40.80 52.16
CA CYS K 185 12.77 -40.95 51.17
C CYS K 185 13.09 -42.42 50.97
N ALA K 186 12.94 -43.20 52.05
CA ALA K 186 13.14 -44.64 52.03
C ALA K 186 12.27 -45.30 50.96
N ASN K 187 11.06 -44.77 50.72
CA ASN K 187 10.11 -45.41 49.82
C ASN K 187 9.94 -44.65 48.51
N ALA K 188 10.54 -43.45 48.39
CA ALA K 188 10.22 -42.53 47.30
C ALA K 188 10.46 -43.18 45.94
N PHE K 189 11.59 -43.90 45.82
CA PHE K 189 12.06 -44.41 44.54
C PHE K 189 11.80 -45.91 44.43
N ASN K 190 10.79 -46.42 45.15
CA ASN K 190 10.44 -47.84 45.18
C ASN K 190 10.04 -48.39 43.80
N ASN K 191 9.61 -47.52 42.89
CA ASN K 191 9.16 -47.95 41.57
C ASN K 191 10.37 -48.21 40.66
N SER K 192 11.55 -47.80 41.12
CA SER K 192 12.77 -47.88 40.34
C SER K 192 13.59 -49.08 40.82
N ILE K 193 14.45 -49.58 39.93
CA ILE K 193 15.44 -50.57 40.30
C ILE K 193 16.74 -49.84 40.62
N ILE K 194 17.00 -49.65 41.92
CA ILE K 194 18.16 -48.90 42.38
C ILE K 194 19.21 -49.86 42.93
N PRO K 195 20.51 -49.50 42.97
CA PRO K 195 21.53 -50.42 43.47
C PRO K 195 21.22 -50.97 44.85
N ASP K 197 23.14 -51.51 47.27
CA ASP K 197 23.97 -50.81 48.29
C ASP K 197 23.62 -49.32 48.36
N THR K 198 22.44 -48.91 47.85
CA THR K 198 22.06 -47.51 47.93
C THR K 198 21.97 -47.11 49.41
N PHE K 199 22.64 -46.01 49.77
CA PHE K 199 22.63 -45.48 51.13
C PHE K 199 21.25 -44.94 51.46
N PHE K 200 20.76 -45.18 52.69
CA PHE K 200 19.48 -44.59 53.09
C PHE K 200 19.57 -44.08 54.53
N PRO K 201 20.32 -42.99 54.82
CA PRO K 201 20.72 -42.65 56.19
C PRO K 201 19.54 -42.30 57.08
N GLY L 2 19.61 -5.79 11.44
CA GLY L 2 20.40 -6.36 12.56
C GLY L 2 21.45 -7.33 12.03
N ALA L 3 22.42 -7.70 12.90
CA ALA L 3 23.44 -8.70 12.62
C ALA L 3 22.87 -10.13 12.67
N GLY L 4 21.71 -10.30 13.33
CA GLY L 4 21.02 -11.56 13.48
C GLY L 4 19.54 -11.40 13.19
N VAL L 5 18.83 -12.53 13.10
CA VAL L 5 17.40 -12.52 12.80
C VAL L 5 16.66 -12.26 14.11
N SER L 6 15.72 -11.30 14.11
CA SER L 6 15.05 -10.91 15.34
C SER L 6 13.56 -11.25 15.24
N GLN L 7 13.02 -11.93 16.26
CA GLN L 7 11.60 -12.27 16.28
C GLN L 7 10.96 -11.81 17.58
N SER L 8 9.71 -11.35 17.50
CA SER L 8 8.94 -11.04 18.69
C SER L 8 7.47 -11.42 18.48
N PRO L 9 6.74 -11.76 19.55
CA PRO L 9 7.34 -11.91 20.89
C PRO L 9 8.11 -13.23 20.97
N ARG L 10 8.89 -13.40 22.03
CA ARG L 10 9.60 -14.66 22.19
C ARG L 10 8.60 -15.74 22.59
N TYR L 11 7.60 -15.37 23.39
CA TYR L 11 6.59 -16.29 23.88
C TYR L 11 5.22 -15.62 23.79
N LYS L 12 4.19 -16.41 23.47
CA LYS L 12 2.85 -15.91 23.29
C LYS L 12 1.87 -16.96 23.78
N VAL L 13 0.94 -16.52 24.65
CA VAL L 13 -0.23 -17.30 25.02
C VAL L 13 -1.45 -16.73 24.31
N ALA L 14 -2.19 -17.57 23.58
CA ALA L 14 -3.41 -17.12 22.94
C ALA L 14 -4.58 -17.96 23.44
N LYS L 15 -5.75 -17.31 23.58
CA LYS L 15 -6.99 -18.02 23.84
C LYS L 15 -7.48 -18.60 22.52
N ARG L 16 -7.85 -19.90 22.51
CA ARG L 16 -8.40 -20.55 21.33
C ARG L 16 -9.46 -19.64 20.68
N GLY L 17 -9.32 -19.42 19.37
CA GLY L 17 -10.27 -18.61 18.61
C GLY L 17 -9.81 -17.17 18.39
N GLN L 18 -8.78 -16.72 19.14
CA GLN L 18 -8.25 -15.38 18.97
C GLN L 18 -7.18 -15.39 17.88
N ASP L 19 -6.96 -14.21 17.27
CA ASP L 19 -5.94 -14.03 16.25
C ASP L 19 -4.60 -13.75 16.93
N VAL L 20 -3.49 -14.14 16.28
CA VAL L 20 -2.16 -13.74 16.71
C VAL L 20 -1.36 -13.17 15.54
N ALA L 21 -0.41 -12.30 15.86
CA ALA L 21 0.57 -11.77 14.92
C ALA L 21 1.99 -12.01 15.45
N LEU L 22 2.82 -12.64 14.62
CA LEU L 22 4.22 -12.88 14.95
C LEU L 22 5.09 -12.04 14.03
N ARG L 23 6.06 -11.34 14.63
CA ARG L 23 6.90 -10.41 13.89
C ARG L 23 8.30 -10.98 13.65
N CYS L 24 8.86 -10.71 12.47
CA CYS L 24 10.23 -11.11 12.18
C CYS L 24 10.99 -10.01 11.46
N ASP L 25 12.23 -9.80 11.91
CA ASP L 25 13.07 -8.72 11.41
C ASP L 25 14.37 -9.31 10.90
N PRO L 26 14.56 -9.47 9.56
CA PRO L 26 15.67 -10.25 9.01
C PRO L 26 17.03 -9.57 9.14
N ILE L 27 18.11 -10.32 8.87
CA ILE L 27 19.45 -9.73 8.83
C ILE L 27 19.41 -8.61 7.79
N SER L 28 20.01 -7.46 8.12
CA SER L 28 20.06 -6.31 7.23
C SER L 28 20.52 -6.70 5.83
N GLY L 29 19.71 -6.32 4.84
CA GLY L 29 20.03 -6.52 3.43
C GLY L 29 19.73 -7.93 2.90
N HIS L 30 19.26 -8.85 3.76
CA HIS L 30 18.91 -10.16 3.26
C HIS L 30 17.63 -10.08 2.44
N VAL L 31 17.71 -10.60 1.21
CA VAL L 31 16.63 -10.53 0.25
C VAL L 31 15.57 -11.58 0.57
N SER L 32 16.02 -12.75 1.06
CA SER L 32 15.14 -13.88 1.28
C SER L 32 14.66 -13.94 2.74
N LEU L 33 13.38 -14.28 2.93
CA LEU L 33 12.78 -14.47 4.24
C LEU L 33 11.89 -15.70 4.20
N PHE L 34 12.01 -16.54 5.23
CA PHE L 34 11.22 -17.76 5.31
C PHE L 34 10.49 -17.82 6.65
N TRP L 35 9.31 -18.44 6.63
CA TRP L 35 8.62 -18.89 7.82
C TRP L 35 8.62 -20.42 7.86
N TYR L 36 8.94 -20.97 9.04
CA TYR L 36 8.87 -22.41 9.30
C TYR L 36 8.10 -22.64 10.60
N GLN L 37 7.43 -23.80 10.70
CA GLN L 37 6.74 -24.18 11.91
C GLN L 37 7.43 -25.44 12.45
N GLN L 38 7.70 -25.42 13.78
CA GLN L 38 8.34 -26.57 14.42
C GLN L 38 7.51 -27.01 15.63
N ALA L 39 6.87 -28.18 15.53
CA ALA L 39 6.13 -28.78 16.64
C ALA L 39 7.15 -29.15 17.71
N LEU L 40 6.77 -29.08 19.00
CA LEU L 40 7.75 -29.36 20.06
C LEU L 40 8.32 -30.77 19.85
N GLY L 41 9.65 -30.90 19.94
CA GLY L 41 10.27 -32.21 19.75
C GLY L 41 10.42 -32.65 18.30
N GLN L 42 10.03 -31.80 17.34
CA GLN L 42 10.08 -32.12 15.92
C GLN L 42 11.04 -31.20 15.16
N GLY L 43 11.10 -31.37 13.84
CA GLY L 43 11.93 -30.51 12.98
C GLY L 43 11.13 -29.37 12.35
N PRO L 44 11.81 -28.34 11.79
CA PRO L 44 11.13 -27.27 11.07
C PRO L 44 10.38 -27.78 9.84
N GLU L 45 9.16 -27.28 9.60
CA GLU L 45 8.42 -27.55 8.38
C GLU L 45 8.11 -26.23 7.66
N PHE L 46 8.34 -26.20 6.34
CA PHE L 46 8.23 -24.96 5.56
C PHE L 46 6.78 -24.45 5.54
N LEU L 47 6.62 -23.13 5.72
CA LEU L 47 5.35 -22.43 5.58
C LEU L 47 5.35 -21.58 4.31
N THR L 48 6.25 -20.56 4.23
CA THR L 48 6.19 -19.60 3.13
C THR L 48 7.55 -18.91 2.93
N TYR L 49 7.76 -18.36 1.73
CA TYR L 49 9.01 -17.73 1.33
C TYR L 49 8.78 -16.41 0.60
N PHE L 50 9.59 -15.40 0.92
CA PHE L 50 9.55 -14.08 0.31
C PHE L 50 10.91 -13.78 -0.33
N GLN L 51 10.87 -13.25 -1.56
CA GLN L 51 12.02 -12.63 -2.19
C GLN L 51 11.70 -11.14 -2.25
N ASN L 52 12.40 -10.33 -1.45
CA ASN L 52 11.98 -8.96 -1.19
C ASN L 52 10.52 -8.99 -0.72
N GLU L 53 9.64 -8.21 -1.36
CA GLU L 53 8.26 -8.12 -0.91
C GLU L 53 7.40 -9.21 -1.51
N ALA L 54 7.91 -9.91 -2.53
CA ALA L 54 7.12 -10.91 -3.27
C ALA L 54 7.09 -12.26 -2.56
N GLN L 55 5.86 -12.74 -2.28
CA GLN L 55 5.66 -14.03 -1.65
C GLN L 55 5.67 -15.10 -2.74
N LEU L 56 6.86 -15.61 -3.08
CA LEU L 56 7.03 -16.48 -4.24
C LEU L 56 6.64 -17.94 -3.99
N ASP L 57 6.57 -18.41 -2.73
CA ASP L 57 6.14 -19.79 -2.50
C ASP L 57 5.34 -19.84 -1.20
N LYS L 58 4.01 -20.03 -1.29
CA LYS L 58 3.18 -20.11 -0.08
C LYS L 58 2.67 -21.53 0.19
N SER L 59 3.33 -22.54 -0.40
CA SER L 59 2.81 -23.89 -0.50
C SER L 59 2.69 -24.59 0.86
N GLY L 60 3.37 -24.12 1.90
CA GLY L 60 3.40 -24.85 3.16
C GLY L 60 2.37 -24.33 4.15
N LEU L 61 1.76 -23.18 3.84
CA LEU L 61 0.74 -22.59 4.70
C LEU L 61 -0.41 -23.58 4.82
N PRO L 62 -0.80 -24.01 6.03
CA PRO L 62 -1.68 -25.17 6.16
C PRO L 62 -3.16 -24.91 5.85
N SER L 63 -3.60 -23.65 5.98
CA SER L 63 -4.96 -23.23 5.70
C SER L 63 -4.99 -21.72 5.46
N ASP L 64 -6.18 -21.21 5.18
CA ASP L 64 -6.37 -19.80 4.93
C ASP L 64 -6.20 -19.01 6.22
N ARG L 65 -6.29 -19.69 7.37
CA ARG L 65 -6.11 -19.03 8.66
C ARG L 65 -4.71 -18.44 8.79
N PHE L 66 -3.76 -18.98 7.99
CA PHE L 66 -2.37 -18.53 8.04
C PHE L 66 -2.08 -17.63 6.85
N PHE L 67 -1.63 -16.40 7.13
CA PHE L 67 -1.22 -15.53 6.03
C PHE L 67 -0.07 -14.62 6.48
N ALA L 68 0.88 -14.41 5.56
CA ALA L 68 2.09 -13.67 5.87
C ALA L 68 2.14 -12.41 5.02
N GLU L 69 2.77 -11.35 5.53
CA GLU L 69 3.08 -10.19 4.71
C GLU L 69 4.52 -9.74 4.99
N ARG L 70 5.09 -9.03 4.01
CA ARG L 70 6.40 -8.41 4.09
C ARG L 70 6.35 -7.18 3.18
N PRO L 71 5.53 -6.16 3.54
CA PRO L 71 5.14 -5.10 2.61
C PRO L 71 6.25 -4.22 2.03
N GLU L 72 7.35 -4.07 2.77
CA GLU L 72 8.47 -3.26 2.33
C GLU L 72 9.71 -4.12 2.07
N GLY L 73 9.54 -5.44 2.05
CA GLY L 73 10.61 -6.39 1.76
C GLY L 73 11.67 -6.42 2.87
N SER L 74 11.33 -5.93 4.08
CA SER L 74 12.20 -6.16 5.22
C SER L 74 11.47 -6.95 6.30
N VAL L 75 10.80 -6.28 7.26
CA VAL L 75 10.03 -6.90 8.31
C VAL L 75 8.90 -7.76 7.74
N SER L 76 8.65 -8.93 8.34
CA SER L 76 7.55 -9.78 7.96
C SER L 76 6.68 -10.08 9.16
N THR L 77 5.37 -10.22 8.92
CA THR L 77 4.40 -10.56 9.94
C THR L 77 3.66 -11.82 9.48
N LEU L 78 3.66 -12.83 10.34
CA LEU L 78 2.86 -14.02 10.11
C LEU L 78 1.62 -13.90 11.00
N LYS L 79 0.45 -13.91 10.35
CA LYS L 79 -0.82 -13.77 11.06
C LYS L 79 -1.52 -15.12 11.08
N ILE L 80 -1.94 -15.55 12.27
CA ILE L 80 -2.72 -16.78 12.42
C ILE L 80 -4.11 -16.39 12.93
N GLN L 81 -5.13 -16.61 12.11
CA GLN L 81 -6.48 -16.20 12.48
C GLN L 81 -7.13 -17.33 13.26
N ARG L 82 -7.99 -16.96 14.22
CA ARG L 82 -8.83 -17.89 14.96
C ARG L 82 -8.04 -19.14 15.36
N THR L 83 -7.03 -18.95 16.21
CA THR L 83 -6.06 -19.98 16.59
C THR L 83 -6.77 -21.22 17.15
N GLN L 84 -6.21 -22.38 16.84
CA GLN L 84 -6.64 -23.63 17.43
C GLN L 84 -5.45 -24.33 18.07
N GLN L 85 -5.74 -25.40 18.83
CA GLN L 85 -4.77 -26.02 19.72
C GLN L 85 -3.57 -26.50 18.89
N GLU L 86 -3.86 -27.02 17.69
CA GLU L 86 -2.85 -27.64 16.84
C GLU L 86 -1.85 -26.61 16.32
N ASP L 87 -2.16 -25.32 16.48
CA ASP L 87 -1.27 -24.24 16.05
C ASP L 87 -0.14 -24.02 17.06
N SER L 88 -0.23 -24.62 18.26
CA SER L 88 0.83 -24.50 19.25
C SER L 88 2.11 -25.06 18.66
N ALA L 89 3.15 -24.21 18.61
CA ALA L 89 4.40 -24.63 18.03
C ALA L 89 5.42 -23.51 18.21
N VAL L 90 6.64 -23.77 17.75
CA VAL L 90 7.63 -22.72 17.59
C VAL L 90 7.56 -22.27 16.13
N TYR L 91 7.38 -20.96 15.94
CA TYR L 91 7.44 -20.42 14.58
C TYR L 91 8.81 -19.79 14.36
N LEU L 92 9.55 -20.35 13.40
CA LEU L 92 10.91 -19.92 13.11
C LEU L 92 10.92 -19.06 11.86
N CYS L 93 11.60 -17.93 11.97
CA CYS L 93 11.85 -17.05 10.84
C CYS L 93 13.29 -17.27 10.41
N ALA L 94 13.54 -17.32 9.10
CA ALA L 94 14.91 -17.37 8.62
C ALA L 94 15.08 -16.28 7.56
N SER L 95 16.32 -15.82 7.40
CA SER L 95 16.63 -14.92 6.30
C SER L 95 17.89 -15.43 5.61
N SER L 96 18.02 -15.11 4.32
CA SER L 96 19.14 -15.59 3.52
C SER L 96 19.35 -14.66 2.32
N LEU L 97 20.42 -14.89 1.57
CA LEU L 97 20.58 -14.31 0.25
C LEU L 97 20.33 -15.39 -0.80
N GLY L 98 19.07 -15.79 -0.96
CA GLY L 98 18.80 -16.97 -1.77
C GLY L 98 19.35 -18.23 -1.07
N GLN L 99 20.10 -19.06 -1.80
CA GLN L 99 20.62 -20.29 -1.23
C GLN L 99 21.78 -19.99 -0.26
N GLY L 100 22.19 -18.71 -0.14
CA GLY L 100 23.35 -18.37 0.66
C GLY L 100 22.97 -17.79 2.02
N HIS L 101 23.73 -18.16 3.07
CA HIS L 101 23.67 -17.55 4.38
C HIS L 101 22.33 -17.80 5.11
N PHE L 102 21.69 -18.96 4.85
CA PHE L 102 20.42 -19.28 5.52
C PHE L 102 20.61 -19.23 7.03
N THR L 103 19.86 -18.38 7.73
CA THR L 103 20.00 -18.24 9.18
C THR L 103 18.63 -18.14 9.82
N PHE L 104 18.46 -18.88 10.93
CA PHE L 104 17.22 -18.87 11.69
C PHE L 104 17.29 -17.84 12.82
N GLY L 105 16.12 -17.28 13.16
CA GLY L 105 15.95 -16.58 14.43
C GLY L 105 15.66 -17.58 15.54
N SER L 106 15.49 -17.11 16.77
CA SER L 106 15.27 -17.99 17.90
C SER L 106 13.80 -18.39 18.03
N GLY L 107 12.90 -17.81 17.23
CA GLY L 107 11.55 -18.33 17.13
C GLY L 107 10.58 -17.62 18.05
N THR L 108 9.27 -17.75 17.77
CA THR L 108 8.22 -17.40 18.71
C THR L 108 7.56 -18.69 19.18
N ARG L 109 7.49 -18.85 20.49
CA ARG L 109 6.85 -20.01 21.09
C ARG L 109 5.40 -19.65 21.36
N LEU L 110 4.50 -20.25 20.58
CA LEU L 110 3.07 -19.99 20.73
C LEU L 110 2.41 -21.18 21.44
N THR L 111 1.70 -20.90 22.52
CA THR L 111 0.81 -21.90 23.13
C THR L 111 -0.63 -21.38 23.06
N VAL L 112 -1.49 -22.19 22.42
CA VAL L 112 -2.91 -21.91 22.35
C VAL L 112 -3.59 -22.68 23.49
N VAL L 113 -4.31 -21.94 24.34
CA VAL L 113 -4.93 -22.47 25.54
C VAL L 113 -6.46 -22.27 25.45
N GLU L 114 -7.19 -23.07 26.25
CA GLU L 114 -8.64 -23.11 26.25
C GLU L 114 -9.24 -21.81 26.81
N ASP L 115 -8.80 -21.40 28.00
CA ASP L 115 -9.28 -20.20 28.67
C ASP L 115 -8.11 -19.63 29.46
N LEU L 116 -8.02 -18.30 29.54
CA LEU L 116 -6.85 -17.64 30.09
C LEU L 116 -6.78 -17.84 31.60
N LYS L 117 -7.90 -18.24 32.21
CA LYS L 117 -8.00 -18.47 33.65
C LYS L 117 -7.17 -19.70 34.03
N ASN L 118 -6.73 -20.45 33.02
CA ASN L 118 -5.87 -21.61 33.21
C ASN L 118 -4.40 -21.19 33.40
N VAL L 119 -4.09 -19.89 33.25
CA VAL L 119 -2.70 -19.46 33.22
C VAL L 119 -2.27 -19.09 34.64
N PHE L 120 -1.12 -19.65 35.07
CA PHE L 120 -0.63 -19.46 36.43
C PHE L 120 0.89 -19.32 36.42
N PRO L 121 1.46 -18.37 37.18
CA PRO L 121 2.92 -18.27 37.30
C PRO L 121 3.39 -19.38 38.23
N PRO L 122 4.69 -19.74 38.25
CA PRO L 122 5.15 -20.78 39.17
C PRO L 122 5.25 -20.27 40.61
N GLU L 123 5.14 -21.20 41.57
CA GLU L 123 5.71 -21.00 42.88
C GLU L 123 7.13 -21.56 42.82
N VAL L 124 8.05 -20.93 43.55
CA VAL L 124 9.44 -21.34 43.52
C VAL L 124 9.94 -21.57 44.95
N ALA L 125 10.64 -22.68 45.17
CA ALA L 125 11.18 -23.00 46.48
C ALA L 125 12.58 -23.59 46.34
N VAL L 126 13.44 -23.29 47.31
CA VAL L 126 14.79 -23.83 47.35
C VAL L 126 14.87 -24.74 48.57
N PHE L 127 15.46 -25.94 48.39
CA PHE L 127 15.63 -26.94 49.43
C PHE L 127 17.12 -27.10 49.69
N GLU L 128 17.52 -26.99 50.97
CA GLU L 128 18.93 -26.84 51.34
C GLU L 128 19.58 -28.21 51.43
N PRO L 129 20.92 -28.31 51.19
CA PRO L 129 21.61 -29.60 51.18
C PRO L 129 21.40 -30.42 52.45
N SER L 130 21.40 -31.74 52.29
CA SER L 130 21.35 -32.67 53.41
C SER L 130 22.69 -32.67 54.15
N GLU L 131 22.62 -32.63 55.50
CA GLU L 131 23.80 -32.70 56.34
C GLU L 131 24.56 -33.99 56.08
N ALA L 132 23.77 -35.04 55.79
CA ALA L 132 24.25 -36.39 55.52
C ALA L 132 25.11 -36.41 54.26
N GLU L 133 24.59 -35.75 53.21
CA GLU L 133 25.32 -35.64 51.94
C GLU L 133 26.65 -34.95 52.21
N ILE L 134 26.62 -33.85 52.98
CA ILE L 134 27.81 -33.07 53.24
C ILE L 134 28.89 -33.94 53.88
N SER L 135 28.48 -34.72 54.89
CA SER L 135 29.40 -35.60 55.58
C SER L 135 29.97 -36.69 54.66
N HIS L 136 29.09 -37.29 53.85
CA HIS L 136 29.44 -38.47 53.06
C HIS L 136 30.26 -38.10 51.83
N THR L 137 30.00 -36.93 51.22
CA THR L 137 30.55 -36.62 49.90
C THR L 137 31.40 -35.36 49.93
N GLN L 138 31.29 -34.55 50.99
CA GLN L 138 31.98 -33.26 51.03
C GLN L 138 31.46 -32.34 49.92
N LYS L 139 30.28 -32.69 49.37
CA LYS L 139 29.58 -31.89 48.40
C LYS L 139 28.20 -31.56 48.95
N ALA L 140 27.55 -30.55 48.35
CA ALA L 140 26.28 -30.04 48.84
C ALA L 140 25.38 -29.70 47.66
N THR L 141 24.27 -30.43 47.52
CA THR L 141 23.31 -30.20 46.45
C THR L 141 22.11 -29.43 46.97
N LEU L 142 21.87 -28.23 46.38
CA LEU L 142 20.62 -27.50 46.53
C LEU L 142 19.66 -27.95 45.44
N VAL L 143 18.37 -28.03 45.78
CA VAL L 143 17.34 -28.31 44.79
C VAL L 143 16.37 -27.14 44.71
N CYS L 144 15.99 -26.76 43.47
CA CYS L 144 14.98 -25.76 43.24
C CYS L 144 13.77 -26.45 42.62
N LEU L 145 12.56 -26.13 43.12
CA LEU L 145 11.32 -26.57 42.51
C LEU L 145 10.55 -25.36 42.01
N ALA L 146 10.12 -25.42 40.75
CA ALA L 146 9.13 -24.51 40.20
C ALA L 146 7.86 -25.31 40.00
N THR L 147 6.78 -24.93 40.69
CA THR L 147 5.58 -25.76 40.64
C THR L 147 4.37 -24.91 40.29
N GLY L 148 3.35 -25.57 39.72
CA GLY L 148 2.01 -25.02 39.63
C GLY L 148 1.85 -24.02 38.49
N PHE L 149 2.72 -24.10 37.48
CA PHE L 149 2.70 -23.09 36.43
C PHE L 149 2.00 -23.62 35.18
N TYR L 150 1.43 -22.69 34.42
CA TYR L 150 0.81 -23.04 33.15
C TYR L 150 0.69 -21.79 32.29
N PRO L 151 0.99 -21.84 30.98
CA PRO L 151 1.52 -23.02 30.28
C PRO L 151 3.01 -23.22 30.54
N ASP L 152 3.66 -24.10 29.75
CA ASP L 152 5.06 -24.40 29.97
C ASP L 152 5.96 -23.32 29.34
N HIS L 153 5.97 -22.12 29.97
CA HIS L 153 6.74 -21.00 29.47
C HIS L 153 7.66 -20.49 30.58
N VAL L 154 8.73 -21.23 30.86
CA VAL L 154 9.61 -20.87 31.96
C VAL L 154 11.06 -21.03 31.54
N GLU L 155 11.95 -20.22 32.15
CA GLU L 155 13.39 -20.39 32.08
C GLU L 155 13.95 -20.29 33.49
N LEU L 156 14.63 -21.35 33.95
CA LEU L 156 15.18 -21.42 35.29
C LEU L 156 16.69 -21.11 35.22
N SER L 157 17.19 -20.28 36.14
CA SER L 157 18.62 -20.01 36.23
C SER L 157 19.04 -19.90 37.69
N TRP L 158 20.32 -20.19 38.00
CA TRP L 158 20.85 -20.06 39.34
C TRP L 158 21.83 -18.89 39.37
N TRP L 159 21.77 -18.16 40.51
CA TRP L 159 22.61 -16.99 40.76
C TRP L 159 23.30 -17.15 42.10
N VAL L 160 24.63 -17.09 42.07
CA VAL L 160 25.43 -17.19 43.27
C VAL L 160 26.14 -15.85 43.45
N ASN L 161 25.84 -15.21 44.58
CA ASN L 161 26.41 -13.90 44.87
C ASN L 161 26.18 -12.96 43.69
N GLY L 162 24.98 -13.05 43.09
CA GLY L 162 24.57 -12.06 42.11
C GLY L 162 24.99 -12.42 40.69
N LYS L 163 25.71 -13.54 40.55
CA LYS L 163 26.32 -13.90 39.28
C LYS L 163 25.73 -15.22 38.80
N GLU L 164 25.34 -15.28 37.51
CA GLU L 164 24.72 -16.50 37.03
C GLU L 164 25.75 -17.62 37.02
N VAL L 165 25.35 -18.85 37.36
CA VAL L 165 26.28 -19.98 37.35
C VAL L 165 25.80 -21.05 36.39
N HIS L 166 26.76 -21.72 35.74
CA HIS L 166 26.45 -22.87 34.90
C HIS L 166 27.10 -24.14 35.44
N SER L 167 28.34 -24.01 35.93
CA SER L 167 29.03 -25.14 36.55
C SER L 167 28.20 -25.66 37.72
N GLY L 168 28.01 -26.97 37.77
CA GLY L 168 27.37 -27.56 38.92
C GLY L 168 25.85 -27.57 38.82
N VAL L 169 25.29 -27.22 37.64
CA VAL L 169 23.85 -27.10 37.52
C VAL L 169 23.32 -28.20 36.58
N CYS L 170 22.15 -28.77 36.89
CA CYS L 170 21.33 -29.34 35.84
C CYS L 170 19.84 -29.16 36.13
N THR L 171 19.12 -28.69 35.11
CA THR L 171 17.68 -28.51 35.16
C THR L 171 17.03 -29.63 34.37
N ASP L 172 15.89 -30.14 34.81
CA ASP L 172 15.15 -31.13 34.05
C ASP L 172 14.94 -30.59 32.63
N PRO L 173 15.18 -31.39 31.57
CA PRO L 173 14.84 -30.96 30.20
C PRO L 173 13.34 -30.83 29.99
N GLN L 174 12.52 -31.59 30.71
CA GLN L 174 11.08 -31.58 30.50
C GLN L 174 10.36 -31.37 31.82
N PRO L 175 9.25 -30.60 31.84
CA PRO L 175 8.45 -30.43 33.06
C PRO L 175 7.58 -31.66 33.28
N LEU L 176 7.07 -31.83 34.50
CA LEU L 176 6.13 -32.90 34.83
C LEU L 176 4.73 -32.32 34.79
N LYS L 177 3.77 -33.13 34.34
CA LYS L 177 2.37 -32.79 34.50
C LYS L 177 1.95 -33.08 35.95
N GLU L 178 1.36 -32.09 36.61
CA GLU L 178 0.97 -32.24 38.00
C GLU L 178 -0.31 -33.06 38.12
N GLN L 179 -1.18 -32.97 37.11
CA GLN L 179 -2.36 -33.81 37.08
C GLN L 179 -2.37 -34.51 35.73
N PRO L 180 -1.46 -35.49 35.49
CA PRO L 180 -1.20 -35.98 34.13
C PRO L 180 -2.42 -36.39 33.31
N ALA L 181 -3.53 -36.69 33.99
CA ALA L 181 -4.79 -37.06 33.39
C ALA L 181 -5.45 -35.92 32.60
N LEU L 182 -5.15 -34.66 32.97
CA LEU L 182 -5.83 -33.49 32.40
C LEU L 182 -5.03 -32.88 31.26
N ASN L 183 -5.74 -32.33 30.25
CA ASN L 183 -5.08 -31.75 29.08
C ASN L 183 -4.68 -30.31 29.36
N ASP L 184 -5.47 -29.62 30.19
CA ASP L 184 -4.96 -28.47 30.92
C ASP L 184 -4.51 -29.01 32.26
N SER L 185 -3.22 -29.35 32.38
CA SER L 185 -2.61 -29.69 33.65
C SER L 185 -1.61 -28.59 33.95
N ARG L 186 -1.40 -28.25 35.22
CA ARG L 186 -0.28 -27.39 35.59
C ARG L 186 1.00 -28.20 35.51
N TYR L 187 2.15 -27.51 35.56
CA TYR L 187 3.44 -28.16 35.39
C TYR L 187 4.33 -27.91 36.59
N ALA L 188 5.36 -28.75 36.72
CA ALA L 188 6.38 -28.59 37.72
C ALA L 188 7.72 -28.92 37.08
N LEU L 189 8.80 -28.31 37.61
CA LEU L 189 10.13 -28.51 37.06
C LEU L 189 11.14 -28.40 38.21
N SER L 190 12.21 -29.20 38.13
CA SER L 190 13.23 -29.17 39.16
C SER L 190 14.58 -28.82 38.58
N SER L 191 15.46 -28.28 39.45
CA SER L 191 16.85 -28.02 39.10
C SER L 191 17.73 -28.30 40.31
N ARG L 192 19.00 -28.63 40.06
CA ARG L 192 19.96 -28.87 41.12
C ARG L 192 21.19 -28.00 40.88
N LEU L 193 21.76 -27.51 41.98
CA LEU L 193 23.04 -26.83 42.00
C LEU L 193 23.89 -27.51 43.06
N ARG L 194 25.05 -28.06 42.65
CA ARG L 194 25.94 -28.75 43.56
C ARG L 194 27.23 -27.95 43.70
N VAL L 195 27.63 -27.68 44.96
CA VAL L 195 28.85 -26.96 45.28
C VAL L 195 29.65 -27.79 46.27
N SER L 196 30.90 -27.38 46.52
CA SER L 196 31.69 -28.02 47.57
C SER L 196 31.05 -27.73 48.92
N ALA L 197 31.22 -28.64 49.89
CA ALA L 197 30.72 -28.43 51.25
C ALA L 197 31.23 -27.10 51.84
N THR L 198 32.52 -26.81 51.64
CA THR L 198 33.09 -25.63 52.27
C THR L 198 32.49 -24.36 51.67
N PHE L 199 32.08 -24.40 50.40
CA PHE L 199 31.44 -23.24 49.79
C PHE L 199 30.04 -23.06 50.39
N TRP L 200 29.30 -24.15 50.56
CA TRP L 200 27.99 -24.09 51.19
C TRP L 200 28.08 -23.62 52.65
N GLN L 201 29.19 -23.95 53.33
CA GLN L 201 29.35 -23.67 54.74
C GLN L 201 29.69 -22.20 55.02
N ASN L 202 29.94 -21.40 53.98
CA ASN L 202 30.19 -19.98 54.15
C ASN L 202 28.86 -19.22 54.22
N PRO L 203 28.50 -18.62 55.38
CA PRO L 203 27.23 -17.90 55.52
C PRO L 203 27.09 -16.65 54.66
N ARG L 204 28.21 -16.21 54.07
CA ARG L 204 28.23 -15.03 53.22
C ARG L 204 27.79 -15.38 51.79
N ASN L 205 27.76 -16.68 51.46
CA ASN L 205 27.40 -17.12 50.12
C ASN L 205 25.88 -17.16 49.95
N HIS L 206 25.42 -16.50 48.88
CA HIS L 206 24.00 -16.29 48.63
C HIS L 206 23.61 -17.06 47.36
N PHE L 207 22.58 -17.92 47.50
CA PHE L 207 22.12 -18.76 46.40
C PHE L 207 20.70 -18.36 46.04
N ARG L 208 20.45 -18.08 44.76
CA ARG L 208 19.12 -17.72 44.32
C ARG L 208 18.75 -18.52 43.08
N CYS L 209 17.57 -19.12 43.12
CA CYS L 209 16.98 -19.77 41.96
C CYS L 209 15.95 -18.81 41.38
N GLN L 210 16.08 -18.50 40.09
CA GLN L 210 15.23 -17.52 39.41
C GLN L 210 14.46 -18.24 38.31
N VAL L 211 13.14 -18.00 38.26
CA VAL L 211 12.33 -18.57 37.21
C VAL L 211 11.64 -17.42 36.49
N GLN L 212 12.00 -17.26 35.21
CA GLN L 212 11.31 -16.31 34.36
C GLN L 212 10.12 -17.03 33.75
N PHE L 213 8.92 -16.50 33.99
CA PHE L 213 7.68 -17.07 33.46
C PHE L 213 7.18 -16.14 32.39
N TYR L 214 6.68 -16.72 31.29
CA TYR L 214 6.07 -15.93 30.23
C TYR L 214 4.58 -16.25 30.22
N GLY L 215 3.75 -15.24 30.53
CA GLY L 215 2.32 -15.45 30.67
C GLY L 215 1.51 -14.45 29.83
N LEU L 216 0.61 -13.70 30.50
CA LEU L 216 -0.26 -12.80 29.76
C LEU L 216 0.43 -11.47 29.56
N SER L 217 -0.06 -10.70 28.56
CA SER L 217 0.47 -9.40 28.21
C SER L 217 -0.43 -8.29 28.77
N GLU L 218 0.03 -7.04 28.65
CA GLU L 218 -0.71 -5.85 29.05
C GLU L 218 -2.08 -5.82 28.36
N ASN L 219 -2.14 -6.27 27.10
CA ASN L 219 -3.35 -6.17 26.30
C ASN L 219 -4.38 -7.24 26.64
N ASP L 220 -3.98 -8.32 27.32
CA ASP L 220 -4.92 -9.38 27.67
C ASP L 220 -5.94 -8.91 28.71
N GLU L 221 -7.21 -9.28 28.49
CA GLU L 221 -8.31 -8.98 29.40
C GLU L 221 -8.24 -9.93 30.60
N TRP L 222 -8.53 -9.45 31.82
CA TRP L 222 -8.46 -10.29 33.00
C TRP L 222 -9.69 -10.10 33.89
N GLN L 224 -10.48 -13.60 37.30
CA GLN L 224 -10.43 -12.12 37.41
C GLN L 224 -10.11 -11.72 38.85
N ASP L 225 -10.37 -12.61 39.83
CA ASP L 225 -10.21 -12.22 41.24
C ASP L 225 -8.73 -12.22 41.65
N ARG L 226 -8.00 -13.28 41.28
CA ARG L 226 -6.58 -13.37 41.61
C ARG L 226 -5.75 -12.47 40.69
N ALA L 227 -4.50 -12.20 41.12
CA ALA L 227 -3.57 -11.39 40.37
C ALA L 227 -3.42 -11.89 38.92
N LYS L 228 -3.41 -10.93 38.00
CA LYS L 228 -3.26 -11.22 36.57
C LYS L 228 -1.93 -11.94 36.36
N PRO L 229 -1.93 -13.14 35.75
CA PRO L 229 -0.71 -13.93 35.57
C PRO L 229 0.18 -13.48 34.40
N VAL L 230 0.73 -12.28 34.57
CA VAL L 230 1.56 -11.66 33.54
C VAL L 230 2.96 -12.29 33.60
N THR L 231 3.72 -12.07 32.52
CA THR L 231 5.14 -12.36 32.48
C THR L 231 5.79 -11.75 33.72
N GLN L 232 6.65 -12.51 34.39
CA GLN L 232 7.25 -12.07 35.64
C GLN L 232 8.36 -13.04 36.05
N ILE L 233 9.19 -12.62 37.02
CA ILE L 233 10.23 -13.47 37.57
C ILE L 233 9.81 -13.86 38.99
N VAL L 234 9.89 -15.16 39.30
CA VAL L 234 9.69 -15.62 40.66
C VAL L 234 11.01 -16.25 41.12
N SER L 235 11.47 -15.87 42.32
CA SER L 235 12.74 -16.37 42.84
C SER L 235 12.59 -16.95 44.23
N ALA L 236 13.51 -17.84 44.59
CA ALA L 236 13.64 -18.32 45.96
C ALA L 236 15.12 -18.38 46.28
N GLU L 237 15.46 -18.36 47.59
CA GLU L 237 16.82 -18.04 48.02
C GLU L 237 17.23 -18.94 49.19
N ALA L 238 18.54 -19.01 49.40
CA ALA L 238 19.14 -19.63 50.57
C ALA L 238 20.50 -18.99 50.82
N TRP L 239 20.86 -18.90 52.11
CA TRP L 239 22.21 -18.51 52.46
C TRP L 239 22.97 -19.74 52.94
N GLY L 240 24.30 -19.72 52.78
CA GLY L 240 25.13 -20.79 53.33
C GLY L 240 25.01 -20.87 54.85
N ARG L 241 25.37 -22.03 55.41
CA ARG L 241 25.26 -22.26 56.85
C ARG L 241 26.50 -23.03 57.34
N ALA L 242 27.14 -22.51 58.38
CA ALA L 242 28.52 -22.86 58.71
C ALA L 242 28.59 -23.95 59.78
N ASP L 243 27.78 -23.84 60.83
CA ASP L 243 28.07 -24.51 62.09
C ASP L 243 28.46 -25.98 61.86
N SER M 3 34.28 -31.28 -24.46
CA SER M 3 34.38 -30.13 -23.52
C SER M 3 33.25 -29.13 -23.77
N HIS M 4 32.64 -28.62 -22.69
CA HIS M 4 31.49 -27.71 -22.76
C HIS M 4 31.53 -26.72 -21.60
N SER M 5 30.68 -25.69 -21.67
CA SER M 5 30.64 -24.64 -20.65
C SER M 5 29.27 -23.97 -20.62
N MET M 6 28.90 -23.44 -19.45
CA MET M 6 27.78 -22.51 -19.34
C MET M 6 28.26 -21.22 -18.65
N ARG M 7 27.77 -20.08 -19.12
CA ARG M 7 28.18 -18.80 -18.55
C ARG M 7 27.02 -17.83 -18.56
N TYR M 8 26.91 -17.06 -17.46
CA TYR M 8 26.00 -15.93 -17.38
C TYR M 8 26.85 -14.66 -17.40
N PHE M 9 26.39 -13.66 -18.17
CA PHE M 9 26.99 -12.34 -18.19
C PHE M 9 25.97 -11.33 -17.70
N TYR M 10 26.31 -10.63 -16.61
CA TYR M 10 25.47 -9.58 -16.09
C TYR M 10 26.16 -8.22 -16.27
N THR M 11 25.33 -7.19 -16.53
CA THR M 11 25.78 -5.82 -16.63
C THR M 11 24.78 -4.94 -15.90
N SER M 12 25.29 -4.16 -14.94
CA SER M 12 24.51 -3.09 -14.32
C SER M 12 25.15 -1.76 -14.69
N VAL M 13 24.31 -0.80 -15.13
CA VAL M 13 24.82 0.50 -15.51
C VAL M 13 24.02 1.58 -14.80
N SER M 14 24.71 2.41 -13.99
CA SER M 14 24.05 3.54 -13.33
C SER M 14 23.76 4.66 -14.34
N ARG M 15 22.60 5.32 -14.19
CA ARG M 15 22.27 6.43 -15.07
C ARG M 15 21.73 7.61 -14.25
N PRO M 16 22.58 8.33 -13.46
CA PRO M 16 22.09 9.40 -12.59
C PRO M 16 21.29 10.42 -13.39
N GLY M 17 20.07 10.69 -12.94
CA GLY M 17 19.26 11.73 -13.56
C GLY M 17 18.57 11.26 -14.85
N ARG M 18 18.80 10.01 -15.25
CA ARG M 18 18.04 9.39 -16.33
C ARG M 18 17.32 8.15 -15.79
N GLY M 19 16.82 8.23 -14.54
CA GLY M 19 16.12 7.14 -13.88
C GLY M 19 17.06 6.17 -13.17
N GLU M 20 16.60 4.94 -12.96
CA GLU M 20 17.38 3.95 -12.21
C GLU M 20 18.39 3.21 -13.08
N PRO M 21 19.37 2.53 -12.44
CA PRO M 21 20.30 1.67 -13.16
C PRO M 21 19.59 0.67 -14.06
N ARG M 22 20.26 0.31 -15.16
CA ARG M 22 19.80 -0.71 -16.08
C ARG M 22 20.55 -2.01 -15.82
N PHE M 23 19.80 -3.12 -15.90
CA PHE M 23 20.35 -4.46 -15.72
C PHE M 23 20.14 -5.29 -16.99
N ILE M 24 21.21 -6.00 -17.42
CA ILE M 24 21.18 -6.86 -18.60
C ILE M 24 21.80 -8.19 -18.20
N SER M 25 21.16 -9.27 -18.65
CA SER M 25 21.70 -10.61 -18.48
C SER M 25 21.66 -11.32 -19.83
N VAL M 26 22.73 -12.05 -20.15
CA VAL M 26 22.68 -13.03 -21.22
C VAL M 26 23.28 -14.34 -20.71
N GLY M 27 22.74 -15.47 -21.20
CA GLY M 27 23.33 -16.77 -20.90
C GLY M 27 23.84 -17.44 -22.17
N TYR M 28 24.97 -18.15 -22.04
CA TYR M 28 25.53 -18.91 -23.14
C TYR M 28 25.81 -20.35 -22.70
N VAL M 29 25.64 -21.31 -23.61
CA VAL M 29 26.24 -22.63 -23.52
C VAL M 29 27.25 -22.67 -24.66
N ASP M 30 28.54 -22.84 -24.30
CA ASP M 30 29.60 -22.67 -25.28
C ASP M 30 29.43 -21.35 -26.03
N ASP M 31 29.38 -21.40 -27.37
CA ASP M 31 29.30 -20.20 -28.18
C ASP M 31 27.85 -19.89 -28.58
N THR M 32 26.88 -20.51 -27.92
CA THR M 32 25.48 -20.34 -28.28
C THR M 32 24.73 -19.56 -27.20
N GLN M 33 24.23 -18.38 -27.54
CA GLN M 33 23.41 -17.63 -26.60
C GLN M 33 22.03 -18.27 -26.53
N PHE M 34 21.47 -18.42 -25.32
CA PHE M 34 20.23 -19.16 -25.17
C PHE M 34 19.18 -18.35 -24.42
N VAL M 35 19.62 -17.40 -23.58
CA VAL M 35 18.65 -16.64 -22.78
C VAL M 35 19.04 -15.17 -22.74
N ARG M 36 18.06 -14.31 -22.42
CA ARG M 36 18.30 -12.89 -22.29
C ARG M 36 17.36 -12.28 -21.25
N PHE M 37 17.82 -11.24 -20.55
CA PHE M 37 16.97 -10.38 -19.75
C PHE M 37 17.43 -8.93 -19.90
N ASP M 38 16.47 -8.01 -19.99
CA ASP M 38 16.75 -6.58 -20.10
C ASP M 38 15.73 -5.80 -19.28
N SER M 39 16.22 -5.03 -18.30
CA SER M 39 15.38 -4.30 -17.38
C SER M 39 14.65 -3.14 -18.07
N ASP M 40 15.13 -2.75 -19.26
CA ASP M 40 14.57 -1.65 -20.03
C ASP M 40 13.45 -2.13 -20.92
N ALA M 41 13.32 -3.44 -21.12
CA ALA M 41 12.28 -4.02 -21.94
C ALA M 41 10.89 -3.59 -21.46
N ALA M 42 9.94 -3.65 -22.40
CA ALA M 42 8.55 -3.29 -22.22
C ALA M 42 8.01 -3.88 -20.93
N SER M 43 8.03 -5.21 -20.83
CA SER M 43 7.64 -5.90 -19.61
C SER M 43 8.71 -6.95 -19.31
N PRO M 44 9.73 -6.57 -18.53
CA PRO M 44 10.98 -7.35 -18.46
C PRO M 44 10.80 -8.79 -18.00
N ARG M 45 11.37 -9.72 -18.77
CA ARG M 45 11.20 -11.13 -18.55
C ARG M 45 12.39 -11.86 -19.15
N GLU M 46 12.70 -13.04 -18.62
CA GLU M 46 13.69 -13.87 -19.30
C GLU M 46 13.05 -14.38 -20.60
N GLU M 47 13.81 -14.32 -21.70
CA GLU M 47 13.31 -14.69 -23.02
C GLU M 47 14.26 -15.70 -23.68
N PRO M 48 13.71 -16.69 -24.41
CA PRO M 48 14.55 -17.67 -25.13
C PRO M 48 15.25 -17.04 -26.33
N ARG M 49 16.40 -17.60 -26.69
CA ARG M 49 17.24 -17.09 -27.77
C ARG M 49 17.93 -18.24 -28.51
N ALA M 50 17.58 -19.49 -28.14
CA ALA M 50 18.00 -20.69 -28.85
C ALA M 50 16.79 -21.63 -28.91
N PRO M 51 16.63 -22.42 -30.00
CA PRO M 51 15.44 -23.27 -30.16
C PRO M 51 15.18 -24.26 -29.02
N TRP M 52 16.27 -24.85 -28.50
CA TRP M 52 16.16 -25.97 -27.58
C TRP M 52 15.73 -25.56 -26.17
N ILE M 53 15.65 -24.25 -25.90
CA ILE M 53 15.25 -23.78 -24.59
C ILE M 53 13.76 -23.43 -24.57
N GLU M 54 13.15 -23.33 -25.76
CA GLU M 54 11.77 -22.84 -25.86
C GLU M 54 10.77 -23.81 -25.19
N GLN M 55 11.21 -25.05 -24.97
CA GLN M 55 10.36 -26.08 -24.40
C GLN M 55 10.14 -25.90 -22.90
N GLU M 56 10.89 -24.98 -22.26
CA GLU M 56 10.78 -24.79 -20.81
C GLU M 56 9.41 -24.21 -20.44
N GLY M 57 8.85 -24.69 -19.33
CA GLY M 57 7.53 -24.29 -18.86
C GLY M 57 7.55 -22.92 -18.20
N PRO M 58 6.35 -22.34 -17.90
CA PRO M 58 6.28 -20.96 -17.39
C PRO M 58 6.99 -20.76 -16.06
N GLU M 59 7.05 -21.82 -15.23
CA GLU M 59 7.69 -21.77 -13.92
C GLU M 59 9.19 -21.46 -14.06
N TYR M 60 9.83 -21.96 -15.12
CA TYR M 60 11.23 -21.72 -15.39
C TYR M 60 11.44 -20.24 -15.67
N TRP M 61 10.62 -19.69 -16.58
CA TRP M 61 10.73 -18.30 -16.98
C TRP M 61 10.43 -17.37 -15.81
N ASP M 62 9.41 -17.71 -15.02
CA ASP M 62 8.99 -16.90 -13.89
C ASP M 62 10.11 -16.82 -12.87
N ARG M 63 10.67 -17.98 -12.53
CA ARG M 63 11.72 -18.08 -11.52
C ARG M 63 12.92 -17.25 -11.94
N ASN M 64 13.37 -17.43 -13.20
CA ASN M 64 14.55 -16.77 -13.68
C ASN M 64 14.34 -15.25 -13.68
N THR M 65 13.14 -14.82 -14.09
CA THR M 65 12.77 -13.42 -14.14
C THR M 65 12.93 -12.83 -12.73
N GLN M 66 12.43 -13.55 -11.72
CA GLN M 66 12.45 -13.03 -10.37
C GLN M 66 13.90 -12.96 -9.88
N ILE M 67 14.73 -13.94 -10.24
CA ILE M 67 16.14 -13.87 -9.88
C ILE M 67 16.80 -12.60 -10.47
N TYR M 68 16.61 -12.33 -11.75
CA TYR M 68 17.20 -11.16 -12.40
C TYR M 68 16.75 -9.87 -11.70
N LYS M 69 15.46 -9.77 -11.38
CA LYS M 69 14.95 -8.56 -10.73
C LYS M 69 15.64 -8.36 -9.38
N ALA M 70 15.82 -9.43 -8.62
CA ALA M 70 16.44 -9.33 -7.31
C ALA M 70 17.91 -8.96 -7.45
N GLN M 71 18.61 -9.56 -8.40
CA GLN M 71 20.01 -9.25 -8.68
C GLN M 71 20.17 -7.76 -9.04
N ALA M 72 19.24 -7.23 -9.85
CA ALA M 72 19.28 -5.85 -10.28
C ALA M 72 19.29 -4.94 -9.05
N GLN M 73 18.47 -5.28 -8.06
CA GLN M 73 18.33 -4.49 -6.86
C GLN M 73 19.65 -4.49 -6.06
N THR M 74 20.25 -5.66 -5.95
CA THR M 74 21.55 -5.87 -5.32
C THR M 74 22.61 -4.98 -5.98
N ASP M 75 22.56 -4.91 -7.32
CA ASP M 75 23.56 -4.24 -8.10
C ASP M 75 23.47 -2.72 -7.86
N ARG M 76 22.24 -2.21 -7.72
CA ARG M 76 22.05 -0.81 -7.36
C ARG M 76 22.78 -0.49 -6.05
N GLU M 77 22.69 -1.39 -5.06
CA GLU M 77 23.33 -1.24 -3.77
C GLU M 77 24.85 -1.34 -3.93
N SER M 78 25.29 -2.32 -4.74
CA SER M 78 26.70 -2.53 -4.96
C SER M 78 27.32 -1.29 -5.64
N LEU M 79 26.59 -0.68 -6.56
CA LEU M 79 27.03 0.49 -7.27
C LEU M 79 27.23 1.66 -6.30
N ARG M 80 26.30 1.80 -5.35
CA ARG M 80 26.43 2.83 -4.32
C ARG M 80 27.68 2.58 -3.49
N ASN M 81 27.95 1.31 -3.13
CA ASN M 81 29.12 1.01 -2.32
C ASN M 81 30.39 1.36 -3.09
N LEU M 82 30.43 0.98 -4.38
CA LEU M 82 31.62 1.12 -5.21
C LEU M 82 31.97 2.60 -5.37
N ARG M 83 30.92 3.40 -5.62
CA ARG M 83 31.03 4.84 -5.79
C ARG M 83 31.69 5.43 -4.54
N GLY M 84 31.29 4.94 -3.36
CA GLY M 84 31.88 5.29 -2.09
C GLY M 84 33.35 4.87 -2.01
N TYR M 85 33.65 3.63 -2.37
CA TYR M 85 35.01 3.12 -2.21
C TYR M 85 35.98 3.97 -3.03
N TYR M 86 35.53 4.50 -4.18
CA TYR M 86 36.41 5.22 -5.09
C TYR M 86 36.26 6.73 -4.94
N ASN M 87 35.41 7.17 -4.01
CA ASN M 87 35.14 8.59 -3.79
C ASN M 87 34.67 9.27 -5.07
N GLN M 88 33.83 8.59 -5.85
CA GLN M 88 33.28 9.16 -7.06
C GLN M 88 31.99 9.92 -6.74
N SER M 89 31.67 10.97 -7.52
CA SER M 89 30.48 11.75 -7.22
C SER M 89 29.24 11.06 -7.80
N GLU M 90 28.07 11.57 -7.42
CA GLU M 90 26.84 10.90 -7.79
C GLU M 90 26.41 11.31 -9.19
N ALA M 91 27.30 12.00 -9.93
CA ALA M 91 26.95 12.46 -11.27
C ALA M 91 27.35 11.45 -12.36
N GLY M 92 28.39 10.66 -12.11
CA GLY M 92 28.93 9.78 -13.13
C GLY M 92 28.13 8.50 -13.32
N SER M 93 28.00 8.06 -14.58
CA SER M 93 27.50 6.73 -14.92
C SER M 93 28.60 5.67 -14.80
N HIS M 94 28.29 4.53 -14.17
CA HIS M 94 29.30 3.49 -13.95
C HIS M 94 28.75 2.12 -14.27
N THR M 95 29.69 1.19 -14.53
CA THR M 95 29.37 -0.15 -15.01
C THR M 95 29.90 -1.20 -14.05
N LEU M 96 28.98 -2.05 -13.56
CA LEU M 96 29.34 -3.25 -12.81
C LEU M 96 29.02 -4.50 -13.64
N GLN M 97 30.04 -5.31 -13.90
CA GLN M 97 29.93 -6.50 -14.73
C GLN M 97 30.28 -7.75 -13.92
N SER M 98 29.54 -8.84 -14.20
CA SER M 98 29.72 -10.14 -13.59
C SER M 98 29.75 -11.22 -14.68
N MET M 99 30.69 -12.16 -14.56
CA MET M 99 30.61 -13.39 -15.31
C MET M 99 30.81 -14.57 -14.36
N TYR M 100 29.90 -15.53 -14.38
CA TYR M 100 30.05 -16.76 -13.60
C TYR M 100 29.57 -17.97 -14.41
N GLY M 101 29.98 -19.17 -14.00
CA GLY M 101 29.51 -20.40 -14.61
C GLY M 101 30.50 -21.54 -14.41
N CYS M 102 30.31 -22.61 -15.20
CA CYS M 102 31.09 -23.83 -15.01
C CYS M 102 31.58 -24.39 -16.35
N ASP M 103 32.71 -25.09 -16.32
CA ASP M 103 33.23 -25.87 -17.43
C ASP M 103 33.18 -27.36 -17.06
N VAL M 104 32.87 -28.20 -18.06
CA VAL M 104 32.91 -29.64 -17.90
C VAL M 104 33.79 -30.26 -18.98
N GLY M 105 34.43 -31.40 -18.65
CA GLY M 105 35.22 -32.17 -19.59
C GLY M 105 34.34 -33.06 -20.45
N PRO M 106 34.93 -33.81 -21.41
CA PRO M 106 34.14 -34.61 -22.36
C PRO M 106 33.29 -35.69 -21.71
N ASP M 107 33.67 -36.09 -20.48
CA ASP M 107 32.93 -37.05 -19.68
C ASP M 107 31.72 -36.40 -19.01
N GLY M 108 31.61 -35.07 -19.03
CA GLY M 108 30.53 -34.35 -18.38
C GLY M 108 30.82 -34.03 -16.91
N ARG M 109 32.05 -34.33 -16.44
CA ARG M 109 32.48 -34.05 -15.08
C ARG M 109 33.06 -32.64 -14.96
N LEU M 110 32.94 -32.02 -13.78
CA LEU M 110 33.28 -30.61 -13.58
C LEU M 110 34.78 -30.42 -13.74
N LEU M 111 35.16 -29.40 -14.55
CA LEU M 111 36.55 -29.02 -14.73
C LEU M 111 36.90 -27.83 -13.85
N ARG M 112 36.06 -26.79 -13.89
CA ARG M 112 36.42 -25.50 -13.30
C ARG M 112 35.16 -24.66 -13.14
N GLY M 113 35.15 -23.86 -12.06
CA GLY M 113 34.12 -22.86 -11.87
C GLY M 113 34.70 -21.46 -12.10
N HIS M 114 33.81 -20.50 -12.39
CA HIS M 114 34.19 -19.13 -12.66
C HIS M 114 33.25 -18.17 -11.95
N ASP M 115 33.79 -17.12 -11.34
CA ASP M 115 33.00 -16.11 -10.64
C ASP M 115 33.81 -14.82 -10.51
N GLN M 116 33.59 -13.86 -11.42
CA GLN M 116 34.45 -12.69 -11.55
C GLN M 116 33.65 -11.42 -11.80
N TYR M 117 34.29 -10.29 -11.52
CA TYR M 117 33.63 -8.99 -11.55
C TYR M 117 34.56 -7.95 -12.15
N ALA M 118 33.94 -6.86 -12.66
CA ALA M 118 34.65 -5.73 -13.20
C ALA M 118 33.86 -4.45 -12.88
N TYR M 119 34.61 -3.38 -12.57
CA TYR M 119 34.01 -2.08 -12.38
C TYR M 119 34.62 -1.15 -13.41
N ASP M 120 33.75 -0.47 -14.17
CA ASP M 120 34.15 0.48 -15.21
C ASP M 120 35.21 -0.12 -16.13
N GLY M 121 35.01 -1.37 -16.56
CA GLY M 121 35.79 -1.97 -17.62
C GLY M 121 37.09 -2.62 -17.13
N LYS M 122 37.36 -2.55 -15.82
CA LYS M 122 38.61 -3.09 -15.30
C LYS M 122 38.30 -4.20 -14.28
N ASP M 123 39.17 -5.21 -14.26
CA ASP M 123 39.09 -6.26 -13.25
C ASP M 123 38.85 -5.62 -11.89
N TYR M 124 37.99 -6.27 -11.10
CA TYR M 124 37.72 -5.84 -9.75
C TYR M 124 38.10 -6.92 -8.76
N ILE M 125 37.34 -8.02 -8.75
CA ILE M 125 37.59 -9.12 -7.82
C ILE M 125 37.17 -10.41 -8.54
N ALA M 126 37.89 -11.50 -8.25
CA ALA M 126 37.62 -12.77 -8.92
C ALA M 126 37.90 -13.91 -7.97
N LEU M 127 37.04 -14.94 -8.01
CA LEU M 127 37.28 -16.16 -7.30
C LEU M 127 38.40 -16.92 -8.02
N ASN M 128 39.40 -17.37 -7.26
CA ASN M 128 40.52 -18.12 -7.83
C ASN M 128 40.06 -19.52 -8.21
N GLU M 129 40.88 -20.24 -8.98
CA GLU M 129 40.46 -21.54 -9.50
C GLU M 129 40.15 -22.51 -8.37
N ASP M 130 40.80 -22.33 -7.22
CA ASP M 130 40.61 -23.23 -6.09
C ASP M 130 39.20 -23.11 -5.51
N LEU M 131 38.47 -22.06 -5.92
CA LEU M 131 37.12 -21.77 -5.45
C LEU M 131 37.12 -21.56 -3.94
N ARG M 132 38.25 -21.13 -3.38
CA ARG M 132 38.41 -20.94 -1.94
C ARG M 132 39.00 -19.57 -1.60
N SER M 133 39.57 -18.88 -2.60
CA SER M 133 40.25 -17.63 -2.35
C SER M 133 39.93 -16.60 -3.43
N TRP M 134 40.19 -15.31 -3.11
CA TRP M 134 39.88 -14.19 -3.99
C TRP M 134 41.14 -13.48 -4.46
N THR M 135 41.10 -12.94 -5.68
CA THR M 135 42.10 -12.01 -6.18
C THR M 135 41.43 -10.64 -6.30
N ALA M 136 41.99 -9.67 -5.56
CA ALA M 136 41.52 -8.29 -5.65
C ALA M 136 42.46 -7.49 -6.56
N ALA M 137 41.89 -6.66 -7.41
CA ALA M 137 42.67 -5.92 -8.39
C ALA M 137 43.28 -4.66 -7.78
N ASP M 138 42.70 -4.14 -6.70
CA ASP M 138 43.17 -2.89 -6.12
C ASP M 138 42.69 -2.76 -4.69
N THR M 139 42.91 -1.60 -4.09
CA THR M 139 42.68 -1.44 -2.67
C THR M 139 41.18 -1.31 -2.41
N ALA M 140 40.40 -0.85 -3.39
CA ALA M 140 38.96 -0.81 -3.19
C ALA M 140 38.39 -2.23 -3.15
N ALA M 141 38.88 -3.06 -4.08
CA ALA M 141 38.48 -4.45 -4.15
C ALA M 141 38.83 -5.19 -2.87
N GLN M 142 39.86 -4.72 -2.16
CA GLN M 142 40.28 -5.36 -0.92
C GLN M 142 39.24 -5.15 0.18
N ILE M 143 38.48 -4.06 0.09
CA ILE M 143 37.38 -3.84 1.03
C ILE M 143 36.34 -4.94 0.83
N THR M 144 35.99 -5.18 -0.44
CA THR M 144 35.07 -6.23 -0.84
C THR M 144 35.64 -7.57 -0.36
N GLN M 145 36.93 -7.77 -0.65
CA GLN M 145 37.59 -9.03 -0.33
C GLN M 145 37.47 -9.33 1.17
N ARG M 146 37.74 -8.32 2.01
CA ARG M 146 37.77 -8.52 3.45
C ARG M 146 36.38 -8.92 3.94
N LYS M 147 35.36 -8.22 3.45
CA LYS M 147 33.98 -8.46 3.86
C LYS M 147 33.56 -9.85 3.43
N TRP M 148 33.98 -10.27 2.22
CA TRP M 148 33.62 -11.56 1.68
C TRP M 148 34.32 -12.68 2.45
N GLU M 149 35.58 -12.43 2.87
CA GLU M 149 36.29 -13.44 3.62
C GLU M 149 35.66 -13.63 5.00
N ALA M 150 35.27 -12.52 5.63
CA ALA M 150 34.63 -12.51 6.93
C ALA M 150 33.33 -13.30 6.89
N ALA M 151 32.62 -13.25 5.74
CA ALA M 151 31.32 -13.89 5.58
C ALA M 151 31.46 -15.28 4.96
N ARG M 152 32.68 -15.69 4.63
CA ARG M 152 32.91 -17.02 4.07
C ARG M 152 32.19 -17.16 2.72
N GLU M 153 32.26 -16.11 1.91
CA GLU M 153 31.55 -16.03 0.64
C GLU M 153 31.91 -17.15 -0.33
N ALA M 154 33.20 -17.49 -0.38
CA ALA M 154 33.62 -18.47 -1.38
C ALA M 154 32.94 -19.81 -1.12
N GLU M 155 32.75 -20.17 0.15
CA GLU M 155 32.14 -21.46 0.46
C GLU M 155 30.71 -21.52 -0.05
N GLN M 156 29.98 -20.40 0.12
CA GLN M 156 28.61 -20.23 -0.31
C GLN M 156 28.46 -20.38 -1.82
N ARG M 157 29.48 -19.96 -2.56
CA ARG M 157 29.39 -19.93 -4.01
C ARG M 157 29.55 -21.36 -4.57
N ARG M 158 30.14 -22.25 -3.78
CA ARG M 158 30.55 -23.56 -4.26
C ARG M 158 29.33 -24.40 -4.58
N ALA M 159 28.24 -24.21 -3.83
CA ALA M 159 27.03 -24.99 -3.99
C ALA M 159 26.52 -24.91 -5.43
N TYR M 160 26.43 -23.71 -5.97
CA TYR M 160 25.95 -23.53 -7.33
C TYR M 160 27.03 -23.92 -8.34
N LEU M 161 28.24 -23.44 -8.12
CA LEU M 161 29.33 -23.57 -9.10
C LEU M 161 29.69 -25.03 -9.36
N GLU M 162 29.67 -25.85 -8.31
CA GLU M 162 30.09 -27.23 -8.42
C GLU M 162 28.88 -28.15 -8.62
N GLY M 163 27.70 -27.75 -8.16
CA GLY M 163 26.49 -28.56 -8.22
C GLY M 163 25.52 -28.14 -9.33
N GLU M 164 24.69 -27.15 -8.99
CA GLU M 164 23.54 -26.73 -9.77
C GLU M 164 23.96 -26.33 -11.20
N CYS M 165 25.11 -25.64 -11.34
CA CYS M 165 25.58 -25.19 -12.64
C CYS M 165 25.72 -26.35 -13.63
N VAL M 166 26.39 -27.43 -13.21
CA VAL M 166 26.62 -28.60 -14.04
C VAL M 166 25.30 -29.32 -14.33
N GLU M 167 24.37 -29.26 -13.38
CA GLU M 167 23.07 -29.91 -13.52
C GLU M 167 22.32 -29.27 -14.71
N TRP M 168 22.31 -27.92 -14.74
CA TRP M 168 21.64 -27.15 -15.77
C TRP M 168 22.32 -27.34 -17.12
N LEU M 169 23.65 -27.25 -17.14
CA LEU M 169 24.42 -27.46 -18.35
C LEU M 169 24.01 -28.76 -19.04
N ARG M 170 23.95 -29.86 -18.27
CA ARG M 170 23.67 -31.19 -18.79
C ARG M 170 22.25 -31.28 -19.33
N ARG M 171 21.29 -30.68 -18.61
CA ARG M 171 19.94 -30.62 -19.14
C ARG M 171 19.95 -29.93 -20.51
N TYR M 172 20.72 -28.84 -20.63
CA TYR M 172 20.74 -28.06 -21.86
C TYR M 172 21.40 -28.85 -22.99
N LEU M 173 22.50 -29.54 -22.67
CA LEU M 173 23.21 -30.37 -23.63
C LEU M 173 22.29 -31.48 -24.14
N GLU M 174 21.43 -32.01 -23.26
CA GLU M 174 20.52 -33.08 -23.62
C GLU M 174 19.39 -32.55 -24.49
N ASN M 175 18.77 -31.43 -24.09
CA ASN M 175 17.71 -30.80 -24.85
C ASN M 175 18.21 -30.31 -26.20
N GLY M 176 19.49 -29.93 -26.31
CA GLY M 176 20.00 -29.34 -27.53
C GLY M 176 21.06 -30.20 -28.22
N LYS M 177 20.93 -31.52 -28.08
CA LYS M 177 21.99 -32.47 -28.45
C LYS M 177 22.56 -32.20 -29.85
N ASP M 178 21.68 -32.16 -30.85
CA ASP M 178 22.09 -32.06 -32.24
C ASP M 178 22.85 -30.75 -32.50
N LYS M 179 22.45 -29.70 -31.77
CA LYS M 179 22.81 -28.34 -32.12
C LYS M 179 24.08 -27.92 -31.37
N LEU M 180 24.30 -28.52 -30.19
CA LEU M 180 25.37 -28.09 -29.31
C LEU M 180 26.58 -29.01 -29.46
N GLU M 181 26.36 -30.30 -29.77
CA GLU M 181 27.40 -31.30 -29.55
C GLU M 181 28.22 -31.50 -30.82
N ARG M 182 27.68 -31.07 -31.97
CA ARG M 182 28.32 -31.35 -33.26
C ARG M 182 28.82 -30.06 -33.93
N ALA M 183 30.13 -30.01 -34.22
CA ALA M 183 30.82 -28.85 -34.78
C ALA M 183 30.68 -28.74 -36.30
N ASP M 184 30.40 -27.52 -36.80
CA ASP M 184 30.21 -27.26 -38.22
C ASP M 184 31.53 -26.78 -38.82
N PRO M 185 32.11 -27.52 -39.80
CA PRO M 185 33.38 -27.14 -40.41
C PRO M 185 33.20 -25.89 -41.28
N PRO M 186 34.27 -25.07 -41.43
CA PRO M 186 34.22 -23.90 -42.29
C PRO M 186 34.14 -24.25 -43.78
N LYS M 187 33.24 -23.59 -44.51
CA LYS M 187 33.31 -23.54 -45.96
C LYS M 187 34.41 -22.55 -46.34
N THR M 188 35.44 -23.04 -47.05
CA THR M 188 36.61 -22.23 -47.33
C THR M 188 36.79 -21.99 -48.83
N HIS M 189 37.45 -20.87 -49.17
CA HIS M 189 37.86 -20.52 -50.53
C HIS M 189 38.83 -19.35 -50.48
N VAL M 190 39.56 -19.12 -51.59
CA VAL M 190 40.57 -18.07 -51.68
C VAL M 190 40.21 -17.11 -52.81
N THR M 191 40.24 -15.79 -52.51
CA THR M 191 39.93 -14.77 -53.51
C THR M 191 41.17 -13.94 -53.80
N HIS M 192 41.20 -13.31 -54.99
CA HIS M 192 42.35 -12.59 -55.54
C HIS M 192 41.90 -11.19 -55.93
N HIS M 193 42.70 -10.16 -55.52
CA HIS M 193 42.31 -8.77 -55.70
C HIS M 193 43.50 -7.94 -56.18
N PRO M 194 43.69 -7.75 -57.51
CA PRO M 194 44.91 -7.12 -58.03
C PRO M 194 45.05 -5.66 -57.61
N ILE M 195 46.20 -5.29 -57.03
CA ILE M 195 46.58 -3.89 -56.84
C ILE M 195 47.50 -3.51 -58.01
N ARG M 203 43.11 -13.52 -50.31
CA ARG M 203 42.29 -13.53 -49.07
C ARG M 203 41.72 -14.93 -48.88
N CYS M 204 42.00 -15.50 -47.71
CA CYS M 204 41.51 -16.83 -47.37
C CYS M 204 40.27 -16.71 -46.48
N TRP M 205 39.15 -17.25 -46.93
CA TRP M 205 37.85 -17.09 -46.27
C TRP M 205 37.47 -18.36 -45.52
N ALA M 206 36.93 -18.20 -44.30
CA ALA M 206 36.31 -19.30 -43.58
C ALA M 206 34.89 -18.87 -43.19
N LEU M 207 33.88 -19.63 -43.66
CA LEU M 207 32.49 -19.21 -43.55
C LEU M 207 31.61 -20.32 -42.98
N GLY M 208 30.71 -19.93 -42.05
CA GLY M 208 29.65 -20.78 -41.53
C GLY M 208 30.15 -21.91 -40.63
N PHE M 209 31.16 -21.62 -39.78
CA PHE M 209 31.70 -22.59 -38.85
C PHE M 209 31.19 -22.35 -37.42
N TYR M 210 31.19 -23.42 -36.61
CA TYR M 210 30.88 -23.38 -35.19
C TYR M 210 31.64 -24.53 -34.53
N PRO M 211 32.26 -24.37 -33.34
CA PRO M 211 32.29 -23.11 -32.60
C PRO M 211 33.30 -22.10 -33.17
N ALA M 212 33.51 -20.99 -32.43
CA ALA M 212 34.18 -19.81 -32.95
C ALA M 212 35.69 -19.99 -33.10
N GLU M 213 36.28 -20.90 -32.32
CA GLU M 213 37.72 -21.16 -32.35
C GLU M 213 38.15 -21.57 -33.75
N ILE M 214 39.18 -20.90 -34.29
CA ILE M 214 39.68 -21.22 -35.62
C ILE M 214 41.10 -20.67 -35.80
N THR M 215 41.91 -21.31 -36.66
CA THR M 215 43.25 -20.83 -36.97
C THR M 215 43.41 -20.70 -38.48
N LEU M 216 43.78 -19.49 -38.94
CA LEU M 216 44.09 -19.16 -40.32
C LEU M 216 45.53 -18.66 -40.37
N THR M 217 46.41 -19.32 -41.16
CA THR M 217 47.77 -18.82 -41.37
C THR M 217 48.14 -18.90 -42.85
N TRP M 218 48.92 -17.93 -43.36
CA TRP M 218 49.39 -17.95 -44.73
C TRP M 218 50.82 -18.52 -44.86
N GLU M 230 46.70 -9.45 -43.21
CA GLU M 230 45.64 -8.82 -42.38
C GLU M 230 44.72 -9.92 -41.86
N LEU M 231 44.55 -9.97 -40.54
CA LEU M 231 43.63 -10.91 -39.90
C LEU M 231 42.47 -10.16 -39.25
N VAL M 232 41.23 -10.45 -39.67
CA VAL M 232 40.07 -9.85 -39.03
C VAL M 232 39.65 -10.66 -37.82
N GLU M 233 39.07 -10.00 -36.82
CA GLU M 233 38.49 -10.66 -35.66
C GLU M 233 37.38 -11.60 -36.14
N THR M 234 37.29 -12.79 -35.53
CA THR M 234 36.19 -13.70 -35.75
C THR M 234 34.87 -12.95 -35.50
N ARG M 235 33.93 -13.07 -36.44
CA ARG M 235 32.70 -12.29 -36.37
C ARG M 235 31.49 -13.19 -36.53
N PRO M 236 30.33 -12.84 -35.92
CA PRO M 236 29.10 -13.62 -36.10
C PRO M 236 28.47 -13.47 -37.46
N ALA M 237 28.04 -14.60 -38.05
CA ALA M 237 27.32 -14.56 -39.32
C ALA M 237 25.87 -14.11 -39.12
N GLY M 238 25.34 -14.30 -37.91
CA GLY M 238 23.96 -13.91 -37.65
C GLY M 238 23.02 -15.12 -37.55
N ASP M 239 23.53 -16.29 -37.91
CA ASP M 239 22.75 -17.53 -37.95
C ASP M 239 23.35 -18.52 -36.95
N ARG M 240 24.15 -18.02 -36.01
CA ARG M 240 24.78 -18.77 -34.93
C ARG M 240 26.07 -19.43 -35.39
N THR M 241 26.50 -19.17 -36.64
CA THR M 241 27.84 -19.58 -37.08
C THR M 241 28.76 -18.35 -37.12
N PHE M 242 30.03 -18.58 -37.47
CA PHE M 242 31.06 -17.56 -37.43
C PHE M 242 31.77 -17.46 -38.77
N GLN M 243 32.54 -16.37 -38.89
CA GLN M 243 33.30 -16.06 -40.09
C GLN M 243 34.66 -15.51 -39.69
N LYS M 244 35.66 -15.74 -40.55
CA LYS M 244 36.95 -15.09 -40.40
C LYS M 244 37.67 -15.12 -41.75
N TRP M 245 38.57 -14.14 -41.98
CA TRP M 245 39.46 -14.19 -43.12
C TRP M 245 40.85 -13.69 -42.78
N ALA M 246 41.85 -14.15 -43.56
CA ALA M 246 43.22 -13.66 -43.52
C ALA M 246 43.69 -13.30 -44.93
N THR M 259 51.36 -20.34 -47.89
CA THR M 259 50.02 -20.65 -48.43
C THR M 259 49.02 -20.74 -47.28
N CYS M 260 47.71 -20.91 -47.56
CA CYS M 260 46.67 -20.82 -46.54
C CYS M 260 46.43 -22.15 -45.82
N HIS M 261 46.60 -22.14 -44.49
CA HIS M 261 46.33 -23.29 -43.63
C HIS M 261 45.14 -22.95 -42.75
N VAL M 262 44.17 -23.88 -42.66
CA VAL M 262 42.95 -23.71 -41.88
C VAL M 262 42.84 -24.86 -40.87
N GLN M 263 42.68 -24.51 -39.59
CA GLN M 263 42.53 -25.49 -38.53
C GLN M 263 41.25 -25.20 -37.75
N HIS M 264 40.41 -26.24 -37.59
CA HIS M 264 39.12 -26.11 -36.94
C HIS M 264 38.67 -27.48 -36.42
N GLU M 265 37.99 -27.47 -35.28
CA GLU M 265 37.43 -28.67 -34.64
C GLU M 265 36.60 -29.48 -35.63
N GLY M 266 36.01 -28.82 -36.63
CA GLY M 266 35.13 -29.50 -37.57
C GLY M 266 35.88 -30.17 -38.72
N LEU M 267 37.21 -30.01 -38.76
CA LEU M 267 38.00 -30.45 -39.92
C LEU M 267 38.75 -31.72 -39.58
N PRO M 268 38.50 -32.84 -40.31
CA PRO M 268 39.23 -34.10 -40.10
C PRO M 268 40.74 -33.92 -40.07
N PRO M 270 43.08 -30.76 -41.12
CA PRO M 270 43.65 -29.44 -41.35
C PRO M 270 43.73 -29.24 -42.86
N LEU M 271 43.08 -28.17 -43.35
CA LEU M 271 43.00 -27.90 -44.79
C LEU M 271 44.12 -26.95 -45.19
N THR M 272 44.59 -27.09 -46.43
CA THR M 272 45.68 -26.28 -46.96
C THR M 272 45.25 -25.84 -48.36
N LEU M 273 45.25 -24.52 -48.62
CA LEU M 273 44.89 -23.97 -49.92
C LEU M 273 45.48 -22.56 -50.03
N MET N 1 38.27 4.79 -15.24
CA MET N 1 37.98 3.86 -16.35
C MET N 1 38.96 4.04 -17.49
N ILE N 2 39.11 2.98 -18.27
CA ILE N 2 39.65 3.10 -19.62
C ILE N 2 38.47 3.02 -20.57
N GLN N 3 38.29 4.04 -21.41
CA GLN N 3 37.25 4.02 -22.42
C GLN N 3 37.84 3.43 -23.70
N ARG N 4 37.14 2.45 -24.29
CA ARG N 4 37.64 1.77 -25.47
C ARG N 4 36.76 2.10 -26.68
N THR N 5 37.39 2.45 -27.80
CA THR N 5 36.68 2.81 -29.01
C THR N 5 36.19 1.53 -29.69
N PRO N 6 34.96 1.51 -30.24
CA PRO N 6 34.47 0.34 -31.00
C PRO N 6 35.27 0.03 -32.26
N LYS N 7 35.56 -1.26 -32.46
CA LYS N 7 35.91 -1.81 -33.76
C LYS N 7 34.60 -2.04 -34.52
N ILE N 8 34.63 -1.86 -35.85
CA ILE N 8 33.42 -1.96 -36.67
C ILE N 8 33.71 -2.82 -37.89
N GLN N 9 32.87 -3.82 -38.14
CA GLN N 9 32.96 -4.64 -39.35
C GLN N 9 31.60 -4.68 -40.03
N VAL N 10 31.61 -4.47 -41.35
CA VAL N 10 30.39 -4.46 -42.15
C VAL N 10 30.52 -5.53 -43.22
N TYR N 11 29.56 -6.48 -43.25
CA TYR N 11 29.68 -7.66 -44.09
C TYR N 11 28.29 -8.30 -44.27
N SER N 12 28.15 -9.22 -45.24
CA SER N 12 26.89 -9.94 -45.43
C SER N 12 26.92 -11.31 -44.79
N ARG N 13 25.73 -11.80 -44.37
CA ARG N 13 25.60 -13.11 -43.75
C ARG N 13 26.10 -14.21 -44.70
N HIS N 14 25.70 -14.13 -45.97
CA HIS N 14 26.14 -15.07 -46.99
C HIS N 14 26.91 -14.32 -48.06
N PRO N 15 27.76 -14.98 -48.89
CA PRO N 15 28.47 -14.29 -49.96
C PRO N 15 27.44 -13.59 -50.84
N ALA N 16 27.72 -12.32 -51.18
CA ALA N 16 26.79 -11.49 -51.92
C ALA N 16 26.66 -12.04 -53.34
N GLU N 17 25.42 -12.18 -53.78
CA GLU N 17 25.05 -12.46 -55.16
C GLU N 17 23.90 -11.49 -55.46
N ASN N 18 24.10 -10.58 -56.43
CA ASN N 18 23.11 -9.53 -56.69
C ASN N 18 21.76 -10.18 -57.02
N GLY N 19 20.69 -9.73 -56.34
CA GLY N 19 19.36 -10.28 -56.59
C GLY N 19 18.95 -11.37 -55.61
N LYS N 20 19.92 -12.01 -54.93
CA LYS N 20 19.60 -13.00 -53.89
C LYS N 20 19.52 -12.35 -52.49
N SER N 21 18.44 -12.68 -51.75
CA SER N 21 18.17 -12.16 -50.42
C SER N 21 19.30 -12.52 -49.46
N ASN N 22 19.60 -11.60 -48.53
CA ASN N 22 20.77 -11.74 -47.68
C ASN N 22 20.53 -10.95 -46.39
N PHE N 23 21.51 -10.97 -45.50
CA PHE N 23 21.49 -10.05 -44.36
C PHE N 23 22.75 -9.19 -44.39
N LEU N 24 22.55 -7.88 -44.13
CA LEU N 24 23.65 -6.96 -43.93
C LEU N 24 23.93 -6.86 -42.43
N ASN N 25 25.19 -7.12 -42.05
CA ASN N 25 25.65 -7.12 -40.67
C ASN N 25 26.60 -5.96 -40.40
N CYS N 26 26.37 -5.30 -39.26
CA CYS N 26 27.36 -4.42 -38.64
C CYS N 26 27.70 -4.95 -37.24
N TYR N 27 28.93 -5.44 -37.09
CA TYR N 27 29.40 -5.97 -35.82
C TYR N 27 30.30 -4.93 -35.17
N VAL N 28 29.88 -4.46 -33.99
CA VAL N 28 30.62 -3.47 -33.23
C VAL N 28 31.11 -4.15 -31.96
N SER N 29 32.42 -4.06 -31.72
CA SER N 29 33.04 -4.86 -30.68
C SER N 29 34.20 -4.11 -30.00
N GLY N 30 34.53 -4.55 -28.78
CA GLY N 30 35.70 -4.11 -28.05
C GLY N 30 35.54 -2.71 -27.44
N PHE N 31 34.29 -2.26 -27.26
CA PHE N 31 34.07 -0.90 -26.78
C PHE N 31 33.71 -0.87 -25.29
N HIS N 32 33.93 0.29 -24.67
CA HIS N 32 33.53 0.59 -23.29
C HIS N 32 33.49 2.11 -23.12
N PRO N 33 32.47 2.72 -22.49
CA PRO N 33 31.33 2.01 -21.88
C PRO N 33 30.32 1.49 -22.89
N SER N 34 29.15 1.08 -22.40
CA SER N 34 28.22 0.29 -23.18
C SER N 34 27.30 1.16 -24.03
N ASP N 35 27.16 2.45 -23.71
CA ASP N 35 26.30 3.29 -24.52
C ASP N 35 26.84 3.40 -25.94
N ILE N 36 25.96 3.16 -26.91
CA ILE N 36 26.34 3.14 -28.32
C ILE N 36 25.11 3.29 -29.20
N GLU N 37 25.24 4.07 -30.27
CA GLU N 37 24.23 4.21 -31.30
C GLU N 37 24.79 3.66 -32.62
N VAL N 38 24.00 2.81 -33.30
CA VAL N 38 24.41 2.21 -34.55
C VAL N 38 23.28 2.30 -35.57
N ASP N 39 23.58 2.84 -36.74
CA ASP N 39 22.63 2.95 -37.84
C ASP N 39 23.19 2.23 -39.08
N LEU N 40 22.29 1.60 -39.83
CA LEU N 40 22.60 1.07 -41.15
C LEU N 40 22.08 2.04 -42.20
N LEU N 41 22.91 2.33 -43.20
CA LEU N 41 22.59 3.28 -44.25
C LEU N 41 22.48 2.56 -45.59
N LYS N 42 21.46 2.94 -46.37
CA LYS N 42 21.35 2.57 -47.77
C LYS N 42 21.35 3.86 -48.59
N ASN N 43 22.36 3.99 -49.47
CA ASN N 43 22.51 5.17 -50.30
C ASN N 43 22.37 6.44 -49.45
N GLY N 44 23.00 6.43 -48.26
CA GLY N 44 23.10 7.61 -47.44
C GLY N 44 21.88 7.84 -46.54
N GLU N 45 20.76 7.12 -46.77
CA GLU N 45 19.58 7.23 -45.92
C GLU N 45 19.59 6.13 -44.85
N ARG N 46 19.12 6.44 -43.64
CA ARG N 46 19.06 5.50 -42.54
C ARG N 46 17.99 4.45 -42.81
N ILE N 47 18.33 3.17 -42.58
CA ILE N 47 17.39 2.07 -42.73
C ILE N 47 16.57 1.96 -41.44
N GLU N 48 15.26 1.83 -41.59
CA GLU N 48 14.33 2.00 -40.47
C GLU N 48 14.18 0.70 -39.66
N LYS N 49 13.97 -0.41 -40.37
CA LYS N 49 13.71 -1.66 -39.66
C LYS N 49 15.04 -2.40 -39.52
N VAL N 50 15.69 -2.19 -38.36
CA VAL N 50 16.99 -2.78 -38.10
C VAL N 50 16.94 -3.48 -36.74
N GLU N 51 17.38 -4.75 -36.69
CA GLU N 51 17.38 -5.52 -35.46
C GLU N 51 18.80 -5.59 -34.91
N HIS N 52 18.90 -5.89 -33.60
CA HIS N 52 20.21 -6.06 -32.99
C HIS N 52 20.18 -7.15 -31.93
N SER N 53 21.35 -7.75 -31.72
CA SER N 53 21.58 -8.73 -30.68
C SER N 53 21.53 -8.04 -29.31
N ASP N 54 21.56 -8.86 -28.26
CA ASP N 54 21.53 -8.35 -26.91
C ASP N 54 22.96 -8.05 -26.47
N LEU N 55 23.11 -7.03 -25.63
CA LEU N 55 24.43 -6.64 -25.17
C LEU N 55 25.12 -7.80 -24.42
N SER N 56 26.31 -8.17 -24.87
CA SER N 56 27.16 -9.10 -24.13
C SER N 56 28.57 -8.55 -24.11
N PHE N 57 29.51 -9.28 -23.53
CA PHE N 57 30.87 -8.79 -23.46
C PHE N 57 31.87 -9.95 -23.52
N SER N 58 33.12 -9.61 -23.86
CA SER N 58 34.20 -10.55 -24.04
C SER N 58 34.99 -10.74 -22.73
N LYS N 59 36.00 -11.64 -22.78
CA LYS N 59 36.85 -12.00 -21.65
C LYS N 59 37.51 -10.75 -21.06
N ASP N 60 37.68 -9.71 -21.87
CA ASP N 60 38.40 -8.52 -21.44
C ASP N 60 37.40 -7.45 -20.96
N TRP N 61 36.11 -7.82 -20.85
CA TRP N 61 35.05 -6.98 -20.34
C TRP N 61 34.49 -5.99 -21.35
N SER N 62 35.03 -6.00 -22.57
CA SER N 62 34.59 -5.05 -23.58
C SER N 62 33.34 -5.58 -24.27
N PHE N 63 32.44 -4.68 -24.65
CA PHE N 63 31.13 -5.03 -25.13
C PHE N 63 31.14 -5.36 -26.64
N TYR N 64 30.12 -6.11 -27.07
CA TYR N 64 29.91 -6.37 -28.48
C TYR N 64 28.42 -6.45 -28.78
N LEU N 65 28.05 -6.00 -30.00
CA LEU N 65 26.70 -6.07 -30.53
C LEU N 65 26.75 -6.42 -32.02
N LEU N 66 25.67 -7.05 -32.48
CA LEU N 66 25.44 -7.21 -33.91
C LEU N 66 24.18 -6.48 -34.34
N TYR N 67 24.31 -5.54 -35.28
CA TYR N 67 23.15 -4.93 -35.94
C TYR N 67 22.98 -5.57 -37.31
N TYR N 68 21.72 -5.83 -37.68
CA TYR N 68 21.48 -6.52 -38.94
C TYR N 68 20.11 -6.11 -39.50
N THR N 69 20.04 -6.14 -40.83
CA THR N 69 18.79 -6.03 -41.53
C THR N 69 18.81 -6.94 -42.75
N GLU N 70 17.61 -7.38 -43.15
CA GLU N 70 17.46 -8.13 -44.39
C GLU N 70 17.65 -7.16 -45.56
N PHE N 71 18.33 -7.63 -46.59
CA PHE N 71 18.53 -6.81 -47.78
C PHE N 71 18.76 -7.74 -48.96
N THR N 72 18.52 -7.23 -50.17
CA THR N 72 18.90 -7.92 -51.39
C THR N 72 19.89 -7.01 -52.09
N PRO N 73 21.18 -7.37 -52.08
CA PRO N 73 22.22 -6.57 -52.74
C PRO N 73 22.01 -6.42 -54.24
N THR N 74 22.45 -5.28 -54.77
CA THR N 74 22.40 -5.01 -56.20
C THR N 74 23.78 -4.50 -56.61
N GLU N 75 23.94 -4.32 -57.92
CA GLU N 75 25.18 -3.77 -58.46
C GLU N 75 25.44 -2.37 -57.89
N LYS N 76 24.39 -1.51 -57.80
CA LYS N 76 24.53 -0.07 -57.70
C LYS N 76 24.45 0.44 -56.26
N ASP N 77 23.65 -0.23 -55.42
CA ASP N 77 23.28 0.28 -54.11
C ASP N 77 24.49 0.26 -53.18
N GLU N 78 24.67 1.36 -52.43
CA GLU N 78 25.74 1.46 -51.43
C GLU N 78 25.18 1.28 -50.02
N TYR N 79 25.89 0.50 -49.20
CA TYR N 79 25.50 0.28 -47.81
C TYR N 79 26.63 0.72 -46.88
N ALA N 80 26.25 1.22 -45.70
CA ALA N 80 27.24 1.61 -44.70
C ALA N 80 26.67 1.43 -43.30
N CYS N 81 27.56 1.52 -42.32
CA CYS N 81 27.24 1.40 -40.91
C CYS N 81 27.78 2.65 -40.20
N ARG N 82 26.95 3.28 -39.36
CA ARG N 82 27.31 4.54 -38.74
C ARG N 82 27.24 4.37 -37.23
N VAL N 83 28.35 4.67 -36.54
CA VAL N 83 28.49 4.38 -35.12
C VAL N 83 28.78 5.67 -34.34
N ASN N 84 28.05 5.84 -33.23
CA ASN N 84 28.29 6.89 -32.25
C ASN N 84 28.63 6.26 -30.90
N HIS N 85 29.65 6.83 -30.24
CA HIS N 85 30.14 6.40 -28.94
C HIS N 85 30.96 7.55 -28.36
N VAL N 86 31.13 7.55 -27.03
CA VAL N 86 31.77 8.66 -26.36
C VAL N 86 33.21 8.85 -26.86
N THR N 87 33.85 7.77 -27.31
CA THR N 87 35.23 7.82 -27.75
C THR N 87 35.36 8.38 -29.18
N LEU N 88 34.24 8.70 -29.82
CA LEU N 88 34.24 9.26 -31.17
C LEU N 88 33.79 10.71 -31.09
N SER N 89 34.67 11.63 -31.49
CA SER N 89 34.36 13.05 -31.56
C SER N 89 33.25 13.33 -32.58
N GLN N 90 33.16 12.45 -33.59
CA GLN N 90 32.11 12.56 -34.59
C GLN N 90 31.65 11.17 -34.98
N PRO N 91 30.43 11.01 -35.54
CA PRO N 91 29.99 9.72 -36.08
C PRO N 91 31.01 9.04 -36.98
N LYS N 92 31.27 7.75 -36.77
CA LYS N 92 32.16 7.00 -37.65
C LYS N 92 31.32 6.22 -38.66
N ILE N 93 31.62 6.38 -39.96
CA ILE N 93 30.88 5.67 -41.01
C ILE N 93 31.77 4.65 -41.69
N VAL N 94 31.36 3.38 -41.75
CA VAL N 94 32.13 2.36 -42.47
C VAL N 94 31.29 1.79 -43.61
N LYS N 95 31.81 1.82 -44.84
CA LYS N 95 31.07 1.36 -46.01
C LYS N 95 31.16 -0.16 -46.09
N TRP N 96 30.06 -0.79 -46.52
CA TRP N 96 30.06 -2.21 -46.84
C TRP N 96 30.85 -2.44 -48.12
N ASP N 97 31.85 -3.31 -48.03
CA ASP N 97 32.62 -3.75 -49.18
C ASP N 97 32.45 -5.26 -49.30
N ARG N 98 31.89 -5.70 -50.44
CA ARG N 98 31.50 -7.10 -50.63
C ARG N 98 32.71 -8.03 -50.72
N ASP N 99 33.92 -7.45 -50.77
CA ASP N 99 35.13 -8.25 -50.85
C ASP N 99 35.76 -8.41 -49.46
N MET N 100 35.08 -7.94 -48.41
CA MET N 100 35.63 -7.97 -47.07
C MET N 100 34.55 -8.44 -46.07
N SER O 1 20.09 -22.40 -15.71
CA SER O 1 19.39 -21.28 -15.02
C SER O 1 20.39 -20.45 -14.20
N PRO O 2 20.10 -19.14 -14.00
CA PRO O 2 20.92 -18.27 -13.16
C PRO O 2 20.86 -18.77 -11.73
N ARG O 3 22.00 -18.68 -11.01
CA ARG O 3 22.09 -19.04 -9.61
C ARG O 3 21.09 -18.27 -8.74
N TRP O 4 20.41 -19.02 -7.85
CA TRP O 4 19.57 -18.44 -6.83
C TRP O 4 20.51 -18.07 -5.69
N TYR O 5 21.22 -16.93 -5.83
CA TYR O 5 22.26 -16.45 -4.91
C TYR O 5 22.43 -14.95 -5.09
N PHE O 6 22.60 -14.21 -3.98
CA PHE O 6 22.63 -12.76 -3.93
C PHE O 6 23.81 -12.32 -3.07
N TYR O 7 24.37 -11.15 -3.38
CA TYR O 7 25.53 -10.62 -2.69
C TYR O 7 25.53 -9.10 -2.84
N TYR O 8 26.54 -8.46 -2.27
CA TYR O 8 26.80 -7.04 -2.46
C TYR O 8 28.32 -6.85 -2.39
N LEU O 9 28.90 -6.19 -3.39
CA LEU O 9 30.29 -5.75 -3.31
C LEU O 9 30.49 -4.69 -2.19
N GLN P 3 27.07 38.38 15.80
CA GLN P 3 28.15 37.40 15.49
C GLN P 3 28.57 37.55 14.03
N GLN P 4 29.87 37.72 13.81
CA GLN P 4 30.40 37.94 12.48
C GLN P 4 31.78 37.28 12.47
N VAL P 5 31.98 36.36 11.52
CA VAL P 5 33.28 35.70 11.40
C VAL P 5 33.91 36.19 10.11
N MET P 6 35.05 36.88 10.21
CA MET P 6 35.73 37.53 9.10
C MET P 6 37.10 36.87 8.93
N GLN P 7 37.57 36.85 7.68
CA GLN P 7 38.90 36.36 7.37
C GLN P 7 39.56 37.37 6.42
N ILE P 8 40.85 37.66 6.63
CA ILE P 8 41.63 38.48 5.72
C ILE P 8 42.99 37.82 5.48
N PRO P 9 43.67 38.00 4.33
CA PRO P 9 43.14 38.79 3.19
C PRO P 9 42.22 37.94 2.31
N GLN P 10 41.71 38.58 1.26
CA GLN P 10 40.77 37.94 0.36
C GLN P 10 41.54 36.92 -0.48
N TYR P 11 42.76 37.28 -0.88
CA TYR P 11 43.61 36.42 -1.67
C TYR P 11 45.07 36.75 -1.40
N GLN P 12 45.96 35.88 -1.86
CA GLN P 12 47.39 36.02 -1.62
C GLN P 12 48.13 35.21 -2.67
N HIS P 13 48.96 35.88 -3.49
CA HIS P 13 49.76 35.23 -4.52
C HIS P 13 51.20 35.17 -4.02
N VAL P 14 51.72 33.95 -3.81
CA VAL P 14 53.02 33.79 -3.16
C VAL P 14 53.92 32.94 -4.03
N GLN P 15 55.23 33.21 -3.92
CA GLN P 15 56.22 32.47 -4.68
C GLN P 15 56.48 31.16 -3.95
N GLU P 16 56.52 30.06 -4.72
CA GLU P 16 56.83 28.76 -4.16
C GLU P 16 58.02 28.87 -3.23
N GLY P 17 57.89 28.34 -2.02
CA GLY P 17 58.95 28.40 -1.01
C GLY P 17 58.75 29.54 -0.03
N GLU P 18 57.91 30.54 -0.40
CA GLU P 18 57.56 31.61 0.53
C GLU P 18 56.47 31.17 1.52
N ASP P 19 56.18 32.03 2.50
CA ASP P 19 55.23 31.74 3.57
C ASP P 19 53.86 32.35 3.26
N PHE P 20 52.78 31.68 3.71
CA PHE P 20 51.41 32.19 3.60
C PHE P 20 50.76 32.25 4.99
N THR P 21 49.96 33.31 5.21
CA THR P 21 49.22 33.47 6.45
C THR P 21 47.81 33.94 6.13
N THR P 22 46.81 33.37 6.84
CA THR P 22 45.46 33.89 6.75
C THR P 22 44.98 34.13 8.18
N TYR P 23 44.17 35.18 8.36
CA TYR P 23 43.76 35.59 9.69
C TYR P 23 42.26 35.57 9.83
N CYS P 24 41.80 35.09 10.99
CA CYS P 24 40.39 34.84 11.24
C CYS P 24 40.02 35.61 12.50
N ASN P 25 38.93 36.40 12.42
CA ASN P 25 38.40 37.18 13.54
C ASN P 25 36.93 36.87 13.77
N SER P 26 36.54 36.80 15.05
CA SER P 26 35.15 36.68 15.49
C SER P 26 34.83 37.84 16.43
N SER P 27 33.68 38.46 16.26
CA SER P 27 33.27 39.58 17.10
C SER P 27 32.79 39.10 18.47
N THR P 28 32.28 37.86 18.55
CA THR P 28 31.96 37.25 19.83
C THR P 28 33.03 36.21 20.20
N THR P 29 33.17 35.93 21.50
CA THR P 29 34.13 34.93 21.98
C THR P 29 33.70 33.57 21.48
N LEU P 30 34.66 32.78 21.03
CA LEU P 30 34.38 31.44 20.52
C LEU P 30 34.73 30.39 21.56
N SER P 31 34.04 29.24 21.49
CA SER P 31 34.40 28.06 22.28
C SER P 31 35.57 27.34 21.61
N ASN P 32 35.47 27.14 20.31
CA ASN P 32 36.51 26.43 19.56
C ASN P 32 36.55 26.97 18.13
N ILE P 33 37.70 26.77 17.45
CA ILE P 33 37.91 27.21 16.07
C ILE P 33 38.38 26.01 15.26
N GLN P 34 37.95 25.97 13.99
CA GLN P 34 38.28 24.88 13.09
C GLN P 34 38.80 25.48 11.79
N TRP P 35 39.76 24.81 11.16
CA TRP P 35 40.29 25.26 9.88
C TRP P 35 40.01 24.20 8.82
N TYR P 36 39.68 24.66 7.60
CA TYR P 36 39.36 23.84 6.44
C TYR P 36 40.19 24.31 5.26
N LYS P 37 40.51 23.35 4.36
CA LYS P 37 41.07 23.65 3.07
C LYS P 37 40.06 23.28 1.97
N GLN P 38 39.96 24.10 0.92
CA GLN P 38 39.13 23.81 -0.22
C GLN P 38 39.99 23.84 -1.47
N ARG P 39 40.43 22.66 -1.94
CA ARG P 39 41.13 22.48 -3.21
C ARG P 39 40.40 23.25 -4.32
N PRO P 40 41.10 23.72 -5.38
CA PRO P 40 40.42 24.33 -6.52
C PRO P 40 39.36 23.39 -7.13
N GLY P 41 38.14 23.90 -7.33
CA GLY P 41 37.03 23.13 -7.85
C GLY P 41 36.45 22.12 -6.85
N GLY P 42 36.90 22.14 -5.59
CA GLY P 42 36.46 21.20 -4.55
C GLY P 42 35.62 21.90 -3.48
N HIS P 43 35.51 21.27 -2.31
CA HIS P 43 34.72 21.75 -1.19
C HIS P 43 35.59 21.75 0.08
N PRO P 44 35.14 22.40 1.17
CA PRO P 44 35.94 22.49 2.39
C PRO P 44 36.10 21.15 3.13
N VAL P 45 37.38 20.81 3.39
CA VAL P 45 37.77 19.61 4.10
C VAL P 45 38.54 20.01 5.35
N PHE P 46 38.22 19.38 6.48
CA PHE P 46 38.69 19.80 7.79
C PHE P 46 40.18 19.55 7.91
N LEU P 47 40.91 20.51 8.46
CA LEU P 47 42.32 20.38 8.77
C LEU P 47 42.50 20.07 10.24
N ILE P 48 42.05 20.99 11.13
CA ILE P 48 42.40 20.89 12.54
C ILE P 48 41.36 21.66 13.35
N GLN P 49 41.35 21.40 14.67
CA GLN P 49 40.52 22.15 15.61
C GLN P 49 41.39 22.62 16.77
N LEU P 50 41.15 23.86 17.25
CA LEU P 50 41.81 24.37 18.44
C LEU P 50 40.73 24.73 19.46
N VAL P 51 41.02 24.57 20.76
CA VAL P 51 40.01 24.70 21.80
C VAL P 51 40.48 25.69 22.87
N LYS P 52 41.78 25.68 23.19
CA LYS P 52 42.29 26.42 24.34
C LYS P 52 42.80 27.78 23.91
N SER P 53 42.46 28.78 24.73
CA SER P 53 43.02 30.11 24.61
C SER P 53 44.54 30.03 24.46
N GLY P 54 45.10 30.65 23.39
CA GLY P 54 46.55 30.73 23.22
C GLY P 54 47.20 29.46 22.64
N GLU P 55 46.40 28.47 22.23
CA GLU P 55 46.92 27.19 21.78
C GLU P 55 47.63 27.36 20.44
N VAL P 56 48.73 26.60 20.24
CA VAL P 56 49.42 26.48 18.97
C VAL P 56 49.52 25.01 18.62
N LYS P 57 49.18 24.64 17.37
CA LYS P 57 49.39 23.29 16.89
C LYS P 57 50.11 23.33 15.55
N LYS P 58 50.88 22.27 15.25
CA LYS P 58 51.69 22.19 14.04
C LYS P 58 51.32 20.89 13.33
N GLN P 59 51.04 20.98 12.03
CA GLN P 59 50.68 19.83 11.23
C GLN P 59 51.51 19.90 9.95
N LYS P 60 52.72 19.36 10.03
CA LYS P 60 53.67 19.41 8.92
C LYS P 60 54.06 20.88 8.70
N ARG P 61 53.78 21.44 7.51
CA ARG P 61 54.20 22.80 7.20
C ARG P 61 53.21 23.85 7.73
N LEU P 62 52.14 23.37 8.38
CA LEU P 62 51.04 24.26 8.76
C LEU P 62 51.09 24.48 10.26
N THR P 63 51.01 25.75 10.67
CA THR P 63 50.99 26.13 12.08
C THR P 63 49.70 26.89 12.35
N PHE P 64 48.97 26.46 13.39
CA PHE P 64 47.67 27.04 13.69
C PHE P 64 47.73 27.63 15.09
N GLN P 65 47.11 28.80 15.27
CA GLN P 65 47.23 29.57 16.50
C GLN P 65 45.85 30.11 16.91
N PHE P 66 45.56 30.02 18.21
CA PHE P 66 44.27 30.50 18.71
C PHE P 66 44.55 31.57 19.76
N GLY P 67 43.91 32.74 19.60
CA GLY P 67 44.19 33.90 20.42
C GLY P 67 43.77 33.73 21.88
N GLU P 68 44.29 34.62 22.71
CA GLU P 68 44.11 34.60 24.15
C GLU P 68 42.64 34.81 24.51
N ALA P 69 41.94 35.67 23.78
CA ALA P 69 40.55 36.00 24.07
C ALA P 69 39.59 35.11 23.28
N LYS P 70 40.12 34.13 22.52
CA LYS P 70 39.32 33.20 21.73
C LYS P 70 38.41 33.95 20.75
N LYS P 71 38.99 34.99 20.12
CA LYS P 71 38.29 35.83 19.15
C LYS P 71 39.04 35.83 17.82
N ASN P 72 40.24 35.21 17.79
CA ASN P 72 41.13 35.35 16.66
C ASN P 72 41.99 34.09 16.48
N SER P 73 42.25 33.73 15.22
CA SER P 73 43.04 32.56 14.88
C SER P 73 43.80 32.83 13.59
N SER P 74 44.98 32.19 13.44
CA SER P 74 45.69 32.26 12.17
C SER P 74 46.08 30.87 11.70
N LEU P 75 46.15 30.71 10.37
CA LEU P 75 46.75 29.56 9.69
C LEU P 75 47.97 30.05 8.92
N HIS P 76 49.11 29.40 9.16
CA HIS P 76 50.41 29.78 8.59
C HIS P 76 51.01 28.57 7.87
N ILE P 77 51.43 28.77 6.61
CA ILE P 77 52.11 27.71 5.87
C ILE P 77 53.54 28.14 5.61
N THR P 78 54.50 27.31 6.04
CA THR P 78 55.91 27.55 5.77
C THR P 78 56.31 26.82 4.49
N ALA P 79 57.10 27.49 3.64
CA ALA P 79 57.59 26.90 2.39
C ALA P 79 56.44 26.43 1.51
N THR P 80 55.59 27.37 1.04
CA THR P 80 54.44 26.94 0.26
C THR P 80 54.91 26.13 -0.95
N GLN P 81 54.10 25.12 -1.27
CA GLN P 81 54.23 24.36 -2.49
C GLN P 81 52.97 24.58 -3.33
N THR P 82 53.11 24.32 -4.65
CA THR P 82 52.02 24.43 -5.60
C THR P 82 50.82 23.57 -5.15
N THR P 83 51.10 22.47 -4.42
CA THR P 83 50.07 21.54 -3.98
C THR P 83 49.23 22.16 -2.84
N ASP P 84 49.58 23.36 -2.38
CA ASP P 84 48.89 24.02 -1.28
C ASP P 84 47.85 24.99 -1.82
N VAL P 85 47.79 25.13 -3.14
CA VAL P 85 46.82 26.01 -3.82
C VAL P 85 45.40 25.67 -3.32
N GLY P 86 44.57 26.70 -3.07
CA GLY P 86 43.22 26.47 -2.58
C GLY P 86 42.70 27.63 -1.73
N THR P 87 41.43 27.53 -1.30
CA THR P 87 40.89 28.50 -0.37
C THR P 87 40.90 27.92 1.04
N TYR P 88 41.47 28.68 1.97
CA TYR P 88 41.48 28.28 3.36
C TYR P 88 40.37 29.02 4.11
N PHE P 89 39.55 28.24 4.85
CA PHE P 89 38.39 28.73 5.55
C PHE P 89 38.54 28.44 7.05
N CYS P 90 38.14 29.40 7.89
CA CYS P 90 38.05 29.12 9.30
C CYS P 90 36.59 28.99 9.69
N ALA P 91 36.32 28.30 10.82
CA ALA P 91 34.97 28.19 11.31
C ALA P 91 34.92 28.22 12.84
N GLY P 92 34.04 29.08 13.35
CA GLY P 92 33.87 29.28 14.78
C GLY P 92 32.69 28.47 15.28
N TYR P 93 32.79 28.02 16.53
CA TYR P 93 31.75 27.33 17.27
C TYR P 93 31.52 28.07 18.59
N THR P 94 30.26 28.38 18.87
CA THR P 94 29.83 28.89 20.16
C THR P 94 28.97 27.84 20.88
N SER P 95 29.40 27.49 22.10
CA SER P 95 28.59 26.61 22.94
C SER P 95 27.17 27.14 23.01
N GLY P 96 26.23 26.19 23.06
CA GLY P 96 24.83 26.55 23.17
C GLY P 96 24.18 26.72 21.82
N THR P 97 24.93 26.53 20.73
CA THR P 97 24.38 26.70 19.39
C THR P 97 24.58 25.42 18.58
N TYR P 98 23.92 25.39 17.43
CA TYR P 98 24.02 24.26 16.51
C TYR P 98 24.71 24.64 15.20
N LYS P 99 25.66 25.58 15.22
CA LYS P 99 26.13 26.18 13.99
C LYS P 99 27.66 26.21 13.95
N TYR P 100 28.23 25.78 12.82
CA TYR P 100 29.59 26.13 12.44
C TYR P 100 29.52 27.39 11.57
N ILE P 101 30.16 28.48 11.99
CA ILE P 101 30.13 29.74 11.26
C ILE P 101 31.49 29.94 10.58
N PHE P 102 31.48 29.95 9.23
CA PHE P 102 32.67 29.98 8.41
C PHE P 102 33.05 31.43 8.11
N GLY P 103 34.36 31.70 8.13
CA GLY P 103 34.87 32.95 7.63
C GLY P 103 34.67 33.07 6.11
N THR P 104 35.17 34.19 5.56
CA THR P 104 34.96 34.51 4.15
C THR P 104 36.04 33.82 3.31
N GLY P 105 37.15 33.37 3.89
CA GLY P 105 38.14 32.58 3.19
C GLY P 105 39.30 33.39 2.63
N THR P 106 40.50 32.78 2.53
CA THR P 106 41.63 33.36 1.82
C THR P 106 42.07 32.40 0.73
N ARG P 107 42.11 32.90 -0.51
CA ARG P 107 42.54 32.11 -1.67
C ARG P 107 44.07 32.15 -1.77
N LEU P 108 44.71 30.98 -1.84
CA LEU P 108 46.15 30.87 -1.98
C LEU P 108 46.45 30.44 -3.41
N LYS P 109 47.20 31.30 -4.11
CA LYS P 109 47.80 31.01 -5.41
C LYS P 109 49.31 30.91 -5.23
N VAL P 110 49.88 29.73 -5.56
CA VAL P 110 51.33 29.57 -5.49
C VAL P 110 51.91 29.69 -6.90
N LEU P 111 52.69 30.77 -7.12
CA LEU P 111 53.46 30.97 -8.35
C LEU P 111 54.68 30.04 -8.34
N ALA P 112 54.79 29.24 -9.41
CA ALA P 112 55.75 28.13 -9.40
C ALA P 112 57.11 28.69 -9.78
N ASN P 113 58.17 28.07 -9.23
CA ASN P 113 59.54 28.37 -9.60
C ASN P 113 59.86 27.77 -10.97
N ILE P 114 60.18 28.67 -11.90
CA ILE P 114 60.54 28.25 -13.25
C ILE P 114 62.07 28.26 -13.33
N GLN P 115 62.64 27.07 -13.46
CA GLN P 115 64.08 26.84 -13.49
C GLN P 115 64.73 27.55 -14.68
N ASN P 116 64.17 27.37 -15.90
CA ASN P 116 64.80 27.84 -17.12
C ASN P 116 63.78 28.59 -17.97
N PRO P 117 63.44 29.85 -17.66
CA PRO P 117 62.49 30.60 -18.48
C PRO P 117 62.91 30.60 -19.95
N ASP P 118 61.94 30.41 -20.83
CA ASP P 118 62.16 30.42 -22.27
C ASP P 118 60.95 31.08 -22.93
N PRO P 119 60.59 32.32 -22.55
CA PRO P 119 59.38 32.95 -23.04
C PRO P 119 59.29 32.93 -24.57
N ALA P 120 58.15 32.48 -25.07
CA ALA P 120 57.89 32.41 -26.49
C ALA P 120 56.38 32.51 -26.71
N VAL P 121 56.02 32.96 -27.94
CA VAL P 121 54.64 33.00 -28.40
C VAL P 121 54.59 32.18 -29.67
N TYR P 122 53.78 31.11 -29.66
CA TYR P 122 53.68 30.23 -30.81
C TYR P 122 52.28 30.27 -31.36
N GLN P 123 52.12 30.04 -32.67
CA GLN P 123 50.82 29.78 -33.24
C GLN P 123 50.61 28.27 -33.37
N LEU P 124 49.46 27.79 -32.88
CA LEU P 124 49.15 26.38 -33.02
C LEU P 124 48.52 26.20 -34.39
N ARG P 125 48.30 24.94 -34.78
CA ARG P 125 47.66 24.61 -36.04
C ARG P 125 46.16 24.89 -35.94
N ASP P 126 45.55 25.24 -37.07
CA ASP P 126 44.10 25.40 -37.14
C ASP P 126 43.40 24.07 -36.88
N SER P 127 42.21 24.08 -36.25
CA SER P 127 41.44 22.89 -35.92
C SER P 127 40.81 22.23 -37.15
N LYS P 128 40.48 23.01 -38.19
CA LYS P 128 39.96 22.46 -39.43
C LYS P 128 38.47 22.17 -39.25
N SER P 129 38.01 22.24 -37.99
CA SER P 129 36.58 22.25 -37.69
C SER P 129 36.25 23.58 -37.01
N SER P 130 37.26 24.44 -36.83
CA SER P 130 37.07 25.75 -36.20
C SER P 130 37.51 26.85 -37.14
N ASP P 131 37.13 28.09 -36.84
CA ASP P 131 37.54 29.24 -37.63
C ASP P 131 38.46 30.12 -36.79
N LYS P 132 38.97 29.58 -35.66
CA LYS P 132 39.80 30.40 -34.77
C LYS P 132 41.30 30.23 -35.06
N SER P 133 42.03 31.33 -34.89
CA SER P 133 43.48 31.30 -34.80
C SER P 133 43.87 31.24 -33.34
N VAL P 134 44.86 30.40 -32.98
CA VAL P 134 45.15 30.20 -31.57
C VAL P 134 46.65 30.39 -31.29
N CYS P 135 46.93 31.22 -30.27
CA CYS P 135 48.28 31.62 -29.92
C CYS P 135 48.59 31.17 -28.50
N LEU P 136 49.78 30.60 -28.30
CA LEU P 136 50.21 30.14 -26.99
C LEU P 136 51.40 30.96 -26.51
N PHE P 137 51.21 31.75 -25.46
CA PHE P 137 52.33 32.41 -24.79
C PHE P 137 52.79 31.44 -23.70
N THR P 138 54.05 31.01 -23.72
CA THR P 138 54.47 29.92 -22.84
C THR P 138 55.90 30.10 -22.35
N ASP P 139 56.22 29.42 -21.23
CA ASP P 139 57.57 29.22 -20.70
C ASP P 139 58.11 30.49 -20.07
N PHE P 140 57.23 31.46 -19.79
CA PHE P 140 57.64 32.71 -19.18
C PHE P 140 57.84 32.53 -17.67
N ASP P 141 58.53 33.52 -17.09
CA ASP P 141 58.77 33.62 -15.67
C ASP P 141 57.48 33.97 -14.94
N SER P 142 57.37 33.53 -13.68
CA SER P 142 56.17 33.72 -12.87
C SER P 142 55.95 35.20 -12.51
N GLN P 143 56.93 36.06 -12.82
CA GLN P 143 56.83 37.48 -12.57
C GLN P 143 55.92 38.14 -13.61
N THR P 144 55.64 37.42 -14.70
CA THR P 144 54.84 37.92 -15.78
C THR P 144 53.36 37.80 -15.41
N ASN P 145 52.65 38.92 -15.66
CA ASN P 145 51.21 38.96 -15.56
C ASN P 145 50.66 39.05 -16.98
N VAL P 146 49.65 38.24 -17.29
CA VAL P 146 49.02 38.31 -18.59
C VAL P 146 47.77 39.16 -18.44
N SER P 147 47.55 40.11 -19.35
CA SER P 147 46.41 41.01 -19.26
C SER P 147 45.32 40.49 -20.19
N GLN P 148 44.07 40.84 -19.87
CA GLN P 148 42.92 40.66 -20.75
C GLN P 148 43.14 41.46 -22.03
N SER P 149 42.25 41.29 -23.01
CA SER P 149 42.35 42.13 -24.19
C SER P 149 41.57 43.42 -23.99
N LYS P 150 42.03 44.47 -24.68
CA LYS P 150 41.37 45.73 -24.86
C LYS P 150 40.64 45.68 -26.20
N ASP P 151 40.58 44.51 -26.85
CA ASP P 151 39.88 44.29 -28.10
C ASP P 151 38.84 43.19 -27.88
N SER P 152 37.61 43.44 -28.33
CA SER P 152 36.50 42.52 -28.08
C SER P 152 36.51 41.37 -29.08
N ASP P 153 37.35 41.48 -30.11
CA ASP P 153 37.47 40.42 -31.11
C ASP P 153 38.40 39.29 -30.64
N VAL P 154 39.23 39.57 -29.62
CA VAL P 154 40.27 38.65 -29.20
C VAL P 154 40.04 38.26 -27.73
N TYR P 155 40.17 36.96 -27.45
CA TYR P 155 40.03 36.39 -26.12
C TYR P 155 41.40 35.98 -25.62
N ILE P 156 41.73 36.31 -24.35
CA ILE P 156 42.97 35.93 -23.70
C ILE P 156 42.64 35.34 -22.32
N THR P 157 43.13 34.13 -22.06
CA THR P 157 42.93 33.45 -20.79
C THR P 157 44.03 33.87 -19.85
N ASP P 158 43.83 33.65 -18.54
CA ASP P 158 44.87 33.92 -17.58
C ASP P 158 45.92 32.81 -17.64
N LYS P 159 47.04 32.99 -16.95
CA LYS P 159 48.15 32.06 -17.01
C LYS P 159 47.81 30.88 -16.12
N CYS P 160 48.17 29.66 -16.55
CA CYS P 160 48.20 28.56 -15.59
C CYS P 160 49.44 27.71 -15.76
N VAL P 161 49.78 26.98 -14.69
CA VAL P 161 50.99 26.20 -14.63
C VAL P 161 50.66 24.72 -14.85
N LEU P 162 51.35 24.11 -15.82
CA LEU P 162 51.23 22.67 -15.99
C LEU P 162 52.53 22.00 -15.51
N ASP P 163 52.42 20.72 -15.15
CA ASP P 163 53.51 19.96 -14.57
C ASP P 163 53.68 18.66 -15.35
N MET P 164 54.78 18.55 -16.08
CA MET P 164 55.15 17.30 -16.74
C MET P 164 55.88 16.44 -15.72
N ARG P 165 55.10 15.63 -15.00
CA ARG P 165 55.49 15.02 -13.74
C ARG P 165 56.71 14.12 -13.95
N SER P 166 56.66 13.29 -15.00
CA SER P 166 57.69 12.29 -15.23
C SER P 166 59.02 12.95 -15.63
N MET P 167 58.96 14.17 -16.15
CA MET P 167 60.14 14.91 -16.57
C MET P 167 60.48 16.00 -15.54
N ASP P 168 59.73 16.05 -14.44
CA ASP P 168 59.96 17.01 -13.37
C ASP P 168 60.14 18.41 -13.97
N PHE P 169 59.16 18.84 -14.79
CA PHE P 169 59.23 20.11 -15.50
C PHE P 169 57.88 20.82 -15.37
N LYS P 170 57.90 22.12 -15.08
CA LYS P 170 56.71 22.93 -14.95
C LYS P 170 56.82 24.12 -15.89
N SER P 171 55.67 24.62 -16.36
CA SER P 171 55.67 25.74 -17.27
C SER P 171 54.35 26.48 -17.16
N ASN P 172 54.45 27.82 -17.26
CA ASN P 172 53.31 28.71 -17.37
C ASN P 172 52.88 28.82 -18.84
N SER P 173 51.60 29.17 -19.04
CA SER P 173 51.13 29.50 -20.38
C SER P 173 49.83 30.28 -20.29
N ALA P 174 49.55 31.05 -21.34
CA ALA P 174 48.25 31.68 -21.55
C ALA P 174 47.91 31.56 -23.03
N VAL P 175 46.61 31.67 -23.32
CA VAL P 175 46.12 31.33 -24.63
C VAL P 175 45.34 32.54 -25.11
N ALA P 176 45.52 32.88 -26.40
CA ALA P 176 44.77 33.97 -27.01
C ALA P 176 44.24 33.47 -28.34
N TRP P 177 43.01 33.87 -28.71
CA TRP P 177 42.45 33.44 -29.98
C TRP P 177 41.47 34.48 -30.49
N SER P 178 41.26 34.43 -31.81
CA SER P 178 40.30 35.28 -32.49
C SER P 178 39.93 34.62 -33.83
N ASN P 179 38.86 35.12 -34.46
CA ASN P 179 38.53 34.67 -35.80
C ASN P 179 38.75 35.83 -36.76
N LYS P 180 39.30 36.95 -36.26
CA LYS P 180 39.61 38.09 -37.11
C LYS P 180 40.74 37.73 -38.10
N SER P 181 40.71 38.32 -39.30
CA SER P 181 41.73 38.05 -40.31
C SER P 181 42.94 38.96 -40.11
N ASP P 182 42.79 39.98 -39.25
CA ASP P 182 43.84 40.93 -38.95
C ASP P 182 44.70 40.40 -37.81
N PHE P 183 44.22 39.35 -37.13
CA PHE P 183 44.77 38.90 -35.85
C PHE P 183 46.09 38.19 -36.10
N ALA P 184 47.10 38.54 -35.29
CA ALA P 184 48.36 37.84 -35.41
C ALA P 184 48.93 37.60 -34.03
N CYS P 185 49.56 36.43 -33.86
CA CYS P 185 50.23 36.06 -32.64
C CYS P 185 51.21 37.14 -32.21
N ALA P 186 51.85 37.79 -33.20
CA ALA P 186 52.79 38.86 -32.94
C ALA P 186 52.15 39.98 -32.13
N ASN P 187 50.85 40.23 -32.32
CA ASN P 187 50.18 41.35 -31.64
C ASN P 187 49.23 40.89 -30.50
N ALA P 188 49.02 39.58 -30.38
CA ALA P 188 47.95 39.04 -29.55
C ALA P 188 48.10 39.50 -28.10
N PHE P 189 49.35 39.53 -27.59
CA PHE P 189 49.62 39.74 -26.19
C PHE P 189 50.09 41.19 -25.91
N ASN P 190 49.72 42.12 -26.79
CA ASN P 190 50.16 43.51 -26.76
C ASN P 190 49.83 44.24 -25.44
N ASN P 191 48.75 43.82 -24.76
CA ASN P 191 48.32 44.52 -23.57
C ASN P 191 49.13 44.06 -22.36
N SER P 192 49.94 43.03 -22.55
CA SER P 192 50.73 42.44 -21.49
C SER P 192 52.15 43.00 -21.56
N ILE P 193 52.78 43.04 -20.40
CA ILE P 193 54.19 43.35 -20.29
C ILE P 193 54.94 42.03 -20.25
N ILE P 194 55.50 41.67 -21.41
CA ILE P 194 56.13 40.38 -21.57
C ILE P 194 57.65 40.55 -21.61
N PRO P 195 58.46 39.51 -21.30
CA PRO P 195 59.91 39.66 -21.31
C PRO P 195 60.41 40.20 -22.64
N GLU P 196 61.44 41.06 -22.56
CA GLU P 196 62.00 41.76 -23.70
C GLU P 196 62.52 40.76 -24.73
N ASP P 197 63.03 39.60 -24.25
CA ASP P 197 63.64 38.59 -25.08
C ASP P 197 62.65 37.52 -25.54
N THR P 198 61.34 37.81 -25.47
CA THR P 198 60.34 36.82 -25.86
C THR P 198 60.57 36.46 -27.33
N PHE P 199 60.61 35.16 -27.61
CA PHE P 199 60.83 34.65 -28.95
C PHE P 199 59.51 34.60 -29.71
N PHE P 200 59.52 35.15 -30.93
CA PHE P 200 58.37 35.19 -31.82
C PHE P 200 58.69 34.51 -33.16
N PRO P 201 58.72 33.16 -33.25
CA PRO P 201 59.08 32.48 -34.50
C PRO P 201 57.96 32.68 -35.51
N SER P 202 58.29 32.77 -36.81
CA SER P 202 57.26 32.93 -37.82
C SER P 202 56.29 31.74 -37.83
N PRO P 203 54.97 31.97 -38.04
CA PRO P 203 54.02 30.86 -38.13
C PRO P 203 54.52 29.78 -39.08
N GLU P 204 55.23 30.19 -40.14
CA GLU P 204 55.72 29.35 -41.22
C GLU P 204 56.83 28.46 -40.71
N SER P 205 57.64 29.02 -39.81
CA SER P 205 58.88 28.43 -39.36
C SER P 205 58.59 27.13 -38.64
N SER P 206 59.65 26.38 -38.36
CA SER P 206 59.56 25.16 -37.56
C SER P 206 60.98 24.66 -37.26
N GLY Q 2 26.23 6.37 3.09
CA GLY Q 2 27.46 5.54 3.07
C GLY Q 2 28.51 6.13 3.99
N ALA Q 3 29.80 5.95 3.64
CA ALA Q 3 30.93 6.46 4.41
C ALA Q 3 31.14 7.96 4.17
N GLY Q 4 30.53 8.52 3.12
CA GLY Q 4 30.62 9.92 2.77
C GLY Q 4 29.25 10.55 2.54
N VAL Q 5 29.18 11.90 2.53
CA VAL Q 5 27.94 12.62 2.28
C VAL Q 5 27.71 12.64 0.77
N SER Q 6 26.49 12.31 0.34
CA SER Q 6 26.12 12.33 -1.08
C SER Q 6 25.14 13.45 -1.35
N GLN Q 7 25.30 14.15 -2.47
CA GLN Q 7 24.35 15.17 -2.88
C GLN Q 7 23.99 15.01 -4.35
N SER Q 8 22.73 15.26 -4.70
CA SER Q 8 22.28 15.20 -6.09
C SER Q 8 21.16 16.21 -6.30
N PRO Q 9 21.04 16.78 -7.52
CA PRO Q 9 21.98 16.50 -8.61
C PRO Q 9 23.28 17.27 -8.36
N ARG Q 10 24.31 16.94 -9.17
CA ARG Q 10 25.58 17.66 -9.06
C ARG Q 10 25.39 19.08 -9.56
N TYR Q 11 24.59 19.22 -10.60
CA TYR Q 11 24.36 20.49 -11.29
C TYR Q 11 22.88 20.59 -11.65
N LYS Q 12 22.35 21.81 -11.59
CA LYS Q 12 20.96 22.05 -11.88
C LYS Q 12 20.84 23.40 -12.56
N VAL Q 13 20.18 23.40 -13.72
CA VAL Q 13 19.80 24.66 -14.37
C VAL Q 13 18.29 24.81 -14.22
N ALA Q 14 17.86 25.96 -13.69
CA ALA Q 14 16.45 26.19 -13.47
C ALA Q 14 16.05 27.47 -14.21
N LYS Q 15 14.82 27.47 -14.75
CA LYS Q 15 14.21 28.68 -15.29
C LYS Q 15 13.70 29.51 -14.13
N ARG Q 16 14.01 30.81 -14.10
CA ARG Q 16 13.51 31.74 -13.08
C ARG Q 16 12.02 31.50 -12.87
N GLY Q 17 11.62 31.31 -11.60
CA GLY Q 17 10.22 31.09 -11.27
C GLY Q 17 9.86 29.61 -11.06
N GLN Q 18 10.74 28.70 -11.48
CA GLN Q 18 10.55 27.26 -11.27
C GLN Q 18 11.03 26.84 -9.88
N ASP Q 19 10.45 25.74 -9.37
CA ASP Q 19 10.84 25.18 -8.08
C ASP Q 19 11.99 24.23 -8.32
N VAL Q 20 12.90 24.08 -7.33
CA VAL Q 20 13.94 23.06 -7.38
C VAL Q 20 13.95 22.29 -6.06
N ALA Q 21 14.38 21.03 -6.14
CA ALA Q 21 14.60 20.18 -4.98
C ALA Q 21 16.03 19.64 -5.00
N LEU Q 22 16.79 19.89 -3.92
CA LEU Q 22 18.16 19.42 -3.81
C LEU Q 22 18.23 18.34 -2.73
N ARG Q 23 18.83 17.20 -3.09
CA ARG Q 23 18.85 16.05 -2.21
C ARG Q 23 20.22 15.89 -1.53
N CYS Q 24 20.16 15.45 -0.27
CA CYS Q 24 21.36 15.11 0.47
C CYS Q 24 21.18 13.79 1.23
N ASP Q 25 22.19 12.94 1.15
CA ASP Q 25 22.15 11.64 1.81
C ASP Q 25 23.36 11.56 2.76
N PRO Q 26 23.17 11.75 4.08
CA PRO Q 26 24.30 11.95 5.00
C PRO Q 26 25.08 10.67 5.29
N ILE Q 27 26.22 10.81 5.99
CA ILE Q 27 26.95 9.64 6.44
C ILE Q 27 26.02 8.79 7.29
N SER Q 28 26.03 7.47 7.08
CA SER Q 28 25.20 6.56 7.86
C SER Q 28 25.34 6.82 9.36
N GLY Q 29 24.17 6.98 9.99
CA GLY Q 29 24.06 7.11 11.44
C GLY Q 29 24.33 8.53 11.95
N HIS Q 30 24.69 9.46 11.07
CA HIS Q 30 24.90 10.82 11.53
C HIS Q 30 23.57 11.44 11.92
N VAL Q 31 23.53 11.94 13.16
CA VAL Q 31 22.33 12.50 13.75
C VAL Q 31 22.11 13.91 13.20
N SER Q 32 23.21 14.64 12.97
CA SER Q 32 23.15 16.04 12.60
C SER Q 32 23.26 16.20 11.09
N LEU Q 33 22.47 17.13 10.54
CA LEU Q 33 22.49 17.46 9.12
C LEU Q 33 22.38 18.97 9.00
N PHE Q 34 23.21 19.56 8.13
CA PHE Q 34 23.21 20.99 7.93
C PHE Q 34 23.08 21.30 6.44
N TRP Q 35 22.42 22.41 6.13
CA TRP Q 35 22.45 23.02 4.82
C TRP Q 35 23.19 24.35 4.89
N TYR Q 36 24.09 24.57 3.93
CA TYR Q 36 24.83 25.82 3.77
C TYR Q 36 24.71 26.27 2.32
N GLN Q 37 24.77 27.60 2.10
CA GLN Q 37 24.81 28.15 0.76
C GLN Q 37 26.17 28.83 0.58
N GLN Q 38 26.80 28.55 -0.57
CA GLN Q 38 28.12 29.09 -0.90
C GLN Q 38 28.08 29.74 -2.28
N ALA Q 39 28.14 31.08 -2.29
CA ALA Q 39 28.23 31.86 -3.52
C ALA Q 39 29.58 31.56 -4.16
N LEU Q 40 29.67 31.64 -5.51
CA LEU Q 40 30.93 31.40 -6.21
C LEU Q 40 32.05 32.25 -5.61
N GLY Q 41 33.18 31.62 -5.33
CA GLY Q 41 34.36 32.31 -4.80
C GLY Q 41 34.26 32.71 -3.33
N GLN Q 42 33.17 32.30 -2.64
CA GLN Q 42 32.90 32.76 -1.28
C GLN Q 42 32.87 31.58 -0.31
N GLY Q 43 32.56 31.87 0.96
CA GLY Q 43 32.51 30.86 2.01
C GLY Q 43 31.10 30.32 2.22
N PRO Q 44 30.96 29.17 2.90
CA PRO Q 44 29.62 28.65 3.22
C PRO Q 44 28.88 29.58 4.19
N GLU Q 45 27.57 29.78 3.97
CA GLU Q 45 26.70 30.50 4.89
C GLU Q 45 25.57 29.58 5.36
N PHE Q 46 25.36 29.51 6.68
CA PHE Q 46 24.40 28.60 7.29
C PHE Q 46 22.97 28.91 6.83
N LEU Q 47 22.23 27.84 6.51
CA LEU Q 47 20.80 27.90 6.19
C LEU Q 47 20.00 27.27 7.33
N THR Q 48 20.20 25.97 7.59
CA THR Q 48 19.33 25.24 8.52
C THR Q 48 20.01 24.00 9.07
N TYR Q 49 19.51 23.51 10.22
CA TYR Q 49 20.10 22.40 10.96
C TYR Q 49 19.03 21.42 11.45
N PHE Q 50 19.30 20.12 11.30
CA PHE Q 50 18.42 19.06 11.77
C PHE Q 50 19.16 18.17 12.75
N GLN Q 51 18.48 17.84 13.86
CA GLN Q 51 18.90 16.79 14.77
C GLN Q 51 17.88 15.67 14.58
N ASN Q 52 18.30 14.56 13.97
CA ASN Q 52 17.35 13.57 13.46
C ASN Q 52 16.38 14.27 12.53
N GLU Q 53 15.07 14.08 12.77
CA GLU Q 53 14.05 14.65 11.91
C GLU Q 53 13.69 16.07 12.33
N ALA Q 54 14.15 16.52 13.50
CA ALA Q 54 13.76 17.82 14.05
C ALA Q 54 14.62 18.96 13.51
N GLN Q 55 13.96 19.96 12.90
CA GLN Q 55 14.63 21.12 12.36
C GLN Q 55 14.78 22.13 13.46
N LEU Q 56 15.89 22.04 14.22
CA LEU Q 56 16.05 22.83 15.45
C LEU Q 56 16.53 24.26 15.21
N ASP Q 57 17.11 24.57 14.05
CA ASP Q 57 17.59 25.94 13.81
C ASP Q 57 17.41 26.27 12.33
N LYS Q 58 16.42 27.11 12.01
CA LYS Q 58 16.19 27.51 10.61
C LYS Q 58 16.54 28.97 10.40
N SER Q 59 17.37 29.55 11.27
CA SER Q 59 17.64 30.98 11.32
C SER Q 59 18.33 31.53 10.07
N GLY Q 60 18.97 30.68 9.24
CA GLY Q 60 19.74 31.17 8.12
C GLY Q 60 18.97 31.16 6.81
N LEU Q 61 17.78 30.54 6.82
CA LEU Q 61 16.94 30.44 5.63
C LEU Q 61 16.56 31.85 5.21
N PRO Q 62 16.85 32.30 3.97
CA PRO Q 62 16.83 33.74 3.67
C PRO Q 62 15.44 34.38 3.51
N SER Q 63 14.43 33.53 3.25
CA SER Q 63 13.04 33.89 3.04
C SER Q 63 12.20 32.63 3.17
N ASP Q 64 10.90 32.70 2.82
CA ASP Q 64 10.00 31.57 3.02
C ASP Q 64 10.02 30.64 1.81
N ARG Q 65 10.55 31.11 0.67
CA ARG Q 65 10.71 30.28 -0.52
C ARG Q 65 11.62 29.07 -0.27
N PHE Q 66 12.42 29.12 0.81
CA PHE Q 66 13.36 28.08 1.17
C PHE Q 66 12.78 27.23 2.30
N PHE Q 67 12.66 25.93 2.09
CA PHE Q 67 12.22 25.03 3.14
C PHE Q 67 12.90 23.66 3.02
N ALA Q 68 13.33 23.10 4.16
CA ALA Q 68 14.02 21.82 4.15
C ALA Q 68 13.15 20.77 4.85
N GLU Q 69 13.28 19.51 4.44
CA GLU Q 69 12.73 18.41 5.20
C GLU Q 69 13.79 17.30 5.36
N ARG Q 70 13.57 16.50 6.39
CA ARG Q 70 14.37 15.31 6.68
C ARG Q 70 13.43 14.34 7.41
N PRO Q 71 12.41 13.81 6.70
CA PRO Q 71 11.27 13.15 7.35
C PRO Q 71 11.54 11.91 8.20
N GLU Q 72 12.62 11.19 7.87
CA GLU Q 72 12.98 9.96 8.56
C GLU Q 72 14.31 10.14 9.29
N GLY Q 73 14.80 11.39 9.39
CA GLY Q 73 16.05 11.71 10.05
C GLY Q 73 17.28 11.13 9.34
N SER Q 74 17.16 10.77 8.06
CA SER Q 74 18.34 10.45 7.26
C SER Q 74 18.47 11.42 6.09
N VAL Q 75 17.93 11.07 4.93
CA VAL Q 75 17.93 11.89 3.72
C VAL Q 75 17.22 13.22 3.98
N SER Q 76 17.77 14.29 3.40
CA SER Q 76 17.20 15.62 3.51
C SER Q 76 17.02 16.21 2.12
N THR Q 77 15.94 16.97 1.95
CA THR Q 77 15.67 17.68 0.73
C THR Q 77 15.53 19.16 1.07
N LEU Q 78 16.34 20.00 0.41
CA LEU Q 78 16.15 21.43 0.47
C LEU Q 78 15.35 21.86 -0.77
N LYS Q 79 14.19 22.48 -0.54
CA LYS Q 79 13.30 22.91 -1.60
C LYS Q 79 13.38 24.43 -1.72
N ILE Q 80 13.62 24.92 -2.95
CA ILE Q 80 13.58 26.35 -3.22
C ILE Q 80 12.41 26.61 -4.16
N GLN Q 81 11.42 27.36 -3.68
CA GLN Q 81 10.26 27.64 -4.51
C GLN Q 81 10.52 28.89 -5.35
N ARG Q 82 9.93 28.89 -6.56
CA ARG Q 82 9.95 30.05 -7.45
C ARG Q 82 11.31 30.74 -7.46
N THR Q 83 12.32 30.01 -7.97
CA THR Q 83 13.72 30.43 -7.92
C THR Q 83 13.91 31.80 -8.56
N GLN Q 84 14.83 32.58 -7.98
CA GLN Q 84 15.26 33.85 -8.56
C GLN Q 84 16.78 33.81 -8.78
N GLN Q 85 17.29 34.81 -9.51
CA GLN Q 85 18.66 34.81 -9.99
C GLN Q 85 19.61 34.68 -8.80
N GLU Q 86 19.27 35.37 -7.71
CA GLU Q 86 20.18 35.48 -6.58
C GLU Q 86 20.29 34.15 -5.81
N ASP Q 87 19.44 33.18 -6.17
CA ASP Q 87 19.51 31.85 -5.56
C ASP Q 87 20.65 31.02 -6.17
N SER Q 88 21.23 31.47 -7.28
CA SER Q 88 22.34 30.77 -7.90
C SER Q 88 23.50 30.68 -6.91
N ALA Q 89 23.92 29.45 -6.61
CA ALA Q 89 24.99 29.22 -5.67
C ALA Q 89 25.30 27.73 -5.65
N VAL Q 90 26.28 27.35 -4.83
CA VAL Q 90 26.51 25.97 -4.47
C VAL Q 90 25.80 25.75 -3.15
N TYR Q 91 24.96 24.73 -3.09
CA TYR Q 91 24.32 24.32 -1.84
C TYR Q 91 25.09 23.14 -1.26
N LEU Q 92 25.65 23.37 -0.06
CA LEU Q 92 26.47 22.37 0.63
C LEU Q 92 25.65 21.72 1.74
N CYS Q 93 25.68 20.39 1.76
CA CYS Q 93 25.08 19.62 2.83
C CYS Q 93 26.22 19.11 3.70
N ALA Q 94 26.03 19.15 5.03
CA ALA Q 94 26.99 18.53 5.93
C ALA Q 94 26.27 17.57 6.86
N SER Q 95 26.99 16.58 7.37
CA SER Q 95 26.43 15.68 8.37
C SER Q 95 27.45 15.57 9.51
N SER Q 96 26.97 15.28 10.73
CA SER Q 96 27.84 15.25 11.90
C SER Q 96 27.21 14.43 13.03
N LEU Q 97 27.98 14.14 14.08
CA LEU Q 97 27.42 13.65 15.32
C LEU Q 97 27.44 14.81 16.32
N GLY Q 98 26.56 15.79 16.09
CA GLY Q 98 26.65 17.08 16.74
C GLY Q 98 27.98 17.77 16.44
N GLN Q 99 28.64 18.19 17.53
CA GLN Q 99 29.93 18.84 17.45
C GLN Q 99 30.97 17.99 16.73
N GLY Q 100 30.84 16.65 16.72
CA GLY Q 100 31.88 15.78 16.19
C GLY Q 100 31.65 15.33 14.74
N HIS Q 101 32.75 15.14 14.01
CA HIS Q 101 32.77 14.51 12.68
C HIS Q 101 32.08 15.35 11.61
N PHE Q 102 32.07 16.70 11.76
CA PHE Q 102 31.42 17.57 10.78
C PHE Q 102 32.07 17.32 9.41
N THR Q 103 31.25 16.95 8.41
CA THR Q 103 31.75 16.65 7.10
C THR Q 103 30.81 17.27 6.09
N PHE Q 104 31.36 17.84 5.02
CA PHE Q 104 30.59 18.39 3.93
C PHE Q 104 30.46 17.34 2.83
N GLY Q 105 29.36 17.42 2.06
CA GLY Q 105 29.29 16.82 0.73
C GLY Q 105 29.91 17.79 -0.28
N SER Q 106 29.97 17.36 -1.55
CA SER Q 106 30.60 18.15 -2.59
C SER Q 106 29.60 19.06 -3.29
N GLY Q 107 28.35 19.12 -2.84
CA GLY Q 107 27.50 20.27 -3.16
C GLY Q 107 26.62 20.08 -4.39
N THR Q 108 25.56 20.89 -4.52
CA THR Q 108 24.79 21.00 -5.76
C THR Q 108 25.00 22.40 -6.31
N ARG Q 109 25.41 22.47 -7.57
CA ARG Q 109 25.60 23.75 -8.23
C ARG Q 109 24.29 24.15 -8.92
N LEU Q 110 23.64 25.19 -8.42
CA LEU Q 110 22.40 25.68 -9.02
C LEU Q 110 22.66 26.98 -9.79
N THR Q 111 22.26 26.99 -11.07
CA THR Q 111 22.23 28.23 -11.85
C THR Q 111 20.79 28.50 -12.27
N VAL Q 112 20.28 29.66 -11.87
CA VAL Q 112 18.96 30.13 -12.25
C VAL Q 112 19.13 31.08 -13.43
N VAL Q 113 18.44 30.76 -14.54
CA VAL Q 113 18.55 31.46 -15.82
C VAL Q 113 17.19 32.07 -16.18
N GLU Q 114 17.20 33.15 -16.95
CA GLU Q 114 15.99 33.89 -17.31
C GLU Q 114 15.15 33.09 -18.31
N ASP Q 115 15.78 32.55 -19.37
CA ASP Q 115 15.11 31.67 -20.32
C ASP Q 115 16.02 30.50 -20.67
N LEU Q 116 15.43 29.32 -20.84
CA LEU Q 116 16.16 28.09 -21.13
C LEU Q 116 16.64 28.08 -22.58
N LYS Q 117 16.17 29.03 -23.40
CA LYS Q 117 16.61 29.14 -24.78
C LYS Q 117 18.04 29.68 -24.81
N ASN Q 118 18.48 30.23 -23.66
CA ASN Q 118 19.82 30.73 -23.48
C ASN Q 118 20.83 29.59 -23.21
N VAL Q 119 20.34 28.36 -23.08
CA VAL Q 119 21.18 27.24 -22.68
C VAL Q 119 21.77 26.58 -23.93
N PHE Q 120 23.10 26.42 -23.94
CA PHE Q 120 23.83 25.88 -25.08
C PHE Q 120 24.95 24.97 -24.61
N PRO Q 121 25.13 23.79 -25.24
CA PRO Q 121 26.29 22.94 -24.95
C PRO Q 121 27.52 23.58 -25.58
N PRO Q 122 28.76 23.23 -25.17
CA PRO Q 122 29.96 23.82 -25.79
C PRO Q 122 30.24 23.22 -27.15
N GLU Q 123 30.92 24.02 -27.99
CA GLU Q 123 31.64 23.48 -29.13
C GLU Q 123 33.05 23.21 -28.64
N VAL Q 124 33.67 22.16 -29.17
CA VAL Q 124 34.97 21.74 -28.68
C VAL Q 124 35.91 21.59 -29.88
N ALA Q 125 37.12 22.16 -29.76
CA ALA Q 125 38.11 22.05 -30.82
C ALA Q 125 39.49 21.81 -30.21
N VAL Q 126 40.33 21.04 -30.93
CA VAL Q 126 41.70 20.81 -30.50
C VAL Q 126 42.59 21.45 -31.57
N PHE Q 127 43.63 22.15 -31.09
CA PHE Q 127 44.63 22.79 -31.96
C PHE Q 127 45.95 22.08 -31.68
N GLU Q 128 46.60 21.57 -32.74
CA GLU Q 128 47.79 20.74 -32.66
C GLU Q 128 49.05 21.59 -32.45
N PRO Q 129 50.10 21.02 -31.81
CA PRO Q 129 51.29 21.78 -31.43
C PRO Q 129 51.94 22.54 -32.58
N SER Q 130 52.54 23.67 -32.23
CA SER Q 130 53.36 24.45 -33.15
C SER Q 130 54.67 23.71 -33.42
N GLU Q 131 55.04 23.59 -34.70
CA GLU Q 131 56.25 22.93 -35.13
C GLU Q 131 57.47 23.67 -34.56
N ALA Q 132 57.30 24.98 -34.36
CA ALA Q 132 58.34 25.86 -33.85
C ALA Q 132 58.57 25.55 -32.38
N GLU Q 133 57.50 25.34 -31.61
CA GLU Q 133 57.64 24.95 -30.21
C GLU Q 133 58.40 23.63 -30.16
N ILE Q 134 58.02 22.68 -31.03
CA ILE Q 134 58.64 21.36 -31.04
C ILE Q 134 60.14 21.49 -31.25
N SER Q 135 60.55 22.26 -32.25
CA SER Q 135 61.97 22.31 -32.51
C SER Q 135 62.71 23.19 -31.49
N HIS Q 136 62.05 24.18 -30.89
CA HIS Q 136 62.67 25.05 -29.91
C HIS Q 136 62.83 24.38 -28.54
N THR Q 137 61.88 23.52 -28.13
CA THR Q 137 61.80 23.05 -26.75
C THR Q 137 61.80 21.52 -26.66
N GLN Q 138 61.51 20.84 -27.77
CA GLN Q 138 61.37 19.38 -27.77
C GLN Q 138 60.13 18.96 -26.97
N LYS Q 139 59.24 19.94 -26.70
CA LYS Q 139 57.94 19.67 -26.10
C LYS Q 139 56.84 20.11 -27.07
N ALA Q 140 55.62 19.63 -26.84
CA ALA Q 140 54.52 19.84 -27.78
C ALA Q 140 53.25 20.09 -26.98
N THR Q 141 52.71 21.31 -27.09
CA THR Q 141 51.48 21.66 -26.38
C THR Q 141 50.29 21.62 -27.34
N LEU Q 142 49.29 20.79 -26.99
CA LEU Q 142 47.97 20.82 -27.60
C LEU Q 142 47.10 21.79 -26.80
N VAL Q 143 46.24 22.54 -27.51
CA VAL Q 143 45.28 23.39 -26.83
C VAL Q 143 43.87 22.93 -27.17
N CYS Q 144 43.02 22.88 -26.13
CA CYS Q 144 41.61 22.56 -26.32
C CYS Q 144 40.80 23.81 -25.99
N LEU Q 145 39.85 24.16 -26.87
CA LEU Q 145 38.94 25.27 -26.62
C LEU Q 145 37.52 24.73 -26.51
N ALA Q 146 36.87 25.07 -25.39
CA ALA Q 146 35.46 24.80 -25.21
C ALA Q 146 34.73 26.15 -25.27
N THR Q 147 33.86 26.36 -26.26
CA THR Q 147 33.37 27.70 -26.52
C THR Q 147 31.84 27.67 -26.64
N GLY Q 148 31.21 28.81 -26.34
CA GLY Q 148 29.83 29.04 -26.74
C GLY Q 148 28.81 28.35 -25.83
N PHE Q 149 29.22 28.01 -24.60
CA PHE Q 149 28.35 27.24 -23.72
C PHE Q 149 27.69 28.14 -22.69
N TYR Q 150 26.51 27.71 -22.23
CA TYR Q 150 25.79 28.44 -21.20
C TYR Q 150 24.78 27.50 -20.56
N PRO Q 151 24.63 27.47 -19.20
CA PRO Q 151 25.46 28.25 -18.27
C PRO Q 151 26.82 27.58 -18.03
N ASP Q 152 27.55 28.06 -17.03
CA ASP Q 152 28.90 27.59 -16.78
C ASP Q 152 28.92 26.25 -16.03
N HIS Q 153 28.53 25.16 -16.73
CA HIS Q 153 28.42 23.83 -16.12
C HIS Q 153 29.21 22.83 -16.95
N VAL Q 154 30.56 22.88 -16.82
CA VAL Q 154 31.39 22.01 -17.65
C VAL Q 154 32.49 21.38 -16.81
N GLU Q 155 32.94 20.19 -17.25
CA GLU Q 155 34.14 19.54 -16.75
C GLU Q 155 34.97 19.10 -17.95
N LEU Q 156 36.20 19.62 -18.06
CA LEU Q 156 37.08 19.31 -19.18
C LEU Q 156 38.10 18.27 -18.72
N SER Q 157 38.36 17.24 -19.54
CA SER Q 157 39.37 16.25 -19.23
C SER Q 157 40.05 15.81 -20.53
N TRP Q 158 41.30 15.32 -20.43
CA TRP Q 158 42.04 14.84 -21.57
C TRP Q 158 42.17 13.32 -21.45
N TRP Q 159 42.08 12.66 -22.61
CA TRP Q 159 42.16 11.22 -22.73
C TRP Q 159 43.18 10.86 -23.79
N VAL Q 160 44.21 10.14 -23.37
CA VAL Q 160 45.24 9.68 -24.29
C VAL Q 160 45.16 8.17 -24.39
N ASN Q 161 44.93 7.69 -25.62
CA ASN Q 161 44.77 6.26 -25.86
C ASN Q 161 43.74 5.68 -24.91
N GLY Q 162 42.65 6.41 -24.68
CA GLY Q 162 41.51 5.84 -23.97
C GLY Q 162 41.60 6.10 -22.48
N LYS Q 163 42.70 6.68 -22.01
CA LYS Q 163 42.99 6.74 -20.58
C LYS Q 163 43.11 8.21 -20.15
N GLU Q 164 42.44 8.57 -19.05
CA GLU Q 164 42.44 9.96 -18.63
C GLU Q 164 43.86 10.35 -18.19
N VAL Q 165 44.28 11.59 -18.49
CA VAL Q 165 45.60 12.06 -18.06
C VAL Q 165 45.47 13.24 -17.12
N HIS Q 166 46.40 13.33 -16.14
CA HIS Q 166 46.49 14.53 -15.30
C HIS Q 166 47.82 15.24 -15.47
N SER Q 167 48.88 14.44 -15.59
CA SER Q 167 50.21 14.93 -15.90
C SER Q 167 50.15 15.74 -17.19
N GLY Q 168 50.74 16.94 -17.15
CA GLY Q 168 50.93 17.70 -18.36
C GLY Q 168 49.71 18.57 -18.71
N VAL Q 169 48.75 18.67 -17.78
CA VAL Q 169 47.49 19.36 -18.06
C VAL Q 169 47.41 20.64 -17.23
N CYS Q 170 46.87 21.73 -17.80
CA CYS Q 170 46.13 22.69 -16.96
C CYS Q 170 44.96 23.31 -17.72
N THR Q 171 43.80 23.34 -17.04
CA THR Q 171 42.57 23.94 -17.53
C THR Q 171 42.36 25.27 -16.81
N ASP Q 172 41.91 26.29 -17.53
CA ASP Q 172 41.66 27.58 -16.91
C ASP Q 172 40.75 27.41 -15.69
N PRO Q 173 41.08 28.00 -14.52
CA PRO Q 173 40.20 27.87 -13.35
C PRO Q 173 38.88 28.61 -13.52
N GLN Q 174 38.84 29.62 -14.39
CA GLN Q 174 37.63 30.39 -14.64
C GLN Q 174 37.36 30.44 -16.14
N PRO Q 175 36.07 30.39 -16.57
CA PRO Q 175 35.73 30.59 -17.99
C PRO Q 175 35.79 32.08 -18.32
N LEU Q 176 35.85 32.41 -19.61
CA LEU Q 176 35.74 33.78 -20.08
C LEU Q 176 34.31 34.05 -20.50
N LYS Q 177 33.82 35.27 -20.26
CA LYS Q 177 32.57 35.68 -20.88
C LYS Q 177 32.85 36.12 -22.30
N GLU Q 178 32.10 35.57 -23.26
CA GLU Q 178 32.34 35.85 -24.66
C GLU Q 178 31.80 37.23 -25.06
N GLN Q 179 30.74 37.69 -24.38
CA GLN Q 179 30.25 39.04 -24.53
C GLN Q 179 30.20 39.67 -23.15
N PRO Q 180 31.36 40.02 -22.54
CA PRO Q 180 31.41 40.29 -21.10
C PRO Q 180 30.43 41.34 -20.58
N ALA Q 181 30.00 42.25 -21.47
CA ALA Q 181 29.09 43.33 -21.12
C ALA Q 181 27.66 42.82 -20.88
N LEU Q 182 27.32 41.67 -21.47
CA LEU Q 182 25.97 41.12 -21.50
C LEU Q 182 25.79 40.08 -20.40
N ASN Q 183 24.58 40.02 -19.83
CA ASN Q 183 24.26 39.07 -18.77
C ASN Q 183 23.68 37.81 -19.39
N ASP Q 184 23.22 37.88 -20.64
CA ASP Q 184 23.20 36.69 -21.49
C ASP Q 184 24.56 36.71 -22.16
N SER Q 185 25.55 36.11 -21.48
CA SER Q 185 26.82 35.83 -22.15
C SER Q 185 27.07 34.34 -22.12
N ARG Q 186 27.47 33.83 -23.28
CA ARG Q 186 28.00 32.48 -23.39
C ARG Q 186 29.42 32.51 -22.82
N TYR Q 187 29.98 31.31 -22.59
CA TYR Q 187 31.28 31.20 -21.95
C TYR Q 187 32.25 30.43 -22.84
N ALA Q 188 33.54 30.61 -22.56
CA ALA Q 188 34.61 29.90 -23.24
C ALA Q 188 35.65 29.50 -22.20
N LEU Q 189 36.36 28.41 -22.45
CA LEU Q 189 37.35 27.89 -21.53
C LEU Q 189 38.45 27.20 -22.33
N SER Q 190 39.70 27.32 -21.86
CA SER Q 190 40.80 26.68 -22.57
C SER Q 190 41.52 25.68 -21.67
N SER Q 191 42.19 24.72 -22.29
CA SER Q 191 43.01 23.76 -21.57
C SER Q 191 44.22 23.43 -22.43
N ARG Q 192 45.32 23.07 -21.75
CA ARG Q 192 46.53 22.67 -22.46
C ARG Q 192 46.94 21.28 -21.99
N LEU Q 193 47.47 20.51 -22.95
CA LEU Q 193 48.12 19.24 -22.68
C LEU Q 193 49.48 19.28 -23.34
N ARG Q 194 50.53 19.17 -22.52
CA ARG Q 194 51.89 19.22 -23.04
C ARG Q 194 52.54 17.84 -22.89
N VAL Q 195 53.11 17.33 -23.99
CA VAL Q 195 53.79 16.04 -24.01
C VAL Q 195 55.17 16.26 -24.65
N SER Q 196 56.01 15.24 -24.61
CA SER Q 196 57.30 15.33 -25.28
C SER Q 196 57.05 15.34 -26.77
N ALA Q 197 57.96 15.98 -27.53
CA ALA Q 197 57.93 15.91 -28.99
C ALA Q 197 57.79 14.48 -29.51
N THR Q 198 58.57 13.55 -28.98
CA THR Q 198 58.59 12.20 -29.54
C THR Q 198 57.25 11.51 -29.30
N PHE Q 199 56.56 11.84 -28.21
CA PHE Q 199 55.24 11.27 -27.96
C PHE Q 199 54.24 11.81 -28.97
N TRP Q 200 54.31 13.13 -29.24
CA TRP Q 200 53.44 13.73 -30.23
C TRP Q 200 53.72 13.20 -31.64
N GLN Q 201 54.99 12.88 -31.92
CA GLN Q 201 55.38 12.49 -33.28
C GLN Q 201 55.01 11.02 -33.57
N ASN Q 202 54.25 10.40 -32.67
CA ASN Q 202 53.80 9.04 -32.85
C ASN Q 202 52.39 9.05 -33.43
N PRO Q 203 52.18 8.60 -34.69
CA PRO Q 203 50.84 8.54 -35.30
C PRO Q 203 49.88 7.56 -34.64
N ARG Q 204 50.38 6.69 -33.75
CA ARG Q 204 49.54 5.70 -33.09
C ARG Q 204 48.94 6.30 -31.80
N ASN Q 205 49.46 7.44 -31.34
CA ASN Q 205 48.94 8.10 -30.15
C ASN Q 205 47.69 8.90 -30.50
N HIS Q 206 46.62 8.69 -29.71
CA HIS Q 206 45.34 9.35 -29.87
C HIS Q 206 45.08 10.27 -28.68
N PHE Q 207 44.78 11.55 -28.97
CA PHE Q 207 44.52 12.56 -27.96
C PHE Q 207 43.09 13.03 -28.13
N ARG Q 208 42.32 13.07 -27.02
CA ARG Q 208 40.95 13.49 -27.07
C ARG Q 208 40.71 14.44 -25.91
N CYS Q 209 40.09 15.58 -26.22
CA CYS Q 209 39.64 16.54 -25.22
C CYS Q 209 38.14 16.32 -25.06
N GLN Q 210 37.69 16.10 -23.82
CA GLN Q 210 36.32 15.72 -23.52
C GLN Q 210 35.71 16.77 -22.61
N VAL Q 211 34.53 17.26 -22.99
CA VAL Q 211 33.86 18.25 -22.18
C VAL Q 211 32.50 17.69 -21.78
N GLN Q 212 32.33 17.48 -20.47
CA GLN Q 212 31.04 17.12 -19.95
C GLN Q 212 30.30 18.42 -19.68
N PHE Q 213 29.17 18.63 -20.35
CA PHE Q 213 28.28 19.74 -20.08
C PHE Q 213 27.08 19.26 -19.26
N TYR Q 214 26.67 20.09 -18.30
CA TYR Q 214 25.47 19.82 -17.52
C TYR Q 214 24.43 20.85 -17.91
N GLY Q 215 23.36 20.38 -18.57
CA GLY Q 215 22.34 21.30 -19.07
C GLY Q 215 20.93 20.92 -18.64
N LEU Q 216 20.02 20.73 -19.61
CA LEU Q 216 18.63 20.48 -19.28
C LEU Q 216 18.43 18.99 -18.99
N SER Q 217 17.36 18.69 -18.24
CA SER Q 217 17.01 17.34 -17.83
C SER Q 217 15.85 16.82 -18.70
N GLU Q 218 15.50 15.54 -18.52
CA GLU Q 218 14.39 14.91 -19.21
C GLU Q 218 13.09 15.68 -18.97
N ASN Q 219 12.94 16.20 -17.76
CA ASN Q 219 11.71 16.85 -17.32
C ASN Q 219 11.55 18.26 -17.91
N ASP Q 220 12.63 18.89 -18.37
CA ASP Q 220 12.52 20.21 -18.97
C ASP Q 220 11.83 20.12 -20.32
N GLU Q 221 10.92 21.08 -20.56
CA GLU Q 221 10.17 21.16 -21.81
C GLU Q 221 11.09 21.80 -22.86
N TRP Q 222 11.05 21.35 -24.11
CA TRP Q 222 11.78 22.01 -25.18
C TRP Q 222 10.93 22.01 -26.44
N THR Q 223 10.71 23.19 -27.04
CA THR Q 223 9.93 23.26 -28.28
C THR Q 223 10.74 23.83 -29.44
N GLN Q 224 11.90 24.44 -29.14
CA GLN Q 224 12.72 25.12 -30.13
C GLN Q 224 13.30 24.12 -31.13
N ASP Q 225 13.69 24.63 -32.31
CA ASP Q 225 14.02 23.79 -33.46
C ASP Q 225 15.37 23.10 -33.30
N ARG Q 226 16.31 23.74 -32.59
CA ARG Q 226 17.62 23.15 -32.39
C ARG Q 226 17.55 22.03 -31.34
N ALA Q 227 18.59 21.17 -31.35
CA ALA Q 227 18.66 20.06 -30.42
C ALA Q 227 18.54 20.55 -28.98
N LYS Q 228 17.77 19.80 -28.19
CA LYS Q 228 17.55 20.10 -26.80
C LYS Q 228 18.91 20.08 -26.10
N PRO Q 229 19.30 21.17 -25.40
CA PRO Q 229 20.62 21.25 -24.76
C PRO Q 229 20.73 20.49 -23.44
N VAL Q 230 20.61 19.16 -23.54
CA VAL Q 230 20.64 18.27 -22.40
C VAL Q 230 22.09 18.09 -21.97
N THR Q 231 22.26 17.57 -20.75
CA THR Q 231 23.54 17.07 -20.27
C THR Q 231 24.11 16.14 -21.34
N GLN Q 232 25.40 16.30 -21.65
CA GLN Q 232 26.01 15.56 -22.74
C GLN Q 232 27.52 15.76 -22.73
N ILE Q 233 28.22 14.90 -23.46
CA ILE Q 233 29.66 15.00 -23.62
C ILE Q 233 29.94 15.44 -25.04
N VAL Q 234 30.79 16.48 -25.19
CA VAL Q 234 31.27 16.90 -26.50
C VAL Q 234 32.79 16.71 -26.52
N SER Q 235 33.33 16.09 -27.57
CA SER Q 235 34.75 15.81 -27.65
C SER Q 235 35.35 16.29 -28.97
N ALA Q 236 36.66 16.59 -28.94
CA ALA Q 236 37.43 16.81 -30.17
C ALA Q 236 38.74 16.01 -30.03
N GLU Q 237 39.39 15.72 -31.15
CA GLU Q 237 40.47 14.75 -31.13
C GLU Q 237 41.59 15.11 -32.10
N ALA Q 238 42.75 14.49 -31.89
CA ALA Q 238 43.91 14.60 -32.75
C ALA Q 238 44.74 13.32 -32.64
N TRP Q 239 45.36 12.93 -33.74
CA TRP Q 239 46.35 11.86 -33.75
C TRP Q 239 47.73 12.49 -33.92
N GLY Q 240 48.76 11.78 -33.45
CA GLY Q 240 50.14 12.25 -33.61
C GLY Q 240 50.51 12.33 -35.09
N ARG Q 241 51.55 13.11 -35.39
CA ARG Q 241 52.06 13.27 -36.75
C ARG Q 241 53.59 13.21 -36.69
N ALA Q 242 54.20 12.35 -37.52
CA ALA Q 242 55.62 12.02 -37.38
C ALA Q 242 56.52 13.06 -38.05
N ASP Q 243 56.15 13.48 -39.26
CA ASP Q 243 56.90 14.53 -39.94
C ASP Q 243 56.41 15.92 -39.47
N GLY R 2 41.61 19.19 43.82
CA GLY R 2 40.30 19.46 43.19
C GLY R 2 39.48 20.38 44.10
N SER R 3 38.93 21.46 43.52
CA SER R 3 37.96 22.24 44.25
C SER R 3 36.55 21.87 43.80
N HIS R 4 36.28 21.83 42.49
CA HIS R 4 34.91 21.61 42.01
C HIS R 4 34.86 20.60 40.88
N SER R 5 33.64 20.14 40.59
CA SER R 5 33.41 19.18 39.51
C SER R 5 32.00 19.33 38.95
N MET R 6 31.84 19.00 37.67
CA MET R 6 30.54 18.80 37.07
C MET R 6 30.51 17.40 36.43
N ARG R 7 29.38 16.72 36.56
CA ARG R 7 29.22 15.37 36.03
C ARG R 7 27.81 15.16 35.51
N TYR R 8 27.70 14.45 34.39
CA TYR R 8 26.46 13.93 33.86
C TYR R 8 26.50 12.41 34.03
N PHE R 9 25.37 11.84 34.49
CA PHE R 9 25.16 10.41 34.58
C PHE R 9 23.99 10.04 33.68
N TYR R 10 24.29 9.19 32.68
CA TYR R 10 23.26 8.69 31.79
C TYR R 10 23.06 7.20 32.02
N THR R 11 21.80 6.76 31.90
CA THR R 11 21.43 5.37 31.98
C THR R 11 20.43 5.08 30.86
N SER R 12 20.77 4.11 30.02
CA SER R 12 19.84 3.58 29.05
C SER R 12 19.52 2.13 29.39
N VAL R 13 18.23 1.80 29.35
CA VAL R 13 17.78 0.47 29.75
C VAL R 13 16.90 -0.10 28.63
N SER R 14 17.30 -1.26 28.09
CA SER R 14 16.51 -1.91 27.04
C SER R 14 15.29 -2.60 27.67
N ARG R 15 14.13 -2.54 27.01
CA ARG R 15 12.96 -3.25 27.52
C ARG R 15 12.31 -4.05 26.39
N PRO R 16 12.86 -5.22 25.98
CA PRO R 16 12.10 -6.15 25.12
C PRO R 16 10.75 -6.46 25.76
N GLY R 17 9.65 -6.25 25.03
CA GLY R 17 8.34 -6.42 25.63
C GLY R 17 7.95 -5.19 26.46
N ARG R 18 8.44 -4.03 26.02
CA ARG R 18 7.85 -2.74 26.35
C ARG R 18 7.43 -2.14 25.02
N GLY R 19 8.43 -1.97 24.14
CA GLY R 19 8.26 -1.19 22.93
C GLY R 19 9.11 0.07 22.94
N GLU R 20 9.24 0.72 24.12
CA GLU R 20 10.17 1.83 24.30
C GLU R 20 11.16 1.52 25.44
N PRO R 21 12.50 1.64 25.22
CA PRO R 21 13.49 1.55 26.31
C PRO R 21 13.47 2.81 27.17
N ARG R 22 14.38 2.93 28.12
CA ARG R 22 14.31 4.03 29.06
C ARG R 22 15.63 4.78 29.06
N PHE R 23 15.56 6.12 29.12
CA PHE R 23 16.72 6.97 29.27
C PHE R 23 16.56 7.84 30.52
N ILE R 24 17.61 7.92 31.34
CA ILE R 24 17.66 8.81 32.49
C ILE R 24 18.97 9.59 32.43
N SER R 25 18.87 10.89 32.66
CA SER R 25 20.05 11.72 32.87
C SER R 25 19.90 12.49 34.17
N VAL R 26 20.97 12.55 34.96
CA VAL R 26 21.07 13.47 36.08
C VAL R 26 22.40 14.23 35.96
N GLY R 27 22.38 15.51 36.36
CA GLY R 27 23.60 16.29 36.41
C GLY R 27 23.91 16.72 37.83
N TYR R 28 25.21 16.73 38.17
CA TYR R 28 25.67 17.19 39.48
C TYR R 28 26.76 18.24 39.29
N VAL R 29 26.78 19.23 40.19
CA VAL R 29 27.95 20.04 40.49
C VAL R 29 28.39 19.64 41.90
N ASP R 30 29.60 19.11 42.02
CA ASP R 30 30.01 18.54 43.30
C ASP R 30 28.98 17.54 43.79
N ASP R 31 28.50 17.69 45.03
CA ASP R 31 27.56 16.76 45.62
C ASP R 31 26.11 17.27 45.47
N THR R 32 25.88 18.24 44.58
CA THR R 32 24.57 18.86 44.43
C THR R 32 23.97 18.47 43.08
N GLN R 33 22.86 17.74 43.10
CA GLN R 33 22.16 17.45 41.86
C GLN R 33 21.41 18.70 41.40
N PHE R 34 21.45 19.01 40.09
CA PHE R 34 20.92 20.28 39.65
C PHE R 34 19.92 20.08 38.51
N VAL R 35 20.06 18.98 37.77
CA VAL R 35 19.20 18.77 36.59
C VAL R 35 18.77 17.31 36.54
N ARG R 36 17.68 17.04 35.81
CA ARG R 36 17.19 15.68 35.65
C ARG R 36 16.40 15.56 34.35
N PHE R 37 16.47 14.39 33.72
CA PHE R 37 15.63 14.05 32.58
C PHE R 37 15.26 12.57 32.69
N ASP R 38 13.97 12.27 32.43
CA ASP R 38 13.50 10.90 32.48
C ASP R 38 12.51 10.67 31.34
N SER R 39 12.85 9.71 30.48
CA SER R 39 12.09 9.41 29.27
C SER R 39 10.72 8.81 29.60
N ASP R 40 10.55 8.33 30.86
CA ASP R 40 9.32 7.70 31.30
C ASP R 40 8.28 8.73 31.75
N ALA R 41 8.65 10.02 31.73
CA ALA R 41 7.82 11.08 32.28
C ALA R 41 6.64 11.38 31.37
N ALA R 42 5.62 12.04 31.94
CA ALA R 42 4.43 12.51 31.23
C ALA R 42 4.83 13.20 29.93
N SER R 43 5.63 14.27 30.06
CA SER R 43 6.10 15.04 28.92
C SER R 43 7.57 15.30 29.10
N PRO R 44 8.45 14.37 28.67
CA PRO R 44 9.85 14.38 29.12
C PRO R 44 10.61 15.65 28.75
N ARG R 45 11.30 16.20 29.74
CA ARG R 45 11.97 17.49 29.62
C ARG R 45 13.06 17.56 30.68
N GLU R 46 14.11 18.33 30.40
CA GLU R 46 15.07 18.60 31.46
C GLU R 46 14.39 19.53 32.48
N GLU R 47 14.55 19.21 33.78
CA GLU R 47 13.92 19.93 34.86
C GLU R 47 14.94 20.32 35.92
N PRO R 48 14.80 21.53 36.55
CA PRO R 48 15.71 21.98 37.60
C PRO R 48 15.52 21.20 38.89
N ARG R 49 16.61 21.10 39.67
CA ARG R 49 16.65 20.35 40.91
C ARG R 49 17.53 21.04 41.95
N ALA R 50 18.03 22.24 41.60
CA ALA R 50 18.75 23.10 42.52
C ALA R 50 18.30 24.54 42.27
N PRO R 51 18.23 25.39 43.32
CA PRO R 51 17.68 26.74 43.16
C PRO R 51 18.37 27.63 42.11
N TRP R 52 19.70 27.51 42.04
CA TRP R 52 20.52 28.41 41.25
C TRP R 52 20.44 28.13 39.73
N ILE R 53 19.78 27.03 39.34
CA ILE R 53 19.65 26.72 37.93
C ILE R 53 18.31 27.22 37.39
N GLU R 54 17.38 27.57 38.27
CA GLU R 54 16.01 27.87 37.86
C GLU R 54 15.95 29.13 37.00
N GLN R 55 17.01 29.95 37.07
CA GLN R 55 17.07 31.22 36.37
C GLN R 55 17.31 31.04 34.88
N GLU R 56 17.65 29.82 34.43
CA GLU R 56 17.96 29.58 33.01
C GLU R 56 16.71 29.76 32.15
N GLY R 57 16.88 30.37 30.97
CA GLY R 57 15.77 30.65 30.06
C GLY R 57 15.29 29.39 29.32
N PRO R 58 14.14 29.47 28.62
CA PRO R 58 13.54 28.31 27.96
C PRO R 58 14.44 27.65 26.92
N GLU R 59 15.30 28.44 26.27
CA GLU R 59 16.23 27.96 25.25
C GLU R 59 17.19 26.93 25.83
N TYR R 60 17.62 27.13 27.09
CA TYR R 60 18.53 26.22 27.78
C TYR R 60 17.84 24.88 27.97
N TRP R 61 16.61 24.91 28.50
CA TRP R 61 15.85 23.71 28.77
C TRP R 61 15.54 22.95 27.49
N ASP R 62 15.15 23.70 26.44
CA ASP R 62 14.78 23.10 25.17
C ASP R 62 15.99 22.37 24.57
N ARG R 63 17.14 23.06 24.55
CA ARG R 63 18.35 22.52 23.97
C ARG R 63 18.74 21.21 24.68
N ASN R 64 18.78 21.25 26.01
CA ASN R 64 19.22 20.11 26.79
C ASN R 64 18.27 18.93 26.58
N THR R 65 16.95 19.22 26.52
CA THR R 65 15.93 18.21 26.28
C THR R 65 16.23 17.50 24.96
N GLN R 66 16.55 18.29 23.93
CA GLN R 66 16.77 17.73 22.61
C GLN R 66 18.04 16.88 22.61
N ILE R 67 19.07 17.32 23.33
CA ILE R 67 20.27 16.50 23.45
C ILE R 67 19.95 15.15 24.07
N TYR R 68 19.23 15.12 25.20
CA TYR R 68 18.89 13.87 25.88
C TYR R 68 18.13 12.93 24.94
N LYS R 69 17.16 13.48 24.19
CA LYS R 69 16.38 12.67 23.28
C LYS R 69 17.27 12.01 22.23
N ALA R 70 18.21 12.78 21.67
CA ALA R 70 19.06 12.26 20.62
C ALA R 70 20.01 11.21 21.19
N GLN R 71 20.58 11.48 22.39
CA GLN R 71 21.42 10.52 23.07
C GLN R 71 20.70 9.19 23.32
N ALA R 72 19.42 9.27 23.75
CA ALA R 72 18.63 8.09 24.04
C ALA R 72 18.59 7.19 22.82
N GLN R 73 18.39 7.82 21.66
CA GLN R 73 18.23 7.08 20.42
C GLN R 73 19.54 6.39 20.03
N THR R 74 20.66 7.10 20.23
CA THR R 74 21.98 6.52 19.97
C THR R 74 22.22 5.31 20.87
N ASP R 75 21.76 5.41 22.13
CA ASP R 75 21.98 4.38 23.13
C ASP R 75 21.23 3.10 22.75
N ARG R 76 20.03 3.26 22.19
CA ARG R 76 19.29 2.13 21.64
C ARG R 76 20.14 1.35 20.62
N GLU R 77 20.82 2.08 19.74
CA GLU R 77 21.68 1.48 18.72
C GLU R 77 22.92 0.87 19.36
N SER R 78 23.47 1.56 20.35
CA SER R 78 24.65 1.06 21.05
C SER R 78 24.34 -0.25 21.76
N LEU R 79 23.14 -0.33 22.34
CA LEU R 79 22.68 -1.54 23.01
C LEU R 79 22.59 -2.69 22.02
N ARG R 80 22.10 -2.43 20.80
CA ARG R 80 22.06 -3.44 19.75
C ARG R 80 23.46 -3.92 19.39
N ASN R 81 24.42 -3.00 19.31
CA ASN R 81 25.79 -3.40 19.01
C ASN R 81 26.35 -4.31 20.11
N LEU R 82 26.12 -3.89 21.36
CA LEU R 82 26.69 -4.56 22.53
C LEU R 82 26.14 -5.99 22.64
N ARG R 83 24.82 -6.13 22.39
CA ARG R 83 24.14 -7.40 22.43
C ARG R 83 24.84 -8.36 21.46
N GLY R 84 25.19 -7.82 20.26
CA GLY R 84 25.95 -8.55 19.27
C GLY R 84 27.34 -8.93 19.77
N TYR R 85 28.06 -7.97 20.36
CA TYR R 85 29.43 -8.21 20.76
C TYR R 85 29.51 -9.35 21.78
N TYR R 86 28.47 -9.49 22.62
CA TYR R 86 28.48 -10.47 23.70
C TYR R 86 27.71 -11.74 23.32
N ASN R 87 27.16 -11.78 22.10
CA ASN R 87 26.34 -12.89 21.63
C ASN R 87 25.19 -13.15 22.60
N GLN R 88 24.59 -12.07 23.09
CA GLN R 88 23.43 -12.19 23.96
C GLN R 88 22.22 -12.39 23.05
N SER R 89 21.04 -12.41 23.61
CA SER R 89 19.85 -12.72 22.86
C SER R 89 19.07 -11.43 22.64
N GLU R 90 17.97 -11.50 21.88
CA GLU R 90 17.01 -10.41 21.86
C GLU R 90 16.04 -10.56 23.04
N ALA R 91 16.48 -11.29 24.08
CA ALA R 91 15.59 -11.67 25.18
C ALA R 91 15.74 -10.71 26.37
N GLY R 92 16.99 -10.47 26.77
CA GLY R 92 17.25 -9.80 28.03
C GLY R 92 17.10 -8.27 27.95
N SER R 93 16.73 -7.69 29.10
CA SER R 93 16.94 -6.28 29.39
C SER R 93 18.40 -6.00 29.78
N HIS R 94 18.96 -4.91 29.22
CA HIS R 94 20.35 -4.57 29.47
C HIS R 94 20.48 -3.08 29.81
N THR R 95 21.63 -2.76 30.41
CA THR R 95 21.94 -1.45 30.94
C THR R 95 23.22 -0.93 30.30
N LEU R 96 23.10 0.27 29.69
CA LEU R 96 24.25 1.05 29.27
C LEU R 96 24.33 2.32 30.12
N GLN R 97 25.47 2.50 30.79
CA GLN R 97 25.72 3.66 31.65
C GLN R 97 26.91 4.47 31.14
N SER R 98 26.78 5.80 31.24
CA SER R 98 27.81 6.77 30.87
C SER R 98 27.98 7.77 32.01
N MET R 99 29.24 8.06 32.36
CA MET R 99 29.55 9.19 33.21
C MET R 99 30.65 10.03 32.56
N TYR R 100 30.38 11.32 32.34
CA TYR R 100 31.38 12.23 31.80
C TYR R 100 31.30 13.58 32.51
N GLY R 101 32.40 14.36 32.42
CA GLY R 101 32.44 15.68 33.02
C GLY R 101 33.87 16.16 33.28
N CYS R 102 33.99 17.24 34.06
CA CYS R 102 35.28 17.89 34.27
C CYS R 102 35.48 18.24 35.73
N ASP R 103 36.75 18.28 36.15
CA ASP R 103 37.17 18.78 37.44
C ASP R 103 37.96 20.07 37.23
N VAL R 104 37.77 21.03 38.14
CA VAL R 104 38.57 22.26 38.14
C VAL R 104 39.21 22.45 39.50
N GLY R 105 40.40 23.05 39.49
CA GLY R 105 41.11 23.39 40.72
C GLY R 105 40.61 24.70 41.31
N PRO R 106 41.17 25.12 42.47
CA PRO R 106 40.68 26.32 43.16
C PRO R 106 40.81 27.60 42.33
N ASP R 107 41.70 27.58 41.33
CA ASP R 107 41.90 28.72 40.45
C ASP R 107 40.86 28.71 39.33
N GLY R 108 40.02 27.67 39.23
CA GLY R 108 38.98 27.59 38.21
C GLY R 108 39.48 26.97 36.90
N ARG R 109 40.76 26.58 36.85
CA ARG R 109 41.36 25.99 35.65
C ARG R 109 41.19 24.46 35.67
N LEU R 110 41.19 23.86 34.48
CA LEU R 110 40.93 22.44 34.28
C LEU R 110 41.94 21.57 35.03
N LEU R 111 41.42 20.57 35.73
CA LEU R 111 42.25 19.59 36.42
C LEU R 111 42.25 18.28 35.64
N ARG R 112 41.06 17.81 35.28
CA ARG R 112 40.93 16.48 34.72
C ARG R 112 39.57 16.33 34.04
N GLY R 113 39.54 15.60 32.92
CA GLY R 113 38.28 15.25 32.27
C GLY R 113 37.96 13.77 32.51
N HIS R 114 36.68 13.44 32.39
CA HIS R 114 36.21 12.08 32.61
C HIS R 114 35.23 11.70 31.52
N ASP R 115 35.36 10.46 31.02
CA ASP R 115 34.47 9.92 30.02
C ASP R 115 34.53 8.40 30.08
N GLN R 116 33.54 7.76 30.72
CA GLN R 116 33.54 6.32 30.92
C GLN R 116 32.17 5.69 30.73
N TYR R 117 32.18 4.36 30.56
CA TYR R 117 30.99 3.61 30.21
C TYR R 117 30.98 2.29 30.99
N ALA R 118 29.78 1.69 31.07
CA ALA R 118 29.55 0.40 31.70
C ALA R 118 28.37 -0.29 30.99
N TYR R 119 28.52 -1.61 30.81
CA TYR R 119 27.46 -2.42 30.24
C TYR R 119 27.10 -3.46 31.29
N ASP R 120 25.79 -3.58 31.58
CA ASP R 120 25.26 -4.49 32.57
C ASP R 120 26.03 -4.41 33.89
N GLY R 121 26.30 -3.18 34.33
CA GLY R 121 26.80 -2.95 35.67
C GLY R 121 28.32 -3.06 35.78
N LYS R 122 29.01 -3.41 34.69
CA LYS R 122 30.46 -3.63 34.76
C LYS R 122 31.18 -2.67 33.83
N ASP R 123 32.38 -2.23 34.27
CA ASP R 123 33.23 -1.41 33.44
C ASP R 123 33.26 -1.93 32.03
N TYR R 124 33.23 -1.01 31.06
CA TYR R 124 33.28 -1.35 29.65
C TYR R 124 34.48 -0.69 28.99
N ILE R 125 34.45 0.65 28.84
CA ILE R 125 35.53 1.39 28.21
C ILE R 125 35.59 2.75 28.88
N ALA R 126 36.82 3.29 29.00
CA ALA R 126 37.04 4.55 29.68
C ALA R 126 38.16 5.32 28.98
N LEU R 127 37.98 6.64 28.85
CA LEU R 127 39.04 7.50 28.40
C LEU R 127 40.05 7.66 29.52
N ASN R 128 41.34 7.45 29.20
CA ASN R 128 42.41 7.52 30.19
C ASN R 128 42.64 8.97 30.56
N GLU R 129 43.36 9.20 31.66
CA GLU R 129 43.50 10.56 32.18
C GLU R 129 44.16 11.49 31.16
N ASP R 130 44.98 10.93 30.26
CA ASP R 130 45.69 11.72 29.27
C ASP R 130 44.73 12.33 28.25
N LEU R 131 43.48 11.86 28.25
CA LEU R 131 42.41 12.28 27.34
C LEU R 131 42.82 12.02 25.89
N ARG R 132 43.69 11.01 25.69
CA ARG R 132 44.19 10.66 24.37
C ARG R 132 44.06 9.17 24.08
N SER R 133 43.81 8.36 25.11
CA SER R 133 43.80 6.90 24.92
C SER R 133 42.66 6.25 25.70
N TRP R 134 42.35 4.99 25.37
CA TRP R 134 41.23 4.25 25.94
C TRP R 134 41.72 3.03 26.72
N THR R 135 40.98 2.68 27.78
CA THR R 135 41.14 1.41 28.48
C THR R 135 39.87 0.60 28.25
N ALA R 136 40.04 -0.57 27.62
CA ALA R 136 38.95 -1.51 27.42
C ALA R 136 39.00 -2.59 28.51
N ALA R 137 37.82 -2.94 29.04
CA ALA R 137 37.73 -3.86 30.14
C ALA R 137 37.85 -5.32 29.67
N ASP R 138 37.52 -5.58 28.40
CA ASP R 138 37.52 -6.94 27.89
C ASP R 138 37.58 -6.90 26.37
N THR R 139 37.39 -8.07 25.76
CA THR R 139 37.61 -8.24 24.34
C THR R 139 36.47 -7.61 23.55
N ALA R 140 35.27 -7.54 24.14
CA ALA R 140 34.17 -6.89 23.44
C ALA R 140 34.43 -5.39 23.37
N ALA R 141 34.89 -4.82 24.48
CA ALA R 141 35.23 -3.41 24.57
C ALA R 141 36.32 -3.05 23.57
N GLN R 142 37.17 -4.02 23.22
CA GLN R 142 38.25 -3.78 22.28
C GLN R 142 37.71 -3.55 20.87
N ILE R 143 36.53 -4.10 20.58
CA ILE R 143 35.88 -3.83 19.31
C ILE R 143 35.49 -2.35 19.25
N THR R 144 34.88 -1.87 20.34
CA THR R 144 34.52 -0.47 20.48
C THR R 144 35.79 0.36 20.38
N GLN R 145 36.84 -0.08 21.11
CA GLN R 145 38.07 0.68 21.16
C GLN R 145 38.65 0.87 19.76
N ARG R 146 38.65 -0.20 18.95
CA ARG R 146 39.27 -0.13 17.64
C ARG R 146 38.48 0.80 16.72
N LYS R 147 37.15 0.72 16.80
CA LYS R 147 36.29 1.60 16.00
C LYS R 147 36.51 3.07 16.40
N TRP R 148 36.68 3.31 17.70
CA TRP R 148 36.87 4.65 18.22
C TRP R 148 38.24 5.18 17.84
N GLU R 149 39.25 4.30 17.82
CA GLU R 149 40.58 4.73 17.41
C GLU R 149 40.58 5.11 15.91
N ALA R 150 39.87 4.32 15.10
CA ALA R 150 39.73 4.55 13.68
C ALA R 150 39.07 5.90 13.40
N ALA R 151 38.16 6.31 14.28
CA ALA R 151 37.41 7.56 14.12
C ALA R 151 38.09 8.71 14.87
N ARG R 152 39.17 8.43 15.60
CA ARG R 152 39.88 9.45 16.34
C ARG R 152 38.99 10.06 17.42
N GLU R 153 38.23 9.20 18.11
CA GLU R 153 37.19 9.61 19.05
C GLU R 153 37.71 10.46 20.20
N ALA R 154 38.89 10.15 20.72
CA ALA R 154 39.35 10.89 21.87
C ALA R 154 39.57 12.35 21.53
N GLU R 155 40.04 12.65 20.30
CA GLU R 155 40.31 14.02 19.92
C GLU R 155 38.99 14.81 19.91
N GLN R 156 37.93 14.19 19.38
CA GLN R 156 36.59 14.75 19.27
C GLN R 156 36.04 15.11 20.66
N ARG R 157 36.37 14.31 21.67
CA ARG R 157 35.80 14.50 22.99
C ARG R 157 36.43 15.69 23.70
N ARG R 158 37.62 16.09 23.24
CA ARG R 158 38.44 17.07 23.94
C ARG R 158 37.76 18.43 23.95
N ALA R 159 37.03 18.73 22.87
CA ALA R 159 36.41 20.04 22.67
C ALA R 159 35.50 20.37 23.85
N TYR R 160 34.61 19.43 24.17
CA TYR R 160 33.70 19.65 25.28
C TYR R 160 34.40 19.47 26.62
N LEU R 161 35.19 18.40 26.77
CA LEU R 161 35.75 18.00 28.05
C LEU R 161 36.69 19.06 28.60
N GLU R 162 37.48 19.70 27.74
CA GLU R 162 38.47 20.66 28.19
C GLU R 162 37.97 22.09 28.06
N GLY R 163 36.97 22.33 27.19
CA GLY R 163 36.48 23.68 26.92
C GLY R 163 35.11 23.94 27.53
N GLU R 164 34.05 23.53 26.81
CA GLU R 164 32.66 23.80 27.12
C GLU R 164 32.32 23.38 28.56
N CYS R 165 32.79 22.20 28.99
CA CYS R 165 32.49 21.66 30.30
C CYS R 165 32.88 22.66 31.41
N VAL R 166 34.11 23.18 31.35
CA VAL R 166 34.63 24.11 32.35
C VAL R 166 33.87 25.43 32.28
N GLU R 167 33.41 25.81 31.08
CA GLU R 167 32.69 27.06 30.90
C GLU R 167 31.37 27.00 31.67
N TRP R 168 30.67 25.86 31.53
CA TRP R 168 29.37 25.65 32.18
C TRP R 168 29.56 25.54 33.70
N LEU R 169 30.57 24.76 34.14
CA LEU R 169 30.87 24.65 35.55
C LEU R 169 31.05 26.05 36.17
N ARG R 170 31.81 26.93 35.51
CA ARG R 170 32.09 28.29 35.96
C ARG R 170 30.80 29.12 36.08
N ARG R 171 29.94 29.01 35.07
CA ARG R 171 28.67 29.70 35.13
C ARG R 171 27.89 29.24 36.37
N TYR R 172 27.91 27.92 36.62
CA TYR R 172 27.10 27.37 37.69
C TYR R 172 27.66 27.79 39.04
N LEU R 173 28.99 27.78 39.16
CA LEU R 173 29.65 28.17 40.40
C LEU R 173 29.33 29.63 40.72
N GLU R 174 29.22 30.48 39.68
CA GLU R 174 28.94 31.90 39.85
C GLU R 174 27.48 32.09 40.27
N ASN R 175 26.55 31.44 39.56
CA ASN R 175 25.13 31.55 39.89
C ASN R 175 24.83 30.93 41.25
N GLY R 176 25.61 29.92 41.68
CA GLY R 176 25.33 29.19 42.91
C GLY R 176 25.96 29.83 44.15
N LYS R 177 26.99 30.66 43.94
CA LYS R 177 27.55 31.56 44.94
C LYS R 177 27.92 30.72 46.16
N ASP R 178 27.41 31.11 47.34
CA ASP R 178 27.84 30.48 48.59
C ASP R 178 26.98 29.26 48.90
N LYS R 179 26.07 28.88 47.99
CA LYS R 179 25.34 27.63 48.13
C LYS R 179 26.14 26.49 47.52
N LEU R 180 27.10 26.77 46.62
CA LEU R 180 28.02 25.75 46.15
C LEU R 180 29.38 25.87 46.84
N GLU R 181 29.73 27.08 47.29
CA GLU R 181 31.09 27.36 47.72
C GLU R 181 31.24 27.11 49.22
N ARG R 182 30.13 26.93 49.96
CA ARG R 182 30.21 26.88 51.42
C ARG R 182 29.93 25.49 52.01
N ALA R 183 30.84 25.03 52.89
CA ALA R 183 30.71 23.76 53.60
C ALA R 183 29.89 23.91 54.89
N ASP R 184 28.90 23.02 55.10
CA ASP R 184 28.12 22.99 56.34
C ASP R 184 28.73 21.92 57.26
N PRO R 185 29.20 22.30 58.46
CA PRO R 185 29.73 21.33 59.44
C PRO R 185 28.62 20.43 59.96
N PRO R 186 28.95 19.19 60.34
CA PRO R 186 27.97 18.29 60.98
C PRO R 186 27.58 18.75 62.38
N LYS R 187 26.26 18.76 62.66
CA LYS R 187 25.75 18.78 64.03
C LYS R 187 25.93 17.38 64.61
N THR R 188 26.72 17.28 65.68
CA THR R 188 27.10 15.97 66.22
C THR R 188 26.56 15.79 67.65
N HIS R 189 26.36 14.52 68.04
CA HIS R 189 25.95 14.11 69.38
C HIS R 189 26.13 12.60 69.52
N VAL R 190 26.18 12.12 70.77
CA VAL R 190 26.37 10.71 71.08
C VAL R 190 25.15 10.21 71.87
N THR R 191 24.59 9.09 71.41
CA THR R 191 23.41 8.52 72.06
C THR R 191 23.78 7.16 72.66
N HIS R 192 22.99 6.76 73.68
CA HIS R 192 23.25 5.59 74.51
C HIS R 192 22.02 4.67 74.49
N HIS R 193 22.24 3.38 74.22
CA HIS R 193 21.16 2.42 74.03
C HIS R 193 21.52 1.12 74.74
N PRO R 194 20.96 0.87 75.95
CA PRO R 194 21.21 -0.37 76.69
C PRO R 194 20.80 -1.61 75.91
N ILE R 195 21.69 -2.60 75.85
CA ILE R 195 21.42 -3.92 75.31
C ILE R 195 20.96 -4.85 76.44
N SER R 196 21.62 -4.72 77.60
CA SER R 196 21.31 -5.47 78.82
C SER R 196 21.56 -4.59 80.05
N GLU R 199 25.82 -4.21 79.13
CA GLU R 199 26.29 -3.86 77.76
C GLU R 199 25.37 -2.79 77.17
N ALA R 200 25.95 -1.85 76.42
CA ALA R 200 25.19 -0.77 75.77
C ALA R 200 25.79 -0.41 74.41
N THR R 201 24.99 0.15 73.51
CA THR R 201 25.48 0.72 72.26
C THR R 201 25.67 2.22 72.41
N LEU R 202 26.87 2.71 72.06
CA LEU R 202 27.13 4.12 71.87
C LEU R 202 27.09 4.43 70.37
N ARG R 203 26.29 5.44 70.00
CA ARG R 203 26.15 5.80 68.60
C ARG R 203 26.54 7.26 68.43
N CYS R 204 27.49 7.50 67.52
CA CYS R 204 27.95 8.83 67.20
C CYS R 204 27.27 9.31 65.92
N TRP R 205 26.53 10.42 66.02
CA TRP R 205 25.71 10.95 64.94
C TRP R 205 26.37 12.15 64.29
N ALA R 206 26.30 12.23 62.95
CA ALA R 206 26.67 13.43 62.22
C ALA R 206 25.50 13.82 61.31
N LEU R 207 24.98 15.04 61.51
CA LEU R 207 23.72 15.44 60.89
C LEU R 207 23.84 16.79 60.21
N GLY R 208 23.29 16.89 59.00
CA GLY R 208 23.13 18.15 58.28
C GLY R 208 24.43 18.76 57.78
N PHE R 209 25.35 17.91 57.28
CA PHE R 209 26.62 18.35 56.72
C PHE R 209 26.60 18.34 55.19
N TYR R 210 27.49 19.14 54.59
CA TYR R 210 27.75 19.18 53.16
C TYR R 210 29.17 19.69 52.98
N PRO R 211 30.04 19.14 52.09
CA PRO R 211 29.70 18.02 51.21
C PRO R 211 29.66 16.67 51.92
N ALA R 212 29.45 15.60 51.14
CA ALA R 212 29.17 14.28 51.66
C ALA R 212 30.40 13.62 52.30
N GLU R 213 31.61 14.02 51.88
CA GLU R 213 32.84 13.42 52.41
C GLU R 213 32.92 13.63 53.93
N ILE R 214 33.16 12.56 54.70
CA ILE R 214 33.25 12.70 56.16
C ILE R 214 34.02 11.53 56.76
N THR R 215 34.49 11.72 58.00
CA THR R 215 35.15 10.66 58.75
C THR R 215 34.46 10.52 60.11
N LEU R 216 34.05 9.29 60.45
CA LEU R 216 33.54 8.95 61.77
C LEU R 216 34.18 7.65 62.23
N THR R 217 34.97 7.71 63.32
CA THR R 217 35.64 6.55 63.90
C THR R 217 35.48 6.55 65.43
N TRP R 218 35.40 5.35 66.03
CA TRP R 218 35.42 5.19 67.47
C TRP R 218 36.81 4.73 67.93
N GLN R 219 37.34 5.34 69.01
CA GLN R 219 38.58 4.90 69.61
C GLN R 219 38.38 4.66 71.10
N ARG R 220 38.75 3.47 71.61
CA ARG R 220 38.77 3.23 73.04
C ARG R 220 40.07 3.76 73.62
N ASP R 221 40.30 5.06 73.38
CA ASP R 221 41.52 5.80 73.70
C ASP R 221 42.76 5.15 73.10
N GLY R 222 42.61 4.23 72.14
CA GLY R 222 43.72 3.51 71.55
C GLY R 222 43.87 3.84 70.08
N THR R 226 38.05 -1.10 64.87
CA THR R 226 37.71 -0.64 63.50
C THR R 226 36.67 -1.59 62.92
N GLN R 227 36.97 -2.90 62.94
CA GLN R 227 36.00 -3.91 62.58
C GLN R 227 35.13 -4.18 63.82
N ASP R 228 35.19 -3.25 64.77
CA ASP R 228 34.35 -3.25 65.96
C ASP R 228 33.44 -2.02 65.92
N THR R 229 33.32 -1.37 64.76
CA THR R 229 32.50 -0.18 64.62
C THR R 229 31.47 -0.45 63.51
N GLU R 230 30.18 -0.28 63.81
CA GLU R 230 29.16 -0.28 62.75
C GLU R 230 29.15 1.11 62.10
N LEU R 231 29.39 1.14 60.79
CA LEU R 231 29.39 2.37 60.03
C LEU R 231 28.33 2.30 58.94
N VAL R 232 27.38 3.26 58.93
CA VAL R 232 26.38 3.29 57.87
C VAL R 232 26.91 4.12 56.71
N GLU R 233 26.51 3.76 55.48
CA GLU R 233 26.79 4.55 54.29
C GLU R 233 26.18 5.94 54.47
N THR R 234 26.91 6.95 54.01
CA THR R 234 26.44 8.32 54.05
C THR R 234 25.11 8.39 53.30
N ARG R 235 24.11 9.05 53.89
CA ARG R 235 22.77 9.06 53.33
C ARG R 235 22.28 10.49 53.20
N PRO R 236 21.47 10.80 52.15
CA PRO R 236 20.87 12.13 51.97
C PRO R 236 19.78 12.45 52.99
N ALA R 237 19.82 13.65 53.55
CA ALA R 237 18.79 14.08 54.50
C ALA R 237 17.52 14.46 53.76
N GLY R 238 17.64 14.81 52.47
CA GLY R 238 16.50 15.22 51.66
C GLY R 238 16.48 16.73 51.45
N ASP R 239 17.34 17.47 52.17
CA ASP R 239 17.37 18.92 52.09
C ASP R 239 18.73 19.38 51.54
N ARG R 240 19.45 18.47 50.86
CA ARG R 240 20.73 18.69 50.22
C ARG R 240 21.88 18.61 51.20
N THR R 241 21.60 18.22 52.45
CA THR R 241 22.67 17.84 53.38
C THR R 241 22.72 16.32 53.51
N PHE R 242 23.69 15.83 54.28
CA PHE R 242 23.94 14.40 54.44
C PHE R 242 23.96 14.04 55.92
N GLN R 243 23.90 12.72 56.18
CA GLN R 243 23.90 12.16 57.51
C GLN R 243 24.76 10.90 57.51
N LYS R 244 25.35 10.63 58.67
CA LYS R 244 26.08 9.38 58.88
C LYS R 244 26.12 9.10 60.38
N TRP R 245 26.32 7.84 60.76
CA TRP R 245 26.61 7.49 62.15
C TRP R 245 27.56 6.31 62.21
N ALA R 246 28.27 6.22 63.35
CA ALA R 246 29.08 5.07 63.71
C ALA R 246 28.69 4.61 65.11
N ALA R 247 28.57 3.28 65.29
CA ALA R 247 28.19 2.74 66.59
C ALA R 247 29.13 1.63 67.05
N VAL R 248 29.28 1.51 68.38
CA VAL R 248 30.09 0.48 69.01
C VAL R 248 29.37 0.00 70.27
N VAL R 249 29.44 -1.31 70.57
CA VAL R 249 28.95 -1.85 71.84
C VAL R 249 30.01 -1.64 72.93
N VAL R 250 29.58 -1.24 74.14
CA VAL R 250 30.46 -0.88 75.24
C VAL R 250 30.08 -1.69 76.49
N PRO R 251 31.06 -2.22 77.27
CA PRO R 251 30.76 -2.83 78.56
C PRO R 251 30.26 -1.73 79.50
N SER R 252 29.06 -1.91 80.04
CA SER R 252 28.38 -0.83 80.76
C SER R 252 29.09 0.52 80.51
N GLN R 256 33.71 8.49 78.77
CA GLN R 256 34.41 7.37 79.47
C GLN R 256 35.62 6.93 78.63
N ARG R 257 35.78 5.60 78.47
CA ARG R 257 36.92 5.02 77.77
C ARG R 257 36.79 5.14 76.25
N TYR R 258 35.61 5.54 75.76
CA TYR R 258 35.34 5.57 74.32
C TYR R 258 35.23 7.00 73.79
N THR R 259 35.89 7.27 72.65
CA THR R 259 35.90 8.58 72.04
C THR R 259 35.50 8.52 70.56
N CYS R 260 34.73 9.52 70.09
CA CYS R 260 34.26 9.57 68.71
C CYS R 260 35.05 10.63 67.95
N HIS R 261 35.69 10.22 66.83
CA HIS R 261 36.54 11.13 66.06
C HIS R 261 35.86 11.48 64.75
N VAL R 262 35.73 12.79 64.47
CA VAL R 262 34.96 13.29 63.34
C VAL R 262 35.87 14.22 62.54
N GLN R 263 35.97 13.97 61.21
CA GLN R 263 36.69 14.87 60.32
C GLN R 263 35.75 15.36 59.22
N HIS R 264 35.59 16.68 59.08
CA HIS R 264 34.79 17.24 58.01
C HIS R 264 35.31 18.62 57.64
N GLU R 265 35.27 18.92 56.33
CA GLU R 265 35.73 20.18 55.76
C GLU R 265 35.10 21.36 56.49
N GLY R 266 33.91 21.20 57.05
CA GLY R 266 33.23 22.32 57.68
C GLY R 266 33.66 22.54 59.14
N LEU R 267 34.52 21.65 59.65
CA LEU R 267 34.93 21.71 61.05
C LEU R 267 36.29 22.39 61.18
N PRO R 268 36.42 23.52 61.91
CA PRO R 268 37.70 24.20 62.06
C PRO R 268 38.77 23.26 62.60
N LYS R 269 38.34 22.27 63.41
CA LYS R 269 39.27 21.30 63.99
C LYS R 269 38.58 19.93 64.09
N PRO R 270 39.32 18.81 63.92
CA PRO R 270 38.74 17.48 64.17
C PRO R 270 38.21 17.34 65.59
N LEU R 271 37.04 16.69 65.76
CA LEU R 271 36.42 16.62 67.08
C LEU R 271 36.47 15.18 67.58
N THR R 272 36.93 14.99 68.83
CA THR R 272 36.83 13.69 69.49
C THR R 272 35.89 13.84 70.69
N LEU R 273 34.72 13.19 70.62
CA LEU R 273 33.66 13.35 71.61
C LEU R 273 33.38 12.02 72.33
N ARG R 274 32.63 12.06 73.44
CA ARG R 274 32.26 10.84 74.16
C ARG R 274 30.83 10.97 74.69
N TRP R 275 30.32 9.87 75.26
CA TRP R 275 29.01 9.93 75.89
C TRP R 275 29.07 10.76 77.17
N GLU R 276 28.36 11.89 77.16
CA GLU R 276 28.44 12.89 78.23
C GLU R 276 27.02 13.42 78.48
N MET S 1 26.47 -9.80 33.68
CA MET S 1 25.97 -8.82 34.70
C MET S 1 26.05 -9.44 36.08
N ILE S 2 26.55 -8.67 37.05
CA ILE S 2 26.40 -9.03 38.45
C ILE S 2 25.22 -8.22 39.01
N GLN S 3 24.20 -8.93 39.46
CA GLN S 3 23.01 -8.30 40.00
C GLN S 3 23.23 -8.05 41.50
N ARG S 4 22.99 -6.81 41.93
CA ARG S 4 23.30 -6.39 43.29
C ARG S 4 22.01 -6.09 44.05
N THR S 5 21.93 -6.60 45.29
CA THR S 5 20.73 -6.42 46.10
C THR S 5 20.76 -5.02 46.70
N PRO S 6 19.63 -4.30 46.77
CA PRO S 6 19.57 -2.99 47.43
C PRO S 6 19.87 -3.03 48.94
N LYS S 7 20.67 -2.05 49.39
CA LYS S 7 20.80 -1.72 50.79
C LYS S 7 19.69 -0.72 51.12
N ILE S 8 19.11 -0.81 52.33
CA ILE S 8 17.97 0.03 52.70
C ILE S 8 18.25 0.74 54.02
N GLN S 9 18.03 2.05 54.06
CA GLN S 9 18.05 2.79 55.32
C GLN S 9 16.76 3.60 55.47
N VAL S 10 16.14 3.54 56.65
CA VAL S 10 14.89 4.24 56.94
C VAL S 10 15.14 5.16 58.13
N TYR S 11 14.89 6.47 57.94
CA TYR S 11 15.27 7.47 58.92
C TYR S 11 14.47 8.75 58.68
N SER S 12 14.47 9.66 59.68
CA SER S 12 13.80 10.95 59.53
C SER S 12 14.81 12.04 59.17
N ARG S 13 14.32 13.07 58.45
CA ARG S 13 15.16 14.17 58.05
C ARG S 13 15.69 14.90 59.29
N HIS S 14 14.81 15.13 60.28
CA HIS S 14 15.19 15.78 61.52
C HIS S 14 14.98 14.82 62.69
N PRO S 15 15.63 15.04 63.88
CA PRO S 15 15.38 14.16 65.02
C PRO S 15 13.88 14.15 65.32
N ALA S 16 13.35 12.94 65.52
CA ALA S 16 11.93 12.73 65.72
C ALA S 16 11.50 13.35 67.04
N GLU S 17 10.40 14.10 67.03
CA GLU S 17 9.73 14.57 68.21
C GLU S 17 8.22 14.42 67.99
N ASN S 18 7.54 13.72 68.90
CA ASN S 18 6.15 13.33 68.65
C ASN S 18 5.30 14.58 68.50
N GLY S 19 4.48 14.63 67.45
CA GLY S 19 3.60 15.76 67.20
C GLY S 19 4.20 16.79 66.23
N LYS S 20 5.53 16.80 66.07
CA LYS S 20 6.18 17.77 65.17
C LYS S 20 6.39 17.14 63.79
N SER S 21 6.01 17.89 62.75
CA SER S 21 6.09 17.46 61.36
C SER S 21 7.55 17.24 60.96
N ASN S 22 7.79 16.26 60.08
CA ASN S 22 9.13 15.84 59.71
C ASN S 22 9.05 15.24 58.30
N PHE S 23 10.16 14.66 57.84
CA PHE S 23 10.15 13.86 56.63
C PHE S 23 10.67 12.46 56.97
N LEU S 24 9.97 11.46 56.44
CA LEU S 24 10.38 10.06 56.49
C LEU S 24 11.12 9.74 55.20
N ASN S 25 12.37 9.23 55.34
CA ASN S 25 13.24 8.89 54.23
C ASN S 25 13.44 7.37 54.16
N CYS S 26 13.35 6.84 52.93
CA CYS S 26 13.87 5.52 52.62
C CYS S 26 14.92 5.64 51.52
N TYR S 27 16.18 5.38 51.87
CA TYR S 27 17.27 5.47 50.93
C TYR S 27 17.65 4.05 50.51
N VAL S 28 17.53 3.79 49.20
CA VAL S 28 17.83 2.47 48.65
C VAL S 28 19.01 2.64 47.69
N SER S 29 20.07 1.83 47.93
CA SER S 29 21.35 2.08 47.29
C SER S 29 22.10 0.77 47.00
N GLY S 30 23.02 0.85 46.04
CA GLY S 30 23.96 -0.22 45.72
C GLY S 30 23.32 -1.34 44.91
N PHE S 31 22.21 -1.05 44.23
CA PHE S 31 21.51 -2.12 43.54
C PHE S 31 21.77 -2.11 42.04
N HIS S 32 21.54 -3.27 41.39
CA HIS S 32 21.57 -3.41 39.95
C HIS S 32 20.79 -4.69 39.59
N PRO S 33 19.92 -4.73 38.58
CA PRO S 33 19.63 -3.60 37.70
C PRO S 33 18.74 -2.53 38.32
N SER S 34 18.21 -1.63 37.48
CA SER S 34 17.65 -0.38 37.97
C SER S 34 16.18 -0.53 38.36
N ASP S 35 15.53 -1.58 37.88
CA ASP S 35 14.10 -1.73 38.17
C ASP S 35 13.93 -1.98 39.66
N ILE S 36 13.03 -1.18 40.28
CA ILE S 36 12.82 -1.25 41.72
C ILE S 36 11.48 -0.61 42.07
N GLU S 37 10.76 -1.26 42.98
CA GLU S 37 9.52 -0.72 43.52
C GLU S 37 9.71 -0.51 45.03
N VAL S 38 9.31 0.67 45.51
CA VAL S 38 9.51 1.11 46.87
C VAL S 38 8.22 1.75 47.37
N ASP S 39 7.77 1.26 48.54
CA ASP S 39 6.62 1.81 49.23
C ASP S 39 7.05 2.24 50.64
N LEU S 40 6.43 3.34 51.10
CA LEU S 40 6.44 3.70 52.51
C LEU S 40 5.13 3.24 53.14
N LEU S 41 5.23 2.63 54.32
CA LEU S 41 4.10 2.09 55.03
C LEU S 41 3.87 2.84 56.34
N LYS S 42 2.59 3.08 56.65
CA LYS S 42 2.15 3.55 57.94
C LYS S 42 1.22 2.49 58.52
N ASN S 43 1.60 1.90 59.65
CA ASN S 43 0.84 0.84 60.28
C ASN S 43 0.45 -0.21 59.24
N GLY S 44 1.42 -0.55 58.38
CA GLY S 44 1.26 -1.65 57.45
C GLY S 44 0.58 -1.26 56.15
N GLU S 45 0.00 -0.06 56.08
CA GLU S 45 -0.74 0.39 54.90
C GLU S 45 0.15 1.31 54.05
N ARG S 46 0.05 1.22 52.72
CA ARG S 46 0.88 1.99 51.81
C ARG S 46 0.51 3.47 51.85
N ILE S 47 1.52 4.35 51.96
CA ILE S 47 1.30 5.79 52.00
C ILE S 47 1.19 6.29 50.57
N GLU S 48 0.19 7.15 50.32
CA GLU S 48 -0.20 7.55 48.98
C GLU S 48 0.68 8.68 48.45
N LYS S 49 0.93 9.72 49.25
CA LYS S 49 1.68 10.85 48.73
C LYS S 49 3.16 10.66 49.04
N VAL S 50 3.90 10.06 48.11
CA VAL S 50 5.31 9.74 48.33
C VAL S 50 6.09 10.23 47.11
N GLU S 51 7.16 10.98 47.34
CA GLU S 51 7.99 11.51 46.28
C GLU S 51 9.30 10.74 46.26
N HIS S 52 10.02 10.83 45.12
CA HIS S 52 11.33 10.21 45.03
C HIS S 52 12.28 11.06 44.19
N SER S 53 13.58 10.88 44.45
CA SER S 53 14.64 11.49 43.66
C SER S 53 14.71 10.80 42.29
N ASP S 54 15.65 11.26 41.45
CA ASP S 54 15.78 10.69 40.11
C ASP S 54 16.92 9.69 40.14
N LEU S 55 16.79 8.65 39.32
CA LEU S 55 17.76 7.58 39.31
C LEU S 55 19.17 8.09 39.03
N SER S 56 20.10 7.84 39.96
CA SER S 56 21.49 8.23 39.77
C SER S 56 22.36 7.03 40.16
N PHE S 57 23.68 7.08 39.90
CA PHE S 57 24.49 5.91 40.21
C PHE S 57 25.87 6.29 40.76
N SER S 58 26.49 5.33 41.45
CA SER S 58 27.75 5.49 42.16
C SER S 58 28.95 5.14 41.27
N LYS S 59 30.16 5.31 41.81
CA LYS S 59 31.41 5.06 41.11
C LYS S 59 31.48 3.61 40.62
N ASP S 60 30.76 2.73 41.29
CA ASP S 60 30.78 1.31 41.01
C ASP S 60 29.61 0.94 40.09
N TRP S 61 28.90 1.94 39.56
CA TRP S 61 27.81 1.77 38.62
C TRP S 61 26.52 1.29 39.28
N SER S 62 26.47 1.28 40.63
CA SER S 62 25.31 0.80 41.36
C SER S 62 24.33 1.96 41.51
N PHE S 63 23.02 1.70 41.42
CA PHE S 63 22.02 2.75 41.47
C PHE S 63 21.65 3.13 42.90
N TYR S 64 21.13 4.35 43.08
CA TYR S 64 20.63 4.82 44.35
C TYR S 64 19.44 5.75 44.12
N LEU S 65 18.49 5.72 45.06
CA LEU S 65 17.28 6.53 45.06
C LEU S 65 16.92 6.91 46.49
N LEU S 66 16.23 8.05 46.61
CA LEU S 66 15.62 8.44 47.88
C LEU S 66 14.10 8.52 47.71
N TYR S 67 13.36 7.74 48.51
CA TYR S 67 11.92 7.94 48.62
C TYR S 67 11.62 8.68 49.93
N TYR S 68 10.68 9.63 49.87
CA TYR S 68 10.41 10.44 51.05
C TYR S 68 8.95 10.90 51.06
N THR S 69 8.43 11.07 52.28
CA THR S 69 7.13 11.71 52.47
C THR S 69 7.16 12.57 53.72
N GLU S 70 6.29 13.58 53.76
CA GLU S 70 6.07 14.37 54.97
C GLU S 70 5.33 13.49 55.99
N PHE S 71 5.72 13.59 57.26
CA PHE S 71 5.08 12.76 58.28
C PHE S 71 5.17 13.46 59.62
N THR S 72 4.18 13.20 60.47
CA THR S 72 4.22 13.69 61.83
C THR S 72 4.29 12.46 62.75
N PRO S 73 5.49 12.16 63.27
CA PRO S 73 5.68 11.01 64.15
C PRO S 73 4.87 11.06 65.44
N THR S 74 4.46 9.88 65.91
CA THR S 74 3.74 9.76 67.17
C THR S 74 4.39 8.65 67.98
N GLU S 75 3.91 8.45 69.20
CA GLU S 75 4.48 7.43 70.04
C GLU S 75 4.34 6.06 69.38
N LYS S 76 3.12 5.74 68.91
CA LYS S 76 2.76 4.34 68.75
C LYS S 76 2.70 3.93 67.27
N ASP S 77 2.52 4.90 66.36
CA ASP S 77 2.46 4.64 64.93
C ASP S 77 3.77 4.04 64.40
N GLU S 78 3.66 2.98 63.59
CA GLU S 78 4.79 2.33 62.98
C GLU S 78 4.94 2.77 61.51
N TYR S 79 6.19 3.00 61.11
CA TYR S 79 6.56 3.32 59.74
C TYR S 79 7.53 2.26 59.25
N ALA S 80 7.43 1.95 57.95
CA ALA S 80 8.36 1.02 57.33
C ALA S 80 8.57 1.39 55.87
N CYS S 81 9.59 0.76 55.29
CA CYS S 81 9.92 0.89 53.89
C CYS S 81 9.92 -0.51 53.28
N ARG S 82 9.23 -0.66 52.13
CA ARG S 82 9.07 -1.96 51.52
C ARG S 82 9.64 -1.92 50.10
N VAL S 83 10.59 -2.81 49.81
CA VAL S 83 11.35 -2.78 48.57
C VAL S 83 11.21 -4.10 47.80
N ASN S 84 10.93 -3.99 46.50
CA ASN S 84 10.93 -5.12 45.59
C ASN S 84 11.94 -4.90 44.48
N HIS S 85 12.69 -5.96 44.20
CA HIS S 85 13.78 -5.97 43.24
C HIS S 85 14.03 -7.43 42.86
N VAL S 86 14.64 -7.64 41.69
CA VAL S 86 14.79 -8.99 41.17
C VAL S 86 15.61 -9.85 42.12
N THR S 87 16.50 -9.22 42.90
CA THR S 87 17.39 -9.94 43.80
C THR S 87 16.66 -10.42 45.06
N LEU S 88 15.39 -10.02 45.24
CA LEU S 88 14.64 -10.30 46.45
C LEU S 88 13.53 -11.28 46.11
N SER S 89 13.58 -12.47 46.72
CA SER S 89 12.59 -13.51 46.55
C SER S 89 11.25 -13.07 47.11
N GLN S 90 11.28 -12.18 48.08
CA GLN S 90 10.11 -11.71 48.79
C GLN S 90 10.36 -10.22 49.05
N PRO S 91 9.30 -9.39 49.28
CA PRO S 91 9.52 -7.95 49.45
C PRO S 91 10.35 -7.82 50.72
N LYS S 92 11.32 -6.88 50.74
CA LYS S 92 12.08 -6.61 51.96
C LYS S 92 11.43 -5.43 52.67
N ILE S 93 11.11 -5.62 53.96
CA ILE S 93 10.48 -4.59 54.76
C ILE S 93 11.47 -4.18 55.84
N VAL S 94 11.78 -2.88 55.92
CA VAL S 94 12.59 -2.39 57.01
C VAL S 94 11.75 -1.40 57.81
N LYS S 95 11.62 -1.64 59.12
CA LYS S 95 10.84 -0.78 60.00
C LYS S 95 11.68 0.43 60.37
N TRP S 96 11.05 1.62 60.43
CA TRP S 96 11.71 2.82 60.86
C TRP S 96 11.99 2.73 62.36
N ASP S 97 13.25 2.96 62.73
CA ASP S 97 13.66 3.04 64.12
C ASP S 97 14.26 4.42 64.34
N ARG S 98 13.69 5.23 65.24
CA ARG S 98 14.09 6.63 65.41
C ARG S 98 15.49 6.72 66.05
N ASP S 99 16.05 5.58 66.48
CA ASP S 99 17.37 5.56 67.08
C ASP S 99 18.41 5.13 66.04
N MET S 100 18.01 5.03 64.78
CA MET S 100 18.92 4.71 63.68
C MET S 100 18.66 5.64 62.48
N SER T 1 26.03 22.10 31.25
CA SER T 1 25.12 21.61 30.18
C SER T 1 25.67 20.31 29.60
N PRO T 2 24.78 19.39 29.18
CA PRO T 2 25.22 18.13 28.55
C PRO T 2 25.82 18.48 27.21
N ARG T 3 26.89 17.78 26.84
CA ARG T 3 27.57 17.92 25.55
C ARG T 3 26.61 17.63 24.40
N TRP T 4 26.53 18.58 23.45
CA TRP T 4 26.01 18.37 22.12
C TRP T 4 27.00 17.54 21.27
N TYR T 5 27.01 16.20 21.48
CA TYR T 5 27.97 15.28 20.89
C TYR T 5 27.50 13.82 20.97
N PHE T 6 27.31 13.15 19.83
CA PHE T 6 26.72 11.81 19.79
C PHE T 6 27.75 10.75 19.39
N TYR T 7 27.41 9.48 19.65
CA TYR T 7 28.32 8.38 19.35
C TYR T 7 27.56 7.06 19.30
N TYR T 8 28.26 6.01 18.83
CA TYR T 8 27.82 4.63 18.94
C TYR T 8 28.91 3.77 19.58
N LEU T 9 28.49 2.80 20.41
CA LEU T 9 29.45 1.91 21.02
C LEU T 9 29.76 0.78 20.01
#